data_6SP2
#
_entry.id   6SP2
#
_cell.length_a   1.00
_cell.length_b   1.00
_cell.length_c   1.00
_cell.angle_alpha   90.00
_cell.angle_beta   90.00
_cell.angle_gamma   90.00
#
_symmetry.space_group_name_H-M   'P 1'
#
loop_
_entity.id
_entity.type
_entity.pdbx_description
1 polymer 'Membrane protein TMS1d'
2 non-polymer 'Lauryl Maltose Neopentyl Glycol'
3 non-polymer O-[(R)-{[(2R)-2,3-bis(octadecanoyloxy)propyl]oxy}(hydroxy)phosphoryl]-L-serine
4 non-polymer CARDIOLIPIN
#
_entity_poly.entity_id   1
_entity_poly.type   'polypeptide(L)'
_entity_poly.pdbx_seq_one_letter_code
;MGAALGICSAAQCAMCCGGTAASMCCSACPSCTNASSSRFMYAFILLVGTVLGAIALSPGLQDTLKKMPFCINSTSSYSS
GALSAVSGGSLQVDCEYALGYMAVYRVCFGMACFFALMSLIMLGVKSSRDPRSHIQNNFWPLKFLICFGAAIGAIFIPDG
SFGPAMMWVGLIGGLAFILVQLVIIVDFAHSLAENWIESAENSRGYYYALAGVTLLCYILSLTGITLLYIYFTTSTGCGI
NKFFISINLIFCLAISVISILPAVQERLPHSGLLQSSLVTLYTVYLTWSAVANNPEKECNPGMFGMMEGFGNATTTAAPS
THTTRVTFDTTNIIGLVVWLLCILYNCISSAVEVSKISHDNSEKRVLTEALSDTEAGTDGSGKPSTDTETEGVTYSWSMF
HLVFVCASLYVMMTLTNWYKPHSEIELFNGNEASMWVKIVSSWLGVFIYGWSLAAPIVLTNRDFSTGGSSGLEVLFQGPG
SGGSAWSHPQFEKGGGSGGGSGGSAWSHPQFEK
;
_entity_poly.pdbx_strand_id   A,B,C,D,E,F
#
loop_
_chem_comp.id
_chem_comp.type
_chem_comp.name
_chem_comp.formula
CDL non-polymer CARDIOLIPIN 'C81 H156 O17 P2 -2'
LMN non-polymer 'Lauryl Maltose Neopentyl Glycol' 'C47 H88 O22'
P5S non-polymer O-[(R)-{[(2R)-2,3-bis(octadecanoyloxy)propyl]oxy}(hydroxy)phosphoryl]-L-serine 'C42 H82 N O10 P'
#
# COMPACT_ATOMS: atom_id res chain seq x y z
N PRO A 30 -12.10 5.56 26.84
CA PRO A 30 -12.28 6.58 25.79
C PRO A 30 -11.04 7.45 25.59
N SER A 31 -10.94 8.55 26.36
CA SER A 31 -9.81 9.45 26.20
C SER A 31 -8.56 8.92 26.89
N CYS A 32 -8.71 8.41 28.11
CA CYS A 32 -7.53 8.05 28.91
C CYS A 32 -6.79 6.87 28.31
N THR A 33 -7.52 5.84 27.88
CA THR A 33 -6.85 4.68 27.30
C THR A 33 -6.12 5.04 26.00
N ASN A 34 -6.70 5.93 25.20
CA ASN A 34 -6.02 6.34 23.97
C ASN A 34 -4.79 7.19 24.31
N ALA A 35 -4.87 8.00 25.36
CA ALA A 35 -3.71 8.79 25.79
C ALA A 35 -2.57 7.88 26.25
N SER A 36 -2.89 6.84 27.01
CA SER A 36 -1.84 5.92 27.46
C SER A 36 -1.28 5.12 26.29
N SER A 37 -2.13 4.71 25.35
CA SER A 37 -1.62 4.07 24.14
C SER A 37 -0.67 5.01 23.39
N SER A 38 -0.95 6.31 23.42
CA SER A 38 -0.03 7.26 22.78
C SER A 38 1.29 7.34 23.54
N ARG A 39 1.23 7.34 24.88
CA ARG A 39 2.46 7.33 25.65
C ARG A 39 3.31 6.11 25.35
N PHE A 40 2.68 4.98 25.05
CA PHE A 40 3.49 3.82 24.67
C PHE A 40 3.94 3.87 23.21
N MET A 41 3.14 4.48 22.33
CA MET A 41 3.56 4.60 20.93
C MET A 41 4.79 5.47 20.79
N TYR A 42 4.89 6.52 21.61
CA TYR A 42 6.10 7.34 21.56
C TYR A 42 7.33 6.55 22.01
N ALA A 43 7.17 5.70 23.03
CA ALA A 43 8.27 4.83 23.44
C ALA A 43 8.66 3.88 22.32
N PHE A 44 7.67 3.35 21.58
CA PHE A 44 8.00 2.50 20.45
C PHE A 44 8.75 3.27 19.36
N ILE A 45 8.39 4.55 19.16
CA ILE A 45 9.12 5.36 18.19
C ILE A 45 10.59 5.49 18.60
N LEU A 46 10.81 5.86 19.86
CA LEU A 46 12.18 6.01 20.35
C LEU A 46 12.95 4.71 20.25
N LEU A 47 12.30 3.59 20.54
CA LEU A 47 12.96 2.30 20.45
C LEU A 47 13.35 1.96 19.03
N VAL A 48 12.44 2.16 18.06
CA VAL A 48 12.77 1.88 16.67
C VAL A 48 13.90 2.77 16.20
N GLY A 49 13.90 4.04 16.62
CA GLY A 49 14.99 4.93 16.24
C GLY A 49 16.33 4.47 16.79
N THR A 50 16.35 4.06 18.07
CA THR A 50 17.60 3.59 18.66
C THR A 50 18.09 2.32 17.98
N VAL A 51 17.19 1.37 17.71
CA VAL A 51 17.58 0.13 17.06
C VAL A 51 18.13 0.40 15.66
N LEU A 52 17.50 1.31 14.92
CA LEU A 52 18.00 1.66 13.60
C LEU A 52 19.34 2.37 13.68
N GLY A 53 19.55 3.18 14.71
CA GLY A 53 20.82 3.86 14.84
C GLY A 53 21.95 2.92 15.21
N ALA A 54 21.64 1.88 15.98
CA ALA A 54 22.68 0.98 16.45
C ALA A 54 23.03 -0.14 15.46
N ILE A 55 22.22 -0.34 14.41
CA ILE A 55 22.60 -1.29 13.37
C ILE A 55 23.89 -0.87 12.70
N ALA A 56 24.20 0.42 12.73
CA ALA A 56 25.47 0.90 12.23
C ALA A 56 26.57 0.49 13.23
N LEU A 57 27.78 0.97 13.00
CA LEU A 57 28.96 0.67 13.83
C LEU A 57 29.20 -0.83 14.00
N SER A 58 28.64 -1.66 13.11
CA SER A 58 29.02 -3.05 13.08
C SER A 58 30.46 -3.18 12.57
N PRO A 59 31.19 -4.22 12.98
CA PRO A 59 32.64 -4.19 12.79
C PRO A 59 33.07 -4.17 11.33
N GLY A 60 32.43 -4.96 10.48
CA GLY A 60 32.80 -4.94 9.07
C GLY A 60 31.61 -4.93 8.16
N LEU A 61 30.41 -5.05 8.74
CA LEU A 61 29.23 -5.20 7.90
C LEU A 61 28.77 -3.86 7.35
N GLN A 62 29.17 -2.76 7.98
CA GLN A 62 28.76 -1.42 7.55
C GLN A 62 29.90 -0.44 7.43
N ASP A 63 31.06 -0.69 8.04
CA ASP A 63 32.13 0.30 8.03
C ASP A 63 32.67 0.55 6.62
N THR A 64 32.41 -0.35 5.66
CA THR A 64 32.78 -0.05 4.29
C THR A 64 31.62 0.60 3.53
N LEU A 65 30.38 0.24 3.88
CA LEU A 65 29.23 0.90 3.27
C LEU A 65 29.11 2.34 3.73
N LYS A 66 29.52 2.63 4.97
CA LYS A 66 29.41 3.99 5.49
C LYS A 66 30.37 4.97 4.83
N LYS A 67 31.17 4.54 3.85
CA LYS A 67 32.07 5.48 3.20
C LYS A 67 31.37 6.37 2.16
N MET A 68 30.27 5.91 1.58
CA MET A 68 29.55 6.73 0.61
C MET A 68 28.75 7.88 1.25
N PRO A 69 27.88 7.61 2.25
CA PRO A 69 26.79 8.56 2.56
C PRO A 69 27.15 10.02 2.87
N PHE A 70 28.17 10.31 3.68
CA PHE A 70 28.37 11.66 4.21
C PHE A 70 29.81 12.13 4.29
N CYS A 71 30.77 11.35 3.79
CA CYS A 71 32.15 11.81 3.68
C CYS A 71 32.54 12.23 2.27
N ILE A 72 31.59 12.32 1.35
CA ILE A 72 31.92 12.80 0.01
C ILE A 72 32.41 14.25 0.05
N ASN A 73 32.06 14.99 1.11
CA ASN A 73 32.61 16.33 1.30
C ASN A 73 34.13 16.32 1.26
N SER A 74 34.75 15.34 1.91
CA SER A 74 36.20 15.25 1.92
C SER A 74 36.69 14.39 0.75
N SER A 90 42.74 17.10 11.38
CA SER A 90 42.18 16.24 12.40
C SER A 90 40.78 15.76 12.00
N LEU A 91 40.28 16.27 10.87
CA LEU A 91 39.01 15.82 10.35
C LEU A 91 39.14 14.48 9.64
N GLN A 92 40.25 14.29 8.91
CA GLN A 92 40.43 13.10 8.11
C GLN A 92 40.52 11.85 8.98
N VAL A 93 41.12 11.95 10.17
CA VAL A 93 41.22 10.78 11.03
C VAL A 93 39.83 10.36 11.50
N ASP A 94 38.94 11.33 11.73
CA ASP A 94 37.61 10.98 12.18
C ASP A 94 36.77 10.39 11.05
N CYS A 95 36.90 10.93 9.84
CA CYS A 95 36.18 10.33 8.71
C CYS A 95 36.76 8.97 8.34
N GLU A 96 38.04 8.73 8.63
CA GLU A 96 38.67 7.49 8.19
C GLU A 96 38.52 6.37 9.20
N TYR A 97 38.46 6.69 10.50
CA TYR A 97 38.51 5.68 11.54
C TYR A 97 37.15 5.41 12.19
N ALA A 98 36.44 6.44 12.62
CA ALA A 98 35.17 6.27 13.32
C ALA A 98 34.03 6.76 12.43
N LEU A 99 33.42 5.83 11.69
CA LEU A 99 32.26 6.15 10.87
C LEU A 99 30.94 5.87 11.60
N GLY A 100 30.88 4.79 12.37
CA GLY A 100 29.66 4.48 13.09
C GLY A 100 29.26 5.57 14.06
N TYR A 101 30.26 6.23 14.67
CA TYR A 101 29.98 7.31 15.60
C TYR A 101 29.28 8.47 14.90
N MET A 102 29.81 8.88 13.74
CA MET A 102 29.17 9.95 12.99
C MET A 102 27.77 9.56 12.54
N ALA A 103 27.60 8.31 12.09
CA ALA A 103 26.27 7.86 11.68
C ALA A 103 25.28 7.93 12.84
N VAL A 104 25.73 7.55 14.04
CA VAL A 104 24.86 7.61 15.20
C VAL A 104 24.50 9.05 15.54
N TYR A 105 25.47 9.96 15.48
CA TYR A 105 25.17 11.38 15.67
C TYR A 105 24.08 11.85 14.70
N ARG A 106 24.29 11.62 13.41
CA ARG A 106 23.33 12.11 12.42
C ARG A 106 21.96 11.46 12.59
N VAL A 107 21.90 10.21 13.06
CA VAL A 107 20.61 9.57 13.25
C VAL A 107 19.88 10.17 14.45
N CYS A 108 20.56 10.27 15.60
CA CYS A 108 19.89 10.72 16.81
C CYS A 108 19.54 12.20 16.78
N PHE A 109 20.26 13.01 15.99
CA PHE A 109 19.87 14.41 15.85
C PHE A 109 18.44 14.54 15.35
N GLY A 110 18.03 13.65 14.43
CA GLY A 110 16.68 13.71 13.90
C GLY A 110 15.62 13.49 14.95
N MET A 111 15.81 12.48 15.80
CA MET A 111 14.84 12.22 16.85
C MET A 111 14.82 13.34 17.87
N ALA A 112 16.00 13.88 18.21
CA ALA A 112 16.03 15.02 19.11
C ALA A 112 15.20 16.18 18.57
N CYS A 113 15.36 16.48 17.28
CA CYS A 113 14.59 17.57 16.67
C CYS A 113 13.10 17.25 16.66
N PHE A 114 12.72 16.01 16.31
CA PHE A 114 11.31 15.66 16.26
C PHE A 114 10.64 15.83 17.62
N PHE A 115 11.25 15.31 18.67
CA PHE A 115 10.62 15.40 19.98
C PHE A 115 10.67 16.81 20.55
N ALA A 116 11.70 17.60 20.20
CA ALA A 116 11.67 19.00 20.60
C ALA A 116 10.52 19.74 19.92
N LEU A 117 10.27 19.45 18.65
CA LEU A 117 9.16 20.08 17.94
C LEU A 117 7.82 19.69 18.55
N MET A 118 7.64 18.39 18.83
CA MET A 118 6.39 17.96 19.46
C MET A 118 6.22 18.59 20.84
N SER A 119 7.33 18.84 21.54
CA SER A 119 7.24 19.57 22.80
C SER A 119 6.79 21.00 22.59
N LEU A 120 7.29 21.66 21.55
CA LEU A 120 6.91 23.04 21.30
C LEU A 120 5.44 23.16 20.92
N ILE A 121 4.90 22.19 20.18
CA ILE A 121 3.49 22.26 19.81
C ILE A 121 2.60 22.14 21.03
N MET A 122 2.80 21.10 21.84
CA MET A 122 1.90 20.76 22.94
C MET A 122 2.21 21.61 24.18
N LEU A 123 2.24 22.93 23.98
CA LEU A 123 2.65 23.85 25.03
C LEU A 123 1.46 24.66 25.50
N GLY A 124 1.23 24.68 26.82
CA GLY A 124 0.15 25.43 27.40
C GLY A 124 -1.16 24.70 27.53
N VAL A 125 -1.23 23.43 27.14
CA VAL A 125 -2.48 22.69 27.17
C VAL A 125 -2.95 22.53 28.61
N LYS A 126 -4.27 22.63 28.82
CA LYS A 126 -4.86 22.53 30.14
C LYS A 126 -5.76 21.30 30.30
N SER A 127 -6.71 21.10 29.39
CA SER A 127 -7.66 20.01 29.50
C SER A 127 -7.58 19.12 28.27
N SER A 128 -8.29 17.99 28.33
CA SER A 128 -8.36 17.06 27.21
C SER A 128 -9.33 17.49 26.14
N ARG A 129 -9.98 18.64 26.27
CA ARG A 129 -10.94 19.11 25.29
C ARG A 129 -10.33 20.07 24.27
N ASP A 130 -9.05 20.42 24.41
CA ASP A 130 -8.42 21.31 23.45
C ASP A 130 -8.31 20.63 22.09
N PRO A 131 -8.38 21.39 21.00
CA PRO A 131 -8.28 20.79 19.67
C PRO A 131 -6.93 20.15 19.39
N ARG A 132 -5.89 20.49 20.13
CA ARG A 132 -4.58 19.87 19.93
C ARG A 132 -4.49 18.47 20.49
N SER A 133 -5.44 18.06 21.34
CA SER A 133 -5.45 16.68 21.80
C SER A 133 -5.76 15.72 20.67
N HIS A 134 -6.40 16.20 19.61
CA HIS A 134 -6.78 15.34 18.51
C HIS A 134 -5.58 14.95 17.64
N ILE A 135 -4.54 15.77 17.63
CA ILE A 135 -3.37 15.48 16.81
C ILE A 135 -2.32 14.65 17.54
N GLN A 136 -2.41 14.54 18.86
CA GLN A 136 -1.45 13.78 19.63
C GLN A 136 -1.81 12.30 19.72
N ASN A 137 -2.99 11.91 19.25
CA ASN A 137 -3.47 10.56 19.53
C ASN A 137 -3.82 9.79 18.28
N ASN A 138 -4.07 10.48 17.17
CA ASN A 138 -4.62 9.84 15.97
C ASN A 138 -3.57 9.58 14.89
N PHE A 139 -2.90 10.61 14.43
CA PHE A 139 -2.11 10.51 13.20
C PHE A 139 -0.74 9.89 13.43
N TRP A 140 -0.67 8.56 13.47
CA TRP A 140 0.58 7.86 13.75
C TRP A 140 1.51 7.71 12.55
N PRO A 141 1.03 7.23 11.39
CA PRO A 141 1.96 7.03 10.25
C PRO A 141 2.65 8.31 9.84
N LEU A 142 1.95 9.44 9.88
CA LEU A 142 2.59 10.72 9.61
C LEU A 142 3.73 10.97 10.58
N LYS A 143 3.54 10.66 11.86
CA LYS A 143 4.60 10.89 12.84
C LYS A 143 5.80 9.99 12.57
N PHE A 144 5.56 8.71 12.29
CA PHE A 144 6.66 7.81 11.96
C PHE A 144 7.44 8.32 10.77
N LEU A 145 6.72 8.73 9.71
CA LEU A 145 7.40 9.15 8.49
C LEU A 145 8.11 10.48 8.69
N ILE A 146 7.57 11.38 9.53
CA ILE A 146 8.26 12.62 9.81
C ILE A 146 9.57 12.35 10.54
N CYS A 147 9.50 11.52 11.59
CA CYS A 147 10.69 11.20 12.41
C CYS A 147 11.79 10.60 11.53
N PHE A 148 11.47 9.51 10.81
CA PHE A 148 12.47 8.84 9.93
C PHE A 148 12.92 9.80 8.83
N GLY A 149 11.98 10.57 8.26
CA GLY A 149 12.33 11.57 7.23
C GLY A 149 13.43 12.49 7.75
N ALA A 150 13.24 13.00 8.97
CA ALA A 150 14.21 13.86 9.65
C ALA A 150 15.55 13.16 9.77
N ALA A 151 15.54 11.88 10.14
CA ALA A 151 16.80 11.12 10.23
C ALA A 151 17.50 11.06 8.88
N ILE A 152 16.75 10.71 7.83
CA ILE A 152 17.33 10.58 6.50
C ILE A 152 17.84 11.92 5.99
N GLY A 153 17.14 13.01 6.29
CA GLY A 153 17.63 14.32 5.90
C GLY A 153 18.86 14.74 6.68
N ALA A 154 18.93 14.37 7.97
CA ALA A 154 20.08 14.76 8.78
C ALA A 154 21.32 14.00 8.40
N ILE A 155 21.17 12.80 7.83
CA ILE A 155 22.36 12.03 7.47
C ILE A 155 23.20 12.76 6.43
N PHE A 156 22.59 13.70 5.68
CA PHE A 156 23.30 14.48 4.67
C PHE A 156 24.13 15.62 5.24
N ILE A 157 24.09 15.87 6.55
CA ILE A 157 24.84 16.98 7.14
C ILE A 157 26.32 16.66 7.08
N PRO A 158 27.14 17.51 6.47
CA PRO A 158 28.57 17.20 6.35
C PRO A 158 29.30 17.45 7.66
N ASP A 159 30.56 17.03 7.67
CA ASP A 159 31.42 17.14 8.83
C ASP A 159 32.21 18.44 8.79
N GLY A 160 32.83 18.77 9.91
CA GLY A 160 33.74 19.90 9.99
C GLY A 160 33.48 20.82 11.18
N SER A 161 32.22 21.05 11.51
CA SER A 161 31.89 21.81 12.71
C SER A 161 30.66 21.27 13.42
N PHE A 162 30.14 20.12 13.01
CA PHE A 162 28.91 19.60 13.59
C PHE A 162 29.19 18.77 14.85
N GLY A 163 30.38 18.21 14.95
CA GLY A 163 30.72 17.30 16.03
C GLY A 163 30.67 17.92 17.41
N PRO A 164 31.60 18.84 17.70
CA PRO A 164 31.75 19.33 19.08
C PRO A 164 30.51 19.98 19.67
N ALA A 165 29.76 20.74 18.87
CA ALA A 165 28.52 21.32 19.37
C ALA A 165 27.58 20.24 19.89
N MET A 166 27.43 19.18 19.12
CA MET A 166 26.60 18.07 19.55
C MET A 166 27.22 17.34 20.73
N MET A 167 28.54 17.33 20.85
CA MET A 167 29.13 16.74 22.05
C MET A 167 28.69 17.49 23.30
N TRP A 168 28.71 18.82 23.26
CA TRP A 168 28.31 19.58 24.44
C TRP A 168 26.81 19.42 24.72
N VAL A 169 25.98 19.47 23.66
CA VAL A 169 24.55 19.25 23.85
C VAL A 169 24.30 17.87 24.45
N GLY A 170 25.06 16.87 24.00
CA GLY A 170 24.89 15.53 24.53
C GLY A 170 25.32 15.43 25.98
N LEU A 171 26.37 16.15 26.37
CA LEU A 171 26.75 16.17 27.77
C LEU A 171 25.63 16.72 28.65
N ILE A 172 25.05 17.84 28.24
CA ILE A 172 23.96 18.43 29.03
C ILE A 172 22.78 17.47 29.12
N GLY A 173 22.38 16.91 27.96
CA GLY A 173 21.26 15.97 27.96
C GLY A 173 21.54 14.74 28.81
N GLY A 174 22.79 14.26 28.79
CA GLY A 174 23.13 13.11 29.59
C GLY A 174 23.03 13.38 31.08
N LEU A 175 23.53 14.54 31.51
CA LEU A 175 23.34 14.93 32.91
C LEU A 175 21.86 14.92 33.28
N ALA A 176 21.04 15.59 32.46
CA ALA A 176 19.61 15.68 32.77
C ALA A 176 18.99 14.29 32.87
N PHE A 177 19.26 13.42 31.90
CA PHE A 177 18.57 12.13 31.90
C PHE A 177 19.10 11.21 32.98
N ILE A 178 20.39 11.30 33.33
CA ILE A 178 20.88 10.51 34.47
C ILE A 178 20.12 10.89 35.74
N LEU A 179 19.95 12.20 35.97
CA LEU A 179 19.20 12.59 37.17
C LEU A 179 17.75 12.12 37.11
N VAL A 180 17.13 12.21 35.93
CA VAL A 180 15.74 11.76 35.79
C VAL A 180 15.63 10.28 36.13
N GLN A 181 16.53 9.46 35.59
CA GLN A 181 16.40 8.03 35.84
C GLN A 181 16.74 7.69 37.28
N LEU A 182 17.57 8.50 37.95
CA LEU A 182 17.76 8.28 39.38
C LEU A 182 16.47 8.52 40.15
N VAL A 183 15.75 9.60 39.82
CA VAL A 183 14.46 9.84 40.48
C VAL A 183 13.51 8.68 40.23
N ILE A 184 13.48 8.17 39.00
CA ILE A 184 12.58 7.05 38.68
C ILE A 184 12.95 5.82 39.49
N ILE A 185 14.25 5.54 39.63
CA ILE A 185 14.68 4.38 40.40
C ILE A 185 14.28 4.51 41.87
N VAL A 186 14.44 5.71 42.43
CA VAL A 186 14.08 5.91 43.84
C VAL A 186 12.58 5.70 44.03
N ASP A 187 11.76 6.26 43.13
CA ASP A 187 10.31 6.07 43.24
C ASP A 187 9.93 4.60 43.14
N PHE A 188 10.53 3.89 42.17
CA PHE A 188 10.25 2.47 42.03
C PHE A 188 10.62 1.69 43.29
N ALA A 189 11.77 2.02 43.88
CA ALA A 189 12.19 1.31 45.10
C ALA A 189 11.20 1.55 46.24
N HIS A 190 10.79 2.81 46.44
CA HIS A 190 9.76 3.09 47.44
C HIS A 190 8.52 2.26 47.20
N SER A 191 8.01 2.29 45.97
CA SER A 191 6.78 1.58 45.66
C SER A 191 6.90 0.09 45.94
N LEU A 192 7.98 -0.53 45.45
CA LEU A 192 8.15 -1.97 45.61
C LEU A 192 8.29 -2.35 47.08
N ALA A 193 9.11 -1.62 47.83
CA ALA A 193 9.31 -1.97 49.24
C ALA A 193 8.01 -1.81 50.02
N GLU A 194 7.30 -0.71 49.81
CA GLU A 194 6.01 -0.53 50.49
C GLU A 194 5.05 -1.65 50.15
N ASN A 195 4.95 -2.01 48.87
CA ASN A 195 3.98 -3.02 48.47
C ASN A 195 4.29 -4.37 49.11
N TRP A 196 5.56 -4.80 49.03
CA TRP A 196 5.90 -6.09 49.62
C TRP A 196 5.73 -6.09 51.13
N ILE A 197 6.15 -5.01 51.82
CA ILE A 197 6.03 -5.00 53.27
C ILE A 197 4.57 -5.03 53.68
N GLU A 198 3.71 -4.28 52.99
CA GLU A 198 2.32 -4.21 53.43
C GLU A 198 1.55 -5.48 53.08
N SER A 199 1.81 -6.09 51.92
CA SER A 199 0.99 -7.20 51.48
C SER A 199 1.55 -8.56 51.92
N ALA A 200 2.84 -8.65 52.19
CA ALA A 200 3.49 -9.95 52.35
C ALA A 200 3.78 -10.33 53.78
N GLU A 201 4.08 -9.37 54.66
CA GLU A 201 4.55 -9.70 56.00
C GLU A 201 3.51 -10.48 56.81
N ASN A 202 2.25 -10.48 56.38
CA ASN A 202 1.27 -11.36 57.00
C ASN A 202 1.62 -12.83 56.77
N SER A 203 2.35 -13.12 55.70
CA SER A 203 2.80 -14.47 55.36
C SER A 203 4.33 -14.52 55.36
N ARG A 204 4.86 -15.68 54.97
CA ARG A 204 6.29 -15.89 54.88
C ARG A 204 6.77 -16.08 53.45
N GLY A 205 5.90 -15.87 52.47
CA GLY A 205 6.25 -16.17 51.09
C GLY A 205 7.27 -15.20 50.51
N TYR A 206 7.05 -13.91 50.70
CA TYR A 206 7.86 -12.88 50.06
C TYR A 206 8.94 -12.30 50.95
N TYR A 207 8.89 -12.53 52.27
CA TYR A 207 9.89 -11.96 53.16
C TYR A 207 11.29 -12.45 52.80
N TYR A 208 11.41 -13.73 52.46
CA TYR A 208 12.70 -14.27 52.05
C TYR A 208 13.22 -13.55 50.82
N ALA A 209 12.37 -13.33 49.82
CA ALA A 209 12.79 -12.58 48.64
C ALA A 209 13.07 -11.13 48.98
N LEU A 210 12.30 -10.56 49.90
CA LEU A 210 12.54 -9.18 50.33
C LEU A 210 13.92 -9.01 50.94
N ALA A 211 14.44 -10.04 51.62
CA ALA A 211 15.80 -9.96 52.11
C ALA A 211 16.81 -10.32 51.03
N GLY A 212 16.45 -11.27 50.16
CA GLY A 212 17.41 -11.76 49.17
C GLY A 212 17.76 -10.73 48.13
N VAL A 213 16.78 -9.91 47.72
CA VAL A 213 17.04 -8.88 46.73
C VAL A 213 18.11 -7.91 47.24
N THR A 214 17.93 -7.40 48.46
CA THR A 214 18.89 -6.44 48.99
C THR A 214 20.23 -7.10 49.28
N LEU A 215 20.23 -8.37 49.70
CA LEU A 215 21.51 -9.05 49.92
C LEU A 215 22.27 -9.20 48.60
N LEU A 216 21.57 -9.59 47.54
CA LEU A 216 22.22 -9.79 46.25
C LEU A 216 22.73 -8.46 45.70
N CYS A 217 21.96 -7.38 45.86
CA CYS A 217 22.43 -6.08 45.37
C CYS A 217 23.64 -5.60 46.16
N TYR A 218 23.65 -5.79 47.48
CA TYR A 218 24.83 -5.41 48.26
C TYR A 218 26.05 -6.21 47.83
N ILE A 219 25.91 -7.52 47.62
CA ILE A 219 27.11 -8.30 47.27
C ILE A 219 27.60 -7.94 45.89
N LEU A 220 26.69 -7.64 44.95
CA LEU A 220 27.13 -7.17 43.63
C LEU A 220 27.89 -5.86 43.74
N SER A 221 27.38 -4.91 44.52
CA SER A 221 28.06 -3.62 44.66
C SER A 221 29.42 -3.78 45.30
N LEU A 222 29.54 -4.64 46.31
CA LEU A 222 30.82 -4.81 46.98
C LEU A 222 31.84 -5.50 46.08
N THR A 223 31.43 -6.56 45.37
CA THR A 223 32.35 -7.17 44.42
C THR A 223 32.76 -6.20 43.33
N GLY A 224 31.85 -5.33 42.90
CA GLY A 224 32.20 -4.33 41.91
C GLY A 224 33.22 -3.34 42.43
N ILE A 225 33.04 -2.85 43.66
CA ILE A 225 33.97 -1.88 44.20
C ILE A 225 35.35 -2.52 44.38
N THR A 226 35.38 -3.80 44.75
CA THR A 226 36.67 -4.49 44.88
C THR A 226 37.33 -4.68 43.52
N LEU A 227 36.55 -5.00 42.49
CA LEU A 227 37.13 -5.15 41.15
C LEU A 227 37.68 -3.81 40.66
N LEU A 228 37.02 -2.71 40.99
CA LEU A 228 37.55 -1.39 40.64
C LEU A 228 38.90 -1.16 41.31
N TYR A 229 38.96 -1.36 42.63
CA TYR A 229 40.22 -1.27 43.35
C TYR A 229 41.31 -2.12 42.70
N ILE A 230 40.96 -3.33 42.26
CA ILE A 230 41.97 -4.23 41.72
C ILE A 230 42.47 -3.75 40.36
N TYR A 231 41.56 -3.37 39.47
CA TYR A 231 41.90 -3.16 38.06
C TYR A 231 42.22 -1.70 37.74
N PHE A 232 41.32 -0.77 38.06
CA PHE A 232 41.45 0.58 37.52
C PHE A 232 42.32 1.50 38.36
N THR A 233 43.24 0.95 39.15
CA THR A 233 44.25 1.77 39.81
C THR A 233 45.52 0.97 39.98
N THR A 234 46.63 1.68 40.02
CA THR A 234 47.94 1.09 40.24
C THR A 234 48.37 1.34 41.68
N SER A 235 49.63 1.00 41.99
CA SER A 235 50.14 1.19 43.34
C SER A 235 50.32 2.67 43.65
N THR A 236 51.07 3.39 42.82
CA THR A 236 51.35 4.80 43.07
C THR A 236 51.24 5.66 41.81
N GLY A 237 50.52 5.20 40.78
CA GLY A 237 50.46 5.95 39.54
C GLY A 237 49.33 6.94 39.44
N CYS A 238 48.10 6.47 39.63
CA CYS A 238 46.91 7.31 39.54
C CYS A 238 46.29 7.46 40.93
N GLY A 239 46.22 8.70 41.41
CA GLY A 239 45.61 8.97 42.70
C GLY A 239 44.18 9.47 42.58
N ILE A 240 43.85 10.05 41.42
CA ILE A 240 42.51 10.59 41.22
C ILE A 240 41.47 9.47 41.21
N ASN A 241 41.83 8.29 40.72
CA ASN A 241 40.90 7.16 40.73
C ASN A 241 40.71 6.64 42.15
N LYS A 242 41.82 6.52 42.90
CA LYS A 242 41.72 6.15 44.31
C LYS A 242 40.97 7.19 45.13
N PHE A 243 40.86 8.42 44.63
CA PHE A 243 40.02 9.44 45.27
C PHE A 243 38.55 9.24 44.92
N PHE A 244 38.25 9.12 43.62
CA PHE A 244 36.86 8.98 43.18
C PHE A 244 36.22 7.73 43.78
N ILE A 245 36.87 6.58 43.64
CA ILE A 245 36.27 5.33 44.12
C ILE A 245 36.06 5.37 45.62
N SER A 246 37.05 5.86 46.36
CA SER A 246 36.94 5.89 47.81
C SER A 246 35.84 6.84 48.27
N ILE A 247 35.73 8.01 47.66
CA ILE A 247 34.70 8.94 48.12
C ILE A 247 33.32 8.44 47.74
N ASN A 248 33.19 7.75 46.60
CA ASN A 248 31.90 7.17 46.26
C ASN A 248 31.54 6.05 47.24
N LEU A 249 32.53 5.27 47.68
CA LEU A 249 32.25 4.25 48.68
C LEU A 249 31.82 4.88 50.01
N ILE A 250 32.44 6.00 50.38
CA ILE A 250 32.06 6.68 51.61
C ILE A 250 30.62 7.18 51.53
N PHE A 251 30.25 7.81 50.41
CA PHE A 251 28.86 8.23 50.24
C PHE A 251 27.90 7.05 50.26
N CYS A 252 28.29 5.95 49.61
CA CYS A 252 27.40 4.78 49.54
C CYS A 252 27.25 4.09 50.89
N LEU A 253 28.20 4.28 51.81
CA LEU A 253 27.98 3.77 53.15
C LEU A 253 27.15 4.74 53.99
N ALA A 254 27.45 6.04 53.91
CA ALA A 254 26.71 7.01 54.70
C ALA A 254 25.23 7.04 54.32
N ILE A 255 24.92 6.79 53.05
CA ILE A 255 23.53 6.80 52.61
C ILE A 255 22.75 5.66 53.27
N SER A 256 23.33 4.46 53.32
CA SER A 256 22.63 3.34 53.95
C SER A 256 22.62 3.49 55.46
N VAL A 257 23.60 4.20 56.03
CA VAL A 257 23.56 4.47 57.47
C VAL A 257 22.40 5.40 57.80
N ILE A 258 22.23 6.47 57.02
CA ILE A 258 21.17 7.43 57.32
C ILE A 258 19.80 6.85 56.99
N SER A 259 19.73 5.93 56.03
CA SER A 259 18.45 5.38 55.62
C SER A 259 17.79 4.49 56.67
N ILE A 260 18.48 4.14 57.76
CA ILE A 260 17.97 3.16 58.70
C ILE A 260 17.67 3.74 60.09
N LEU A 261 18.26 4.88 60.45
CA LEU A 261 18.12 5.37 61.82
C LEU A 261 16.64 5.67 62.12
N PRO A 262 16.22 5.47 63.38
CA PRO A 262 14.77 5.50 63.67
C PRO A 262 14.11 6.86 63.50
N ALA A 263 14.87 7.95 63.63
CA ALA A 263 14.26 9.28 63.53
C ALA A 263 13.65 9.50 62.15
N VAL A 264 14.27 8.96 61.11
CA VAL A 264 13.69 9.06 59.78
C VAL A 264 12.52 8.11 59.63
N GLN A 265 12.64 6.89 60.17
CA GLN A 265 11.56 5.92 60.07
C GLN A 265 10.32 6.36 60.82
N GLU A 266 10.44 7.32 61.76
CA GLU A 266 9.28 7.78 62.49
C GLU A 266 8.25 8.41 61.57
N ARG A 267 8.70 9.15 60.55
CA ARG A 267 7.78 9.78 59.62
C ARG A 267 7.16 8.75 58.68
N LEU A 268 8.00 8.00 57.96
CA LEU A 268 7.53 6.95 57.06
C LEU A 268 8.08 5.61 57.52
N PRO A 269 7.24 4.60 57.74
CA PRO A 269 7.72 3.35 58.35
C PRO A 269 8.55 2.49 57.41
N HIS A 270 8.47 2.69 56.09
CA HIS A 270 9.09 1.80 55.12
C HIS A 270 10.42 2.34 54.60
N SER A 271 11.21 2.99 55.45
CA SER A 271 12.52 3.48 55.03
C SER A 271 13.38 2.35 54.48
N GLY A 272 13.42 1.23 55.19
CA GLY A 272 14.02 -0.02 54.75
C GLY A 272 15.47 0.07 54.27
N LEU A 273 15.87 -0.99 53.57
CA LEU A 273 17.21 -1.10 53.01
C LEU A 273 17.23 -1.29 51.51
N LEU A 274 16.09 -1.55 50.88
CA LEU A 274 16.08 -1.79 49.43
C LEU A 274 16.42 -0.52 48.66
N GLN A 275 15.83 0.60 49.06
CA GLN A 275 16.08 1.86 48.36
C GLN A 275 17.56 2.18 48.33
N SER A 276 18.20 2.22 49.50
CA SER A 276 19.62 2.50 49.58
C SER A 276 20.43 1.48 48.81
N SER A 277 19.95 0.23 48.75
CA SER A 277 20.69 -0.80 48.03
C SER A 277 20.70 -0.54 46.53
N LEU A 278 19.52 -0.30 45.94
CA LEU A 278 19.47 -0.03 44.52
C LEU A 278 20.20 1.27 44.18
N VAL A 279 20.09 2.28 45.04
CA VAL A 279 20.78 3.54 44.78
C VAL A 279 22.30 3.33 44.82
N THR A 280 22.81 2.56 45.79
CA THR A 280 24.25 2.38 45.84
C THR A 280 24.74 1.52 44.68
N LEU A 281 23.94 0.56 44.22
CA LEU A 281 24.33 -0.18 43.03
C LEU A 281 24.42 0.74 41.82
N TYR A 282 23.44 1.63 41.65
CA TYR A 282 23.48 2.55 40.53
C TYR A 282 24.67 3.50 40.63
N THR A 283 24.99 3.97 41.83
CA THR A 283 26.13 4.88 41.98
C THR A 283 27.45 4.16 41.70
N VAL A 284 27.57 2.88 42.07
CA VAL A 284 28.79 2.15 41.72
C VAL A 284 28.87 1.96 40.21
N TYR A 285 27.74 1.72 39.55
CA TYR A 285 27.73 1.67 38.10
C TYR A 285 28.25 2.97 37.49
N LEU A 286 27.76 4.11 37.99
CA LEU A 286 28.23 5.38 37.44
C LEU A 286 29.71 5.62 37.75
N THR A 287 30.17 5.20 38.93
CA THR A 287 31.59 5.35 39.24
C THR A 287 32.44 4.58 38.25
N TRP A 288 32.06 3.33 37.96
CA TRP A 288 32.83 2.53 37.00
C TRP A 288 32.76 3.13 35.60
N SER A 289 31.57 3.55 35.15
CA SER A 289 31.45 4.11 33.82
C SER A 289 32.19 5.43 33.68
N ALA A 290 32.33 6.18 34.78
CA ALA A 290 33.06 7.45 34.71
C ALA A 290 34.57 7.21 34.72
N VAL A 291 35.04 6.28 35.54
CA VAL A 291 36.48 6.00 35.57
C VAL A 291 36.92 5.34 34.28
N ALA A 292 36.00 4.69 33.56
CA ALA A 292 36.38 4.02 32.32
C ALA A 292 36.98 4.99 31.28
N ASN A 293 36.62 6.27 31.33
CA ASN A 293 37.04 7.23 30.32
C ASN A 293 38.21 8.11 30.75
N ASN A 294 39.03 7.64 31.67
CA ASN A 294 40.18 8.42 32.11
C ASN A 294 41.18 8.59 30.96
N PRO A 295 41.50 9.82 30.54
CA PRO A 295 42.45 10.01 29.44
C PRO A 295 43.90 9.96 29.90
N GLU A 296 44.25 8.86 30.57
CA GLU A 296 45.61 8.65 31.07
C GLU A 296 46.00 7.20 30.83
N LYS A 297 47.04 6.99 30.04
CA LYS A 297 47.52 5.64 29.78
C LYS A 297 48.43 5.11 30.88
N GLU A 298 48.69 5.90 31.91
CA GLU A 298 49.56 5.46 32.99
C GLU A 298 48.97 4.27 33.72
N CYS A 299 47.69 4.36 34.08
CA CYS A 299 47.02 3.32 34.86
C CYS A 299 45.90 2.63 34.11
N ASN A 300 44.96 3.39 33.55
CA ASN A 300 43.75 2.89 32.89
C ASN A 300 44.07 1.78 31.89
N PRO A 301 43.67 0.54 32.16
CA PRO A 301 43.86 -0.56 31.19
C PRO A 301 42.66 -0.83 30.31
N GLY A 302 41.60 -0.02 30.38
CA GLY A 302 40.38 -0.36 29.67
C GLY A 302 40.55 -0.36 28.16
N MET A 303 40.94 0.78 27.60
CA MET A 303 41.16 0.90 26.17
C MET A 303 42.61 1.18 25.82
N PHE A 304 43.31 1.98 26.63
CA PHE A 304 44.66 2.38 26.28
C PHE A 304 45.61 1.20 26.33
N GLY A 305 45.76 0.58 27.49
CA GLY A 305 46.64 -0.56 27.65
C GLY A 305 45.99 -1.69 28.43
N HIS A 322 43.85 0.56 15.28
CA HIS A 322 43.67 -0.80 14.81
C HIS A 322 42.60 -0.87 13.71
N THR A 323 42.68 0.08 12.78
CA THR A 323 41.81 0.27 11.62
C THR A 323 40.46 0.85 12.02
N THR A 324 40.12 0.83 13.31
CA THR A 324 38.90 1.42 13.84
C THR A 324 39.10 1.76 15.30
N ARG A 325 38.15 2.48 15.89
CA ARG A 325 38.13 2.67 17.33
C ARG A 325 36.72 2.55 17.89
N VAL A 326 35.78 2.05 17.10
CA VAL A 326 34.41 1.83 17.55
C VAL A 326 34.34 0.49 18.27
N THR A 327 33.89 0.51 19.52
CA THR A 327 33.82 -0.70 20.33
C THR A 327 32.43 -0.79 20.97
N PHE A 328 32.09 -2.01 21.38
CA PHE A 328 30.79 -2.28 22.00
C PHE A 328 30.99 -3.38 23.01
N ASP A 329 30.82 -3.07 24.29
CA ASP A 329 31.15 -4.01 25.36
C ASP A 329 29.96 -4.25 26.28
N THR A 330 30.20 -4.90 27.41
CA THR A 330 29.12 -5.16 28.36
C THR A 330 28.64 -3.88 29.03
N THR A 331 29.49 -2.86 29.10
CA THR A 331 29.09 -1.58 29.68
C THR A 331 27.91 -0.99 28.94
N ASN A 332 28.02 -0.92 27.61
CA ASN A 332 26.95 -0.34 26.82
C ASN A 332 25.66 -1.16 26.92
N ILE A 333 25.79 -2.49 27.03
CA ILE A 333 24.59 -3.32 27.14
C ILE A 333 23.87 -3.05 28.46
N ILE A 334 24.62 -2.99 29.56
CA ILE A 334 23.99 -2.69 30.85
C ILE A 334 23.35 -1.31 30.81
N GLY A 335 24.05 -0.33 30.20
CA GLY A 335 23.49 1.00 30.08
C GLY A 335 22.17 1.01 29.33
N LEU A 336 22.12 0.33 28.19
CA LEU A 336 20.88 0.30 27.41
C LEU A 336 19.77 -0.42 28.14
N VAL A 337 20.09 -1.48 28.90
CA VAL A 337 19.03 -2.19 29.61
C VAL A 337 18.43 -1.32 30.70
N VAL A 338 19.29 -0.66 31.50
CA VAL A 338 18.77 0.24 32.53
C VAL A 338 17.95 1.36 31.89
N TRP A 339 18.44 1.89 30.78
CA TRP A 339 17.69 2.91 30.04
C TRP A 339 16.30 2.43 29.67
N LEU A 340 16.21 1.24 29.08
CA LEU A 340 14.91 0.73 28.64
C LEU A 340 13.98 0.50 29.83
N LEU A 341 14.49 -0.05 30.92
CA LEU A 341 13.64 -0.26 32.09
C LEU A 341 13.09 1.05 32.61
N CYS A 342 13.93 2.09 32.68
CA CYS A 342 13.45 3.37 33.17
C CYS A 342 12.42 3.97 32.22
N ILE A 343 12.64 3.84 30.91
CA ILE A 343 11.69 4.40 29.96
C ILE A 343 10.35 3.68 30.04
N LEU A 344 10.37 2.36 30.23
CA LEU A 344 9.10 1.64 30.33
C LEU A 344 8.38 1.94 31.64
N TYR A 345 9.11 2.10 32.75
CA TYR A 345 8.43 2.43 34.00
C TYR A 345 7.92 3.87 33.98
N ASN A 346 8.51 4.73 33.16
CA ASN A 346 7.99 6.08 33.04
C ASN A 346 6.61 6.10 32.38
N CYS A 347 6.34 5.17 31.47
CA CYS A 347 5.11 5.19 30.69
C CYS A 347 3.97 4.41 31.34
N ILE A 348 4.21 3.65 32.40
CA ILE A 348 3.18 2.80 33.00
C ILE A 348 2.43 3.66 34.00
N SER A 349 1.44 4.40 33.48
CA SER A 349 0.50 5.19 34.26
C SER A 349 1.17 5.97 35.39
N SER A 350 2.33 6.57 35.11
CA SER A 350 3.12 7.22 36.13
C SER A 350 3.54 8.62 35.68
N ALA A 351 3.85 9.46 36.65
CA ALA A 351 4.28 10.84 36.42
C ALA A 351 5.49 11.14 37.30
N VAL A 352 6.48 10.24 37.27
CA VAL A 352 7.65 10.37 38.12
C VAL A 352 8.65 11.29 37.42
N GLU A 353 8.28 11.74 36.23
CA GLU A 353 9.06 12.68 35.43
C GLU A 353 9.67 13.82 36.25
N THR A 390 -12.43 14.55 30.19
CA THR A 390 -12.89 15.45 31.24
C THR A 390 -11.84 16.52 31.55
N GLU A 391 -12.14 17.37 32.53
CA GLU A 391 -11.23 18.43 32.90
C GLU A 391 -9.94 17.87 33.50
N GLY A 392 -8.85 18.61 33.33
CA GLY A 392 -7.57 18.22 33.89
C GLY A 392 -6.88 17.14 33.08
N VAL A 393 -5.55 17.13 33.13
CA VAL A 393 -4.74 16.15 32.44
C VAL A 393 -3.76 15.56 33.45
N THR A 394 -3.56 14.24 33.38
CA THR A 394 -2.73 13.57 34.37
C THR A 394 -1.27 14.00 34.27
N TYR A 395 -0.70 13.97 33.06
CA TYR A 395 0.70 14.30 32.85
C TYR A 395 0.81 15.50 31.93
N SER A 396 1.75 16.39 32.23
CA SER A 396 1.94 17.56 31.40
C SER A 396 2.48 17.12 30.04
N TRP A 397 1.82 17.54 28.96
CA TRP A 397 2.14 17.04 27.64
C TRP A 397 3.47 17.56 27.12
N SER A 398 4.03 18.61 27.72
CA SER A 398 5.31 19.12 27.24
C SER A 398 6.50 18.53 27.99
N MET A 399 6.38 18.34 29.30
CA MET A 399 7.48 17.79 30.07
C MET A 399 7.81 16.38 29.62
N PHE A 400 6.81 15.62 29.18
CA PHE A 400 7.04 14.27 28.67
C PHE A 400 7.96 14.30 27.45
N HIS A 401 7.66 15.18 26.50
CA HIS A 401 8.50 15.26 25.30
C HIS A 401 9.87 15.81 25.61
N LEU A 402 9.98 16.73 26.58
CA LEU A 402 11.31 17.18 26.98
C LEU A 402 12.13 16.03 27.57
N VAL A 403 11.49 15.17 28.37
CA VAL A 403 12.19 14.00 28.91
C VAL A 403 12.63 13.08 27.78
N PHE A 404 11.81 12.91 26.75
CA PHE A 404 12.25 12.08 25.63
C PHE A 404 13.39 12.71 24.85
N VAL A 405 13.43 14.04 24.73
CA VAL A 405 14.57 14.68 24.10
C VAL A 405 15.85 14.37 24.88
N CYS A 406 15.79 14.50 26.21
CA CYS A 406 16.95 14.16 27.03
C CYS A 406 17.33 12.69 26.88
N ALA A 407 16.34 11.80 26.77
CA ALA A 407 16.63 10.38 26.62
C ALA A 407 17.32 10.08 25.30
N SER A 408 16.85 10.71 24.22
CA SER A 408 17.48 10.51 22.92
C SER A 408 18.93 11.00 22.93
N LEU A 409 19.18 12.15 23.58
CA LEU A 409 20.57 12.61 23.68
C LEU A 409 21.42 11.67 24.51
N TYR A 410 20.86 11.12 25.59
CA TYR A 410 21.60 10.16 26.39
C TYR A 410 21.97 8.92 25.58
N VAL A 411 21.05 8.45 24.74
CA VAL A 411 21.36 7.31 23.89
C VAL A 411 22.45 7.67 22.89
N MET A 412 22.33 8.85 22.28
CA MET A 412 23.40 9.37 21.42
C MET A 412 24.76 9.26 22.08
N MET A 413 24.84 9.65 23.35
CA MET A 413 26.14 9.68 24.02
C MET A 413 26.59 8.27 24.41
N THR A 414 25.67 7.41 24.86
CA THR A 414 26.09 6.11 25.37
C THR A 414 26.38 5.11 24.27
N LEU A 415 25.79 5.28 23.09
CA LEU A 415 26.14 4.39 21.97
C LEU A 415 27.50 4.73 21.38
N THR A 416 28.03 5.92 21.61
CA THR A 416 29.32 6.32 21.10
C THR A 416 30.39 6.39 22.19
N ASN A 417 30.09 5.86 23.37
CA ASN A 417 31.07 5.74 24.46
C ASN A 417 31.70 7.08 24.84
N TRP A 418 30.98 8.17 24.63
CA TRP A 418 31.33 9.45 25.25
C TRP A 418 32.68 9.97 24.78
N TYR A 419 32.97 9.81 23.48
CA TYR A 419 34.29 10.16 22.98
C TYR A 419 34.32 11.60 22.50
N LYS A 420 35.52 12.10 22.22
CA LYS A 420 35.71 13.47 21.78
C LYS A 420 35.95 13.50 20.27
N PRO A 421 35.10 14.14 19.49
CA PRO A 421 35.31 14.17 18.04
C PRO A 421 36.59 14.90 17.66
N HIS A 422 37.11 14.54 16.49
CA HIS A 422 38.27 15.21 15.90
C HIS A 422 39.50 15.14 16.81
N SER A 423 39.68 14.00 17.47
CA SER A 423 40.86 13.76 18.29
C SER A 423 41.69 12.64 17.66
N GLU A 424 43.01 12.73 17.82
CA GLU A 424 43.90 11.76 17.20
C GLU A 424 43.67 10.38 17.79
N ILE A 425 43.98 9.36 16.98
CA ILE A 425 43.64 7.98 17.35
C ILE A 425 44.42 7.51 18.56
N GLU A 426 45.58 8.07 18.85
CA GLU A 426 46.32 7.66 20.04
C GLU A 426 45.53 7.94 21.31
N LEU A 427 44.74 9.01 21.32
CA LEU A 427 43.89 9.29 22.48
C LEU A 427 42.85 8.19 22.65
N PHE A 428 42.31 7.69 21.53
CA PHE A 428 41.60 6.42 21.48
C PHE A 428 40.45 6.31 22.49
N ASN A 429 39.36 7.03 22.23
CA ASN A 429 38.06 6.79 22.87
C ASN A 429 38.01 7.26 24.31
N GLY A 430 38.86 8.20 24.70
CA GLY A 430 38.76 8.76 26.04
C GLY A 430 38.95 10.26 26.09
N ASN A 431 38.01 10.96 26.70
CA ASN A 431 38.13 12.40 26.90
C ASN A 431 38.05 12.72 28.37
N GLU A 432 38.36 13.97 28.71
CA GLU A 432 38.40 14.39 30.10
C GLU A 432 37.13 15.09 30.55
N ALA A 433 36.36 15.63 29.61
CA ALA A 433 35.17 16.40 29.96
C ALA A 433 33.96 15.54 30.28
N SER A 434 34.03 14.23 30.03
CA SER A 434 32.92 13.33 30.31
C SER A 434 32.97 12.73 31.70
N MET A 435 34.17 12.39 32.18
CA MET A 435 34.30 11.78 33.49
C MET A 435 33.82 12.74 34.59
N TRP A 436 34.15 14.02 34.47
CA TRP A 436 33.71 14.98 35.47
C TRP A 436 32.19 15.12 35.47
N VAL A 437 31.58 15.17 34.29
CA VAL A 437 30.13 15.29 34.22
C VAL A 437 29.47 14.06 34.86
N LYS A 438 29.94 12.87 34.52
CA LYS A 438 29.35 11.66 35.11
C LYS A 438 29.49 11.65 36.62
N ILE A 439 30.67 12.00 37.14
CA ILE A 439 30.88 11.86 38.57
C ILE A 439 30.15 12.95 39.34
N VAL A 440 30.08 14.17 38.80
CA VAL A 440 29.28 15.21 39.43
C VAL A 440 27.82 14.83 39.42
N SER A 441 27.36 14.16 38.35
CA SER A 441 25.99 13.66 38.34
C SER A 441 25.76 12.64 39.44
N SER A 442 26.71 11.73 39.63
CA SER A 442 26.58 10.74 40.70
C SER A 442 26.50 11.40 42.06
N TRP A 443 27.38 12.38 42.32
CA TRP A 443 27.37 13.05 43.62
C TRP A 443 26.07 13.82 43.85
N LEU A 444 25.61 14.56 42.83
CA LEU A 444 24.35 15.28 42.99
C LEU A 444 23.19 14.32 43.21
N GLY A 445 23.24 13.13 42.60
CA GLY A 445 22.17 12.17 42.81
C GLY A 445 22.16 11.61 44.22
N VAL A 446 23.33 11.26 44.74
CA VAL A 446 23.42 10.82 46.13
C VAL A 446 22.91 11.91 47.07
N PHE A 447 23.26 13.16 46.78
CA PHE A 447 22.76 14.27 47.59
C PHE A 447 21.25 14.38 47.51
N ILE A 448 20.68 14.26 46.31
CA ILE A 448 19.23 14.36 46.16
C ILE A 448 18.53 13.30 47.00
N TYR A 449 18.98 12.05 46.89
CA TYR A 449 18.32 11.00 47.66
C TYR A 449 18.50 11.22 49.17
N GLY A 450 19.74 11.45 49.62
CA GLY A 450 19.97 11.64 51.04
C GLY A 450 19.19 12.81 51.61
N TRP A 451 18.96 13.84 50.80
CA TRP A 451 18.18 14.98 51.25
C TRP A 451 16.70 14.64 51.31
N SER A 452 16.14 14.12 50.21
CA SER A 452 14.72 13.83 50.17
C SER A 452 14.32 12.81 51.23
N LEU A 453 15.25 11.96 51.65
CA LEU A 453 14.90 10.95 52.65
C LEU A 453 14.92 11.55 54.06
N ALA A 454 15.84 12.46 54.33
CA ALA A 454 16.05 12.98 55.68
C ALA A 454 16.19 14.49 55.68
N ALA A 455 15.29 15.19 54.99
CA ALA A 455 15.30 16.64 55.00
C ALA A 455 14.70 17.21 56.28
N PRO A 456 13.46 16.85 56.67
CA PRO A 456 12.86 17.53 57.82
C PRO A 456 13.53 17.20 59.14
N ILE A 457 14.13 16.01 59.26
CA ILE A 457 14.84 15.65 60.49
C ILE A 457 16.03 16.60 60.69
N VAL A 458 16.78 16.87 59.63
CA VAL A 458 17.91 17.80 59.74
C VAL A 458 17.41 19.23 59.88
N LEU A 459 16.29 19.56 59.25
CA LEU A 459 15.77 20.93 59.36
C LEU A 459 15.32 21.23 60.79
N THR A 460 14.74 20.25 61.48
CA THR A 460 14.27 20.48 62.84
C THR A 460 15.39 20.28 63.86
N ASN A 461 16.03 19.11 63.84
CA ASN A 461 17.11 18.82 64.78
C ASN A 461 18.24 18.04 64.11
N PRO B 30 -17.28 -9.39 22.61
CA PRO B 30 -16.67 -8.06 22.74
C PRO B 30 -15.19 -8.11 23.15
N SER B 31 -14.94 -8.13 24.46
CA SER B 31 -13.56 -8.15 24.95
C SER B 31 -12.94 -9.53 24.85
N CYS B 32 -13.69 -10.56 25.25
CA CYS B 32 -13.12 -11.91 25.37
C CYS B 32 -12.75 -12.47 24.01
N THR B 33 -13.63 -12.33 23.02
CA THR B 33 -13.32 -12.86 21.70
C THR B 33 -12.12 -12.16 21.08
N ASN B 34 -11.97 -10.86 21.32
CA ASN B 34 -10.81 -10.16 20.77
C ASN B 34 -9.54 -10.59 21.50
N ALA B 35 -9.64 -10.86 22.81
CA ALA B 35 -8.49 -11.34 23.56
C ALA B 35 -8.04 -12.71 23.06
N SER B 36 -8.99 -13.61 22.78
CA SER B 36 -8.62 -14.92 22.26
C SER B 36 -8.05 -14.82 20.85
N SER B 37 -8.62 -13.94 20.02
CA SER B 37 -8.02 -13.69 18.71
C SER B 37 -6.59 -13.19 18.85
N SER B 38 -6.31 -12.40 19.89
CA SER B 38 -4.94 -11.95 20.13
C SER B 38 -4.04 -13.12 20.53
N ARG B 39 -4.56 -14.01 21.39
CA ARG B 39 -3.78 -15.19 21.77
C ARG B 39 -3.43 -16.03 20.55
N PHE B 40 -4.31 -16.08 19.55
CA PHE B 40 -3.97 -16.83 18.35
C PHE B 40 -3.06 -16.02 17.41
N MET B 41 -3.18 -14.70 17.40
CA MET B 41 -2.31 -13.89 16.55
C MET B 41 -0.86 -13.99 17.01
N TYR B 42 -0.63 -14.07 18.31
CA TYR B 42 0.73 -14.24 18.80
C TYR B 42 1.31 -15.59 18.36
N ALA B 43 0.48 -16.64 18.37
CA ALA B 43 0.93 -17.93 17.86
C ALA B 43 1.27 -17.84 16.38
N PHE B 44 0.47 -17.11 15.61
CA PHE B 44 0.80 -16.91 14.20
C PHE B 44 2.12 -16.16 14.03
N ILE B 45 2.39 -15.18 14.89
CA ILE B 45 3.68 -14.48 14.82
C ILE B 45 4.83 -15.45 15.05
N LEU B 46 4.72 -16.26 16.11
CA LEU B 46 5.79 -17.21 16.41
C LEU B 46 5.97 -18.21 15.27
N LEU B 47 4.86 -18.63 14.66
CA LEU B 47 4.93 -19.58 13.56
C LEU B 47 5.63 -18.97 12.35
N VAL B 48 5.26 -17.74 11.98
CA VAL B 48 5.91 -17.09 10.84
C VAL B 48 7.40 -16.90 11.10
N GLY B 49 7.75 -16.53 12.34
CA GLY B 49 9.16 -16.39 12.67
C GLY B 49 9.93 -17.69 12.55
N THR B 50 9.35 -18.78 13.04
CA THR B 50 10.02 -20.08 12.94
C THR B 50 10.16 -20.52 11.48
N VAL B 51 9.10 -20.34 10.68
CA VAL B 51 9.18 -20.73 9.27
C VAL B 51 10.23 -19.91 8.54
N LEU B 52 10.31 -18.61 8.83
CA LEU B 52 11.32 -17.78 8.19
C LEU B 52 12.73 -18.17 8.65
N GLY B 53 12.88 -18.56 9.92
CA GLY B 53 14.18 -18.97 10.39
C GLY B 53 14.64 -20.29 9.80
N ALA B 54 13.70 -21.19 9.52
CA ALA B 54 14.06 -22.51 9.03
C ALA B 54 14.25 -22.58 7.52
N ILE B 55 13.85 -21.54 6.77
CA ILE B 55 14.14 -21.51 5.34
C ILE B 55 15.64 -21.49 5.10
N ALA B 56 16.41 -21.01 6.08
CA ALA B 56 17.87 -21.09 6.01
C ALA B 56 18.28 -22.54 6.21
N LEU B 57 19.58 -22.77 6.32
CA LEU B 57 20.18 -24.10 6.50
C LEU B 57 19.73 -25.10 5.44
N SER B 58 19.23 -24.63 4.29
CA SER B 58 19.01 -25.52 3.17
C SER B 58 20.35 -25.96 2.61
N PRO B 59 20.42 -27.15 2.00
CA PRO B 59 21.74 -27.76 1.75
C PRO B 59 22.62 -26.96 0.81
N GLY B 60 22.05 -26.45 -0.28
CA GLY B 60 22.86 -25.67 -1.20
C GLY B 60 22.16 -24.41 -1.66
N LEU B 61 20.89 -24.25 -1.27
CA LEU B 61 20.12 -23.15 -1.79
C LEU B 61 20.45 -21.85 -1.07
N GLN B 62 21.01 -21.92 0.13
CA GLN B 62 21.34 -20.74 0.91
C GLN B 62 22.75 -20.74 1.47
N ASP B 63 23.43 -21.89 1.55
CA ASP B 63 24.73 -21.92 2.19
C ASP B 63 25.77 -21.11 1.43
N THR B 64 25.51 -20.78 0.17
CA THR B 64 26.43 -19.86 -0.51
C THR B 64 25.95 -18.42 -0.39
N LEU B 65 24.64 -18.20 -0.32
CA LEU B 65 24.13 -16.85 -0.09
C LEU B 65 24.44 -16.37 1.32
N LYS B 66 24.49 -17.29 2.28
CA LYS B 66 24.75 -16.91 3.67
C LYS B 66 26.18 -16.44 3.90
N LYS B 67 27.03 -16.39 2.87
CA LYS B 67 28.40 -15.93 3.08
C LYS B 67 28.50 -14.41 3.16
N MET B 68 27.58 -13.66 2.54
CA MET B 68 27.63 -12.21 2.63
C MET B 68 27.20 -11.66 4.00
N PRO B 69 26.01 -12.03 4.52
CA PRO B 69 25.35 -11.20 5.54
C PRO B 69 26.13 -10.86 6.82
N PHE B 70 26.83 -11.80 7.45
CA PHE B 70 27.35 -11.57 8.80
C PHE B 70 28.74 -12.13 9.07
N CYS B 71 29.42 -12.68 8.06
CA CYS B 71 30.81 -13.09 8.21
C CYS B 71 31.80 -12.10 7.59
N ILE B 72 31.34 -10.93 7.16
CA ILE B 72 32.27 -9.93 6.65
C ILE B 72 33.25 -9.48 7.73
N ASN B 73 32.88 -9.65 9.01
CA ASN B 73 33.81 -9.38 10.10
C ASN B 73 35.12 -10.14 9.91
N SER B 74 35.04 -11.41 9.52
CA SER B 74 36.23 -12.21 9.30
C SER B 74 36.71 -12.09 7.86
N SER B 90 39.29 -21.15 16.11
CA SER B 90 38.10 -22.01 16.16
C SER B 90 36.87 -21.26 15.68
N LEU B 91 37.04 -19.97 15.39
CA LEU B 91 35.94 -19.17 14.84
C LEU B 91 35.77 -19.44 13.36
N GLN B 92 36.89 -19.59 12.65
CA GLN B 92 36.85 -19.75 11.20
C GLN B 92 36.13 -21.03 10.79
N VAL B 93 36.28 -22.10 11.58
CA VAL B 93 35.60 -23.34 11.22
C VAL B 93 34.09 -23.17 11.33
N ASP B 94 33.63 -22.38 12.30
CA ASP B 94 32.20 -22.18 12.45
C ASP B 94 31.65 -21.27 11.37
N CYS B 95 32.39 -20.23 11.00
CA CYS B 95 31.93 -19.39 9.89
C CYS B 95 32.00 -20.12 8.56
N GLU B 96 32.89 -21.10 8.43
CA GLU B 96 33.09 -21.75 7.14
C GLU B 96 32.17 -22.94 6.95
N TYR B 97 31.81 -23.64 8.03
CA TYR B 97 31.09 -24.90 7.92
C TYR B 97 29.61 -24.79 8.26
N ALA B 98 29.26 -24.19 9.38
CA ALA B 98 27.87 -24.11 9.83
C ALA B 98 27.40 -22.65 9.75
N LEU B 99 26.77 -22.31 8.63
CA LEU B 99 26.17 -20.98 8.46
C LEU B 99 24.70 -20.94 8.84
N GLY B 100 23.96 -21.99 8.52
CA GLY B 100 22.55 -22.02 8.86
C GLY B 100 22.32 -21.93 10.36
N TYR B 101 23.20 -22.53 11.15
CA TYR B 101 23.08 -22.47 12.60
C TYR B 101 23.19 -21.03 13.10
N MET B 102 24.20 -20.30 12.62
CA MET B 102 24.34 -18.90 13.03
C MET B 102 23.14 -18.08 12.57
N ALA B 103 22.66 -18.31 11.35
CA ALA B 103 21.50 -17.57 10.89
C ALA B 103 20.28 -17.82 11.77
N VAL B 104 20.10 -19.07 12.21
CA VAL B 104 18.98 -19.40 13.09
C VAL B 104 19.13 -18.71 14.43
N TYR B 105 20.35 -18.71 15.00
CA TYR B 105 20.58 -17.96 16.22
C TYR B 105 20.18 -16.50 16.07
N ARG B 106 20.71 -15.83 15.05
CA ARG B 106 20.42 -14.40 14.90
C ARG B 106 18.95 -14.15 14.64
N VAL B 107 18.24 -15.08 13.99
CA VAL B 107 16.82 -14.86 13.75
C VAL B 107 16.02 -15.01 15.04
N CYS B 108 16.25 -16.10 15.78
CA CYS B 108 15.43 -16.36 16.97
C CYS B 108 15.75 -15.41 18.12
N PHE B 109 16.94 -14.81 18.15
CA PHE B 109 17.22 -13.81 19.18
C PHE B 109 16.22 -12.65 19.09
N GLY B 110 15.83 -12.27 17.87
CA GLY B 110 14.90 -11.17 17.72
C GLY B 110 13.55 -11.46 18.32
N MET B 111 13.01 -12.66 18.07
CA MET B 111 11.72 -13.02 18.64
C MET B 111 11.81 -13.14 20.15
N ALA B 112 12.90 -13.71 20.66
CA ALA B 112 13.08 -13.76 22.11
C ALA B 112 13.01 -12.36 22.72
N CYS B 113 13.72 -11.41 22.11
CA CYS B 113 13.69 -10.04 22.64
C CYS B 113 12.30 -9.42 22.54
N PHE B 114 11.62 -9.62 21.40
CA PHE B 114 10.29 -9.04 21.24
C PHE B 114 9.33 -9.54 22.31
N PHE B 115 9.28 -10.86 22.52
CA PHE B 115 8.32 -11.38 23.48
C PHE B 115 8.73 -11.07 24.92
N ALA B 116 10.03 -10.96 25.20
CA ALA B 116 10.44 -10.51 26.53
C ALA B 116 9.99 -9.07 26.77
N LEU B 117 10.10 -8.21 25.76
CA LEU B 117 9.64 -6.83 25.90
C LEU B 117 8.14 -6.77 26.12
N MET B 118 7.38 -7.52 25.34
CA MET B 118 5.92 -7.53 25.53
C MET B 118 5.56 -8.08 26.90
N SER B 119 6.36 -9.00 27.44
CA SER B 119 6.13 -9.46 28.80
C SER B 119 6.39 -8.34 29.81
N LEU B 120 7.44 -7.55 29.58
CA LEU B 120 7.75 -6.48 30.53
C LEU B 120 6.68 -5.40 30.52
N ILE B 121 6.09 -5.11 29.36
CA ILE B 121 5.05 -4.08 29.31
C ILE B 121 3.82 -4.52 30.10
N MET B 122 3.30 -5.71 29.79
CA MET B 122 2.02 -6.18 30.34
C MET B 122 2.19 -6.77 31.75
N LEU B 123 2.80 -5.98 32.62
CA LEU B 123 3.17 -6.44 33.95
C LEU B 123 2.32 -5.74 34.99
N GLY B 124 1.68 -6.52 35.86
CA GLY B 124 0.86 -5.98 36.91
C GLY B 124 -0.59 -5.76 36.57
N VAL B 125 -1.02 -6.11 35.36
CA VAL B 125 -2.40 -5.86 34.95
C VAL B 125 -3.35 -6.69 35.79
N LYS B 126 -4.50 -6.10 36.13
CA LYS B 126 -5.51 -6.75 36.96
C LYS B 126 -6.81 -7.03 36.21
N SER B 127 -7.38 -6.02 35.57
CA SER B 127 -8.67 -6.16 34.89
C SER B 127 -8.53 -5.80 33.41
N SER B 128 -9.60 -6.05 32.67
CA SER B 128 -9.64 -5.73 31.26
C SER B 128 -9.94 -4.26 30.98
N ARG B 129 -10.08 -3.44 32.02
CA ARG B 129 -10.37 -2.02 31.84
C ARG B 129 -9.12 -1.15 31.87
N ASP B 130 -7.94 -1.73 32.11
CA ASP B 130 -6.72 -0.93 32.10
C ASP B 130 -6.43 -0.40 30.70
N PRO B 131 -5.80 0.77 30.60
CA PRO B 131 -5.50 1.33 29.27
C PRO B 131 -4.52 0.51 28.47
N ARG B 132 -3.75 -0.37 29.10
CA ARG B 132 -2.81 -1.21 28.37
C ARG B 132 -3.49 -2.36 27.65
N SER B 133 -4.75 -2.67 27.98
CA SER B 133 -5.47 -3.69 27.23
C SER B 133 -5.72 -3.24 25.79
N HIS B 134 -5.71 -1.93 25.55
CA HIS B 134 -6.00 -1.41 24.22
C HIS B 134 -4.84 -1.63 23.27
N ILE B 135 -3.61 -1.75 23.77
CA ILE B 135 -2.45 -1.93 22.91
C ILE B 135 -2.14 -3.40 22.64
N GLN B 136 -2.72 -4.32 23.41
CA GLN B 136 -2.47 -5.74 23.21
C GLN B 136 -3.40 -6.37 22.18
N ASN B 137 -4.40 -5.63 21.71
CA ASN B 137 -5.44 -6.27 20.91
C ASN B 137 -5.61 -5.62 19.54
N ASN B 138 -5.16 -4.37 19.39
CA ASN B 138 -5.48 -3.59 18.20
C ASN B 138 -4.32 -3.52 17.20
N PHE B 139 -3.17 -3.02 17.63
CA PHE B 139 -2.12 -2.62 16.68
C PHE B 139 -1.29 -3.81 16.22
N TRP B 140 -1.77 -4.55 15.22
CA TRP B 140 -1.07 -5.74 14.76
C TRP B 140 0.06 -5.47 13.77
N PRO B 141 -0.13 -4.67 12.71
CA PRO B 141 0.97 -4.47 11.75
C PRO B 141 2.21 -3.89 12.39
N LEU B 142 2.04 -2.98 13.36
CA LEU B 142 3.19 -2.47 14.09
C LEU B 142 3.93 -3.60 14.79
N LYS B 143 3.21 -4.54 15.39
CA LYS B 143 3.86 -5.65 16.08
C LYS B 143 4.62 -6.54 15.10
N PHE B 144 4.00 -6.87 13.97
CA PHE B 144 4.69 -7.67 12.96
C PHE B 144 5.97 -6.98 12.52
N LEU B 145 5.88 -5.68 12.22
CA LEU B 145 7.04 -4.98 11.70
C LEU B 145 8.11 -4.80 12.78
N ILE B 146 7.71 -4.65 14.04
CA ILE B 146 8.71 -4.57 15.11
C ILE B 146 9.46 -5.89 15.24
N CYS B 147 8.71 -6.99 15.28
CA CYS B 147 9.31 -8.34 15.44
C CYS B 147 10.31 -8.60 14.32
N PHE B 148 9.86 -8.50 13.06
CA PHE B 148 10.74 -8.74 11.88
C PHE B 148 11.88 -7.73 11.88
N GLY B 149 11.58 -6.46 12.19
CA GLY B 149 12.63 -5.43 12.26
C GLY B 149 13.75 -5.89 13.18
N ALA B 150 13.38 -6.37 14.37
CA ALA B 150 14.32 -6.90 15.36
C ALA B 150 15.13 -8.03 14.78
N ALA B 151 14.49 -8.94 14.04
CA ALA B 151 15.23 -10.02 13.39
C ALA B 151 16.27 -9.49 12.41
N ILE B 152 15.85 -8.55 11.54
CA ILE B 152 16.75 -8.00 10.54
C ILE B 152 17.90 -7.24 11.19
N GLY B 153 17.62 -6.53 12.28
CA GLY B 153 18.70 -5.85 12.98
C GLY B 153 19.64 -6.81 13.67
N ALA B 154 19.11 -7.91 14.21
CA ALA B 154 19.96 -8.86 14.91
C ALA B 154 20.85 -9.63 13.96
N ILE B 155 20.44 -9.78 12.69
CA ILE B 155 21.27 -10.53 11.76
C ILE B 155 22.64 -9.87 11.58
N PHE B 156 22.74 -8.57 11.87
CA PHE B 156 24.01 -7.85 11.75
C PHE B 156 24.98 -8.08 12.91
N ILE B 157 24.58 -8.83 13.93
CA ILE B 157 25.46 -9.06 15.08
C ILE B 157 26.62 -9.96 14.66
N PRO B 158 27.86 -9.52 14.83
CA PRO B 158 29.00 -10.33 14.38
C PRO B 158 29.27 -11.48 15.33
N ASP B 159 30.17 -12.34 14.90
CA ASP B 159 30.54 -13.54 15.64
C ASP B 159 31.75 -13.26 16.52
N GLY B 160 32.02 -14.19 17.44
CA GLY B 160 33.21 -14.14 18.26
C GLY B 160 32.96 -14.35 19.74
N SER B 161 31.86 -13.81 20.25
CA SER B 161 31.47 -14.07 21.62
C SER B 161 29.97 -14.21 21.79
N PHE B 162 29.21 -14.24 20.71
CA PHE B 162 27.75 -14.27 20.80
C PHE B 162 27.24 -15.70 20.94
N GLY B 163 27.99 -16.68 20.46
CA GLY B 163 27.53 -18.06 20.43
C GLY B 163 27.27 -18.68 21.78
N PRO B 164 28.33 -18.88 22.57
CA PRO B 164 28.17 -19.66 23.81
C PRO B 164 27.17 -19.09 24.82
N ALA B 165 27.11 -17.77 24.95
CA ALA B 165 26.12 -17.18 25.84
C ALA B 165 24.72 -17.60 25.45
N MET B 166 24.42 -17.54 24.15
CA MET B 166 23.12 -17.97 23.67
C MET B 166 22.95 -19.47 23.80
N MET B 167 24.04 -20.24 23.74
CA MET B 167 23.90 -21.67 24.00
C MET B 167 23.39 -21.92 25.40
N TRP B 168 23.96 -21.23 26.40
CA TRP B 168 23.50 -21.44 27.77
C TRP B 168 22.07 -20.94 27.98
N VAL B 169 21.75 -19.77 27.43
CA VAL B 169 20.38 -19.28 27.52
C VAL B 169 19.41 -20.26 26.87
N GLY B 170 19.81 -20.85 25.75
CA GLY B 170 18.96 -21.80 25.08
C GLY B 170 18.78 -23.08 25.88
N LEU B 171 19.83 -23.52 26.58
CA LEU B 171 19.68 -24.68 27.45
C LEU B 171 18.64 -24.42 28.53
N ILE B 172 18.74 -23.27 29.20
CA ILE B 172 17.78 -22.96 30.26
C ILE B 172 16.36 -22.89 29.69
N GLY B 173 16.19 -22.18 28.57
CA GLY B 173 14.87 -22.08 27.97
C GLY B 173 14.34 -23.42 27.54
N GLY B 174 15.20 -24.30 27.03
CA GLY B 174 14.76 -25.62 26.62
C GLY B 174 14.28 -26.45 27.80
N LEU B 175 15.01 -26.42 28.92
CA LEU B 175 14.52 -27.08 30.12
C LEU B 175 13.14 -26.58 30.49
N ALA B 176 12.98 -25.26 30.57
CA ALA B 176 11.70 -24.69 30.97
C ALA B 176 10.57 -25.14 30.04
N PHE B 177 10.79 -25.05 28.73
CA PHE B 177 9.71 -25.35 27.81
C PHE B 177 9.41 -26.85 27.75
N ILE B 178 10.42 -27.70 27.91
CA ILE B 178 10.14 -29.14 27.99
C ILE B 178 9.20 -29.42 29.16
N LEU B 179 9.49 -28.84 30.32
CA LEU B 179 8.61 -29.08 31.46
C LEU B 179 7.21 -28.53 31.21
N VAL B 180 7.11 -27.35 30.59
CA VAL B 180 5.81 -26.76 30.29
C VAL B 180 5.01 -27.68 29.38
N GLN B 181 5.63 -28.20 28.33
CA GLN B 181 4.86 -29.04 27.42
C GLN B 181 4.52 -30.38 28.05
N LEU B 182 5.33 -30.86 29.00
CA LEU B 182 4.91 -32.05 29.74
C LEU B 182 3.63 -31.79 30.52
N VAL B 183 3.57 -30.65 31.21
CA VAL B 183 2.35 -30.31 31.95
C VAL B 183 1.15 -30.23 31.00
N ILE B 184 1.35 -29.63 29.83
CA ILE B 184 0.26 -29.52 28.86
C ILE B 184 -0.20 -30.90 28.40
N ILE B 185 0.74 -31.81 28.15
CA ILE B 185 0.38 -33.16 27.70
C ILE B 185 -0.40 -33.89 28.79
N VAL B 186 0.01 -33.75 30.04
CA VAL B 186 -0.70 -34.42 31.12
C VAL B 186 -2.12 -33.89 31.24
N ASP B 187 -2.29 -32.57 31.18
CA ASP B 187 -3.63 -31.98 31.25
C ASP B 187 -4.51 -32.47 30.10
N PHE B 188 -3.95 -32.49 28.88
CA PHE B 188 -4.71 -32.96 27.73
C PHE B 188 -5.13 -34.41 27.90
N ALA B 189 -4.23 -35.25 28.42
CA ALA B 189 -4.57 -36.66 28.61
C ALA B 189 -5.71 -36.81 29.61
N HIS B 190 -5.63 -36.11 30.74
CA HIS B 190 -6.72 -36.13 31.71
C HIS B 190 -8.04 -35.73 31.05
N SER B 191 -8.04 -34.60 30.33
CA SER B 191 -9.26 -34.11 29.71
C SER B 191 -9.84 -35.14 28.74
N LEU B 192 -9.01 -35.67 27.85
CA LEU B 192 -9.48 -36.60 26.84
C LEU B 192 -10.03 -37.88 27.47
N ALA B 193 -9.29 -38.46 28.42
CA ALA B 193 -9.74 -39.69 29.04
C ALA B 193 -11.06 -39.49 29.78
N GLU B 194 -11.16 -38.41 30.56
CA GLU B 194 -12.40 -38.14 31.26
C GLU B 194 -13.56 -37.97 30.29
N ASN B 195 -13.35 -37.22 29.21
CA ASN B 195 -14.44 -36.96 28.27
C ASN B 195 -14.92 -38.24 27.62
N TRP B 196 -13.99 -39.07 27.11
CA TRP B 196 -14.41 -40.30 26.47
C TRP B 196 -15.07 -41.26 27.46
N ILE B 197 -14.52 -41.40 28.67
CA ILE B 197 -15.12 -42.32 29.62
C ILE B 197 -16.52 -41.87 30.02
N GLU B 198 -16.72 -40.57 30.22
CA GLU B 198 -18.02 -40.11 30.69
C GLU B 198 -19.06 -40.13 29.58
N SER B 199 -18.68 -39.78 28.35
CA SER B 199 -19.67 -39.62 27.30
C SER B 199 -19.89 -40.89 26.49
N ALA B 200 -18.92 -41.80 26.46
CA ALA B 200 -18.94 -42.89 25.51
C ALA B 200 -19.34 -44.24 26.11
N GLU B 201 -18.99 -44.50 27.37
CA GLU B 201 -19.19 -45.84 27.92
C GLU B 201 -20.66 -46.25 27.96
N ASN B 202 -21.59 -45.31 27.80
CA ASN B 202 -22.98 -45.68 27.62
C ASN B 202 -23.19 -46.46 26.32
N SER B 203 -22.32 -46.24 25.33
CA SER B 203 -22.36 -46.92 24.05
C SER B 203 -21.08 -47.73 23.85
N ARG B 204 -20.96 -48.33 22.67
CA ARG B 204 -19.78 -49.12 22.31
C ARG B 204 -18.96 -48.47 21.20
N GLY B 205 -19.29 -47.24 20.83
CA GLY B 205 -18.63 -46.63 19.68
C GLY B 205 -17.18 -46.27 19.95
N TYR B 206 -16.92 -45.62 21.08
CA TYR B 206 -15.60 -45.07 21.37
C TYR B 206 -14.75 -45.95 22.28
N TYR B 207 -15.34 -46.94 22.95
CA TYR B 207 -14.57 -47.79 23.86
C TYR B 207 -13.46 -48.51 23.11
N TYR B 208 -13.74 -48.99 21.91
CA TYR B 208 -12.71 -49.65 21.11
C TYR B 208 -11.56 -48.70 20.83
N ALA B 209 -11.86 -47.47 20.43
CA ALA B 209 -10.80 -46.49 20.21
C ALA B 209 -10.10 -46.13 21.51
N LEU B 210 -10.84 -46.08 22.61
CA LEU B 210 -10.24 -45.79 23.91
C LEU B 210 -9.21 -46.83 24.29
N ALA B 211 -9.41 -48.09 23.89
CA ALA B 211 -8.38 -49.09 24.13
C ALA B 211 -7.30 -49.06 23.06
N GLY B 212 -7.68 -48.76 21.81
CA GLY B 212 -6.73 -48.82 20.72
C GLY B 212 -5.66 -47.75 20.81
N VAL B 213 -6.03 -46.55 21.27
CA VAL B 213 -5.05 -45.48 21.39
C VAL B 213 -3.94 -45.88 22.36
N THR B 214 -4.31 -46.38 23.53
CA THR B 214 -3.28 -46.75 24.52
C THR B 214 -2.51 -47.97 24.07
N LEU B 215 -3.16 -48.91 23.36
CA LEU B 215 -2.41 -50.06 22.86
C LEU B 215 -1.37 -49.63 21.82
N LEU B 216 -1.76 -48.74 20.91
CA LEU B 216 -0.84 -48.28 19.88
C LEU B 216 0.31 -47.49 20.49
N CYS B 217 0.02 -46.66 21.50
CA CYS B 217 1.10 -45.91 22.12
C CYS B 217 2.07 -46.82 22.88
N TYR B 218 1.54 -47.83 23.58
CA TYR B 218 2.43 -48.78 24.24
C TYR B 218 3.30 -49.53 23.25
N ILE B 219 2.73 -49.97 22.12
CA ILE B 219 3.56 -50.76 21.19
C ILE B 219 4.60 -49.87 20.52
N LEU B 220 4.27 -48.60 20.25
CA LEU B 220 5.27 -47.69 19.72
C LEU B 220 6.41 -47.48 20.72
N SER B 221 6.08 -47.27 21.99
CA SER B 221 7.12 -47.05 22.99
C SER B 221 8.01 -48.29 23.14
N LEU B 222 7.40 -49.48 23.12
CA LEU B 222 8.20 -50.70 23.30
C LEU B 222 9.10 -50.94 22.09
N THR B 223 8.58 -50.78 20.86
CA THR B 223 9.45 -50.92 19.70
C THR B 223 10.56 -49.88 19.71
N GLY B 224 10.27 -48.67 20.19
CA GLY B 224 11.32 -47.67 20.29
C GLY B 224 12.40 -48.04 21.28
N ILE B 225 12.01 -48.55 22.44
CA ILE B 225 13.00 -48.92 23.45
C ILE B 225 13.86 -50.06 22.94
N THR B 226 13.25 -50.99 22.19
CA THR B 226 14.02 -52.09 21.62
C THR B 226 14.98 -51.60 20.54
N LEU B 227 14.54 -50.65 19.71
CA LEU B 227 15.43 -50.09 18.70
C LEU B 227 16.61 -49.37 19.34
N LEU B 228 16.37 -48.68 20.46
CA LEU B 228 17.47 -48.05 21.19
C LEU B 228 18.47 -49.09 21.66
N TYR B 229 17.98 -50.14 22.34
CA TYR B 229 18.86 -51.23 22.74
C TYR B 229 19.67 -51.77 21.57
N ILE B 230 19.04 -51.91 20.40
CA ILE B 230 19.73 -52.53 19.27
C ILE B 230 20.81 -51.60 18.73
N TYR B 231 20.49 -50.32 18.53
CA TYR B 231 21.36 -49.43 17.77
C TYR B 231 22.31 -48.62 18.64
N PHE B 232 21.81 -47.91 19.65
CA PHE B 232 22.64 -46.91 20.32
C PHE B 232 23.45 -47.48 21.46
N THR B 233 23.75 -48.77 21.47
CA THR B 233 24.71 -49.32 22.41
C THR B 233 25.41 -50.51 21.77
N THR B 234 26.62 -50.75 22.24
CA THR B 234 27.43 -51.88 21.79
C THR B 234 27.41 -52.97 22.86
N SER B 235 28.23 -54.00 22.68
CA SER B 235 28.28 -55.09 23.63
C SER B 235 28.91 -54.65 24.95
N THR B 236 30.13 -54.09 24.88
CA THR B 236 30.83 -53.69 26.09
C THR B 236 31.51 -52.33 25.96
N GLY B 237 31.08 -51.49 25.02
CA GLY B 237 31.76 -50.22 24.81
C GLY B 237 31.21 -49.07 25.62
N CYS B 238 29.91 -48.79 25.50
CA CYS B 238 29.27 -47.70 26.21
C CYS B 238 28.32 -48.26 27.26
N GLY B 239 28.59 -47.92 28.53
CA GLY B 239 27.74 -48.35 29.62
C GLY B 239 26.76 -47.28 30.06
N ILE B 240 27.11 -46.02 29.79
CA ILE B 240 26.26 -44.92 30.21
C ILE B 240 24.93 -44.93 29.45
N ASN B 241 24.93 -45.38 28.20
CA ASN B 241 23.69 -45.49 27.45
C ASN B 241 22.83 -46.64 27.97
N LYS B 242 23.47 -47.78 28.25
CA LYS B 242 22.75 -48.89 28.88
C LYS B 242 22.24 -48.54 30.26
N PHE B 243 22.81 -47.52 30.90
CA PHE B 243 22.28 -47.00 32.16
C PHE B 243 21.07 -46.10 31.93
N PHE B 244 21.22 -45.12 31.04
CA PHE B 244 20.13 -44.18 30.79
C PHE B 244 18.88 -44.88 30.30
N ILE B 245 19.02 -45.71 29.25
CA ILE B 245 17.85 -46.36 28.67
C ILE B 245 17.18 -47.27 29.67
N SER B 246 17.96 -48.05 30.43
CA SER B 246 17.38 -48.98 31.39
C SER B 246 16.66 -48.24 32.51
N ILE B 247 17.25 -47.16 33.03
CA ILE B 247 16.59 -46.48 34.14
C ILE B 247 15.34 -45.75 33.65
N ASN B 248 15.34 -45.24 32.40
CA ASN B 248 14.13 -44.65 31.87
C ASN B 248 13.05 -45.71 31.67
N LEU B 249 13.42 -46.92 31.26
CA LEU B 249 12.43 -47.99 31.15
C LEU B 249 11.87 -48.36 32.53
N ILE B 250 12.72 -48.36 33.55
CA ILE B 250 12.23 -48.67 34.90
C ILE B 250 11.24 -47.61 35.36
N PHE B 251 11.56 -46.34 35.17
CA PHE B 251 10.61 -45.29 35.52
C PHE B 251 9.32 -45.41 34.73
N CYS B 252 9.42 -45.71 33.43
CA CYS B 252 8.23 -45.80 32.60
C CYS B 252 7.37 -47.01 32.93
N LEU B 253 7.94 -48.03 33.58
CA LEU B 253 7.09 -49.11 34.07
C LEU B 253 6.47 -48.77 35.42
N ALA B 254 7.27 -48.20 36.33
CA ALA B 254 6.75 -47.87 37.65
C ALA B 254 5.64 -46.83 37.58
N ILE B 255 5.72 -45.92 36.61
CA ILE B 255 4.68 -44.90 36.47
C ILE B 255 3.34 -45.52 36.10
N SER B 256 3.34 -46.46 35.17
CA SER B 256 2.10 -47.11 34.78
C SER B 256 1.62 -48.08 35.85
N VAL B 257 2.53 -48.61 36.67
CA VAL B 257 2.11 -49.44 37.79
C VAL B 257 1.39 -48.60 38.83
N ILE B 258 1.93 -47.43 39.17
CA ILE B 258 1.31 -46.61 40.20
C ILE B 258 0.03 -45.96 39.69
N SER B 259 -0.06 -45.74 38.37
CA SER B 259 -1.24 -45.07 37.81
C SER B 259 -2.51 -45.92 37.87
N ILE B 260 -2.43 -47.19 38.24
CA ILE B 260 -3.58 -48.07 38.13
C ILE B 260 -4.08 -48.59 39.49
N LEU B 261 -3.26 -48.56 40.53
CA LEU B 261 -3.65 -49.16 41.80
C LEU B 261 -4.89 -48.48 42.36
N PRO B 262 -5.77 -49.22 43.06
CA PRO B 262 -7.09 -48.65 43.41
C PRO B 262 -7.03 -47.50 44.40
N ALA B 263 -6.00 -47.43 45.25
CA ALA B 263 -5.96 -46.38 46.26
C ALA B 263 -5.93 -44.99 45.61
N VAL B 264 -5.25 -44.87 44.46
CA VAL B 264 -5.24 -43.60 43.75
C VAL B 264 -6.58 -43.38 43.04
N GLN B 265 -7.14 -44.43 42.45
CA GLN B 265 -8.41 -44.31 41.75
C GLN B 265 -9.55 -43.95 42.70
N GLU B 266 -9.38 -44.18 44.00
CA GLU B 266 -10.45 -43.85 44.94
C GLU B 266 -10.75 -42.36 44.93
N ARG B 267 -9.73 -41.52 44.80
CA ARG B 267 -9.95 -40.08 44.77
C ARG B 267 -10.56 -39.64 43.45
N LEU B 268 -9.89 -39.95 42.35
CA LEU B 268 -10.39 -39.63 41.02
C LEU B 268 -10.62 -40.91 40.23
N PRO B 269 -11.80 -41.14 39.68
CA PRO B 269 -12.10 -42.45 39.07
C PRO B 269 -11.42 -42.67 37.73
N HIS B 270 -10.96 -41.62 37.06
CA HIS B 270 -10.45 -41.72 35.70
C HIS B 270 -8.93 -41.77 35.64
N SER B 271 -8.29 -42.44 36.59
CA SER B 271 -6.84 -42.56 36.57
C SER B 271 -6.37 -43.21 35.28
N GLY B 272 -7.01 -44.30 34.86
CA GLY B 272 -6.86 -44.93 33.58
C GLY B 272 -5.43 -45.30 33.19
N LEU B 273 -5.25 -45.57 31.90
CA LEU B 273 -3.97 -45.94 31.32
C LEU B 273 -3.50 -45.01 30.22
N LEU B 274 -4.37 -44.12 29.73
CA LEU B 274 -3.98 -43.24 28.62
C LEU B 274 -2.92 -42.24 29.07
N GLN B 275 -3.12 -41.62 30.23
CA GLN B 275 -2.16 -40.64 30.73
C GLN B 275 -0.76 -41.22 30.80
N SER B 276 -0.61 -42.34 31.52
CA SER B 276 0.69 -42.97 31.65
C SER B 276 1.23 -43.38 30.29
N SER B 277 0.36 -43.74 29.35
CA SER B 277 0.81 -44.15 28.03
C SER B 277 1.44 -42.98 27.27
N LEU B 278 0.73 -41.85 27.19
CA LEU B 278 1.29 -40.70 26.50
C LEU B 278 2.55 -40.20 27.19
N VAL B 279 2.55 -40.20 28.53
CA VAL B 279 3.73 -39.75 29.26
C VAL B 279 4.93 -40.66 28.97
N THR B 280 4.72 -41.98 28.96
CA THR B 280 5.87 -42.85 28.70
C THR B 280 6.34 -42.74 27.26
N LEU B 281 5.44 -42.51 26.31
CA LEU B 281 5.88 -42.26 24.94
C LEU B 281 6.75 -41.01 24.87
N TYR B 282 6.31 -39.94 25.54
CA TYR B 282 7.10 -38.71 25.52
C TYR B 282 8.45 -38.90 26.19
N THR B 283 8.50 -39.66 27.29
CA THR B 283 9.78 -39.90 27.96
C THR B 283 10.71 -40.75 27.11
N VAL B 284 10.18 -41.71 26.36
CA VAL B 284 11.05 -42.48 25.45
C VAL B 284 11.57 -41.58 24.33
N TYR B 285 10.72 -40.66 23.84
CA TYR B 285 11.20 -39.67 22.88
C TYR B 285 12.37 -38.86 23.44
N LEU B 286 12.24 -38.38 24.66
CA LEU B 286 13.32 -37.59 25.24
C LEU B 286 14.57 -38.44 25.47
N THR B 287 14.40 -39.71 25.86
CA THR B 287 15.55 -40.58 26.03
C THR B 287 16.31 -40.73 24.72
N TRP B 288 15.60 -40.97 23.63
CA TRP B 288 16.26 -41.11 22.32
C TRP B 288 16.92 -39.81 21.90
N SER B 289 16.22 -38.68 22.04
CA SER B 289 16.81 -37.41 21.64
C SER B 289 18.01 -37.02 22.49
N ALA B 290 18.05 -37.46 23.74
CA ALA B 290 19.20 -37.16 24.59
C ALA B 290 20.38 -38.06 24.27
N VAL B 291 20.13 -39.35 24.04
CA VAL B 291 21.23 -40.25 23.71
C VAL B 291 21.79 -39.92 22.33
N ALA B 292 21.00 -39.28 21.46
CA ALA B 292 21.49 -38.96 20.12
C ALA B 292 22.73 -38.07 20.14
N ASN B 293 22.92 -37.26 21.18
CA ASN B 293 24.01 -36.29 21.23
C ASN B 293 25.20 -36.74 22.06
N ASN B 294 25.40 -38.04 22.21
CA ASN B 294 26.54 -38.55 22.98
C ASN B 294 27.85 -38.18 22.27
N PRO B 295 28.75 -37.43 22.91
CA PRO B 295 30.02 -37.05 22.26
C PRO B 295 31.07 -38.15 22.36
N GLU B 296 30.70 -39.36 21.92
CA GLU B 296 31.60 -40.51 21.95
C GLU B 296 31.44 -41.28 20.65
N LYS B 297 32.51 -41.38 19.87
CA LYS B 297 32.48 -42.14 18.64
C LYS B 297 32.66 -43.63 18.85
N GLU B 298 32.85 -44.07 20.09
CA GLU B 298 33.05 -45.50 20.34
C GLU B 298 31.81 -46.30 19.96
N CYS B 299 30.63 -45.84 20.38
CA CYS B 299 29.38 -46.56 20.16
C CYS B 299 28.41 -45.81 19.27
N ASN B 300 28.11 -44.55 19.58
CA ASN B 300 27.10 -43.74 18.89
C ASN B 300 27.28 -43.76 17.37
N PRO B 301 26.35 -44.39 16.64
CA PRO B 301 26.42 -44.38 15.17
C PRO B 301 25.59 -43.28 14.51
N GLY B 302 24.97 -42.38 15.28
CA GLY B 302 24.05 -41.43 14.70
C GLY B 302 24.71 -40.48 13.71
N MET B 303 25.69 -39.71 14.20
CA MET B 303 26.41 -38.78 13.34
C MET B 303 27.88 -39.15 13.19
N PHE B 304 28.52 -39.66 14.24
CA PHE B 304 29.95 -39.91 14.21
C PHE B 304 30.27 -41.03 13.23
N GLY B 305 29.76 -42.22 13.49
CA GLY B 305 29.99 -43.37 12.63
C GLY B 305 28.72 -44.14 12.33
N HIS B 322 32.31 -32.83 5.87
CA HIS B 322 31.78 -33.11 4.54
C HIS B 322 31.22 -31.85 3.89
N THR B 323 31.98 -30.75 4.02
CA THR B 323 31.73 -29.41 3.51
C THR B 323 30.66 -28.70 4.33
N THR B 324 29.92 -29.42 5.19
CA THR B 324 28.93 -28.85 6.09
C THR B 324 28.73 -29.78 7.27
N ARG B 325 28.01 -29.33 8.30
CA ARG B 325 27.58 -30.23 9.35
C ARG B 325 26.13 -29.95 9.75
N VAL B 326 25.41 -29.17 8.96
CA VAL B 326 24.01 -28.90 9.22
C VAL B 326 23.16 -30.03 8.66
N THR B 327 22.36 -30.64 9.51
CA THR B 327 21.54 -31.79 9.13
C THR B 327 20.11 -31.56 9.59
N PHE B 328 19.18 -32.28 8.96
CA PHE B 328 17.77 -32.18 9.28
C PHE B 328 17.15 -33.54 9.06
N ASP B 329 16.68 -34.17 10.14
CA ASP B 329 16.23 -35.56 10.07
C ASP B 329 14.80 -35.69 10.60
N THR B 330 14.36 -36.94 10.79
CA THR B 330 13.01 -37.17 11.31
C THR B 330 12.88 -36.71 12.76
N THR B 331 13.99 -36.69 13.50
CA THR B 331 13.95 -36.25 14.89
C THR B 331 13.44 -34.81 14.98
N ASN B 332 14.01 -33.92 14.17
CA ASN B 332 13.61 -32.52 14.22
C ASN B 332 12.15 -32.35 13.78
N ILE B 333 11.69 -33.17 12.83
CA ILE B 333 10.31 -33.05 12.39
C ILE B 333 9.36 -33.45 13.49
N ILE B 334 9.63 -34.56 14.17
CA ILE B 334 8.79 -34.97 15.29
C ILE B 334 8.79 -33.91 16.39
N GLY B 335 9.98 -33.36 16.66
CA GLY B 335 10.07 -32.30 17.66
C GLY B 335 9.22 -31.10 17.33
N LEU B 336 9.29 -30.65 16.08
CA LEU B 336 8.50 -29.48 15.69
C LEU B 336 7.01 -29.78 15.71
N VAL B 337 6.62 -31.00 15.35
CA VAL B 337 5.19 -31.31 15.37
C VAL B 337 4.64 -31.31 16.80
N VAL B 338 5.35 -31.96 17.72
CA VAL B 338 4.92 -31.95 19.12
C VAL B 338 4.89 -30.53 19.65
N TRP B 339 5.90 -29.72 19.29
CA TRP B 339 5.92 -28.32 19.68
C TRP B 339 4.66 -27.59 19.21
N LEU B 340 4.31 -27.74 17.93
CA LEU B 340 3.16 -27.03 17.40
C LEU B 340 1.87 -27.47 18.06
N LEU B 341 1.72 -28.78 18.30
CA LEU B 341 0.51 -29.25 18.96
C LEU B 341 0.39 -28.66 20.36
N CYS B 342 1.48 -28.62 21.10
CA CYS B 342 1.42 -28.04 22.45
C CYS B 342 1.10 -26.55 22.40
N ILE B 343 1.69 -25.83 21.44
CA ILE B 343 1.44 -24.40 21.36
C ILE B 343 -0.02 -24.13 20.99
N LEU B 344 -0.59 -24.94 20.10
CA LEU B 344 -1.99 -24.73 19.75
C LEU B 344 -2.94 -25.11 20.88
N TYR B 345 -2.63 -26.17 21.63
CA TYR B 345 -3.51 -26.50 22.75
C TYR B 345 -3.36 -25.51 23.89
N ASN B 346 -2.24 -24.80 23.97
CA ASN B 346 -2.11 -23.75 24.98
C ASN B 346 -3.05 -22.59 24.71
N CYS B 347 -3.33 -22.30 23.43
CA CYS B 347 -4.10 -21.12 23.08
C CYS B 347 -5.60 -21.37 23.00
N ILE B 348 -6.06 -22.61 23.09
CA ILE B 348 -7.49 -22.92 22.91
C ILE B 348 -8.12 -22.78 24.29
N SER B 349 -8.50 -21.54 24.61
CA SER B 349 -9.25 -21.18 25.82
C SER B 349 -8.75 -21.91 27.06
N SER B 350 -7.44 -22.02 27.22
CA SER B 350 -6.85 -22.80 28.30
C SER B 350 -5.79 -21.99 29.03
N ALA B 351 -5.53 -22.39 30.27
CA ALA B 351 -4.53 -21.75 31.12
C ALA B 351 -3.68 -22.83 31.80
N VAL B 352 -3.19 -23.77 31.00
CA VAL B 352 -2.43 -24.91 31.51
C VAL B 352 -0.97 -24.47 31.67
N GLU B 353 -0.70 -23.23 31.29
CA GLU B 353 0.61 -22.60 31.43
C GLU B 353 1.30 -22.90 32.76
N THR B 390 -15.13 -6.95 31.64
CA THR B 390 -15.53 -6.98 33.04
C THR B 390 -14.32 -7.19 33.94
N GLU B 391 -14.57 -7.28 35.25
CA GLU B 391 -13.49 -7.46 36.22
C GLU B 391 -12.83 -8.83 36.04
N GLY B 392 -11.56 -8.90 36.39
CA GLY B 392 -10.82 -10.14 36.32
C GLY B 392 -10.37 -10.49 34.91
N VAL B 393 -9.25 -11.21 34.81
CA VAL B 393 -8.73 -11.65 33.53
C VAL B 393 -8.47 -13.16 33.63
N THR B 394 -8.81 -13.88 32.56
CA THR B 394 -8.70 -15.34 32.60
C THR B 394 -7.26 -15.80 32.72
N TYR B 395 -6.38 -15.28 31.86
CA TYR B 395 -4.98 -15.69 31.85
C TYR B 395 -4.09 -14.50 32.16
N SER B 396 -3.04 -14.74 32.94
CA SER B 396 -2.12 -13.67 33.28
C SER B 396 -1.36 -13.23 32.03
N TRP B 397 -1.40 -11.93 31.74
CA TRP B 397 -0.86 -11.44 30.47
C TRP B 397 0.65 -11.51 30.40
N SER B 398 1.34 -11.68 31.53
CA SER B 398 2.79 -11.74 31.49
C SER B 398 3.32 -13.17 31.39
N MET B 399 2.69 -14.11 32.10
CA MET B 399 3.15 -15.49 32.06
C MET B 399 3.01 -16.07 30.66
N PHE B 400 2.01 -15.64 29.90
CA PHE B 400 1.85 -16.09 28.53
C PHE B 400 3.06 -15.71 27.68
N HIS B 401 3.48 -14.45 27.77
CA HIS B 401 4.64 -14.01 26.99
C HIS B 401 5.92 -14.67 27.48
N LEU B 402 6.04 -14.91 28.78
CA LEU B 402 7.21 -15.66 29.25
C LEU B 402 7.26 -17.06 28.66
N VAL B 403 6.09 -17.72 28.59
CA VAL B 403 6.04 -19.05 27.96
C VAL B 403 6.43 -18.97 26.50
N PHE B 404 6.02 -17.92 25.79
CA PHE B 404 6.45 -17.81 24.40
C PHE B 404 7.94 -17.53 24.26
N VAL B 405 8.54 -16.80 25.21
CA VAL B 405 9.99 -16.62 25.18
C VAL B 405 10.69 -17.97 25.31
N CYS B 406 10.23 -18.79 26.26
CA CYS B 406 10.79 -20.12 26.41
C CYS B 406 10.58 -20.97 25.15
N ALA B 407 9.42 -20.83 24.51
CA ALA B 407 9.16 -21.61 23.30
C ALA B 407 10.08 -21.20 22.16
N SER B 408 10.30 -19.90 22.00
CA SER B 408 11.21 -19.43 20.95
C SER B 408 12.63 -19.93 21.19
N LEU B 409 13.08 -19.93 22.45
CA LEU B 409 14.41 -20.47 22.74
C LEU B 409 14.48 -21.97 22.46
N TYR B 410 13.41 -22.70 22.79
CA TYR B 410 13.39 -24.13 22.49
C TYR B 410 13.48 -24.39 21.00
N VAL B 411 12.80 -23.58 20.19
CA VAL B 411 12.90 -23.73 18.73
C VAL B 411 14.32 -23.42 18.27
N MET B 412 14.91 -22.34 18.79
CA MET B 412 16.31 -22.04 18.53
C MET B 412 17.19 -23.25 18.74
N MET B 413 16.98 -23.96 19.85
CA MET B 413 17.87 -25.09 20.15
C MET B 413 17.56 -26.30 19.29
N THR B 414 16.28 -26.57 19.02
CA THR B 414 15.95 -27.80 18.31
C THR B 414 16.17 -27.70 16.81
N LEU B 415 16.14 -26.50 16.23
CA LEU B 415 16.46 -26.36 14.82
C LEU B 415 17.96 -26.49 14.55
N THR B 416 18.80 -26.31 15.58
CA THR B 416 20.25 -26.42 15.42
C THR B 416 20.80 -27.68 16.07
N ASN B 417 19.93 -28.62 16.44
CA ASN B 417 20.35 -29.93 16.95
C ASN B 417 21.28 -29.84 18.14
N TRP B 418 21.18 -28.76 18.92
CA TRP B 418 21.77 -28.72 20.26
C TRP B 418 23.30 -28.82 20.22
N TYR B 419 23.92 -28.17 19.25
CA TYR B 419 25.36 -28.32 19.05
C TYR B 419 26.11 -27.28 19.84
N LYS B 420 27.44 -27.45 19.92
CA LYS B 420 28.30 -26.54 20.66
C LYS B 420 29.02 -25.62 19.71
N PRO B 421 28.82 -24.31 19.78
CA PRO B 421 29.51 -23.40 18.86
C PRO B 421 31.01 -23.44 19.05
N HIS B 422 31.72 -23.08 17.97
CA HIS B 422 33.18 -22.93 18.00
C HIS B 422 33.88 -24.22 18.40
N SER B 423 33.35 -25.35 17.93
CA SER B 423 33.98 -26.65 18.15
C SER B 423 34.45 -27.21 16.82
N GLU B 424 35.56 -27.96 16.86
CA GLU B 424 36.15 -28.49 15.64
C GLU B 424 35.20 -29.47 14.97
N ILE B 425 35.34 -29.59 13.64
CA ILE B 425 34.38 -30.37 12.87
C ILE B 425 34.42 -31.86 13.20
N GLU B 426 35.55 -32.37 13.71
CA GLU B 426 35.60 -33.78 14.08
C GLU B 426 34.60 -34.11 15.18
N LEU B 427 34.35 -33.16 16.09
CA LEU B 427 33.34 -33.37 17.12
C LEU B 427 31.97 -33.51 16.49
N PHE B 428 31.69 -32.72 15.45
CA PHE B 428 30.59 -32.98 14.53
C PHE B 428 29.23 -33.12 15.19
N ASN B 429 28.67 -32.01 15.68
CA ASN B 429 27.26 -31.91 16.04
C ASN B 429 26.91 -32.64 17.32
N GLY B 430 27.86 -32.86 18.21
CA GLY B 430 27.55 -33.45 19.50
C GLY B 430 28.28 -32.82 20.65
N ASN B 431 27.56 -32.40 21.68
CA ASN B 431 28.16 -31.86 22.89
C ASN B 431 27.71 -32.67 24.08
N GLU B 432 28.36 -32.44 25.21
CA GLU B 432 28.08 -33.20 26.43
C GLU B 432 27.13 -32.49 27.37
N ALA B 433 27.01 -31.17 27.27
CA ALA B 433 26.18 -30.41 28.19
C ALA B 433 24.70 -30.45 27.86
N SER B 434 24.33 -30.98 26.69
CA SER B 434 22.92 -31.05 26.29
C SER B 434 22.26 -32.35 26.72
N MET B 435 22.98 -33.46 26.65
CA MET B 435 22.39 -34.75 27.01
C MET B 435 21.99 -34.77 28.48
N TRP B 436 22.82 -34.20 29.35
CA TRP B 436 22.48 -34.18 30.77
C TRP B 436 21.26 -33.31 31.02
N VAL B 437 21.15 -32.16 30.36
CA VAL B 437 19.98 -31.31 30.55
C VAL B 437 18.72 -32.03 30.10
N LYS B 438 18.76 -32.65 28.92
CA LYS B 438 17.58 -33.36 28.43
C LYS B 438 17.18 -34.49 29.38
N ILE B 439 18.14 -35.27 29.86
CA ILE B 439 17.77 -36.44 30.64
C ILE B 439 17.31 -36.04 32.05
N VAL B 440 17.94 -35.01 32.63
CA VAL B 440 17.45 -34.50 33.91
C VAL B 440 16.05 -33.93 33.76
N SER B 441 15.77 -33.30 32.62
CA SER B 441 14.41 -32.84 32.35
C SER B 441 13.44 -34.00 32.30
N SER B 442 13.81 -35.09 31.63
CA SER B 442 12.94 -36.26 31.57
C SER B 442 12.66 -36.81 32.96
N TRP B 443 13.70 -36.94 33.78
CA TRP B 443 13.52 -37.50 35.12
C TRP B 443 12.64 -36.60 35.99
N LEU B 444 12.89 -35.28 35.95
CA LEU B 444 12.06 -34.37 36.72
C LEU B 444 10.62 -34.41 36.24
N GLY B 445 10.39 -34.63 34.94
CA GLY B 445 9.03 -34.71 34.46
C GLY B 445 8.31 -35.96 34.93
N VAL B 446 9.00 -37.11 34.88
CA VAL B 446 8.41 -38.33 35.41
C VAL B 446 8.09 -38.16 36.89
N PHE B 447 8.99 -37.51 37.63
CA PHE B 447 8.74 -37.24 39.05
C PHE B 447 7.51 -36.35 39.23
N ILE B 448 7.39 -35.28 38.42
CA ILE B 448 6.25 -34.39 38.55
C ILE B 448 4.95 -35.14 38.35
N TYR B 449 4.86 -35.94 37.29
CA TYR B 449 3.62 -36.67 37.04
C TYR B 449 3.34 -37.67 38.14
N GLY B 450 4.33 -38.50 38.49
CA GLY B 450 4.12 -39.51 39.51
C GLY B 450 3.72 -38.91 40.85
N TRP B 451 4.22 -37.71 41.14
CA TRP B 451 3.86 -37.03 42.37
C TRP B 451 2.44 -36.48 42.30
N SER B 452 2.14 -35.70 41.26
CA SER B 452 0.82 -35.10 41.15
C SER B 452 -0.28 -36.13 41.09
N LEU B 453 0.02 -37.34 40.61
CA LEU B 453 -1.01 -38.36 40.53
C LEU B 453 -1.25 -39.04 41.87
N ALA B 454 -0.19 -39.23 42.65
CA ALA B 454 -0.28 -40.01 43.89
C ALA B 454 0.45 -39.31 45.03
N ALA B 455 0.19 -38.02 45.20
CA ALA B 455 0.78 -37.29 46.32
C ALA B 455 0.05 -37.56 47.64
N PRO B 456 -1.28 -37.38 47.73
CA PRO B 456 -1.93 -37.52 49.05
C PRO B 456 -1.93 -38.95 49.56
N ILE B 457 -1.94 -39.94 48.68
CA ILE B 457 -1.89 -41.33 49.12
C ILE B 457 -0.58 -41.61 49.85
N VAL B 458 0.53 -41.12 49.31
CA VAL B 458 1.83 -41.31 49.97
C VAL B 458 1.93 -40.43 51.21
N LEU B 459 1.32 -39.23 51.18
CA LEU B 459 1.38 -38.35 52.34
C LEU B 459 0.63 -38.95 53.52
N THR B 460 -0.49 -39.62 53.27
CA THR B 460 -1.27 -40.21 54.36
C THR B 460 -0.74 -41.58 54.74
N ASN B 461 -0.65 -42.50 53.78
CA ASN B 461 -0.18 -43.84 54.05
C ASN B 461 0.71 -44.37 52.92
N PRO C 30 -26.20 -11.44 9.01
CA PRO C 30 -25.18 -11.17 10.03
C PRO C 30 -24.09 -12.24 10.11
N SER C 31 -24.33 -13.28 10.92
CA SER C 31 -23.33 -14.34 11.07
C SER C 31 -23.32 -15.30 9.89
N CYS C 32 -24.52 -15.71 9.44
CA CYS C 32 -24.60 -16.77 8.43
C CYS C 32 -24.04 -16.32 7.09
N THR C 33 -24.40 -15.11 6.66
CA THR C 33 -23.89 -14.62 5.38
C THR C 33 -22.39 -14.46 5.40
N ASN C 34 -21.81 -14.03 6.52
CA ASN C 34 -20.36 -13.91 6.59
C ASN C 34 -19.70 -15.28 6.61
N ALA C 35 -20.35 -16.26 7.25
CA ALA C 35 -19.82 -17.62 7.24
C ALA C 35 -19.81 -18.21 5.84
N SER C 36 -20.88 -17.99 5.07
CA SER C 36 -20.90 -18.49 3.70
C SER C 36 -19.90 -17.76 2.82
N SER C 37 -19.75 -16.45 3.01
CA SER C 37 -18.70 -15.73 2.30
C SER C 37 -17.32 -16.31 2.63
N SER C 38 -17.13 -16.77 3.88
CA SER C 38 -15.86 -17.40 4.22
C SER C 38 -15.70 -18.74 3.51
N ARG C 39 -16.78 -19.52 3.44
CA ARG C 39 -16.73 -20.78 2.71
C ARG C 39 -16.35 -20.55 1.24
N PHE C 40 -16.78 -19.44 0.66
CA PHE C 40 -16.36 -19.17 -0.72
C PHE C 40 -14.95 -18.59 -0.80
N MET C 41 -14.53 -17.83 0.22
CA MET C 41 -13.17 -17.29 0.20
C MET C 41 -12.14 -18.40 0.28
N TYR C 42 -12.43 -19.45 1.03
CA TYR C 42 -11.49 -20.58 1.07
C TYR C 42 -11.39 -21.26 -0.29
N ALA C 43 -12.51 -21.38 -1.00
CA ALA C 43 -12.48 -21.92 -2.35
C ALA C 43 -11.64 -21.03 -3.27
N PHE C 44 -11.76 -19.71 -3.12
CA PHE C 44 -10.92 -18.81 -3.91
C PHE C 44 -9.45 -18.99 -3.57
N ILE C 45 -9.12 -19.23 -2.31
CA ILE C 45 -7.73 -19.49 -1.94
C ILE C 45 -7.22 -20.73 -2.66
N LEU C 46 -7.98 -21.82 -2.58
CA LEU C 46 -7.55 -23.06 -3.23
C LEU C 46 -7.41 -22.88 -4.72
N LEU C 47 -8.32 -22.10 -5.33
CA LEU C 47 -8.24 -21.87 -6.77
C LEU C 47 -7.00 -21.09 -7.14
N VAL C 48 -6.69 -20.01 -6.40
CA VAL C 48 -5.49 -19.23 -6.71
C VAL C 48 -4.25 -20.07 -6.53
N GLY C 49 -4.22 -20.93 -5.50
CA GLY C 49 -3.08 -21.80 -5.32
C GLY C 49 -2.91 -22.78 -6.47
N THR C 50 -4.00 -23.38 -6.93
CA THR C 50 -3.91 -24.32 -8.05
C THR C 50 -3.46 -23.61 -9.33
N VAL C 51 -4.02 -22.43 -9.61
CA VAL C 51 -3.63 -21.69 -10.81
C VAL C 51 -2.16 -21.31 -10.76
N LEU C 52 -1.68 -20.89 -9.59
CA LEU C 52 -0.26 -20.55 -9.47
C LEU C 52 0.62 -21.79 -9.61
N GLY C 53 0.16 -22.94 -9.12
CA GLY C 53 0.95 -24.15 -9.25
C GLY C 53 1.01 -24.64 -10.68
N ALA C 54 -0.05 -24.43 -11.45
CA ALA C 54 -0.11 -24.95 -12.81
C ALA C 54 0.55 -24.03 -13.84
N ILE C 55 0.88 -22.79 -13.49
CA ILE C 55 1.64 -21.94 -14.41
C ILE C 55 2.99 -22.54 -14.69
N ALA C 56 3.50 -23.37 -13.78
CA ALA C 56 4.73 -24.11 -14.03
C ALA C 56 4.44 -25.20 -15.05
N LEU C 57 5.43 -26.07 -15.29
CA LEU C 57 5.33 -27.18 -16.24
C LEU C 57 4.92 -26.72 -17.65
N SER C 58 5.08 -25.43 -17.96
CA SER C 58 4.92 -24.99 -19.33
C SER C 58 6.07 -25.54 -20.17
N PRO C 59 5.87 -25.77 -21.48
CA PRO C 59 6.83 -26.58 -22.23
C PRO C 59 8.22 -25.97 -22.31
N GLY C 60 8.32 -24.67 -22.56
CA GLY C 60 9.62 -24.06 -22.64
C GLY C 60 9.69 -22.74 -21.90
N LEU C 61 8.54 -22.28 -21.40
CA LEU C 61 8.50 -20.96 -20.81
C LEU C 61 9.06 -20.94 -19.40
N GLN C 62 9.09 -22.10 -18.74
CA GLN C 62 9.58 -22.20 -17.37
C GLN C 62 10.58 -23.32 -17.15
N ASP C 63 10.67 -24.31 -18.04
CA ASP C 63 11.55 -25.45 -17.79
C ASP C 63 13.02 -25.04 -17.76
N THR C 64 13.37 -23.88 -18.30
CA THR C 64 14.74 -23.40 -18.12
C THR C 64 14.88 -22.52 -16.89
N LEU C 65 13.82 -21.77 -16.55
CA LEU C 65 13.85 -20.97 -15.33
C LEU C 65 13.82 -21.86 -14.10
N LYS C 66 13.16 -23.01 -14.18
CA LYS C 66 13.06 -23.91 -13.03
C LYS C 66 14.38 -24.57 -12.67
N LYS C 67 15.48 -24.27 -13.37
CA LYS C 67 16.76 -24.88 -13.03
C LYS C 67 17.42 -24.23 -11.83
N MET C 68 17.15 -22.95 -11.56
CA MET C 68 17.74 -22.29 -10.40
C MET C 68 17.12 -22.72 -9.06
N PRO C 69 15.78 -22.65 -8.90
CA PRO C 69 15.20 -22.60 -7.54
C PRO C 69 15.56 -23.70 -6.54
N PHE C 70 15.57 -24.98 -6.93
CA PHE C 70 15.64 -26.07 -5.93
C PHE C 70 16.50 -27.26 -6.34
N CYS C 71 17.21 -27.19 -7.46
CA CYS C 71 18.19 -28.21 -7.82
C CYS C 71 19.63 -27.79 -7.56
N ILE C 72 19.86 -26.67 -6.89
CA ILE C 72 21.22 -26.29 -6.55
C ILE C 72 21.86 -27.29 -5.61
N ASN C 73 21.05 -28.07 -4.89
CA ASN C 73 21.57 -29.18 -4.08
C ASN C 73 22.45 -30.10 -4.91
N SER C 74 22.00 -30.44 -6.11
CA SER C 74 22.77 -31.31 -6.99
C SER C 74 23.72 -30.51 -7.87
N SER C 90 19.47 -42.14 -9.76
CA SER C 90 18.12 -42.00 -10.26
C SER C 90 17.53 -40.65 -9.87
N LEU C 91 18.29 -39.88 -9.09
CA LEU C 91 17.87 -38.54 -8.72
C LEU C 91 18.12 -37.55 -9.85
N GLN C 92 19.25 -37.73 -10.55
CA GLN C 92 19.64 -36.78 -11.59
C GLN C 92 18.67 -36.79 -12.75
N VAL C 93 18.10 -37.95 -13.09
CA VAL C 93 17.14 -37.99 -14.19
C VAL C 93 15.89 -37.20 -13.83
N ASP C 94 15.49 -37.23 -12.56
CA ASP C 94 14.29 -36.50 -12.17
C ASP C 94 14.56 -35.00 -12.11
N CYS C 95 15.73 -34.59 -11.63
CA CYS C 95 16.05 -33.16 -11.65
C CYS C 95 16.28 -32.66 -13.07
N GLU C 96 16.69 -33.53 -13.99
CA GLU C 96 17.04 -33.08 -15.33
C GLU C 96 15.85 -33.08 -16.28
N TYR C 97 14.89 -33.99 -16.08
CA TYR C 97 13.82 -34.18 -17.03
C TYR C 97 12.48 -33.60 -16.58
N ALA C 98 12.04 -33.90 -15.36
CA ALA C 98 10.74 -33.44 -14.88
C ALA C 98 10.95 -32.40 -13.79
N LEU C 99 10.93 -31.12 -14.17
CA LEU C 99 11.02 -30.03 -13.21
C LEU C 99 9.65 -29.51 -12.79
N GLY C 100 8.70 -29.44 -13.72
CA GLY C 100 7.37 -28.96 -13.39
C GLY C 100 6.70 -29.83 -12.34
N TYR C 101 6.95 -31.13 -12.37
CA TYR C 101 6.37 -32.04 -11.39
C TYR C 101 6.86 -31.71 -9.98
N MET C 102 8.18 -31.52 -9.83
CA MET C 102 8.71 -31.17 -8.52
C MET C 102 8.18 -29.81 -8.06
N ALA C 103 8.09 -28.84 -8.98
CA ALA C 103 7.56 -27.54 -8.60
C ALA C 103 6.12 -27.66 -8.09
N VAL C 104 5.31 -28.49 -8.76
CA VAL C 104 3.94 -28.69 -8.33
C VAL C 104 3.88 -29.35 -6.96
N TYR C 105 4.72 -30.36 -6.72
CA TYR C 105 4.79 -30.94 -5.37
C TYR C 105 5.09 -29.88 -4.33
N ARG C 106 6.16 -29.11 -4.52
CA ARG C 106 6.54 -28.14 -3.51
C ARG C 106 5.47 -27.06 -3.33
N VAL C 107 4.72 -26.73 -4.38
CA VAL C 107 3.67 -25.72 -4.23
C VAL C 107 2.50 -26.28 -3.44
N CYS C 108 2.00 -27.46 -3.82
CA CYS C 108 0.80 -27.99 -3.18
C CYS C 108 1.05 -28.45 -1.75
N PHE C 109 2.29 -28.80 -1.39
CA PHE C 109 2.57 -29.12 0.00
C PHE C 109 2.22 -27.97 0.93
N GLY C 110 2.46 -26.73 0.47
CA GLY C 110 2.15 -25.58 1.31
C GLY C 110 0.68 -25.44 1.61
N MET C 111 -0.16 -25.61 0.59
CA MET C 111 -1.60 -25.51 0.81
C MET C 111 -2.10 -26.66 1.67
N ALA C 112 -1.56 -27.86 1.46
CA ALA C 112 -1.93 -28.98 2.32
C ALA C 112 -1.64 -28.65 3.79
N CYS C 113 -0.45 -28.11 4.07
CA CYS C 113 -0.10 -27.77 5.44
C CYS C 113 -1.01 -26.67 5.98
N PHE C 114 -1.28 -25.63 5.17
CA PHE C 114 -2.12 -24.53 5.65
C PHE C 114 -3.51 -25.03 6.04
N PHE C 115 -4.15 -25.82 5.18
CA PHE C 115 -5.49 -26.26 5.50
C PHE C 115 -5.52 -27.30 6.61
N ALA C 116 -4.47 -28.12 6.73
CA ALA C 116 -4.39 -29.00 7.90
C ALA C 116 -4.29 -28.21 9.19
N LEU C 117 -3.51 -27.13 9.19
CA LEU C 117 -3.39 -26.29 10.38
C LEU C 117 -4.73 -25.63 10.72
N MET C 118 -5.41 -25.08 9.71
CA MET C 118 -6.71 -24.47 9.97
C MET C 118 -7.71 -25.51 10.48
N SER C 119 -7.58 -26.76 10.04
CA SER C 119 -8.41 -27.82 10.58
C SER C 119 -8.09 -28.08 12.05
N LEU C 120 -6.81 -28.05 12.41
CA LEU C 120 -6.45 -28.32 13.80
C LEU C 120 -6.92 -27.21 14.72
N ILE C 121 -6.92 -25.96 14.26
CA ILE C 121 -7.38 -24.87 15.12
C ILE C 121 -8.87 -25.00 15.40
N MET C 122 -9.68 -25.12 14.35
CA MET C 122 -11.14 -25.08 14.47
C MET C 122 -11.70 -26.43 14.91
N LEU C 123 -11.17 -26.95 16.00
CA LEU C 123 -11.50 -28.29 16.47
C LEU C 123 -12.30 -28.21 17.75
N GLY C 124 -13.44 -28.87 17.77
CA GLY C 124 -14.30 -28.91 18.95
C GLY C 124 -15.33 -27.81 19.04
N VAL C 125 -15.41 -26.93 18.04
CA VAL C 125 -16.34 -25.80 18.09
C VAL C 125 -17.78 -26.32 18.10
N LYS C 126 -18.63 -25.66 18.88
CA LYS C 126 -20.04 -26.04 19.00
C LYS C 126 -20.99 -25.00 18.45
N SER C 127 -20.87 -23.74 18.87
CA SER C 127 -21.78 -22.69 18.47
C SER C 127 -21.02 -21.57 17.79
N SER C 128 -21.78 -20.62 17.22
CA SER C 128 -21.19 -19.46 16.57
C SER C 128 -20.76 -18.38 17.54
N ARG C 129 -20.92 -18.60 18.84
CA ARG C 129 -20.54 -17.61 19.83
C ARG C 129 -19.13 -17.81 20.39
N ASP C 130 -18.45 -18.88 19.99
CA ASP C 130 -17.09 -19.11 20.47
C ASP C 130 -16.15 -18.03 19.95
N PRO C 131 -15.12 -17.68 20.71
CA PRO C 131 -14.18 -16.63 20.27
C PRO C 131 -13.40 -17.01 19.02
N ARG C 132 -13.31 -18.29 18.68
CA ARG C 132 -12.60 -18.71 17.48
C ARG C 132 -13.38 -18.44 16.20
N SER C 133 -14.69 -18.17 16.31
CA SER C 133 -15.45 -17.80 15.12
C SER C 133 -14.99 -16.46 14.58
N HIS C 134 -14.38 -15.63 15.42
CA HIS C 134 -13.97 -14.30 14.99
C HIS C 134 -12.73 -14.35 14.09
N ILE C 135 -11.92 -15.39 14.21
CA ILE C 135 -10.71 -15.49 13.40
C ILE C 135 -10.94 -16.21 12.08
N GLN C 136 -12.06 -16.92 11.93
CA GLN C 136 -12.34 -17.63 10.70
C GLN C 136 -13.02 -16.76 9.66
N ASN C 137 -13.42 -15.55 10.00
CA ASN C 137 -14.29 -14.78 9.11
C ASN C 137 -13.71 -13.42 8.76
N ASN C 138 -12.78 -12.91 9.56
CA ASN C 138 -12.33 -11.53 9.43
C ASN C 138 -10.97 -11.40 8.73
N PHE C 139 -9.94 -12.04 9.27
CA PHE C 139 -8.57 -11.73 8.86
C PHE C 139 -8.17 -12.45 7.58
N TRP C 140 -8.53 -11.89 6.43
CA TRP C 140 -8.25 -12.53 5.14
C TRP C 140 -6.85 -12.30 4.60
N PRO C 141 -6.34 -11.06 4.57
CA PRO C 141 -4.99 -10.86 4.00
C PRO C 141 -3.92 -11.65 4.73
N LEU C 142 -4.03 -11.76 6.05
CA LEU C 142 -3.11 -12.61 6.79
C LEU C 142 -3.16 -14.04 6.31
N LYS C 143 -4.35 -14.56 6.04
CA LYS C 143 -4.48 -15.94 5.57
C LYS C 143 -3.86 -16.12 4.20
N PHE C 144 -4.13 -15.18 3.28
CA PHE C 144 -3.51 -15.26 1.95
C PHE C 144 -2.00 -15.26 2.07
N LEU C 145 -1.46 -14.35 2.87
CA LEU C 145 -0.01 -14.22 2.97
C LEU C 145 0.60 -15.43 3.68
N ILE C 146 -0.10 -16.02 4.65
CA ILE C 146 0.41 -17.23 5.29
C ILE C 146 0.48 -18.38 4.30
N CYS C 147 -0.61 -18.57 3.56
CA CYS C 147 -0.70 -19.68 2.57
C CYS C 147 0.44 -19.56 1.55
N PHE C 148 0.53 -18.42 0.87
CA PHE C 148 1.58 -18.18 -0.16
C PHE C 148 2.96 -18.24 0.50
N GLY C 149 3.10 -17.66 1.70
CA GLY C 149 4.39 -17.72 2.42
C GLY C 149 4.84 -19.17 2.55
N ALA C 150 3.91 -20.04 2.98
CA ALA C 150 4.16 -21.47 3.12
C ALA C 150 4.61 -22.08 1.80
N ALA C 151 3.96 -21.69 0.70
CA ALA C 151 4.38 -22.18 -0.62
C ALA C 151 5.81 -21.77 -0.94
N ILE C 152 6.12 -20.48 -0.74
CA ILE C 152 7.45 -19.97 -1.05
C ILE C 152 8.50 -20.62 -0.17
N GLY C 153 8.19 -20.87 1.10
CA GLY C 153 9.13 -21.56 1.96
C GLY C 153 9.31 -23.01 1.58
N ALA C 154 8.24 -23.67 1.13
CA ALA C 154 8.35 -25.08 0.77
C ALA C 154 9.12 -25.28 -0.51
N ILE C 155 9.14 -24.27 -1.39
CA ILE C 155 9.87 -24.43 -2.65
C ILE C 155 11.36 -24.67 -2.40
N PHE C 156 11.86 -24.28 -1.23
CA PHE C 156 13.27 -24.47 -0.87
C PHE C 156 13.60 -25.88 -0.41
N ILE C 157 12.62 -26.77 -0.29
CA ILE C 157 12.88 -28.13 0.18
C ILE C 157 13.66 -28.90 -0.89
N PRO C 158 14.83 -29.43 -0.57
CA PRO C 158 15.63 -30.12 -1.59
C PRO C 158 15.07 -31.51 -1.88
N ASP C 159 15.64 -32.11 -2.91
CA ASP C 159 15.24 -33.42 -3.38
C ASP C 159 16.08 -34.51 -2.73
N GLY C 160 15.62 -35.75 -2.87
CA GLY C 160 16.37 -36.91 -2.44
C GLY C 160 15.57 -37.90 -1.62
N SER C 161 14.67 -37.41 -0.77
CA SER C 161 13.77 -38.30 -0.05
C SER C 161 12.37 -37.71 0.11
N PHE C 162 12.08 -36.58 -0.54
CA PHE C 162 10.80 -35.92 -0.37
C PHE C 162 9.74 -36.47 -1.31
N GLY C 163 10.16 -37.03 -2.44
CA GLY C 163 9.25 -37.47 -3.46
C GLY C 163 8.30 -38.59 -3.03
N PRO C 164 8.85 -39.77 -2.79
CA PRO C 164 7.98 -40.95 -2.58
C PRO C 164 7.02 -40.83 -1.41
N ALA C 165 7.45 -40.22 -0.30
CA ALA C 165 6.53 -40.02 0.82
C ALA C 165 5.31 -39.24 0.37
N MET C 166 5.53 -38.17 -0.38
CA MET C 166 4.41 -37.39 -0.88
C MET C 166 3.62 -38.16 -1.93
N MET C 167 4.26 -39.07 -2.66
CA MET C 167 3.49 -39.89 -3.57
C MET C 167 2.46 -40.74 -2.82
N TRP C 168 2.89 -41.35 -1.71
CA TRP C 168 1.94 -42.17 -0.94
C TRP C 168 0.86 -41.32 -0.29
N VAL C 169 1.24 -40.18 0.28
CA VAL C 169 0.24 -39.28 0.86
C VAL C 169 -0.76 -38.85 -0.21
N GLY C 170 -0.27 -38.57 -1.42
CA GLY C 170 -1.15 -38.16 -2.49
C GLY C 170 -2.08 -39.27 -2.93
N LEU C 171 -1.60 -40.52 -2.92
CA LEU C 171 -2.48 -41.64 -3.24
C LEU C 171 -3.64 -41.71 -2.25
N ILE C 172 -3.32 -41.63 -0.95
CA ILE C 172 -4.37 -41.70 0.06
C ILE C 172 -5.36 -40.55 -0.11
N GLY C 173 -4.85 -39.33 -0.26
CA GLY C 173 -5.72 -38.19 -0.44
C GLY C 173 -6.57 -38.30 -1.69
N GLY C 174 -6.01 -38.84 -2.77
CA GLY C 174 -6.77 -39.00 -3.99
C GLY C 174 -7.91 -39.98 -3.82
N LEU C 175 -7.66 -41.12 -3.16
CA LEU C 175 -8.75 -42.04 -2.85
C LEU C 175 -9.86 -41.33 -2.09
N ALA C 176 -9.49 -40.62 -1.02
CA ALA C 176 -10.49 -39.95 -0.20
C ALA C 176 -11.31 -38.96 -1.03
N PHE C 177 -10.64 -38.13 -1.82
CA PHE C 177 -11.37 -37.08 -2.53
C PHE C 177 -12.20 -37.65 -3.67
N ILE C 178 -11.73 -38.72 -4.32
CA ILE C 178 -12.57 -39.36 -5.34
C ILE C 178 -13.87 -39.83 -4.71
N LEU C 179 -13.80 -40.48 -3.55
CA LEU C 179 -15.04 -40.94 -2.92
C LEU C 179 -15.92 -39.75 -2.51
N VAL C 180 -15.32 -38.68 -2.01
CA VAL C 180 -16.10 -37.50 -1.63
C VAL C 180 -16.84 -36.94 -2.83
N GLN C 181 -16.15 -36.79 -3.96
CA GLN C 181 -16.83 -36.19 -5.11
C GLN C 181 -17.86 -37.14 -5.70
N LEU C 182 -17.70 -38.45 -5.53
CA LEU C 182 -18.78 -39.36 -5.92
C LEU C 182 -20.03 -39.10 -5.09
N VAL C 183 -19.87 -38.96 -3.77
CA VAL C 183 -21.02 -38.67 -2.93
C VAL C 183 -21.68 -37.36 -3.36
N ILE C 184 -20.87 -36.34 -3.67
CA ILE C 184 -21.43 -35.06 -4.09
C ILE C 184 -22.21 -35.21 -5.39
N ILE C 185 -21.69 -35.99 -6.33
CA ILE C 185 -22.38 -36.18 -7.61
C ILE C 185 -23.70 -36.89 -7.40
N VAL C 186 -23.73 -37.90 -6.53
CA VAL C 186 -24.97 -38.62 -6.28
C VAL C 186 -26.01 -37.70 -5.66
N ASP C 187 -25.60 -36.89 -4.67
CA ASP C 187 -26.54 -35.95 -4.05
C ASP C 187 -27.08 -34.95 -5.07
N PHE C 188 -26.20 -34.42 -5.91
CA PHE C 188 -26.64 -33.48 -6.94
C PHE C 188 -27.63 -34.11 -7.89
N ALA C 189 -27.38 -35.37 -8.30
CA ALA C 189 -28.30 -36.04 -9.21
C ALA C 189 -29.67 -36.23 -8.57
N HIS C 190 -29.70 -36.68 -7.32
CA HIS C 190 -30.97 -36.79 -6.61
C HIS C 190 -31.71 -35.45 -6.60
N SER C 191 -31.01 -34.39 -6.20
CA SER C 191 -31.65 -33.07 -6.10
C SER C 191 -32.22 -32.63 -7.45
N LEU C 192 -31.41 -32.72 -8.51
CA LEU C 192 -31.85 -32.26 -9.81
C LEU C 192 -33.03 -33.06 -10.33
N ALA C 193 -32.97 -34.38 -10.23
CA ALA C 193 -34.05 -35.22 -10.73
C ALA C 193 -35.35 -34.94 -9.97
N GLU C 194 -35.26 -34.88 -8.65
CA GLU C 194 -36.46 -34.58 -7.86
C GLU C 194 -37.04 -33.23 -8.23
N ASN C 195 -36.19 -32.20 -8.38
CA ASN C 195 -36.69 -30.87 -8.67
C ASN C 195 -37.40 -30.83 -10.02
N TRP C 196 -36.76 -31.38 -11.06
CA TRP C 196 -37.39 -31.35 -12.37
C TRP C 196 -38.67 -32.18 -12.41
N ILE C 197 -38.67 -33.36 -11.79
CA ILE C 197 -39.88 -34.19 -11.83
C ILE C 197 -41.02 -33.51 -11.10
N GLU C 198 -40.75 -32.88 -9.96
CA GLU C 198 -41.83 -32.30 -9.17
C GLU C 198 -42.35 -31.01 -9.80
N SER C 199 -41.45 -30.18 -10.34
CA SER C 199 -41.88 -28.86 -10.80
C SER C 199 -42.30 -28.84 -12.27
N ALA C 200 -41.82 -29.79 -13.07
CA ALA C 200 -41.95 -29.68 -14.52
C ALA C 200 -43.02 -30.57 -15.11
N GLU C 201 -43.27 -31.75 -14.55
CA GLU C 201 -44.15 -32.71 -15.19
C GLU C 201 -45.58 -32.19 -15.34
N ASN C 202 -45.95 -31.12 -14.63
CA ASN C 202 -47.22 -30.47 -14.89
C ASN C 202 -47.25 -29.85 -16.28
N SER C 203 -46.09 -29.52 -16.84
CA SER C 203 -45.95 -28.96 -18.17
C SER C 203 -45.12 -29.90 -19.05
N ARG C 204 -44.86 -29.46 -20.27
CA ARG C 204 -44.06 -30.22 -21.23
C ARG C 204 -42.72 -29.54 -21.53
N GLY C 205 -42.36 -28.50 -20.78
CA GLY C 205 -41.17 -27.73 -21.12
C GLY C 205 -39.89 -28.48 -20.82
N TYR C 206 -39.79 -29.06 -19.63
CA TYR C 206 -38.55 -29.66 -19.16
C TYR C 206 -38.50 -31.17 -19.32
N TYR C 207 -39.62 -31.83 -19.59
CA TYR C 207 -39.61 -33.28 -19.74
C TYR C 207 -38.69 -33.72 -20.87
N TYR C 208 -38.72 -32.98 -21.99
CA TYR C 208 -37.84 -33.30 -23.10
C TYR C 208 -36.38 -33.22 -22.68
N ALA C 209 -36.00 -32.17 -21.95
CA ALA C 209 -34.64 -32.06 -21.46
C ALA C 209 -34.34 -33.13 -20.42
N LEU C 210 -35.33 -33.48 -19.60
CA LEU C 210 -35.14 -34.53 -18.61
C LEU C 210 -34.81 -35.87 -19.26
N ALA C 211 -35.35 -36.13 -20.46
CA ALA C 211 -34.96 -37.33 -21.18
C ALA C 211 -33.66 -37.13 -21.94
N GLY C 212 -33.44 -35.93 -22.47
CA GLY C 212 -32.27 -35.70 -23.31
C GLY C 212 -30.97 -35.76 -22.54
N VAL C 213 -30.96 -35.28 -21.31
CA VAL C 213 -29.75 -35.33 -20.50
C VAL C 213 -29.28 -36.76 -20.31
N THR C 214 -30.21 -37.64 -19.89
CA THR C 214 -29.82 -39.03 -19.65
C THR C 214 -29.48 -39.74 -20.95
N LEU C 215 -30.18 -39.42 -22.04
CA LEU C 215 -29.83 -40.03 -23.32
C LEU C 215 -28.42 -39.63 -23.76
N LEU C 216 -28.08 -38.35 -23.62
CA LEU C 216 -26.76 -37.89 -24.02
C LEU C 216 -25.68 -38.50 -23.14
N CYS C 217 -25.93 -38.62 -21.84
CA CYS C 217 -24.93 -39.22 -20.97
C CYS C 217 -24.73 -40.70 -21.29
N TYR C 218 -25.82 -41.43 -21.55
CA TYR C 218 -25.67 -42.83 -21.94
C TYR C 218 -24.88 -42.97 -23.24
N ILE C 219 -25.17 -42.13 -24.24
CA ILE C 219 -24.46 -42.31 -25.51
C ILE C 219 -22.99 -41.94 -25.36
N LEU C 220 -22.67 -40.93 -24.54
CA LEU C 220 -21.27 -40.62 -24.28
C LEU C 220 -20.57 -41.79 -23.60
N SER C 221 -21.19 -42.39 -22.59
CA SER C 221 -20.56 -43.50 -21.89
C SER C 221 -20.36 -44.69 -22.82
N LEU C 222 -21.33 -44.99 -23.68
CA LEU C 222 -21.19 -46.13 -24.58
C LEU C 222 -20.12 -45.88 -25.64
N THR C 223 -20.08 -44.69 -26.23
CA THR C 223 -19.00 -44.40 -27.17
C THR C 223 -17.65 -44.47 -26.48
N GLY C 224 -17.57 -44.02 -25.23
CA GLY C 224 -16.31 -44.12 -24.51
C GLY C 224 -15.87 -45.56 -24.27
N ILE C 225 -16.82 -46.42 -23.87
CA ILE C 225 -16.46 -47.80 -23.61
C ILE C 225 -16.01 -48.47 -24.90
N THR C 226 -16.64 -48.13 -26.02
CA THR C 226 -16.22 -48.69 -27.29
C THR C 226 -14.84 -48.19 -27.71
N LEU C 227 -14.56 -46.90 -27.48
CA LEU C 227 -13.23 -46.39 -27.78
C LEU C 227 -12.16 -47.06 -26.93
N LEU C 228 -12.48 -47.36 -25.68
CA LEU C 228 -11.54 -48.11 -24.84
C LEU C 228 -11.26 -49.48 -25.43
N TYR C 229 -12.33 -50.23 -25.74
CA TYR C 229 -12.15 -51.52 -26.41
C TYR C 229 -11.28 -51.40 -27.65
N ILE C 230 -11.48 -50.35 -28.44
CA ILE C 230 -10.75 -50.23 -29.70
C ILE C 230 -9.27 -49.95 -29.45
N TYR C 231 -8.96 -48.99 -28.57
CA TYR C 231 -7.60 -48.46 -28.46
C TYR C 231 -6.76 -49.14 -27.38
N PHE C 232 -7.26 -49.21 -26.15
CA PHE C 232 -6.39 -49.59 -25.04
C PHE C 232 -6.31 -51.09 -24.82
N THR C 233 -6.58 -51.91 -25.83
CA THR C 233 -6.30 -53.33 -25.74
C THR C 233 -5.96 -53.86 -27.12
N THR C 234 -5.17 -54.93 -27.14
CA THR C 234 -4.79 -55.61 -28.35
C THR C 234 -5.61 -56.89 -28.50
N SER C 235 -5.26 -57.72 -29.48
CA SER C 235 -5.98 -58.96 -29.72
C SER C 235 -5.72 -59.96 -28.60
N THR C 236 -4.44 -60.26 -28.34
CA THR C 236 -4.09 -61.25 -27.33
C THR C 236 -2.92 -60.82 -26.45
N GLY C 237 -2.64 -59.52 -26.36
CA GLY C 237 -1.48 -59.08 -25.60
C GLY C 237 -1.77 -58.76 -24.14
N CYS C 238 -2.72 -57.87 -23.88
CA CYS C 238 -3.08 -57.47 -22.53
C CYS C 238 -4.46 -58.00 -22.19
N GLY C 239 -4.54 -58.83 -21.15
CA GLY C 239 -5.80 -59.36 -20.70
C GLY C 239 -6.35 -58.61 -19.50
N ILE C 240 -5.47 -57.96 -18.75
CA ILE C 240 -5.91 -57.26 -17.54
C ILE C 240 -6.78 -56.05 -17.92
N ASN C 241 -6.53 -55.42 -19.06
CA ASN C 241 -7.37 -54.32 -19.49
C ASN C 241 -8.73 -54.82 -19.95
N LYS C 242 -8.74 -55.92 -20.71
CA LYS C 242 -10.01 -56.55 -21.09
C LYS C 242 -10.77 -57.06 -19.89
N PHE C 243 -10.11 -57.27 -18.76
CA PHE C 243 -10.77 -57.60 -17.50
C PHE C 243 -11.36 -56.37 -16.84
N PHE C 244 -10.56 -55.33 -16.67
CA PHE C 244 -11.01 -54.11 -16.01
C PHE C 244 -12.19 -53.48 -16.74
N ILE C 245 -12.05 -53.26 -18.05
CA ILE C 245 -13.09 -52.59 -18.81
C ILE C 245 -14.38 -53.40 -18.78
N SER C 246 -14.27 -54.72 -18.97
CA SER C 246 -15.47 -55.56 -19.01
C SER C 246 -16.17 -55.58 -17.66
N ILE C 247 -15.42 -55.69 -16.57
CA ILE C 247 -16.09 -55.76 -15.27
C ILE C 247 -16.69 -54.41 -14.90
N ASN C 248 -16.06 -53.30 -15.31
CA ASN C 248 -16.69 -52.00 -15.08
C ASN C 248 -17.96 -51.85 -15.91
N LEU C 249 -17.98 -52.38 -17.13
CA LEU C 249 -19.21 -52.34 -17.91
C LEU C 249 -20.31 -53.17 -17.26
N ILE C 250 -19.94 -54.32 -16.69
CA ILE C 250 -20.93 -55.16 -16.01
C ILE C 250 -21.52 -54.43 -14.81
N PHE C 251 -20.67 -53.80 -14.00
CA PHE C 251 -21.19 -53.03 -12.87
C PHE C 251 -22.06 -51.87 -13.35
N CYS C 252 -21.65 -51.19 -14.42
CA CYS C 252 -22.41 -50.05 -14.90
C CYS C 252 -23.74 -50.45 -15.52
N LEU C 253 -23.89 -51.70 -15.96
CA LEU C 253 -25.20 -52.16 -16.37
C LEU C 253 -26.06 -52.61 -15.19
N ALA C 254 -25.46 -53.35 -14.25
CA ALA C 254 -26.22 -53.82 -13.10
C ALA C 254 -26.73 -52.66 -12.25
N ILE C 255 -25.97 -51.57 -12.18
CA ILE C 255 -26.40 -50.43 -11.38
C ILE C 255 -27.67 -49.80 -11.97
N SER C 256 -27.71 -49.63 -13.28
CA SER C 256 -28.90 -49.05 -13.90
C SER C 256 -30.05 -50.03 -13.90
N VAL C 257 -29.77 -51.34 -13.88
CA VAL C 257 -30.85 -52.32 -13.75
C VAL C 257 -31.48 -52.24 -12.37
N ILE C 258 -30.67 -52.16 -11.31
CA ILE C 258 -31.22 -52.12 -9.96
C ILE C 258 -31.88 -50.78 -9.67
N SER C 259 -31.42 -49.71 -10.35
CA SER C 259 -31.96 -48.38 -10.07
C SER C 259 -33.40 -48.19 -10.54
N ILE C 260 -33.97 -49.14 -11.29
CA ILE C 260 -35.27 -48.93 -11.93
C ILE C 260 -36.35 -49.86 -11.40
N LEU C 261 -36.00 -50.99 -10.79
CA LEU C 261 -37.01 -51.98 -10.40
C LEU C 261 -37.98 -51.37 -9.39
N PRO C 262 -39.26 -51.77 -9.42
CA PRO C 262 -40.28 -51.05 -8.63
C PRO C 262 -40.12 -51.17 -7.14
N ALA C 263 -39.50 -52.25 -6.64
CA ALA C 263 -39.38 -52.42 -5.19
C ALA C 263 -38.59 -51.29 -4.56
N VAL C 264 -37.57 -50.79 -5.26
CA VAL C 264 -36.82 -49.65 -4.76
C VAL C 264 -37.62 -48.37 -4.91
N GLN C 265 -38.32 -48.21 -6.03
CA GLN C 265 -39.11 -47.01 -6.25
C GLN C 265 -40.27 -46.89 -5.27
N GLU C 266 -40.65 -47.98 -4.62
CA GLU C 266 -41.75 -47.92 -3.66
C GLU C 266 -41.42 -46.99 -2.50
N ARG C 267 -40.16 -47.01 -2.04
CA ARG C 267 -39.77 -46.14 -0.94
C ARG C 267 -39.66 -44.69 -1.39
N LEU C 268 -38.84 -44.43 -2.41
CA LEU C 268 -38.68 -43.09 -2.96
C LEU C 268 -39.12 -43.10 -4.42
N PRO C 269 -40.04 -42.21 -4.83
CA PRO C 269 -40.59 -42.30 -6.19
C PRO C 269 -39.65 -41.85 -7.28
N HIS C 270 -38.60 -41.09 -6.95
CA HIS C 270 -37.74 -40.47 -7.96
C HIS C 270 -36.44 -41.24 -8.17
N SER C 271 -36.50 -42.56 -8.14
CA SER C 271 -35.30 -43.36 -8.40
C SER C 271 -34.71 -43.04 -9.76
N GLY C 272 -35.56 -42.99 -10.78
CA GLY C 272 -35.23 -42.50 -12.11
C GLY C 272 -34.04 -43.16 -12.79
N LEU C 273 -33.55 -42.50 -13.83
CA LEU C 273 -32.41 -42.96 -14.60
C LEU C 273 -31.27 -41.95 -14.65
N LEU C 274 -31.48 -40.71 -14.19
CA LEU C 274 -30.42 -39.71 -14.27
C LEU C 274 -29.27 -40.05 -13.33
N GLN C 275 -29.59 -40.44 -12.10
CA GLN C 275 -28.55 -40.77 -11.13
C GLN C 275 -27.63 -41.85 -11.66
N SER C 276 -28.19 -42.98 -12.07
CA SER C 276 -27.38 -44.06 -12.61
C SER C 276 -26.61 -43.62 -13.84
N SER C 277 -27.18 -42.70 -14.62
CA SER C 277 -26.50 -42.24 -15.83
C SER C 277 -25.24 -41.44 -15.48
N LEU C 278 -25.36 -40.45 -14.60
CA LEU C 278 -24.19 -39.67 -14.22
C LEU C 278 -23.17 -40.53 -13.51
N VAL C 279 -23.62 -41.47 -12.68
CA VAL C 279 -22.68 -42.35 -11.98
C VAL C 279 -21.93 -43.23 -12.97
N THR C 280 -22.62 -43.79 -13.96
CA THR C 280 -21.91 -44.65 -14.91
C THR C 280 -20.97 -43.84 -15.80
N LEU C 281 -21.33 -42.60 -16.13
CA LEU C 281 -20.39 -41.76 -16.87
C LEU C 281 -19.11 -41.52 -16.05
N TYR C 282 -19.29 -41.21 -14.76
CA TYR C 282 -18.13 -40.98 -13.91
C TYR C 282 -17.28 -42.24 -13.77
N THR C 283 -17.92 -43.40 -13.64
CA THR C 283 -17.14 -44.64 -13.53
C THR C 283 -16.40 -44.97 -14.81
N VAL C 284 -16.99 -44.68 -15.98
CA VAL C 284 -16.24 -44.88 -17.22
C VAL C 284 -15.05 -43.92 -17.29
N TYR C 285 -15.24 -42.69 -16.83
CA TYR C 285 -14.11 -41.76 -16.74
C TYR C 285 -12.99 -42.34 -15.89
N LEU C 286 -13.32 -42.87 -14.71
CA LEU C 286 -12.28 -43.43 -13.86
C LEU C 286 -11.64 -44.65 -14.49
N THR C 287 -12.43 -45.48 -15.18
CA THR C 287 -11.84 -46.64 -15.86
C THR C 287 -10.81 -46.21 -16.89
N TRP C 288 -11.14 -45.21 -17.70
CA TRP C 288 -10.19 -44.73 -18.69
C TRP C 288 -8.96 -44.11 -18.04
N SER C 289 -9.16 -43.28 -17.02
CA SER C 289 -8.02 -42.64 -16.37
C SER C 289 -7.13 -43.66 -15.65
N ALA C 290 -7.70 -44.76 -15.20
CA ALA C 290 -6.89 -45.79 -14.53
C ALA C 290 -6.14 -46.63 -15.54
N VAL C 291 -6.78 -47.01 -16.65
CA VAL C 291 -6.09 -47.80 -17.65
C VAL C 291 -5.01 -46.97 -18.34
N ALA C 292 -5.13 -45.64 -18.33
CA ALA C 292 -4.14 -44.81 -18.99
C ALA C 292 -2.73 -45.00 -18.43
N ASN C 293 -2.60 -45.41 -17.16
CA ASN C 293 -1.30 -45.50 -16.50
C ASN C 293 -0.76 -46.92 -16.43
N ASN C 294 -1.15 -47.80 -17.34
CA ASN C 294 -0.64 -49.17 -17.35
C ASN C 294 0.85 -49.17 -17.66
N PRO C 295 1.71 -49.69 -16.77
CA PRO C 295 3.16 -49.71 -17.02
C PRO C 295 3.57 -50.88 -17.90
N GLU C 296 2.94 -51.01 -19.06
CA GLU C 296 3.24 -52.07 -20.01
C GLU C 296 3.23 -51.49 -21.41
N LYS C 297 4.38 -51.56 -22.09
CA LYS C 297 4.47 -51.07 -23.46
C LYS C 297 3.96 -52.07 -24.48
N GLU C 298 3.51 -53.25 -24.04
CA GLU C 298 3.02 -54.25 -24.98
C GLU C 298 1.78 -53.76 -25.72
N CYS C 299 0.82 -53.21 -24.98
CA CYS C 299 -0.45 -52.79 -25.54
C CYS C 299 -0.68 -51.29 -25.45
N ASN C 300 -0.54 -50.70 -24.25
CA ASN C 300 -0.84 -49.30 -23.97
C ASN C 300 -0.18 -48.35 -24.98
N PRO C 301 -0.96 -47.69 -25.83
CA PRO C 301 -0.40 -46.70 -26.77
C PRO C 301 -0.44 -45.26 -26.28
N GLY C 302 -0.87 -45.02 -25.04
CA GLY C 302 -1.08 -43.65 -24.59
C GLY C 302 0.20 -42.84 -24.57
N MET C 303 1.17 -43.27 -23.78
CA MET C 303 2.46 -42.59 -23.67
C MET C 303 3.61 -43.43 -24.21
N PHE C 304 3.58 -44.74 -23.98
CA PHE C 304 4.71 -45.58 -24.34
C PHE C 304 4.88 -45.65 -25.85
N GLY C 305 3.87 -46.16 -26.55
CA GLY C 305 3.91 -46.28 -27.99
C GLY C 305 2.62 -45.82 -28.64
N HIS C 322 12.40 -37.45 -24.51
CA HIS C 322 12.29 -36.40 -25.53
C HIS C 322 12.54 -35.03 -24.92
N THR C 323 13.57 -34.94 -24.08
CA THR C 323 14.07 -33.77 -23.35
C THR C 323 13.16 -33.43 -22.18
N THR C 324 11.96 -34.01 -22.12
CA THR C 324 11.03 -33.82 -21.00
C THR C 324 10.09 -35.02 -20.94
N ARG C 325 9.30 -35.12 -19.87
CA ARG C 325 8.21 -36.08 -19.83
C ARG C 325 6.96 -35.47 -19.21
N VAL C 326 6.92 -34.16 -19.06
CA VAL C 326 5.75 -33.47 -18.53
C VAL C 326 4.78 -33.23 -19.69
N THR C 327 3.55 -33.71 -19.52
CA THR C 327 2.54 -33.61 -20.56
C THR C 327 1.25 -33.08 -19.94
N PHE C 328 0.39 -32.53 -20.80
CA PHE C 328 -0.89 -31.97 -20.38
C PHE C 328 -1.88 -32.19 -21.51
N ASP C 329 -2.90 -33.02 -21.25
CA ASP C 329 -3.81 -33.44 -22.30
C ASP C 329 -5.26 -33.14 -21.93
N THR C 330 -6.19 -33.67 -22.71
CA THR C 330 -7.61 -33.45 -22.41
C THR C 330 -8.04 -34.16 -21.13
N THR C 331 -7.35 -35.23 -20.75
CA THR C 331 -7.67 -35.93 -19.51
C THR C 331 -7.57 -35.00 -18.31
N ASN C 332 -6.45 -34.29 -18.20
CA ASN C 332 -6.25 -33.40 -17.07
C ASN C 332 -7.27 -32.26 -17.08
N ILE C 333 -7.66 -31.78 -18.26
CA ILE C 333 -8.64 -30.70 -18.32
C ILE C 333 -10.00 -31.17 -17.81
N ILE C 334 -10.43 -32.35 -18.27
CA ILE C 334 -11.71 -32.89 -17.77
C ILE C 334 -11.64 -33.12 -16.27
N GLY C 335 -10.51 -33.64 -15.78
CA GLY C 335 -10.36 -33.84 -14.35
C GLY C 335 -10.49 -32.55 -13.57
N LEU C 336 -9.81 -31.49 -14.02
CA LEU C 336 -9.89 -30.22 -13.30
C LEU C 336 -11.28 -29.62 -13.36
N VAL C 337 -11.99 -29.79 -14.49
CA VAL C 337 -13.34 -29.22 -14.58
C VAL C 337 -14.28 -29.93 -13.61
N VAL C 338 -14.25 -31.27 -13.58
CA VAL C 338 -15.10 -32.00 -12.63
C VAL C 338 -14.73 -31.62 -11.20
N TRP C 339 -13.44 -31.48 -10.93
CA TRP C 339 -12.99 -31.04 -9.61
C TRP C 339 -13.59 -29.71 -9.23
N LEU C 340 -13.53 -28.72 -10.12
CA LEU C 340 -14.04 -27.39 -9.82
C LEU C 340 -15.55 -27.42 -9.60
N LEU C 341 -16.28 -28.16 -10.43
CA LEU C 341 -17.72 -28.23 -10.24
C LEU C 341 -18.07 -28.83 -8.88
N CYS C 342 -17.37 -29.89 -8.48
CA CYS C 342 -17.66 -30.49 -7.19
C CYS C 342 -17.31 -29.54 -6.05
N ILE C 343 -16.19 -28.81 -6.16
CA ILE C 343 -15.82 -27.89 -5.10
C ILE C 343 -16.82 -26.75 -4.98
N LEU C 344 -17.33 -26.26 -6.11
CA LEU C 344 -18.31 -25.18 -6.04
C LEU C 344 -19.66 -25.67 -5.52
N TYR C 345 -20.08 -26.88 -5.87
CA TYR C 345 -21.34 -27.37 -5.32
C TYR C 345 -21.21 -27.72 -3.85
N ASN C 346 -19.99 -27.99 -3.38
CA ASN C 346 -19.81 -28.23 -1.94
C ASN C 346 -20.06 -26.96 -1.14
N CYS C 347 -19.75 -25.79 -1.70
CA CYS C 347 -19.81 -24.54 -0.95
C CYS C 347 -21.16 -23.85 -1.03
N ILE C 348 -22.08 -24.30 -1.89
CA ILE C 348 -23.35 -23.60 -2.09
C ILE C 348 -24.31 -24.15 -1.04
N SER C 349 -24.25 -23.55 0.15
CA SER C 349 -25.16 -23.81 1.26
C SER C 349 -25.45 -25.30 1.45
N SER C 350 -24.43 -26.14 1.35
CA SER C 350 -24.61 -27.58 1.39
C SER C 350 -23.63 -28.22 2.36
N ALA C 351 -23.99 -29.40 2.82
CA ALA C 351 -23.19 -30.19 3.76
C ALA C 351 -23.12 -31.64 3.28
N VAL C 352 -22.80 -31.83 2.00
CA VAL C 352 -22.78 -33.15 1.39
C VAL C 352 -21.42 -33.79 1.68
N GLU C 353 -20.57 -33.03 2.36
CA GLU C 353 -19.24 -33.48 2.80
C GLU C 353 -19.24 -34.90 3.35
N THR C 390 -26.48 -17.52 16.43
CA THR C 390 -27.32 -18.30 17.34
C THR C 390 -26.68 -19.65 17.63
N GLU C 391 -27.37 -20.47 18.43
CA GLU C 391 -26.86 -21.78 18.80
C GLU C 391 -26.78 -22.69 17.58
N GLY C 392 -25.84 -23.62 17.62
CA GLY C 392 -25.69 -24.59 16.56
C GLY C 392 -24.96 -24.04 15.35
N VAL C 393 -24.27 -24.91 14.62
CA VAL C 393 -23.55 -24.53 13.42
C VAL C 393 -23.97 -25.50 12.30
N THR C 394 -24.18 -24.96 11.10
CA THR C 394 -24.68 -25.78 10.01
C THR C 394 -23.68 -26.84 9.59
N TYR C 395 -22.43 -26.45 9.35
CA TYR C 395 -21.40 -27.36 8.89
C TYR C 395 -20.28 -27.42 9.91
N SER C 396 -19.74 -28.63 10.12
CA SER C 396 -18.65 -28.79 11.07
C SER C 396 -17.41 -28.09 10.52
N TRP C 397 -16.81 -27.21 11.32
CA TRP C 397 -15.74 -26.36 10.83
C TRP C 397 -14.44 -27.13 10.59
N SER C 398 -14.32 -28.35 11.11
CA SER C 398 -13.09 -29.11 10.89
C SER C 398 -13.18 -30.04 9.69
N MET C 399 -14.33 -30.68 9.49
CA MET C 399 -14.48 -31.59 8.36
C MET C 399 -14.34 -30.86 7.04
N PHE C 400 -14.77 -29.60 6.98
CA PHE C 400 -14.61 -28.80 5.78
C PHE C 400 -13.14 -28.64 5.40
N HIS C 401 -12.31 -28.28 6.38
CA HIS C 401 -10.88 -28.12 6.10
C HIS C 401 -10.22 -29.45 5.78
N LEU C 402 -10.66 -30.54 6.41
CA LEU C 402 -10.12 -31.84 6.03
C LEU C 402 -10.44 -32.18 4.58
N VAL C 403 -11.67 -31.86 4.15
CA VAL C 403 -12.03 -32.09 2.74
C VAL C 403 -11.16 -31.24 1.83
N PHE C 404 -10.85 -29.99 2.22
CA PHE C 404 -9.96 -29.21 1.37
C PHE C 404 -8.54 -29.75 1.34
N VAL C 405 -8.06 -30.32 2.45
CA VAL C 405 -6.75 -30.96 2.43
C VAL C 405 -6.74 -32.10 1.40
N CYS C 406 -7.78 -32.94 1.44
CA CYS C 406 -7.88 -34.01 0.46
C CYS C 406 -7.96 -33.48 -0.97
N ALA C 407 -8.67 -32.37 -1.16
CA ALA C 407 -8.80 -31.78 -2.50
C ALA C 407 -7.46 -31.27 -3.01
N SER C 408 -6.69 -30.61 -2.14
CA SER C 408 -5.38 -30.12 -2.54
C SER C 408 -4.45 -31.27 -2.92
N LEU C 409 -4.50 -32.37 -2.16
CA LEU C 409 -3.68 -33.52 -2.52
C LEU C 409 -4.13 -34.13 -3.85
N TYR C 410 -5.45 -34.18 -4.09
CA TYR C 410 -5.92 -34.70 -5.37
C TYR C 410 -5.44 -33.85 -6.53
N VAL C 411 -5.42 -32.52 -6.36
CA VAL C 411 -4.89 -31.66 -7.40
C VAL C 411 -3.41 -31.91 -7.61
N MET C 412 -2.66 -32.02 -6.51
CA MET C 412 -1.25 -32.41 -6.59
C MET C 412 -1.06 -33.63 -7.47
N MET C 413 -1.89 -34.64 -7.28
CA MET C 413 -1.70 -35.88 -8.03
C MET C 413 -2.15 -35.74 -9.47
N THR C 414 -3.24 -35.04 -9.73
CA THR C 414 -3.78 -35.01 -11.09
C THR C 414 -3.04 -34.04 -11.99
N LEU C 415 -2.39 -33.02 -11.44
CA LEU C 415 -1.57 -32.14 -12.28
C LEU C 415 -0.26 -32.80 -12.70
N THR C 416 0.17 -33.84 -11.99
CA THR C 416 1.42 -34.53 -12.31
C THR C 416 1.17 -35.91 -12.92
N ASN C 417 -0.08 -36.19 -13.31
CA ASN C 417 -0.43 -37.42 -14.03
C ASN C 417 0.00 -38.69 -13.28
N TRP C 418 0.08 -38.62 -11.95
CA TRP C 418 0.14 -39.82 -11.12
C TRP C 418 1.41 -40.63 -11.39
N TYR C 419 2.54 -39.95 -11.56
CA TYR C 419 3.76 -40.63 -11.96
C TYR C 419 4.56 -41.05 -10.72
N LYS C 420 5.57 -41.86 -10.94
CA LYS C 420 6.42 -42.36 -9.86
C LYS C 420 7.73 -41.60 -9.83
N PRO C 421 8.06 -40.88 -8.77
CA PRO C 421 9.33 -40.14 -8.74
C PRO C 421 10.52 -41.06 -8.79
N HIS C 422 11.63 -40.51 -9.28
CA HIS C 422 12.93 -41.20 -9.29
C HIS C 422 12.88 -42.48 -10.09
N SER C 423 12.13 -42.48 -11.20
CA SER C 423 12.07 -43.61 -12.11
C SER C 423 12.71 -43.23 -13.44
N GLU C 424 13.34 -44.21 -14.08
CA GLU C 424 14.05 -43.95 -15.33
C GLU C 424 13.08 -43.50 -16.42
N ILE C 425 13.60 -42.72 -17.37
CA ILE C 425 12.75 -42.09 -18.36
C ILE C 425 12.08 -43.10 -19.29
N GLU C 426 12.66 -44.29 -19.47
CA GLU C 426 12.01 -45.28 -20.31
C GLU C 426 10.66 -45.69 -19.75
N LEU C 427 10.51 -45.71 -18.43
CA LEU C 427 9.21 -46.01 -17.83
C LEU C 427 8.19 -44.93 -18.20
N PHE C 428 8.63 -43.67 -18.24
CA PHE C 428 7.92 -42.60 -18.91
C PHE C 428 6.48 -42.42 -18.47
N ASN C 429 6.26 -41.91 -17.26
CA ASN C 429 4.98 -41.37 -16.80
C ASN C 429 3.95 -42.45 -16.50
N GLY C 430 4.38 -43.67 -16.20
CA GLY C 430 3.43 -44.69 -15.80
C GLY C 430 3.92 -45.54 -14.65
N ASN C 431 3.12 -45.66 -13.60
CA ASN C 431 3.43 -46.52 -12.47
C ASN C 431 2.31 -47.54 -12.28
N GLU C 432 2.57 -48.53 -11.45
CA GLU C 432 1.62 -49.61 -11.22
C GLU C 432 0.76 -49.41 -9.98
N ALA C 433 1.22 -48.60 -9.03
CA ALA C 433 0.50 -48.42 -7.78
C ALA C 433 -0.65 -47.45 -7.88
N SER C 434 -0.79 -46.72 -8.99
CA SER C 434 -1.87 -45.76 -9.15
C SER C 434 -3.10 -46.38 -9.80
N MET C 435 -2.91 -47.26 -10.77
CA MET C 435 -4.04 -47.86 -11.47
C MET C 435 -4.90 -48.68 -10.50
N TRP C 436 -4.26 -49.42 -9.59
CA TRP C 436 -5.03 -50.20 -8.63
C TRP C 436 -5.81 -49.31 -7.69
N VAL C 437 -5.22 -48.22 -7.22
CA VAL C 437 -5.94 -47.31 -6.34
C VAL C 437 -7.14 -46.72 -7.05
N LYS C 438 -6.95 -46.23 -8.29
CA LYS C 438 -8.07 -45.66 -9.01
C LYS C 438 -9.19 -46.67 -9.23
N ILE C 439 -8.84 -47.90 -9.62
CA ILE C 439 -9.89 -48.85 -9.97
C ILE C 439 -10.60 -49.37 -8.72
N VAL C 440 -9.86 -49.57 -7.62
CA VAL C 440 -10.50 -49.94 -6.37
C VAL C 440 -11.42 -48.82 -5.89
N SER C 441 -11.02 -47.57 -6.12
CA SER C 441 -11.90 -46.45 -5.80
C SER C 441 -13.18 -46.51 -6.61
N SER C 442 -13.06 -46.80 -7.91
CA SER C 442 -14.25 -46.91 -8.76
C SER C 442 -15.18 -48.00 -8.26
N TRP C 443 -14.62 -49.17 -7.94
CA TRP C 443 -15.46 -50.28 -7.49
C TRP C 443 -16.14 -49.96 -6.16
N LEU C 444 -15.40 -49.40 -5.21
CA LEU C 444 -16.01 -49.02 -3.94
C LEU C 444 -17.10 -47.98 -4.13
N GLY C 445 -16.92 -47.08 -5.10
CA GLY C 445 -17.95 -46.08 -5.34
C GLY C 445 -19.21 -46.68 -5.92
N VAL C 446 -19.07 -47.58 -6.90
CA VAL C 446 -20.24 -48.27 -7.43
C VAL C 446 -20.94 -49.03 -6.32
N PHE C 447 -20.18 -49.68 -5.44
CA PHE C 447 -20.78 -50.38 -4.30
C PHE C 447 -21.53 -49.42 -3.39
N ILE C 448 -20.93 -48.27 -3.07
CA ILE C 448 -21.58 -47.30 -2.20
C ILE C 448 -22.92 -46.87 -2.78
N TYR C 449 -22.95 -46.50 -4.06
CA TYR C 449 -24.21 -46.07 -4.64
C TYR C 449 -25.23 -47.20 -4.67
N GLY C 450 -24.84 -48.37 -5.19
CA GLY C 450 -25.77 -49.48 -5.28
C GLY C 450 -26.33 -49.88 -3.93
N TRP C 451 -25.52 -49.73 -2.88
CA TRP C 451 -25.99 -50.05 -1.53
C TRP C 451 -26.94 -48.99 -1.01
N SER C 452 -26.53 -47.72 -1.06
CA SER C 452 -27.37 -46.65 -0.53
C SER C 452 -28.70 -46.57 -1.25
N LEU C 453 -28.76 -47.01 -2.51
CA LEU C 453 -30.02 -46.94 -3.24
C LEU C 453 -30.96 -48.09 -2.87
N ALA C 454 -30.40 -49.28 -2.62
CA ALA C 454 -31.21 -50.47 -2.42
C ALA C 454 -30.71 -51.28 -1.22
N ALA C 455 -30.47 -50.60 -0.09
CA ALA C 455 -30.06 -51.31 1.12
C ALA C 455 -31.24 -51.99 1.82
N PRO C 456 -32.32 -51.26 2.15
CA PRO C 456 -33.38 -51.91 2.94
C PRO C 456 -34.13 -52.99 2.18
N ILE C 457 -34.24 -52.88 0.86
CA ILE C 457 -34.90 -53.93 0.08
C ILE C 457 -34.14 -55.25 0.21
N VAL C 458 -32.81 -55.20 0.12
CA VAL C 458 -32.01 -56.41 0.27
C VAL C 458 -32.00 -56.87 1.73
N LEU C 459 -32.03 -55.92 2.67
CA LEU C 459 -32.03 -56.31 4.08
C LEU C 459 -33.31 -57.04 4.46
N THR C 460 -34.45 -56.62 3.89
CA THR C 460 -35.71 -57.27 4.22
C THR C 460 -35.94 -58.51 3.37
N ASN C 461 -35.91 -58.36 2.05
CA ASN C 461 -36.12 -59.49 1.15
C ASN C 461 -35.20 -59.42 -0.07
N PRO D 30 -29.95 1.48 -0.37
CA PRO D 30 -29.34 0.40 0.40
C PRO D 30 -28.87 -0.77 -0.47
N SER D 31 -29.76 -1.72 -0.74
CA SER D 31 -29.38 -2.89 -1.54
C SER D 31 -29.36 -2.56 -3.03
N CYS D 32 -30.38 -1.86 -3.52
CA CYS D 32 -30.53 -1.66 -4.96
C CYS D 32 -29.41 -0.79 -5.53
N THR D 33 -29.08 0.30 -4.84
CA THR D 33 -28.02 1.17 -5.34
C THR D 33 -26.68 0.46 -5.36
N ASN D 34 -26.41 -0.38 -4.36
CA ASN D 34 -25.15 -1.11 -4.37
C ASN D 34 -25.14 -2.17 -5.47
N ALA D 35 -26.30 -2.78 -5.75
CA ALA D 35 -26.39 -3.74 -6.85
C ALA D 35 -26.13 -3.07 -8.19
N SER D 36 -26.68 -1.88 -8.40
CA SER D 36 -26.43 -1.18 -9.67
C SER D 36 -24.99 -0.72 -9.77
N SER D 37 -24.41 -0.26 -8.65
CA SER D 37 -22.99 0.05 -8.65
C SER D 37 -22.16 -1.18 -9.02
N SER D 38 -22.59 -2.36 -8.60
CA SER D 38 -21.89 -3.59 -8.99
C SER D 38 -22.04 -3.86 -10.48
N ARG D 39 -23.24 -3.64 -11.02
CA ARG D 39 -23.45 -3.82 -12.45
C ARG D 39 -22.53 -2.89 -13.25
N PHE D 40 -22.26 -1.69 -12.74
CA PHE D 40 -21.32 -0.82 -13.45
C PHE D 40 -19.87 -1.20 -13.19
N MET D 41 -19.55 -1.73 -12.01
CA MET D 41 -18.18 -2.14 -11.74
C MET D 41 -17.76 -3.30 -12.64
N TYR D 42 -18.68 -4.21 -12.93
CA TYR D 42 -18.35 -5.29 -13.86
C TYR D 42 -18.07 -4.74 -15.26
N ALA D 43 -18.83 -3.74 -15.69
CA ALA D 43 -18.54 -3.11 -16.97
C ALA D 43 -17.17 -2.45 -16.96
N PHE D 44 -16.80 -1.82 -15.85
CA PHE D 44 -15.46 -1.24 -15.75
C PHE D 44 -14.38 -2.32 -15.82
N ILE D 45 -14.64 -3.49 -15.23
CA ILE D 45 -13.68 -4.60 -15.32
C ILE D 45 -13.49 -5.00 -16.78
N LEU D 46 -14.59 -5.22 -17.48
CA LEU D 46 -14.51 -5.62 -18.88
C LEU D 46 -13.80 -4.57 -19.71
N LEU D 47 -14.06 -3.29 -19.42
CA LEU D 47 -13.42 -2.22 -20.17
C LEU D 47 -11.91 -2.20 -19.94
N VAL D 48 -11.47 -2.32 -18.68
CA VAL D 48 -10.04 -2.33 -18.38
C VAL D 48 -9.38 -3.52 -19.05
N GLY D 49 -10.04 -4.68 -19.04
CA GLY D 49 -9.48 -5.84 -19.70
C GLY D 49 -9.32 -5.64 -21.21
N THR D 50 -10.35 -5.07 -21.85
CA THR D 50 -10.25 -4.81 -23.28
C THR D 50 -9.15 -3.81 -23.61
N VAL D 51 -9.06 -2.73 -22.82
CA VAL D 51 -8.03 -1.72 -23.07
C VAL D 51 -6.64 -2.33 -22.90
N LEU D 52 -6.46 -3.16 -21.87
CA LEU D 52 -5.17 -3.80 -21.68
C LEU D 52 -4.86 -4.79 -22.79
N GLY D 53 -5.88 -5.47 -23.31
CA GLY D 53 -5.64 -6.41 -24.40
C GLY D 53 -5.29 -5.72 -25.70
N ALA D 54 -5.85 -4.52 -25.92
CA ALA D 54 -5.63 -3.82 -27.19
C ALA D 54 -4.36 -2.99 -27.21
N ILE D 55 -3.70 -2.77 -26.07
CA ILE D 55 -2.41 -2.08 -26.09
C ILE D 55 -1.39 -2.89 -26.86
N ALA D 56 -1.60 -4.21 -26.96
CA ALA D 56 -0.76 -5.04 -27.80
C ALA D 56 -1.09 -4.75 -29.26
N LEU D 57 -0.51 -5.53 -30.17
CA LEU D 57 -0.70 -5.40 -31.61
C LEU D 57 -0.40 -3.99 -32.12
N SER D 58 0.35 -3.20 -31.36
CA SER D 58 0.86 -1.94 -31.89
C SER D 58 1.91 -2.24 -32.95
N PRO D 59 2.09 -1.35 -33.93
CA PRO D 59 2.85 -1.75 -35.13
C PRO D 59 4.31 -2.09 -34.86
N GLY D 60 4.99 -1.31 -34.04
CA GLY D 60 6.37 -1.61 -33.74
C GLY D 60 6.70 -1.49 -32.27
N LEU D 61 5.74 -1.01 -31.49
CA LEU D 61 6.02 -0.71 -30.10
C LEU D 61 6.02 -1.97 -29.25
N GLN D 62 5.36 -3.02 -29.71
CA GLN D 62 5.26 -4.27 -28.96
C GLN D 62 5.60 -5.51 -29.77
N ASP D 63 5.59 -5.45 -31.11
CA ASP D 63 5.80 -6.66 -31.89
C ASP D 63 7.20 -7.23 -31.72
N THR D 64 8.15 -6.45 -31.19
CA THR D 64 9.44 -7.02 -30.87
C THR D 64 9.48 -7.49 -29.41
N LEU D 65 8.77 -6.80 -28.53
CA LEU D 65 8.69 -7.25 -27.14
C LEU D 65 7.89 -8.53 -27.02
N LYS D 66 6.90 -8.73 -27.89
CA LYS D 66 6.07 -9.93 -27.82
C LYS D 66 6.81 -11.19 -28.23
N LYS D 67 8.10 -11.12 -28.57
CA LYS D 67 8.83 -12.33 -28.93
C LYS D 67 9.24 -13.16 -27.72
N MET D 68 9.42 -12.55 -26.56
CA MET D 68 9.79 -13.32 -25.37
C MET D 68 8.64 -14.14 -24.79
N PRO D 69 7.46 -13.53 -24.50
CA PRO D 69 6.53 -14.15 -23.53
C PRO D 69 6.05 -15.58 -23.77
N PHE D 70 5.68 -15.97 -24.99
CA PHE D 70 4.97 -17.24 -25.19
C PHE D 70 5.38 -18.01 -26.44
N CYS D 71 6.39 -17.57 -27.18
CA CYS D 71 6.93 -18.36 -28.28
C CYS D 71 8.24 -19.06 -27.95
N ILE D 72 8.66 -19.07 -26.68
CA ILE D 72 9.86 -19.80 -26.30
C ILE D 72 9.67 -21.29 -26.54
N ASN D 73 8.43 -21.77 -26.59
CA ASN D 73 8.16 -23.16 -26.97
C ASN D 73 8.82 -23.52 -28.29
N SER D 74 8.72 -22.63 -29.27
CA SER D 74 9.33 -22.86 -30.57
C SER D 74 10.76 -22.33 -30.60
N SER D 90 3.17 -24.79 -40.27
CA SER D 90 2.24 -23.67 -40.35
C SER D 90 2.14 -22.94 -39.01
N LEU D 91 2.83 -23.48 -38.01
CA LEU D 91 2.88 -22.84 -36.70
C LEU D 91 3.87 -21.68 -36.70
N GLN D 92 5.00 -21.88 -37.38
CA GLN D 92 6.07 -20.88 -37.37
C GLN D 92 5.63 -19.58 -38.02
N VAL D 93 4.80 -19.65 -39.07
CA VAL D 93 4.35 -18.42 -39.71
C VAL D 93 3.48 -17.62 -38.76
N ASP D 94 2.68 -18.30 -37.93
CA ASP D 94 1.82 -17.58 -37.00
C ASP D 94 2.62 -16.99 -35.85
N CYS D 95 3.62 -17.72 -35.34
CA CYS D 95 4.47 -17.14 -34.30
C CYS D 95 5.35 -16.02 -34.84
N GLU D 96 5.67 -16.04 -36.14
CA GLU D 96 6.61 -15.08 -36.68
C GLU D 96 5.92 -13.80 -37.17
N TYR D 97 4.67 -13.92 -37.64
CA TYR D 97 4.00 -12.80 -38.30
C TYR D 97 2.95 -12.13 -37.43
N ALA D 98 2.03 -12.89 -36.84
CA ALA D 98 0.94 -12.32 -36.05
C ALA D 98 1.15 -12.65 -34.57
N LEU D 99 1.77 -11.72 -33.85
CA LEU D 99 1.95 -11.87 -32.41
C LEU D 99 0.85 -11.19 -31.61
N GLY D 100 0.39 -10.03 -32.05
CA GLY D 100 -0.66 -9.33 -31.35
C GLY D 100 -1.94 -10.15 -31.27
N TYR D 101 -2.23 -10.92 -32.32
CA TYR D 101 -3.43 -11.76 -32.31
C TYR D 101 -3.36 -12.81 -31.22
N MET D 102 -2.21 -13.50 -31.11
CA MET D 102 -2.06 -14.50 -30.05
C MET D 102 -2.13 -13.84 -28.67
N ALA D 103 -1.51 -12.68 -28.51
CA ALA D 103 -1.58 -12.00 -27.21
C ALA D 103 -3.02 -11.66 -26.86
N VAL D 104 -3.81 -11.22 -27.83
CA VAL D 104 -5.22 -10.90 -27.57
C VAL D 104 -6.00 -12.15 -27.19
N TYR D 105 -5.76 -13.27 -27.90
CA TYR D 105 -6.38 -14.52 -27.49
C TYR D 105 -6.07 -14.86 -26.04
N ARG D 106 -4.79 -14.88 -25.68
CA ARG D 106 -4.43 -15.28 -24.32
C ARG D 106 -4.97 -14.31 -23.28
N VAL D 107 -5.12 -13.02 -23.63
CA VAL D 107 -5.66 -12.08 -22.66
C VAL D 107 -7.16 -12.30 -22.46
N CYS D 108 -7.92 -12.38 -23.56
CA CYS D 108 -9.37 -12.47 -23.43
C CYS D 108 -9.83 -13.82 -22.90
N PHE D 109 -9.03 -14.88 -23.05
CA PHE D 109 -9.40 -16.16 -22.45
C PHE D 109 -9.56 -16.02 -20.94
N GLY D 110 -8.71 -15.20 -20.30
CA GLY D 110 -8.79 -15.03 -18.86
C GLY D 110 -10.10 -14.41 -18.42
N MET D 111 -10.53 -13.35 -19.11
CA MET D 111 -11.80 -12.72 -18.76
C MET D 111 -12.98 -13.65 -19.03
N ALA D 112 -12.92 -14.39 -20.15
CA ALA D 112 -13.98 -15.37 -20.41
C ALA D 112 -14.09 -16.35 -19.25
N CYS D 113 -12.97 -16.87 -18.78
CA CYS D 113 -13.00 -17.82 -17.67
C CYS D 113 -13.52 -17.17 -16.39
N PHE D 114 -13.07 -15.95 -16.10
CA PHE D 114 -13.52 -15.29 -14.87
C PHE D 114 -15.02 -15.09 -14.86
N PHE D 115 -15.58 -14.58 -15.95
CA PHE D 115 -17.02 -14.32 -15.95
C PHE D 115 -17.82 -15.61 -16.03
N ALA D 116 -17.30 -16.66 -16.68
CA ALA D 116 -17.99 -17.94 -16.62
C ALA D 116 -18.03 -18.48 -15.19
N LEU D 117 -16.93 -18.33 -14.45
CA LEU D 117 -16.91 -18.77 -13.06
C LEU D 117 -17.90 -17.99 -12.21
N MET D 118 -17.91 -16.66 -12.36
CA MET D 118 -18.88 -15.86 -11.61
C MET D 118 -20.30 -16.22 -11.98
N SER D 119 -20.54 -16.63 -13.22
CA SER D 119 -21.86 -17.11 -13.60
C SER D 119 -22.20 -18.42 -12.89
N LEU D 120 -21.22 -19.31 -12.78
CA LEU D 120 -21.48 -20.60 -12.13
C LEU D 120 -21.77 -20.42 -10.64
N ILE D 121 -21.10 -19.47 -9.98
CA ILE D 121 -21.36 -19.26 -8.55
C ILE D 121 -22.78 -18.76 -8.33
N MET D 122 -23.16 -17.69 -9.02
CA MET D 122 -24.43 -16.99 -8.76
C MET D 122 -25.59 -17.69 -9.46
N LEU D 123 -25.72 -18.98 -9.21
CA LEU D 123 -26.69 -19.82 -9.90
C LEU D 123 -27.78 -20.24 -8.93
N GLY D 124 -29.03 -20.01 -9.31
CA GLY D 124 -30.16 -20.40 -8.50
C GLY D 124 -30.64 -19.37 -7.51
N VAL D 125 -30.02 -18.19 -7.47
CA VAL D 125 -30.39 -17.18 -6.49
C VAL D 125 -31.81 -16.71 -6.73
N LYS D 126 -32.55 -16.45 -5.65
CA LYS D 126 -33.94 -16.02 -5.72
C LYS D 126 -34.15 -14.62 -5.19
N SER D 127 -33.68 -14.32 -3.97
CA SER D 127 -33.91 -13.04 -3.34
C SER D 127 -32.57 -12.39 -2.99
N SER D 128 -32.66 -11.13 -2.55
CA SER D 128 -31.48 -10.39 -2.15
C SER D 128 -31.01 -10.72 -0.75
N ARG D 129 -31.67 -11.66 -0.06
CA ARG D 129 -31.29 -12.03 1.30
C ARG D 129 -30.38 -13.24 1.35
N ASP D 130 -30.07 -13.87 0.22
CA ASP D 130 -29.18 -15.01 0.22
C ASP D 130 -27.77 -14.58 0.62
N PRO D 131 -27.01 -15.46 1.26
CA PRO D 131 -25.65 -15.10 1.68
C PRO D 131 -24.70 -14.83 0.53
N ARG D 132 -25.02 -15.30 -0.68
CA ARG D 132 -24.17 -15.06 -1.82
C ARG D 132 -24.29 -13.64 -2.36
N SER D 133 -25.34 -12.90 -1.97
CA SER D 133 -25.43 -11.50 -2.36
C SER D 133 -24.33 -10.68 -1.74
N HIS D 134 -23.76 -11.14 -0.63
CA HIS D 134 -22.74 -10.38 0.08
C HIS D 134 -21.39 -10.43 -0.66
N ILE D 135 -21.16 -11.47 -1.46
CA ILE D 135 -19.89 -11.58 -2.17
C ILE D 135 -19.91 -10.92 -3.54
N GLN D 136 -21.09 -10.60 -4.06
CA GLN D 136 -21.21 -9.97 -5.37
C GLN D 136 -21.08 -8.46 -5.31
N ASN D 137 -21.05 -7.87 -4.12
CA ASN D 137 -21.19 -6.43 -4.02
C ASN D 137 -20.03 -5.78 -3.27
N ASN D 138 -19.31 -6.55 -2.46
CA ASN D 138 -18.33 -5.99 -1.54
C ASN D 138 -16.90 -6.14 -2.02
N PHE D 139 -16.44 -7.37 -2.26
CA PHE D 139 -15.02 -7.63 -2.42
C PHE D 139 -14.53 -7.32 -3.83
N TRP D 140 -14.21 -6.06 -4.10
CA TRP D 140 -13.80 -5.65 -5.44
C TRP D 140 -12.32 -5.88 -5.75
N PRO D 141 -11.38 -5.49 -4.87
CA PRO D 141 -9.96 -5.68 -5.23
C PRO D 141 -9.61 -7.14 -5.46
N LEU D 142 -10.20 -8.05 -4.69
CA LEU D 142 -10.00 -9.47 -4.94
C LEU D 142 -10.45 -9.84 -6.35
N LYS D 143 -11.58 -9.31 -6.80
CA LYS D 143 -12.08 -9.63 -8.13
C LYS D 143 -11.14 -9.09 -9.21
N PHE D 144 -10.69 -7.84 -9.06
CA PHE D 144 -9.75 -7.28 -10.02
C PHE D 144 -8.49 -8.15 -10.10
N LEU D 145 -7.94 -8.51 -8.94
CA LEU D 145 -6.70 -9.26 -8.93
C LEU D 145 -6.89 -10.68 -9.45
N ILE D 146 -8.06 -11.28 -9.22
CA ILE D 146 -8.33 -12.61 -9.77
C ILE D 146 -8.38 -12.55 -11.29
N CYS D 147 -9.14 -11.57 -11.81
CA CYS D 147 -9.31 -11.42 -13.28
C CYS D 147 -7.95 -11.24 -13.95
N PHE D 148 -7.18 -10.23 -13.52
CA PHE D 148 -5.85 -9.94 -14.10
C PHE D 148 -4.91 -11.14 -13.86
N GLY D 149 -4.98 -11.74 -12.67
CA GLY D 149 -4.16 -12.93 -12.38
C GLY D 149 -4.39 -14.00 -13.44
N ALA D 150 -5.67 -14.26 -13.74
CA ALA D 150 -6.08 -15.21 -14.77
C ALA D 150 -5.48 -14.84 -16.12
N ALA D 151 -5.50 -13.56 -16.46
CA ALA D 151 -4.90 -13.11 -17.72
C ALA D 151 -3.40 -13.43 -17.75
N ILE D 152 -2.70 -13.07 -16.67
CA ILE D 152 -1.25 -13.27 -16.61
C ILE D 152 -0.92 -14.76 -16.65
N GLY D 153 -1.71 -15.59 -15.99
CA GLY D 153 -1.49 -17.02 -16.07
C GLY D 153 -1.77 -17.59 -17.44
N ALA D 154 -2.79 -17.07 -18.12
CA ALA D 154 -3.15 -17.60 -19.43
C ALA D 154 -2.12 -17.21 -20.48
N ILE D 155 -1.40 -16.10 -20.28
CA ILE D 155 -0.41 -15.70 -21.28
C ILE D 155 0.67 -16.76 -21.45
N PHE D 156 0.87 -17.62 -20.44
CA PHE D 156 1.86 -18.69 -20.51
C PHE D 156 1.42 -19.90 -21.33
N ILE D 157 0.19 -19.94 -21.83
CA ILE D 157 -0.29 -21.09 -22.59
C ILE D 157 0.43 -21.14 -23.92
N PRO D 158 1.11 -22.23 -24.24
CA PRO D 158 1.86 -22.29 -25.50
C PRO D 158 0.95 -22.51 -26.69
N ASP D 159 1.55 -22.41 -27.86
CA ASP D 159 0.84 -22.54 -29.13
C ASP D 159 0.89 -23.98 -29.63
N GLY D 160 0.07 -24.28 -30.62
CA GLY D 160 0.09 -25.56 -31.29
C GLY D 160 -1.26 -26.21 -31.45
N SER D 161 -2.13 -26.08 -30.45
CA SER D 161 -3.49 -26.57 -30.58
C SER D 161 -4.50 -25.66 -29.88
N PHE D 162 -4.07 -24.49 -29.40
CA PHE D 162 -4.96 -23.61 -28.66
C PHE D 162 -5.76 -22.69 -29.59
N GLY D 163 -5.24 -22.42 -30.77
CA GLY D 163 -5.85 -21.47 -31.68
C GLY D 163 -7.24 -21.85 -32.16
N PRO D 164 -7.33 -22.90 -32.97
CA PRO D 164 -8.61 -23.20 -33.65
C PRO D 164 -9.78 -23.46 -32.72
N ALA D 165 -9.55 -24.12 -31.59
CA ALA D 165 -10.64 -24.32 -30.62
C ALA D 165 -11.22 -22.99 -30.19
N MET D 166 -10.34 -22.03 -29.87
CA MET D 166 -10.81 -20.71 -29.49
C MET D 166 -11.42 -19.98 -30.66
N MET D 167 -11.00 -20.26 -31.90
CA MET D 167 -11.67 -19.67 -33.04
C MET D 167 -13.13 -20.09 -33.08
N TRP D 168 -13.40 -21.39 -32.89
CA TRP D 168 -14.79 -21.85 -32.94
C TRP D 168 -15.60 -21.29 -31.76
N VAL D 169 -15.02 -21.31 -30.56
CA VAL D 169 -15.72 -20.73 -29.42
C VAL D 169 -16.02 -19.26 -29.66
N GLY D 170 -15.08 -18.54 -30.27
CA GLY D 170 -15.30 -17.14 -30.56
C GLY D 170 -16.38 -16.92 -31.60
N LEU D 171 -16.47 -17.81 -32.59
CA LEU D 171 -17.56 -17.70 -33.56
C LEU D 171 -18.92 -17.83 -32.88
N ILE D 172 -19.05 -18.85 -32.01
CA ILE D 172 -20.33 -19.04 -31.32
C ILE D 172 -20.66 -17.83 -30.45
N GLY D 173 -19.68 -17.37 -29.67
CA GLY D 173 -19.91 -16.20 -28.82
C GLY D 173 -20.25 -14.96 -29.62
N GLY D 174 -19.62 -14.79 -30.78
CA GLY D 174 -19.91 -13.64 -31.61
C GLY D 174 -21.32 -13.66 -32.14
N LEU D 175 -21.79 -14.83 -32.61
CA LEU D 175 -23.19 -14.96 -33.00
C LEU D 175 -24.11 -14.54 -31.86
N ALA D 176 -23.88 -15.11 -30.67
CA ALA D 176 -24.75 -14.81 -29.54
C ALA D 176 -24.77 -13.32 -29.23
N PHE D 177 -23.60 -12.69 -29.17
CA PHE D 177 -23.57 -11.30 -28.76
C PHE D 177 -24.09 -10.37 -29.84
N ILE D 178 -23.90 -10.71 -31.12
CA ILE D 178 -24.53 -9.91 -32.18
C ILE D 178 -26.04 -9.89 -32.00
N LEU D 179 -26.63 -11.07 -31.77
CA LEU D 179 -28.08 -11.10 -31.58
C LEU D 179 -28.51 -10.32 -30.34
N VAL D 180 -27.73 -10.43 -29.25
CA VAL D 180 -28.06 -9.70 -28.04
C VAL D 180 -28.06 -8.19 -28.30
N GLN D 181 -27.03 -7.70 -28.98
CA GLN D 181 -26.98 -6.26 -29.19
C GLN D 181 -28.03 -5.80 -30.18
N LEU D 182 -28.46 -6.68 -31.09
CA LEU D 182 -29.61 -6.31 -31.93
C LEU D 182 -30.86 -6.10 -31.09
N VAL D 183 -31.11 -7.03 -30.15
CA VAL D 183 -32.27 -6.86 -29.27
C VAL D 183 -32.17 -5.55 -28.49
N ILE D 184 -30.97 -5.24 -27.99
CA ILE D 184 -30.78 -4.01 -27.23
C ILE D 184 -31.07 -2.78 -28.09
N ILE D 185 -30.60 -2.80 -29.34
CA ILE D 185 -30.84 -1.67 -30.23
C ILE D 185 -32.32 -1.49 -30.51
N VAL D 186 -33.04 -2.60 -30.73
CA VAL D 186 -34.48 -2.48 -30.99
C VAL D 186 -35.21 -1.91 -29.79
N ASP D 187 -34.87 -2.39 -28.59
CA ASP D 187 -35.50 -1.86 -27.38
C ASP D 187 -35.23 -0.38 -27.22
N PHE D 188 -33.97 0.04 -27.43
CA PHE D 188 -33.62 1.45 -27.33
C PHE D 188 -34.39 2.29 -28.33
N ALA D 189 -34.54 1.80 -29.56
CA ALA D 189 -35.27 2.55 -30.57
C ALA D 189 -36.73 2.72 -30.17
N HIS D 190 -37.37 1.65 -29.72
CA HIS D 190 -38.74 1.76 -29.22
C HIS D 190 -38.84 2.82 -28.12
N SER D 191 -37.96 2.73 -27.11
CA SER D 191 -38.02 3.66 -25.99
C SER D 191 -37.87 5.09 -26.46
N LEU D 192 -36.86 5.37 -27.28
CA LEU D 192 -36.59 6.73 -27.72
C LEU D 192 -37.75 7.29 -28.54
N ALA D 193 -38.24 6.51 -29.50
CA ALA D 193 -39.33 6.99 -30.35
C ALA D 193 -40.58 7.27 -29.52
N GLU D 194 -40.94 6.35 -28.64
CA GLU D 194 -42.11 6.57 -27.79
C GLU D 194 -41.94 7.83 -26.94
N ASN D 195 -40.76 8.01 -26.34
CA ASN D 195 -40.55 9.14 -25.46
C ASN D 195 -40.68 10.46 -26.21
N TRP D 196 -39.99 10.57 -27.37
CA TRP D 196 -40.06 11.81 -28.12
C TRP D 196 -41.48 12.07 -28.65
N ILE D 197 -42.16 11.05 -29.16
CA ILE D 197 -43.49 11.27 -29.69
C ILE D 197 -44.46 11.71 -28.59
N GLU D 198 -44.36 11.09 -27.40
CA GLU D 198 -45.33 11.41 -26.37
C GLU D 198 -45.03 12.77 -25.72
N SER D 199 -43.75 13.11 -25.53
CA SER D 199 -43.44 14.32 -24.78
C SER D 199 -43.29 15.54 -25.65
N ALA D 200 -42.98 15.37 -26.94
CA ALA D 200 -42.55 16.49 -27.76
C ALA D 200 -43.62 17.00 -28.73
N GLU D 201 -44.49 16.13 -29.24
CA GLU D 201 -45.41 16.54 -30.29
C GLU D 201 -46.37 17.65 -29.85
N ASN D 202 -46.49 17.88 -28.54
CA ASN D 202 -47.23 19.06 -28.09
C ASN D 202 -46.54 20.35 -28.51
N SER D 203 -45.23 20.30 -28.73
CA SER D 203 -44.43 21.44 -29.17
C SER D 203 -43.79 21.13 -30.52
N ARG D 204 -42.97 22.06 -31.00
CA ARG D 204 -42.26 21.92 -32.26
C ARG D 204 -40.76 21.78 -32.07
N GLY D 205 -40.29 21.63 -30.82
CA GLY D 205 -38.86 21.63 -30.57
C GLY D 205 -38.16 20.37 -31.08
N TYR D 206 -38.72 19.21 -30.77
CA TYR D 206 -38.06 17.95 -31.06
C TYR D 206 -38.56 17.26 -32.32
N TYR D 207 -39.69 17.69 -32.89
CA TYR D 207 -40.21 17.04 -34.08
C TYR D 207 -39.21 17.13 -35.23
N TYR D 208 -38.56 18.28 -35.38
CA TYR D 208 -37.55 18.42 -36.43
C TYR D 208 -36.42 17.42 -36.23
N ALA D 209 -35.93 17.28 -35.00
CA ALA D 209 -34.89 16.29 -34.73
C ALA D 209 -35.42 14.87 -34.92
N LEU D 210 -36.69 14.64 -34.57
CA LEU D 210 -37.29 13.32 -34.76
C LEU D 210 -37.31 12.92 -36.22
N ALA D 211 -37.46 13.89 -37.13
CA ALA D 211 -37.36 13.57 -38.55
C ALA D 211 -35.91 13.52 -39.02
N GLY D 212 -35.07 14.38 -38.46
CA GLY D 212 -33.70 14.48 -38.93
C GLY D 212 -32.87 13.25 -38.62
N VAL D 213 -33.11 12.64 -37.46
CA VAL D 213 -32.35 11.43 -37.10
C VAL D 213 -32.61 10.33 -38.12
N THR D 214 -33.87 10.08 -38.43
CA THR D 214 -34.18 9.00 -39.37
C THR D 214 -33.73 9.36 -40.78
N LEU D 215 -33.82 10.64 -41.16
CA LEU D 215 -33.33 11.02 -42.48
C LEU D 215 -31.82 10.79 -42.60
N LEU D 216 -31.07 11.18 -41.57
CA LEU D 216 -29.62 11.02 -41.60
C LEU D 216 -29.24 9.55 -41.61
N CYS D 217 -29.95 8.72 -40.84
CA CYS D 217 -29.64 7.29 -40.84
C CYS D 217 -29.95 6.65 -42.19
N TYR D 218 -31.07 7.03 -42.82
CA TYR D 218 -31.37 6.51 -44.15
C TYR D 218 -30.31 6.92 -45.16
N ILE D 219 -29.87 8.18 -45.13
CA ILE D 219 -28.91 8.59 -46.15
C ILE D 219 -27.56 7.93 -45.92
N LEU D 220 -27.17 7.72 -44.65
CA LEU D 220 -25.95 6.97 -44.38
C LEU D 220 -26.04 5.54 -44.91
N SER D 221 -27.17 4.87 -44.66
CA SER D 221 -27.30 3.48 -45.13
C SER D 221 -27.28 3.41 -46.65
N LEU D 222 -27.94 4.37 -47.33
CA LEU D 222 -27.97 4.34 -48.78
C LEU D 222 -26.59 4.62 -49.38
N THR D 223 -25.89 5.63 -48.86
CA THR D 223 -24.53 5.86 -49.35
C THR D 223 -23.62 4.66 -49.08
N GLY D 224 -23.82 3.97 -47.95
CA GLY D 224 -23.03 2.78 -47.68
C GLY D 224 -23.32 1.67 -48.67
N ILE D 225 -24.59 1.43 -48.98
CA ILE D 225 -24.93 0.36 -49.91
C ILE D 225 -24.37 0.67 -51.29
N THR D 226 -24.39 1.95 -51.68
CA THR D 226 -23.82 2.33 -52.97
C THR D 226 -22.31 2.16 -52.97
N LEU D 227 -21.63 2.51 -51.88
CA LEU D 227 -20.19 2.30 -51.81
C LEU D 227 -19.84 0.82 -51.89
N LEU D 228 -20.66 -0.03 -51.29
CA LEU D 228 -20.44 -1.48 -51.41
C LEU D 228 -20.55 -1.92 -52.86
N TYR D 229 -21.64 -1.54 -53.53
CA TYR D 229 -21.78 -1.82 -54.96
C TYR D 229 -20.57 -1.36 -55.75
N ILE D 230 -20.04 -0.18 -55.42
CA ILE D 230 -18.94 0.36 -56.21
C ILE D 230 -17.65 -0.42 -55.99
N TYR D 231 -17.32 -0.69 -54.73
CA TYR D 231 -16.00 -1.19 -54.38
C TYR D 231 -15.91 -2.72 -54.30
N PHE D 232 -16.78 -3.34 -53.51
CA PHE D 232 -16.58 -4.75 -53.17
C PHE D 232 -17.17 -5.71 -54.19
N THR D 233 -17.38 -5.29 -55.43
CA THR D 233 -17.75 -6.22 -56.49
C THR D 233 -17.19 -5.71 -57.81
N THR D 234 -16.95 -6.66 -58.71
CA THR D 234 -16.47 -6.36 -60.05
C THR D 234 -17.63 -6.50 -61.03
N SER D 235 -17.31 -6.42 -62.32
CA SER D 235 -18.35 -6.52 -63.34
C SER D 235 -18.90 -7.93 -63.43
N THR D 236 -18.02 -8.93 -63.62
CA THR D 236 -18.46 -10.31 -63.77
C THR D 236 -17.60 -11.30 -62.98
N GLY D 237 -16.87 -10.84 -61.97
CA GLY D 237 -15.97 -11.73 -61.25
C GLY D 237 -16.58 -12.43 -60.05
N CYS D 238 -17.14 -11.66 -59.12
CA CYS D 238 -17.74 -12.21 -57.91
C CYS D 238 -19.24 -12.00 -57.96
N GLY D 239 -20.00 -13.10 -57.91
CA GLY D 239 -21.44 -13.03 -57.91
C GLY D 239 -22.03 -13.18 -56.53
N ILE D 240 -21.27 -13.84 -55.63
CA ILE D 240 -21.77 -14.07 -54.28
C ILE D 240 -21.92 -12.75 -53.52
N ASN D 241 -21.06 -11.78 -53.79
CA ASN D 241 -21.18 -10.47 -53.14
C ASN D 241 -22.39 -9.71 -53.69
N LYS D 242 -22.58 -9.75 -55.01
CA LYS D 242 -23.78 -9.16 -55.60
C LYS D 242 -25.04 -9.86 -55.15
N PHE D 243 -24.94 -11.08 -54.65
CA PHE D 243 -26.07 -11.77 -54.04
C PHE D 243 -26.31 -11.29 -52.62
N PHE D 244 -25.27 -11.29 -51.80
CA PHE D 244 -25.40 -10.90 -50.39
C PHE D 244 -25.90 -9.47 -50.27
N ILE D 245 -25.24 -8.53 -50.96
CA ILE D 245 -25.61 -7.12 -50.82
C ILE D 245 -27.04 -6.89 -51.31
N SER D 246 -27.41 -7.48 -52.43
CA SER D 246 -28.74 -7.27 -52.98
C SER D 246 -29.82 -7.85 -52.07
N ILE D 247 -29.59 -9.04 -51.52
CA ILE D 247 -30.64 -9.63 -50.68
C ILE D 247 -30.73 -8.89 -49.36
N ASN D 248 -29.62 -8.35 -48.85
CA ASN D 248 -29.71 -7.53 -47.64
C ASN D 248 -30.45 -6.23 -47.92
N LEU D 249 -30.26 -5.65 -49.11
CA LEU D 249 -31.02 -4.46 -49.46
C LEU D 249 -32.51 -4.78 -49.57
N ILE D 250 -32.85 -5.94 -50.12
CA ILE D 250 -34.26 -6.32 -50.22
C ILE D 250 -34.88 -6.47 -48.84
N PHE D 251 -34.19 -7.15 -47.92
CA PHE D 251 -34.70 -7.26 -46.57
C PHE D 251 -34.83 -5.89 -45.90
N CYS D 252 -33.84 -5.03 -46.11
CA CYS D 252 -33.86 -3.71 -45.48
C CYS D 252 -34.96 -2.81 -46.05
N LEU D 253 -35.43 -3.07 -47.26
CA LEU D 253 -36.59 -2.34 -47.74
C LEU D 253 -37.89 -2.94 -47.24
N ALA D 254 -38.00 -4.27 -47.27
CA ALA D 254 -39.23 -4.91 -46.82
C ALA D 254 -39.50 -4.65 -45.34
N ILE D 255 -38.44 -4.53 -44.54
CA ILE D 255 -38.62 -4.27 -43.12
C ILE D 255 -39.26 -2.90 -42.89
N SER D 256 -38.77 -1.88 -43.60
CA SER D 256 -39.35 -0.55 -43.43
C SER D 256 -40.72 -0.46 -44.06
N VAL D 257 -41.00 -1.29 -45.08
CA VAL D 257 -42.35 -1.33 -45.64
C VAL D 257 -43.34 -1.90 -44.63
N ILE D 258 -42.96 -3.01 -43.97
CA ILE D 258 -43.88 -3.63 -43.03
C ILE D 258 -44.01 -2.81 -41.75
N SER D 259 -42.97 -2.04 -41.41
CA SER D 259 -43.00 -1.27 -40.17
C SER D 259 -43.98 -0.10 -40.18
N ILE D 260 -44.59 0.22 -41.33
CA ILE D 260 -45.39 1.43 -41.44
C ILE D 260 -46.87 1.15 -41.71
N LEU D 261 -47.23 -0.03 -42.23
CA LEU D 261 -48.61 -0.28 -42.62
C LEU D 261 -49.55 -0.16 -41.42
N PRO D 262 -50.78 0.31 -41.62
CA PRO D 262 -51.63 0.67 -40.47
C PRO D 262 -52.07 -0.52 -39.62
N ALA D 263 -52.14 -1.72 -40.19
CA ALA D 263 -52.60 -2.86 -39.41
C ALA D 263 -51.68 -3.13 -38.21
N VAL D 264 -50.38 -2.92 -38.38
CA VAL D 264 -49.46 -3.07 -37.26
C VAL D 264 -49.58 -1.90 -36.31
N GLN D 265 -49.72 -0.68 -36.84
CA GLN D 265 -49.84 0.49 -35.98
C GLN D 265 -51.12 0.46 -35.15
N GLU D 266 -52.11 -0.33 -35.53
CA GLU D 266 -53.34 -0.40 -34.76
C GLU D 266 -53.09 -0.91 -33.35
N ARG D 267 -52.18 -1.87 -33.19
CA ARG D 267 -51.88 -2.39 -31.86
C ARG D 267 -51.06 -1.40 -31.06
N LEU D 268 -49.91 -0.99 -31.58
CA LEU D 268 -49.06 0.00 -30.93
C LEU D 268 -48.93 1.22 -31.82
N PRO D 269 -49.22 2.43 -31.32
CA PRO D 269 -49.26 3.60 -32.20
C PRO D 269 -47.90 4.10 -32.65
N HIS D 270 -46.83 3.73 -31.96
CA HIS D 270 -45.50 4.30 -32.21
C HIS D 270 -44.63 3.38 -33.06
N SER D 271 -45.21 2.70 -34.05
CA SER D 271 -44.42 1.86 -34.94
C SER D 271 -43.32 2.66 -35.63
N GLY D 272 -43.67 3.83 -36.16
CA GLY D 272 -42.74 4.83 -36.67
C GLY D 272 -41.76 4.34 -37.73
N LEU D 273 -40.73 5.15 -37.94
CA LEU D 273 -39.67 4.85 -38.89
C LEU D 273 -38.29 4.80 -38.27
N LEU D 274 -38.13 5.24 -37.01
CA LEU D 274 -36.80 5.25 -36.41
C LEU D 274 -36.28 3.85 -36.17
N GLN D 275 -37.13 2.97 -35.65
CA GLN D 275 -36.72 1.60 -35.37
C GLN D 275 -36.16 0.94 -36.63
N SER D 276 -36.96 0.92 -37.70
CA SER D 276 -36.51 0.32 -38.95
C SER D 276 -35.26 1.00 -39.48
N SER D 277 -35.10 2.30 -39.22
CA SER D 277 -33.93 3.01 -39.70
C SER D 277 -32.67 2.54 -39.00
N LEU D 278 -32.69 2.50 -37.67
CA LEU D 278 -31.51 2.04 -36.95
C LEU D 278 -31.21 0.58 -37.26
N VAL D 279 -32.25 -0.24 -37.39
CA VAL D 279 -32.04 -1.65 -37.70
C VAL D 279 -31.42 -1.81 -39.08
N THR D 280 -31.89 -1.05 -40.08
CA THR D 280 -31.30 -1.20 -41.40
C THR D 280 -29.87 -0.67 -41.45
N LEU D 281 -29.57 0.38 -40.68
CA LEU D 281 -28.18 0.82 -40.61
C LEU D 281 -27.29 -0.26 -40.02
N TYR D 282 -27.75 -0.91 -38.95
CA TYR D 282 -26.96 -1.98 -38.34
C TYR D 282 -26.80 -3.15 -39.30
N THR D 283 -27.84 -3.49 -40.04
CA THR D 283 -27.72 -4.61 -40.98
C THR D 283 -26.77 -4.28 -42.12
N VAL D 284 -26.75 -3.02 -42.59
CA VAL D 284 -25.77 -2.66 -43.62
C VAL D 284 -24.36 -2.72 -43.05
N TYR D 285 -24.19 -2.31 -41.79
CA TYR D 285 -22.88 -2.49 -41.15
C TYR D 285 -22.45 -3.94 -41.15
N LEU D 286 -23.35 -4.85 -40.77
CA LEU D 286 -22.97 -6.26 -40.75
C LEU D 286 -22.70 -6.80 -42.15
N THR D 287 -23.46 -6.33 -43.15
CA THR D 287 -23.19 -6.75 -44.52
C THR D 287 -21.79 -6.36 -44.96
N TRP D 288 -21.40 -5.12 -44.67
CA TRP D 288 -20.05 -4.67 -45.03
C TRP D 288 -18.99 -5.45 -44.27
N SER D 289 -19.17 -5.62 -42.96
CA SER D 289 -18.17 -6.34 -42.17
C SER D 289 -18.07 -7.80 -42.59
N ALA D 290 -19.16 -8.40 -43.07
CA ALA D 290 -19.09 -9.79 -43.50
C ALA D 290 -18.44 -9.91 -44.87
N VAL D 291 -18.76 -9.01 -45.80
CA VAL D 291 -18.14 -9.08 -47.11
C VAL D 291 -16.66 -8.74 -47.04
N ALA D 292 -16.23 -8.00 -46.00
CA ALA D 292 -14.83 -7.63 -45.88
C ALA D 292 -13.90 -8.85 -45.81
N ASN D 293 -14.39 -9.99 -45.32
CA ASN D 293 -13.56 -11.16 -45.10
C ASN D 293 -13.66 -12.22 -46.20
N ASN D 294 -14.04 -11.83 -47.41
CA ASN D 294 -14.15 -12.79 -48.50
C ASN D 294 -12.77 -13.35 -48.84
N PRO D 295 -12.56 -14.67 -48.76
CA PRO D 295 -11.24 -15.24 -49.07
C PRO D 295 -11.05 -15.46 -50.57
N GLU D 296 -11.25 -14.39 -51.35
CA GLU D 296 -11.09 -14.44 -52.79
C GLU D 296 -10.38 -13.17 -53.26
N LYS D 297 -9.21 -13.33 -53.85
CA LYS D 297 -8.46 -12.19 -54.36
C LYS D 297 -8.94 -11.73 -55.72
N GLU D 298 -9.93 -12.41 -56.30
CA GLU D 298 -10.44 -12.02 -57.62
C GLU D 298 -11.04 -10.62 -57.59
N CYS D 299 -11.90 -10.35 -56.61
CA CYS D 299 -12.61 -9.09 -56.52
C CYS D 299 -12.24 -8.27 -55.29
N ASN D 300 -12.31 -8.87 -54.10
CA ASN D 300 -12.09 -8.20 -52.82
C ASN D 300 -10.82 -7.36 -52.82
N PRO D 301 -10.93 -6.03 -52.77
CA PRO D 301 -9.74 -5.16 -52.67
C PRO D 301 -9.37 -4.75 -51.26
N GLY D 302 -10.06 -5.27 -50.24
CA GLY D 302 -9.85 -4.76 -48.89
C GLY D 302 -8.45 -5.02 -48.37
N MET D 303 -8.07 -6.29 -48.30
CA MET D 303 -6.73 -6.67 -47.84
C MET D 303 -5.90 -7.32 -48.93
N PHE D 304 -6.52 -8.14 -49.77
CA PHE D 304 -5.78 -8.91 -50.77
C PHE D 304 -5.14 -7.98 -51.80
N GLY D 305 -5.96 -7.25 -52.54
CA GLY D 305 -5.48 -6.33 -53.56
C GLY D 305 -6.17 -4.99 -53.48
N HIS D 322 4.06 -8.59 -45.43
CA HIS D 322 4.73 -7.30 -45.26
C HIS D 322 5.28 -7.14 -43.85
N THR D 323 5.91 -8.21 -43.36
CA THR D 323 6.55 -8.37 -42.05
C THR D 323 5.51 -8.54 -40.95
N THR D 324 4.22 -8.26 -41.22
CA THR D 324 3.14 -8.46 -40.28
C THR D 324 1.84 -8.62 -41.07
N ARG D 325 0.76 -9.01 -40.38
CA ARG D 325 -0.56 -8.96 -40.98
C ARG D 325 -1.60 -8.43 -40.00
N VAL D 326 -1.16 -7.85 -38.89
CA VAL D 326 -2.06 -7.25 -37.92
C VAL D 326 -2.40 -5.83 -38.37
N THR D 327 -3.70 -5.57 -38.52
CA THR D 327 -4.17 -4.27 -39.00
C THR D 327 -5.26 -3.76 -38.08
N PHE D 328 -5.48 -2.45 -38.13
CA PHE D 328 -6.49 -1.80 -37.31
C PHE D 328 -7.05 -0.62 -38.09
N ASP D 329 -8.32 -0.70 -38.46
CA ASP D 329 -8.91 0.29 -39.35
C ASP D 329 -10.15 0.93 -38.75
N THR D 330 -10.90 1.67 -39.57
CA THR D 330 -12.11 2.31 -39.07
C THR D 330 -13.20 1.29 -38.74
N THR D 331 -13.16 0.12 -39.39
CA THR D 331 -14.13 -0.92 -39.11
C THR D 331 -14.09 -1.33 -37.64
N ASN D 332 -12.89 -1.61 -37.13
CA ASN D 332 -12.75 -2.04 -35.75
C ASN D 332 -13.17 -0.93 -34.79
N ILE D 333 -12.91 0.33 -35.14
CA ILE D 333 -13.30 1.43 -34.26
C ILE D 333 -14.81 1.54 -34.17
N ILE D 334 -15.51 1.47 -35.31
CA ILE D 334 -16.96 1.51 -35.28
C ILE D 334 -17.51 0.32 -34.49
N GLY D 335 -16.92 -0.85 -34.68
CA GLY D 335 -17.37 -2.02 -33.94
C GLY D 335 -17.24 -1.83 -32.44
N LEU D 336 -16.08 -1.33 -31.99
CA LEU D 336 -15.88 -1.13 -30.56
C LEU D 336 -16.82 -0.07 -30.00
N VAL D 337 -17.09 0.98 -30.78
CA VAL D 337 -17.99 2.02 -30.28
C VAL D 337 -19.41 1.48 -30.10
N VAL D 338 -19.93 0.77 -31.11
CA VAL D 338 -21.25 0.18 -30.97
C VAL D 338 -21.29 -0.81 -29.80
N TRP D 339 -20.22 -1.59 -29.64
CA TRP D 339 -20.11 -2.50 -28.52
C TRP D 339 -20.24 -1.77 -27.19
N LEU D 340 -19.47 -0.69 -27.03
CA LEU D 340 -19.49 0.05 -25.77
C LEU D 340 -20.85 0.66 -25.50
N LEU D 341 -21.49 1.22 -26.52
CA LEU D 341 -22.81 1.80 -26.31
C LEU D 341 -23.81 0.74 -25.86
N CYS D 342 -23.77 -0.44 -26.49
CA CYS D 342 -24.70 -1.49 -26.09
C CYS D 342 -24.42 -1.96 -24.67
N ILE D 343 -23.15 -2.08 -24.30
CA ILE D 343 -22.82 -2.54 -22.95
C ILE D 343 -23.27 -1.52 -21.91
N LEU D 344 -23.12 -0.23 -22.21
CA LEU D 344 -23.55 0.78 -21.24
C LEU D 344 -25.07 0.86 -21.14
N TYR D 345 -25.79 0.70 -22.26
CA TYR D 345 -27.24 0.72 -22.16
C TYR D 345 -27.78 -0.54 -21.49
N ASN D 346 -27.01 -1.64 -21.52
CA ASN D 346 -27.45 -2.83 -20.80
C ASN D 346 -27.42 -2.61 -19.29
N CYS D 347 -26.51 -1.79 -18.79
CA CYS D 347 -26.31 -1.63 -17.36
C CYS D 347 -27.16 -0.52 -16.74
N ILE D 348 -27.83 0.31 -17.55
CA ILE D 348 -28.57 1.46 -17.02
C ILE D 348 -29.96 0.95 -16.67
N SER D 349 -30.08 0.40 -15.46
CA SER D 349 -31.34 -0.03 -14.86
C SER D 349 -32.24 -0.77 -15.83
N SER D 350 -31.66 -1.65 -16.64
CA SER D 350 -32.40 -2.31 -17.71
C SER D 350 -32.16 -3.82 -17.66
N ALA D 351 -33.10 -4.56 -18.25
CA ALA D 351 -33.04 -6.01 -18.32
C ALA D 351 -33.40 -6.47 -19.73
N VAL D 352 -32.76 -5.84 -20.73
CA VAL D 352 -33.06 -6.11 -22.13
C VAL D 352 -32.26 -7.34 -22.56
N GLU D 353 -31.46 -7.85 -21.64
CA GLU D 353 -30.66 -9.07 -21.83
C GLU D 353 -31.41 -10.18 -22.56
N THR D 390 -35.16 -6.57 -0.24
CA THR D 390 -36.50 -7.17 -0.17
C THR D 390 -36.59 -8.40 -1.06
N GLU D 391 -37.78 -9.00 -1.11
CA GLU D 391 -37.98 -10.18 -1.93
C GLU D 391 -37.86 -9.85 -3.41
N GLY D 392 -37.44 -10.85 -4.19
CA GLY D 392 -37.33 -10.69 -5.62
C GLY D 392 -36.08 -9.94 -6.05
N VAL D 393 -35.58 -10.24 -7.24
CA VAL D 393 -34.41 -9.58 -7.80
C VAL D 393 -34.77 -9.10 -9.20
N THR D 394 -34.32 -7.89 -9.53
CA THR D 394 -34.70 -7.29 -10.81
C THR D 394 -34.13 -8.08 -11.99
N TYR D 395 -32.82 -8.35 -11.97
CA TYR D 395 -32.15 -9.02 -13.07
C TYR D 395 -31.57 -10.34 -12.57
N SER D 396 -31.67 -11.37 -13.40
CA SER D 396 -31.13 -12.67 -13.03
C SER D 396 -29.60 -12.58 -12.97
N TRP D 397 -29.02 -12.99 -11.84
CA TRP D 397 -27.60 -12.77 -11.62
C TRP D 397 -26.72 -13.66 -12.48
N SER D 398 -27.27 -14.72 -13.10
CA SER D 398 -26.46 -15.58 -13.93
C SER D 398 -26.50 -15.18 -15.40
N MET D 399 -27.67 -14.78 -15.90
CA MET D 399 -27.77 -14.39 -17.30
C MET D 399 -26.90 -13.17 -17.60
N PHE D 400 -26.74 -12.27 -16.64
CA PHE D 400 -25.88 -11.11 -16.81
C PHE D 400 -24.44 -11.53 -17.08
N HIS D 401 -23.92 -12.45 -16.26
CA HIS D 401 -22.55 -12.91 -16.45
C HIS D 401 -22.40 -13.72 -17.73
N LEU D 402 -23.43 -14.48 -18.12
CA LEU D 402 -23.35 -15.16 -19.41
C LEU D 402 -23.26 -14.16 -20.56
N VAL D 403 -24.02 -13.07 -20.48
CA VAL D 403 -23.95 -12.03 -21.51
C VAL D 403 -22.55 -11.42 -21.54
N PHE D 404 -21.94 -11.22 -20.38
CA PHE D 404 -20.57 -10.69 -20.40
C PHE D 404 -19.57 -11.68 -20.96
N VAL D 405 -19.77 -12.97 -20.74
CA VAL D 405 -18.90 -13.96 -21.38
C VAL D 405 -18.99 -13.84 -22.90
N CYS D 406 -20.22 -13.76 -23.41
CA CYS D 406 -20.40 -13.59 -24.86
C CYS D 406 -19.76 -12.28 -25.34
N ALA D 407 -19.86 -11.21 -24.55
CA ALA D 407 -19.28 -9.94 -24.95
C ALA D 407 -17.76 -10.01 -25.01
N SER D 408 -17.14 -10.66 -24.03
CA SER D 408 -15.69 -10.81 -24.05
C SER D 408 -15.23 -11.62 -25.26
N LEU D 409 -15.97 -12.68 -25.60
CA LEU D 409 -15.61 -13.44 -26.80
C LEU D 409 -15.78 -12.61 -28.07
N TYR D 410 -16.83 -11.79 -28.13
CA TYR D 410 -17.01 -10.93 -29.29
C TYR D 410 -15.86 -9.94 -29.43
N VAL D 411 -15.38 -9.39 -28.32
CA VAL D 411 -14.22 -8.50 -28.37
C VAL D 411 -12.99 -9.25 -28.85
N MET D 412 -12.78 -10.46 -28.30
CA MET D 412 -11.70 -11.33 -28.79
C MET D 412 -11.71 -11.45 -30.29
N MET D 413 -12.90 -11.66 -30.86
CA MET D 413 -12.96 -11.88 -32.31
C MET D 413 -12.80 -10.58 -33.09
N THR D 414 -13.36 -9.47 -32.60
CA THR D 414 -13.35 -8.25 -33.39
C THR D 414 -12.02 -7.52 -33.31
N LEU D 415 -11.24 -7.70 -32.23
CA LEU D 415 -9.91 -7.11 -32.19
C LEU D 415 -8.92 -7.83 -33.08
N THR D 416 -9.20 -9.08 -33.47
CA THR D 416 -8.31 -9.85 -34.32
C THR D 416 -8.86 -10.00 -35.74
N ASN D 417 -9.89 -9.24 -36.08
CA ASN D 417 -10.45 -9.19 -37.45
C ASN D 417 -10.83 -10.57 -37.97
N TRP D 418 -11.19 -11.49 -37.09
CA TRP D 418 -11.90 -12.70 -37.47
C TRP D 418 -11.06 -13.59 -38.38
N TYR D 419 -9.76 -13.71 -38.09
CA TYR D 419 -8.86 -14.41 -38.98
C TYR D 419 -8.77 -15.88 -38.58
N LYS D 420 -8.15 -16.68 -39.45
CA LYS D 420 -8.00 -18.11 -39.22
C LYS D 420 -6.59 -18.42 -38.76
N PRO D 421 -6.39 -18.95 -37.56
CA PRO D 421 -5.02 -19.24 -37.09
C PRO D 421 -4.35 -20.30 -37.95
N HIS D 422 -3.02 -20.24 -37.95
CA HIS D 422 -2.18 -21.26 -38.60
C HIS D 422 -2.47 -21.34 -40.10
N SER D 423 -2.72 -20.19 -40.73
CA SER D 423 -2.91 -20.12 -42.16
C SER D 423 -1.76 -19.33 -42.78
N GLU D 424 -1.39 -19.70 -44.01
CA GLU D 424 -0.26 -19.08 -44.68
C GLU D 424 -0.53 -17.61 -44.93
N ILE D 425 0.54 -16.81 -44.99
CA ILE D 425 0.41 -15.37 -45.06
C ILE D 425 -0.24 -14.91 -46.37
N GLU D 426 -0.16 -15.68 -47.44
CA GLU D 426 -0.82 -15.28 -48.68
C GLU D 426 -2.33 -15.18 -48.51
N LEU D 427 -2.91 -16.02 -47.66
CA LEU D 427 -4.34 -15.92 -47.37
C LEU D 427 -4.65 -14.60 -46.68
N PHE D 428 -3.77 -14.15 -45.80
CA PHE D 428 -3.72 -12.76 -45.33
C PHE D 428 -5.03 -12.25 -44.77
N ASN D 429 -5.42 -12.71 -43.59
CA ASN D 429 -6.45 -12.08 -42.76
C ASN D 429 -7.86 -12.31 -43.29
N GLY D 430 -8.09 -13.36 -44.07
CA GLY D 430 -9.43 -13.67 -44.50
C GLY D 430 -9.75 -15.15 -44.46
N ASN D 431 -10.84 -15.52 -43.80
CA ASN D 431 -11.30 -16.90 -43.77
C ASN D 431 -12.72 -16.97 -44.31
N GLU D 432 -13.18 -18.18 -44.56
CA GLU D 432 -14.49 -18.40 -45.15
C GLU D 432 -15.57 -18.71 -44.12
N ALA D 433 -15.18 -19.19 -42.94
CA ALA D 433 -16.15 -19.59 -41.93
C ALA D 433 -16.72 -18.42 -41.13
N SER D 434 -16.16 -17.22 -41.28
CA SER D 434 -16.66 -16.06 -40.55
C SER D 434 -17.72 -15.29 -41.30
N MET D 435 -17.57 -15.18 -42.63
CA MET D 435 -18.55 -14.42 -43.41
C MET D 435 -19.92 -15.06 -43.34
N TRP D 436 -19.99 -16.40 -43.38
CA TRP D 436 -21.28 -17.06 -43.29
C TRP D 436 -21.92 -16.85 -41.93
N VAL D 437 -21.14 -16.92 -40.85
CA VAL D 437 -21.70 -16.69 -39.53
C VAL D 437 -22.24 -15.28 -39.42
N LYS D 438 -21.46 -14.28 -39.86
CA LYS D 438 -21.93 -12.91 -39.78
C LYS D 438 -23.22 -12.71 -40.58
N ILE D 439 -23.28 -13.25 -41.79
CA ILE D 439 -24.43 -12.94 -42.63
C ILE D 439 -25.66 -13.70 -42.17
N VAL D 440 -25.49 -14.94 -41.68
CA VAL D 440 -26.63 -15.66 -41.11
C VAL D 440 -27.11 -14.95 -39.86
N SER D 441 -26.20 -14.36 -39.09
CA SER D 441 -26.61 -13.56 -37.94
C SER D 441 -27.45 -12.37 -38.38
N SER D 442 -27.02 -11.69 -39.44
CA SER D 442 -27.78 -10.54 -39.95
C SER D 442 -29.19 -10.96 -40.38
N TRP D 443 -29.29 -12.06 -41.12
CA TRP D 443 -30.59 -12.52 -41.59
C TRP D 443 -31.50 -12.91 -40.44
N LEU D 444 -30.96 -13.66 -39.47
CA LEU D 444 -31.77 -14.04 -38.31
C LEU D 444 -32.21 -12.80 -37.53
N GLY D 445 -31.38 -11.77 -37.48
CA GLY D 445 -31.77 -10.56 -36.77
C GLY D 445 -32.89 -9.82 -37.47
N VAL D 446 -32.79 -9.68 -38.79
CA VAL D 446 -33.88 -9.07 -39.55
C VAL D 446 -35.17 -9.86 -39.36
N PHE D 447 -35.07 -11.20 -39.35
CA PHE D 447 -36.25 -12.02 -39.10
C PHE D 447 -36.81 -11.78 -37.72
N ILE D 448 -35.95 -11.70 -36.70
CA ILE D 448 -36.43 -11.48 -35.33
C ILE D 448 -37.21 -10.18 -35.25
N TYR D 449 -36.64 -9.09 -35.78
CA TYR D 449 -37.34 -7.82 -35.69
C TYR D 449 -38.65 -7.84 -36.48
N GLY D 450 -38.60 -8.30 -37.73
CA GLY D 450 -39.80 -8.32 -38.55
C GLY D 450 -40.90 -9.17 -37.94
N TRP D 451 -40.52 -10.23 -37.23
CA TRP D 451 -41.50 -11.08 -36.57
C TRP D 451 -42.08 -10.40 -35.34
N SER D 452 -41.21 -9.93 -34.44
CA SER D 452 -41.67 -9.32 -33.20
C SER D 452 -42.53 -8.08 -33.47
N LEU D 453 -42.32 -7.42 -34.61
CA LEU D 453 -43.12 -6.23 -34.89
C LEU D 453 -44.49 -6.60 -35.45
N ALA D 454 -44.58 -7.66 -36.25
CA ALA D 454 -45.81 -8.00 -36.96
C ALA D 454 -46.11 -9.49 -36.85
N ALA D 455 -46.03 -10.03 -35.64
CA ALA D 455 -46.38 -11.45 -35.44
C ALA D 455 -47.89 -11.66 -35.39
N PRO D 456 -48.63 -10.97 -34.53
CA PRO D 456 -50.07 -11.29 -34.41
C PRO D 456 -50.87 -10.94 -35.64
N ILE D 457 -50.46 -9.92 -36.40
CA ILE D 457 -51.17 -9.57 -37.62
C ILE D 457 -51.10 -10.73 -38.62
N VAL D 458 -49.92 -11.32 -38.77
CA VAL D 458 -49.78 -12.45 -39.68
C VAL D 458 -50.43 -13.70 -39.10
N LEU D 459 -50.41 -13.85 -37.77
CA LEU D 459 -51.05 -15.02 -37.16
C LEU D 459 -52.56 -14.99 -37.35
N THR D 460 -53.17 -13.82 -37.29
CA THR D 460 -54.62 -13.72 -37.44
C THR D 460 -55.02 -13.64 -38.91
N ASN D 461 -54.47 -12.67 -39.65
CA ASN D 461 -54.79 -12.52 -41.06
C ASN D 461 -53.57 -12.13 -41.88
N PRO E 30 -24.77 16.46 3.86
CA PRO E 30 -24.95 15.05 3.46
C PRO E 30 -24.71 14.82 1.97
N SER E 31 -25.76 14.98 1.15
CA SER E 31 -25.62 14.74 -0.29
C SER E 31 -24.96 15.91 -1.00
N CYS E 32 -25.38 17.14 -0.67
CA CYS E 32 -24.94 18.30 -1.43
C CYS E 32 -23.45 18.57 -1.23
N THR E 33 -22.96 18.49 0.01
CA THR E 33 -21.54 18.72 0.25
C THR E 33 -20.67 17.68 -0.44
N ASN E 34 -21.12 16.43 -0.48
CA ASN E 34 -20.34 15.41 -1.16
C ASN E 34 -20.38 15.62 -2.67
N ALA E 35 -21.51 16.10 -3.19
CA ALA E 35 -21.59 16.40 -4.62
C ALA E 35 -20.64 17.54 -5.00
N SER E 36 -20.57 18.58 -4.17
CA SER E 36 -19.65 19.68 -4.47
C SER E 36 -18.20 19.24 -4.32
N SER E 37 -17.90 18.40 -3.33
CA SER E 37 -16.56 17.84 -3.23
C SER E 37 -16.23 17.03 -4.49
N SER E 38 -17.22 16.37 -5.07
CA SER E 38 -16.97 15.65 -6.32
C SER E 38 -16.69 16.61 -7.47
N ARG E 39 -17.46 17.71 -7.53
CA ARG E 39 -17.19 18.72 -8.56
C ARG E 39 -15.79 19.27 -8.46
N PHE E 40 -15.25 19.38 -7.24
CA PHE E 40 -13.86 19.83 -7.13
C PHE E 40 -12.86 18.71 -7.39
N MET E 41 -13.21 17.46 -7.07
CA MET E 41 -12.29 16.36 -7.35
C MET E 41 -12.10 16.18 -8.85
N TYR E 42 -13.14 16.39 -9.64
CA TYR E 42 -12.97 16.31 -11.08
C TYR E 42 -12.03 17.40 -11.59
N ALA E 43 -12.13 18.60 -11.03
CA ALA E 43 -11.20 19.66 -11.40
C ALA E 43 -9.77 19.28 -11.02
N PHE E 44 -9.58 18.65 -9.87
CA PHE E 44 -8.24 18.17 -9.50
C PHE E 44 -7.74 17.12 -10.48
N ILE E 45 -8.63 16.24 -10.96
CA ILE E 45 -8.22 15.26 -11.96
C ILE E 45 -7.71 15.96 -13.22
N LEU E 46 -8.50 16.91 -13.72
CA LEU E 46 -8.11 17.61 -14.94
C LEU E 46 -6.80 18.36 -14.74
N LEU E 47 -6.61 18.94 -13.55
CA LEU E 47 -5.38 19.66 -13.26
C LEU E 47 -4.18 18.73 -13.26
N VAL E 48 -4.29 17.59 -12.59
CA VAL E 48 -3.17 16.64 -12.56
C VAL E 48 -2.85 16.15 -13.95
N GLY E 49 -3.88 15.90 -14.76
CA GLY E 49 -3.64 15.47 -16.13
C GLY E 49 -2.92 16.52 -16.95
N THR E 50 -3.32 17.79 -16.82
CA THR E 50 -2.66 18.86 -17.56
C THR E 50 -1.21 19.03 -17.10
N VAL E 51 -0.97 18.98 -15.79
CA VAL E 51 0.39 19.14 -15.28
C VAL E 51 1.27 18.00 -15.77
N LEU E 52 0.75 16.77 -15.77
CA LEU E 52 1.52 15.64 -16.27
C LEU E 52 1.77 15.74 -17.76
N GLY E 53 0.81 16.29 -18.51
CA GLY E 53 1.01 16.43 -19.94
C GLY E 53 2.03 17.50 -20.28
N ALA E 54 2.11 18.54 -19.46
CA ALA E 54 3.01 19.67 -19.76
C ALA E 54 4.43 19.45 -19.26
N ILE E 55 4.68 18.44 -18.42
CA ILE E 55 6.06 18.13 -18.04
C ILE E 55 6.88 17.72 -19.26
N ALA E 56 6.21 17.23 -20.30
CA ALA E 56 6.87 16.95 -21.56
C ALA E 56 7.21 18.28 -22.23
N LEU E 57 7.70 18.20 -23.46
CA LEU E 57 8.09 19.36 -24.27
C LEU E 57 9.08 20.27 -23.55
N SER E 58 9.77 19.76 -22.54
CA SER E 58 10.89 20.50 -21.97
C SER E 58 12.04 20.54 -22.98
N PRO E 59 12.88 21.58 -22.95
CA PRO E 59 13.77 21.81 -24.09
C PRO E 59 14.78 20.70 -24.32
N GLY E 60 15.39 20.17 -23.26
CA GLY E 60 16.35 19.11 -23.45
C GLY E 60 16.17 17.99 -22.45
N LEU E 61 15.27 18.20 -21.49
CA LEU E 61 15.16 17.24 -20.40
C LEU E 61 14.36 16.01 -20.81
N GLN E 62 13.54 16.14 -21.85
CA GLN E 62 12.70 15.04 -22.31
C GLN E 62 12.77 14.78 -23.80
N ASP E 63 13.25 15.74 -24.61
CA ASP E 63 13.22 15.57 -26.05
C ASP E 63 14.12 14.42 -26.52
N THR E 64 15.05 13.98 -25.69
CA THR E 64 15.81 12.78 -26.04
C THR E 64 15.17 11.52 -25.47
N LEU E 65 14.53 11.64 -24.30
CA LEU E 65 13.81 10.49 -23.75
C LEU E 65 12.58 10.17 -24.59
N LYS E 66 11.95 11.18 -25.18
CA LYS E 66 10.75 10.96 -25.97
C LYS E 66 11.01 10.22 -27.28
N LYS E 67 12.25 9.81 -27.56
CA LYS E 67 12.51 9.07 -28.79
C LYS E 67 12.12 7.61 -28.70
N MET E 68 12.12 7.02 -27.50
CA MET E 68 11.73 5.62 -27.37
C MET E 68 10.21 5.39 -27.51
N PRO E 69 9.35 6.10 -26.74
CA PRO E 69 7.99 5.61 -26.50
C PRO E 69 7.09 5.30 -27.70
N PHE E 70 7.03 6.12 -28.74
CA PHE E 70 6.00 5.98 -29.76
C PHE E 70 6.46 6.23 -31.20
N CYS E 71 7.74 6.45 -31.43
CA CYS E 71 8.28 6.53 -32.79
C CYS E 71 9.00 5.26 -33.24
N ILE E 72 8.92 4.18 -32.47
CA ILE E 72 9.51 2.93 -32.92
C ILE E 72 8.84 2.42 -34.19
N ASN E 73 7.61 2.85 -34.46
CA ASN E 73 6.96 2.54 -35.73
C ASN E 73 7.83 2.93 -36.91
N SER E 74 8.44 4.12 -36.85
CA SER E 74 9.31 4.58 -37.93
C SER E 74 10.74 4.14 -37.69
N SER E 90 6.63 13.45 -44.98
CA SER E 90 6.31 14.56 -44.09
C SER E 90 6.06 14.06 -42.67
N LEU E 91 6.08 12.74 -42.51
CA LEU E 91 5.93 12.14 -41.18
C LEU E 91 7.24 12.22 -40.41
N GLN E 92 8.36 12.00 -41.10
CA GLN E 92 9.65 11.95 -40.44
C GLN E 92 10.02 13.29 -39.82
N VAL E 93 9.65 14.40 -40.46
CA VAL E 93 9.98 15.70 -39.88
C VAL E 93 9.22 15.91 -38.57
N ASP E 94 8.00 15.40 -38.48
CA ASP E 94 7.23 15.57 -37.25
C ASP E 94 7.75 14.66 -36.15
N CYS E 95 8.13 13.42 -36.49
CA CYS E 95 8.73 12.57 -35.46
C CYS E 95 10.11 13.05 -35.05
N GLU E 96 10.82 13.77 -35.91
CA GLU E 96 12.19 14.16 -35.62
C GLU E 96 12.27 15.50 -34.90
N TYR E 97 11.33 16.40 -35.16
CA TYR E 97 11.44 17.77 -34.66
C TYR E 97 10.51 18.07 -33.48
N ALA E 98 9.23 17.74 -33.59
CA ALA E 98 8.25 18.04 -32.55
C ALA E 98 7.79 16.76 -31.88
N LEU E 99 8.44 16.41 -30.77
CA LEU E 99 8.04 15.24 -29.98
C LEU E 99 7.10 15.61 -28.84
N GLY E 100 7.34 16.75 -28.20
CA GLY E 100 6.47 17.16 -27.11
C GLY E 100 5.03 17.35 -27.55
N TYR E 101 4.83 17.83 -28.78
CA TYR E 101 3.48 18.01 -29.29
C TYR E 101 2.75 16.69 -29.40
N MET E 102 3.41 15.67 -29.98
CA MET E 102 2.78 14.36 -30.07
C MET E 102 2.50 13.78 -28.70
N ALA E 103 3.44 13.94 -27.76
CA ALA E 103 3.20 13.43 -26.41
C ALA E 103 1.99 14.10 -25.77
N VAL E 104 1.83 15.40 -25.99
CA VAL E 104 0.68 16.11 -25.44
C VAL E 104 -0.62 15.61 -26.07
N TYR E 105 -0.62 15.40 -27.39
CA TYR E 105 -1.79 14.81 -28.03
C TYR E 105 -2.16 13.48 -27.39
N ARG E 106 -1.20 12.56 -27.31
CA ARG E 106 -1.51 11.23 -26.77
C ARG E 106 -1.95 11.30 -25.32
N VAL E 107 -1.44 12.27 -24.55
CA VAL E 107 -1.86 12.36 -23.15
C VAL E 107 -3.29 12.88 -23.04
N CYS E 108 -3.59 13.98 -23.73
CA CYS E 108 -4.90 14.60 -23.58
C CYS E 108 -6.02 13.79 -24.22
N PHE E 109 -5.71 12.94 -25.21
CA PHE E 109 -6.74 12.06 -25.75
C PHE E 109 -7.34 11.17 -24.67
N GLY E 110 -6.51 10.72 -23.72
CA GLY E 110 -7.01 9.85 -22.67
C GLY E 110 -8.02 10.55 -21.78
N MET E 111 -7.73 11.77 -21.38
CA MET E 111 -8.68 12.51 -20.54
C MET E 111 -9.95 12.84 -21.30
N ALA E 112 -9.82 13.20 -22.59
CA ALA E 112 -11.02 13.42 -23.40
C ALA E 112 -11.91 12.19 -23.40
N CYS E 113 -11.32 11.01 -23.61
CA CYS E 113 -12.11 9.78 -23.62
C CYS E 113 -12.72 9.51 -22.25
N PHE E 114 -11.96 9.69 -21.18
CA PHE E 114 -12.49 9.42 -19.84
C PHE E 114 -13.70 10.29 -19.54
N PHE E 115 -13.60 11.59 -19.79
CA PHE E 115 -14.71 12.46 -19.45
C PHE E 115 -15.89 12.28 -20.40
N ALA E 116 -15.64 11.91 -21.66
CA ALA E 116 -16.76 11.57 -22.54
C ALA E 116 -17.49 10.34 -22.03
N LEU E 117 -16.75 9.34 -21.56
CA LEU E 117 -17.38 8.14 -21.01
C LEU E 117 -18.21 8.47 -19.77
N MET E 118 -17.64 9.26 -18.86
CA MET E 118 -18.39 9.64 -17.67
C MET E 118 -19.63 10.46 -18.03
N SER E 119 -19.57 11.22 -19.12
CA SER E 119 -20.75 11.92 -19.59
C SER E 119 -21.80 10.94 -20.11
N LEU E 120 -21.37 9.90 -20.81
CA LEU E 120 -22.32 8.93 -21.35
C LEU E 120 -23.01 8.15 -20.24
N ILE E 121 -22.29 7.83 -19.15
CA ILE E 121 -22.92 7.09 -18.06
C ILE E 121 -24.00 7.92 -17.39
N MET E 122 -23.66 9.14 -16.97
CA MET E 122 -24.55 9.97 -16.15
C MET E 122 -25.58 10.70 -17.02
N LEU E 123 -26.29 9.93 -17.83
CA LEU E 123 -27.21 10.49 -18.81
C LEU E 123 -28.64 10.16 -18.41
N GLY E 124 -29.48 11.19 -18.36
CA GLY E 124 -30.88 11.02 -18.02
C GLY E 124 -31.21 11.10 -16.55
N VAL E 125 -30.23 11.36 -15.69
CA VAL E 125 -30.48 11.39 -14.25
C VAL E 125 -31.41 12.53 -13.90
N LYS E 126 -32.31 12.29 -12.94
CA LYS E 126 -33.30 13.28 -12.53
C LYS E 126 -33.10 13.73 -11.09
N SER E 127 -33.01 12.81 -10.14
CA SER E 127 -32.90 13.14 -8.73
C SER E 127 -31.62 12.55 -8.14
N SER E 128 -31.34 12.93 -6.90
CA SER E 128 -30.18 12.42 -6.19
C SER E 128 -30.40 11.04 -5.59
N ARG E 129 -31.57 10.44 -5.80
CA ARG E 129 -31.87 9.12 -5.26
C ARG E 129 -31.59 8.00 -6.24
N ASP E 130 -31.19 8.30 -7.46
CA ASP E 130 -30.88 7.25 -8.42
C ASP E 130 -29.64 6.47 -7.99
N PRO E 131 -29.58 5.18 -8.32
CA PRO E 131 -28.42 4.36 -7.91
C PRO E 131 -27.12 4.81 -8.54
N ARG E 132 -27.15 5.57 -9.64
CA ARG E 132 -25.93 6.05 -10.27
C ARG E 132 -25.30 7.21 -9.52
N SER E 133 -26.02 7.85 -8.61
CA SER E 133 -25.41 8.88 -7.78
C SER E 133 -24.35 8.30 -6.86
N HIS E 134 -24.45 7.00 -6.56
CA HIS E 134 -23.51 6.37 -5.64
C HIS E 134 -22.14 6.17 -6.27
N ILE E 135 -22.07 6.07 -7.60
CA ILE E 135 -20.80 5.84 -8.27
C ILE E 135 -20.09 7.14 -8.64
N GLN E 136 -20.79 8.27 -8.61
CA GLN E 136 -20.18 9.55 -8.95
C GLN E 136 -19.49 10.22 -7.77
N ASN E 137 -19.64 9.68 -6.56
CA ASN E 137 -19.21 10.41 -5.38
C ASN E 137 -18.23 9.63 -4.53
N ASN E 138 -18.20 8.30 -4.67
CA ASN E 138 -17.47 7.46 -3.75
C ASN E 138 -16.14 6.97 -4.31
N PHE E 139 -16.15 6.28 -5.44
CA PHE E 139 -14.99 5.51 -5.90
C PHE E 139 -13.97 6.39 -6.61
N TRP E 140 -13.10 7.06 -5.85
CA TRP E 140 -12.12 7.98 -6.43
C TRP E 140 -10.86 7.31 -6.96
N PRO E 141 -10.21 6.42 -6.20
CA PRO E 141 -8.96 5.82 -6.71
C PRO E 141 -9.15 5.06 -8.01
N LEU E 142 -10.29 4.38 -8.15
CA LEU E 142 -10.59 3.72 -9.42
C LEU E 142 -10.64 4.74 -10.55
N LYS E 143 -11.24 5.91 -10.31
CA LYS E 143 -11.33 6.91 -11.36
C LYS E 143 -9.95 7.45 -11.73
N PHE E 144 -9.12 7.74 -10.73
CA PHE E 144 -7.76 8.21 -11.01
C PHE E 144 -7.01 7.18 -11.85
N LEU E 145 -7.09 5.91 -11.44
CA LEU E 145 -6.33 4.88 -12.13
C LEU E 145 -6.89 4.62 -13.53
N ILE E 146 -8.20 4.75 -13.72
CA ILE E 146 -8.77 4.59 -15.06
C ILE E 146 -8.27 5.69 -15.98
N CYS E 147 -8.34 6.94 -15.49
CA CYS E 147 -7.93 8.12 -16.30
C CYS E 147 -6.45 7.97 -16.72
N PHE E 148 -5.56 7.78 -15.75
CA PHE E 148 -4.11 7.65 -16.04
C PHE E 148 -3.88 6.39 -16.89
N GLY E 149 -4.57 5.30 -16.58
CA GLY E 149 -4.45 4.07 -17.39
C GLY E 149 -4.71 4.38 -18.85
N ALA E 150 -5.80 5.10 -19.12
CA ALA E 150 -6.17 5.54 -20.47
C ALA E 150 -5.06 6.35 -21.10
N ALA E 151 -4.44 7.26 -20.34
CA ALA E 151 -3.32 8.03 -20.86
C ALA E 151 -2.16 7.12 -21.26
N ILE E 152 -1.79 6.20 -20.37
CA ILE E 152 -0.66 5.32 -20.63
C ILE E 152 -0.95 4.41 -21.83
N GLY E 153 -2.19 3.94 -21.96
CA GLY E 153 -2.54 3.15 -23.12
C GLY E 153 -2.54 3.95 -24.41
N ALA E 154 -2.97 5.21 -24.35
CA ALA E 154 -3.03 6.03 -25.55
C ALA E 154 -1.64 6.42 -26.03
N ILE E 155 -0.66 6.47 -25.13
CA ILE E 155 0.69 6.86 -25.55
C ILE E 155 1.24 5.87 -26.58
N PHE E 156 0.72 4.64 -26.61
CA PHE E 156 1.17 3.63 -27.57
C PHE E 156 0.59 3.80 -28.97
N ILE E 157 -0.30 4.76 -29.19
CA ILE E 157 -0.91 4.95 -30.51
C ILE E 157 0.15 5.47 -31.48
N PRO E 158 0.40 4.79 -32.59
CA PRO E 158 1.44 5.22 -33.51
C PRO E 158 0.98 6.41 -34.35
N ASP E 159 1.94 6.97 -35.08
CA ASP E 159 1.72 8.13 -35.92
C ASP E 159 1.36 7.70 -37.34
N GLY E 160 0.88 8.67 -38.11
CA GLY E 160 0.62 8.46 -39.53
C GLY E 160 -0.74 8.94 -39.99
N SER E 161 -1.76 8.76 -39.16
CA SER E 161 -3.07 9.31 -39.48
C SER E 161 -3.80 9.82 -38.25
N PHE E 162 -3.14 9.86 -37.09
CA PHE E 162 -3.80 10.26 -35.85
C PHE E 162 -3.80 11.77 -35.67
N GLY E 163 -2.84 12.46 -36.27
CA GLY E 163 -2.67 13.88 -36.06
C GLY E 163 -3.83 14.74 -36.52
N PRO E 164 -4.05 14.81 -37.83
CA PRO E 164 -5.03 15.78 -38.36
C PRO E 164 -6.45 15.61 -37.85
N ALA E 165 -6.91 14.38 -37.65
CA ALA E 165 -8.23 14.17 -37.09
C ALA E 165 -8.35 14.86 -35.72
N MET E 166 -7.34 14.67 -34.89
CA MET E 166 -7.33 15.32 -33.59
C MET E 166 -7.17 16.82 -33.72
N MET E 167 -6.50 17.30 -34.77
CA MET E 167 -6.44 18.75 -34.97
C MET E 167 -7.83 19.31 -35.18
N TRP E 168 -8.65 18.66 -36.02
CA TRP E 168 -9.99 19.17 -36.26
C TRP E 168 -10.87 19.06 -35.01
N VAL E 169 -10.78 17.93 -34.31
CA VAL E 169 -11.54 17.80 -33.07
C VAL E 169 -11.12 18.87 -32.07
N GLY E 170 -9.83 19.18 -32.01
CA GLY E 170 -9.36 20.20 -31.10
C GLY E 170 -9.85 21.57 -31.49
N LEU E 171 -9.93 21.86 -32.79
CA LEU E 171 -10.49 23.14 -33.23
C LEU E 171 -11.93 23.29 -32.75
N ILE E 172 -12.75 22.26 -32.95
CA ILE E 172 -14.15 22.34 -32.53
C ILE E 172 -14.24 22.53 -31.02
N GLY E 173 -13.49 21.72 -30.27
CA GLY E 173 -13.51 21.85 -28.82
C GLY E 173 -13.03 23.21 -28.35
N GLY E 174 -12.02 23.77 -29.02
CA GLY E 174 -11.53 25.08 -28.65
C GLY E 174 -12.57 26.17 -28.86
N LEU E 175 -13.26 26.13 -30.01
CA LEU E 175 -14.37 27.06 -30.22
C LEU E 175 -15.39 26.97 -29.07
N ALA E 176 -15.82 25.74 -28.77
CA ALA E 176 -16.83 25.56 -27.73
C ALA E 176 -16.36 26.11 -26.39
N PHE E 177 -15.13 25.78 -26.00
CA PHE E 177 -14.69 26.20 -24.67
C PHE E 177 -14.40 27.69 -24.60
N ILE E 178 -13.94 28.30 -25.70
CA ILE E 178 -13.78 29.75 -25.69
C ILE E 178 -15.12 30.42 -25.43
N LEU E 179 -16.17 29.96 -26.12
CA LEU E 179 -17.49 30.57 -25.89
C LEU E 179 -17.96 30.33 -24.45
N VAL E 180 -17.72 29.13 -23.92
CA VAL E 180 -18.13 28.84 -22.54
C VAL E 180 -17.43 29.78 -21.57
N GLN E 181 -16.13 29.97 -21.73
CA GLN E 181 -15.43 30.82 -20.76
C GLN E 181 -15.80 32.28 -20.94
N LEU E 182 -16.22 32.70 -22.15
CA LEU E 182 -16.75 34.04 -22.29
C LEU E 182 -18.03 34.21 -21.46
N VAL E 183 -18.92 33.23 -21.54
CA VAL E 183 -20.15 33.31 -20.74
C VAL E 183 -19.81 33.38 -19.26
N ILE E 184 -18.84 32.58 -18.82
CA ILE E 184 -18.46 32.59 -17.41
C ILE E 184 -17.91 33.95 -17.00
N ILE E 185 -17.09 34.56 -17.87
CA ILE E 185 -16.53 35.88 -17.54
C ILE E 185 -17.63 36.92 -17.44
N VAL E 186 -18.60 36.87 -18.35
CA VAL E 186 -19.69 37.86 -18.30
C VAL E 186 -20.49 37.70 -17.01
N ASP E 187 -20.81 36.45 -16.64
CA ASP E 187 -21.56 36.22 -15.40
C ASP E 187 -20.78 36.72 -14.19
N PHE E 188 -19.48 36.42 -14.14
CA PHE E 188 -18.66 36.89 -13.03
C PHE E 188 -18.63 38.41 -12.95
N ALA E 189 -18.53 39.08 -14.10
CA ALA E 189 -18.51 40.54 -14.10
C ALA E 189 -19.82 41.10 -13.56
N HIS E 190 -20.95 40.58 -14.03
CA HIS E 190 -22.24 41.00 -13.49
C HIS E 190 -22.28 40.83 -11.98
N SER E 191 -21.91 39.65 -11.49
CA SER E 191 -21.98 39.38 -10.05
C SER E 191 -21.11 40.34 -9.27
N LEU E 192 -19.86 40.52 -9.69
CA LEU E 192 -18.94 41.39 -8.96
C LEU E 192 -19.42 42.83 -8.94
N ALA E 193 -19.83 43.35 -10.10
CA ALA E 193 -20.27 44.74 -10.17
C ALA E 193 -21.50 44.96 -9.30
N GLU E 194 -22.48 44.06 -9.41
CA GLU E 194 -23.68 44.20 -8.57
C GLU E 194 -23.32 44.17 -7.09
N ASN E 195 -22.46 43.24 -6.69
CA ASN E 195 -22.13 43.11 -5.27
C ASN E 195 -21.44 44.37 -4.75
N TRP E 196 -20.42 44.85 -5.46
CA TRP E 196 -19.74 46.05 -4.99
C TRP E 196 -20.65 47.27 -4.99
N ILE E 197 -21.46 47.45 -6.03
CA ILE E 197 -22.33 48.62 -6.07
C ILE E 197 -23.35 48.58 -4.93
N GLU E 198 -23.92 47.41 -4.65
CA GLU E 198 -24.97 47.34 -3.65
C GLU E 198 -24.40 47.44 -2.24
N SER E 199 -23.25 46.83 -1.98
CA SER E 199 -22.76 46.76 -0.61
C SER E 199 -21.83 47.91 -0.25
N ALA E 200 -21.20 48.55 -1.23
CA ALA E 200 -20.11 49.46 -0.95
C ALA E 200 -20.47 50.93 -1.06
N GLU E 201 -21.40 51.30 -1.97
CA GLU E 201 -21.65 52.71 -2.23
C GLU E 201 -22.18 53.45 -1.01
N ASN E 202 -22.64 52.74 0.02
CA ASN E 202 -22.96 53.41 1.27
C ASN E 202 -21.71 54.00 1.91
N SER E 203 -20.54 53.45 1.61
CA SER E 203 -19.26 53.92 2.12
C SER E 203 -18.37 54.37 0.95
N ARG E 204 -17.14 54.74 1.28
CA ARG E 204 -16.16 55.17 0.30
C ARG E 204 -15.00 54.19 0.16
N GLY E 205 -15.09 53.02 0.78
CA GLY E 205 -13.96 52.11 0.80
C GLY E 205 -13.69 51.46 -0.54
N TYR E 206 -14.74 50.95 -1.18
CA TYR E 206 -14.59 50.16 -2.39
C TYR E 206 -14.85 50.93 -3.67
N TYR E 207 -15.44 52.12 -3.59
CA TYR E 207 -15.73 52.89 -4.81
C TYR E 207 -14.45 53.21 -5.57
N TYR E 208 -13.39 53.56 -4.84
CA TYR E 208 -12.11 53.83 -5.50
C TYR E 208 -11.62 52.61 -6.25
N ALA E 209 -11.69 51.44 -5.63
CA ALA E 209 -11.29 50.21 -6.32
C ALA E 209 -12.23 49.89 -7.47
N LEU E 210 -13.53 50.17 -7.29
CA LEU E 210 -14.50 49.95 -8.35
C LEU E 210 -14.17 50.77 -9.59
N ALA E 211 -13.60 51.96 -9.42
CA ALA E 211 -13.16 52.72 -10.59
C ALA E 211 -11.78 52.27 -11.06
N GLY E 212 -10.91 51.89 -10.13
CA GLY E 212 -9.55 51.56 -10.49
C GLY E 212 -9.44 50.30 -11.32
N VAL E 213 -10.28 49.30 -11.02
CA VAL E 213 -10.24 48.06 -11.78
C VAL E 213 -10.55 48.33 -13.25
N THR E 214 -11.62 49.07 -13.52
CA THR E 214 -11.99 49.32 -14.91
C THR E 214 -10.99 50.25 -15.58
N LEU E 215 -10.41 51.20 -14.84
CA LEU E 215 -9.39 52.05 -15.44
C LEU E 215 -8.16 51.24 -15.84
N LEU E 216 -7.72 50.34 -14.95
CA LEU E 216 -6.55 49.53 -15.25
C LEU E 216 -6.81 48.59 -16.41
N CYS E 217 -8.00 48.01 -16.49
CA CYS E 217 -8.30 47.12 -17.60
C CYS E 217 -8.36 47.88 -18.92
N TYR E 218 -8.96 49.09 -18.92
CA TYR E 218 -8.96 49.89 -20.14
C TYR E 218 -7.54 50.25 -20.59
N ILE E 219 -6.67 50.64 -19.65
CA ILE E 219 -5.34 51.06 -20.07
C ILE E 219 -4.54 49.86 -20.57
N LEU E 220 -4.72 48.69 -19.96
CA LEU E 220 -4.08 47.49 -20.49
C LEU E 220 -4.54 47.18 -21.90
N SER E 221 -5.86 47.23 -22.15
CA SER E 221 -6.36 46.93 -23.48
C SER E 221 -5.86 47.93 -24.51
N LEU E 222 -5.79 49.22 -24.15
CA LEU E 222 -5.33 50.22 -25.10
C LEU E 222 -3.85 50.07 -25.40
N THR E 223 -3.02 49.86 -24.37
CA THR E 223 -1.61 49.61 -24.64
C THR E 223 -1.41 48.35 -25.47
N GLY E 224 -2.24 47.33 -25.26
CA GLY E 224 -2.13 46.13 -26.08
C GLY E 224 -2.48 46.38 -27.53
N ILE E 225 -3.56 47.13 -27.77
CA ILE E 225 -3.95 47.40 -29.16
C ILE E 225 -2.87 48.23 -29.86
N THR E 226 -2.24 49.15 -29.12
CA THR E 226 -1.17 49.93 -29.72
C THR E 226 0.05 49.08 -30.00
N LEU E 227 0.38 48.15 -29.10
CA LEU E 227 1.51 47.26 -29.37
C LEU E 227 1.25 46.37 -30.58
N LEU E 228 -0.01 45.94 -30.76
CA LEU E 228 -0.34 45.18 -31.97
C LEU E 228 -0.12 46.02 -33.21
N TYR E 229 -0.67 47.24 -33.24
CA TYR E 229 -0.41 48.14 -34.36
C TYR E 229 1.08 48.29 -34.63
N ILE E 230 1.89 48.41 -33.58
CA ILE E 230 3.32 48.66 -33.78
C ILE E 230 4.01 47.44 -34.35
N TYR E 231 3.76 46.26 -33.79
CA TYR E 231 4.57 45.08 -34.09
C TYR E 231 4.00 44.21 -35.20
N PHE E 232 2.73 43.79 -35.08
CA PHE E 232 2.25 42.74 -35.98
C PHE E 232 1.70 43.26 -37.29
N THR E 233 2.12 44.43 -37.74
CA THR E 233 1.80 44.88 -39.09
C THR E 233 2.92 45.75 -39.61
N THR E 234 3.06 45.76 -40.93
CA THR E 234 4.05 46.59 -41.61
C THR E 234 3.35 47.80 -42.23
N SER E 235 4.09 48.57 -43.02
CA SER E 235 3.52 49.75 -43.65
C SER E 235 2.52 49.37 -44.73
N THR E 236 2.93 48.55 -45.68
CA THR E 236 2.05 48.17 -46.80
C THR E 236 2.13 46.68 -47.13
N GLY E 237 2.58 45.84 -46.21
CA GLY E 237 2.74 44.43 -46.52
C GLY E 237 1.53 43.57 -46.22
N CYS E 238 1.05 43.59 -44.98
CA CYS E 238 -0.10 42.80 -44.56
C CYS E 238 -1.28 43.72 -44.29
N GLY E 239 -2.37 43.51 -45.02
CA GLY E 239 -3.57 44.29 -44.83
C GLY E 239 -4.61 43.56 -44.00
N ILE E 240 -4.53 42.23 -44.00
CA ILE E 240 -5.52 41.44 -43.27
C ILE E 240 -5.37 41.65 -41.77
N ASN E 241 -4.16 41.89 -41.28
CA ASN E 241 -3.97 42.18 -39.86
C ASN E 241 -4.50 43.56 -39.50
N LYS E 242 -4.22 44.55 -40.36
CA LYS E 242 -4.81 45.88 -40.17
C LYS E 242 -6.32 45.87 -40.29
N PHE E 243 -6.90 44.84 -40.91
CA PHE E 243 -8.34 44.66 -40.94
C PHE E 243 -8.84 44.05 -39.64
N PHE E 244 -8.23 42.94 -39.21
CA PHE E 244 -8.67 42.25 -38.01
C PHE E 244 -8.57 43.15 -36.79
N ILE E 245 -7.40 43.76 -36.57
CA ILE E 245 -7.20 44.57 -35.38
C ILE E 245 -8.15 45.76 -35.36
N SER E 246 -8.31 46.42 -36.50
CA SER E 246 -9.18 47.60 -36.56
C SER E 246 -10.63 47.23 -36.31
N ILE E 247 -11.11 46.13 -36.89
CA ILE E 247 -12.51 45.79 -36.70
C ILE E 247 -12.76 45.31 -35.28
N ASN E 248 -11.77 44.65 -34.65
CA ASN E 248 -11.94 44.29 -33.25
C ASN E 248 -11.95 45.53 -32.37
N LEU E 249 -11.15 46.54 -32.70
CA LEU E 249 -11.21 47.78 -31.94
C LEU E 249 -12.56 48.47 -32.10
N ILE E 250 -13.13 48.44 -33.31
CA ILE E 250 -14.44 49.04 -33.52
C ILE E 250 -15.51 48.33 -32.69
N PHE E 251 -15.50 46.99 -32.70
CA PHE E 251 -16.45 46.26 -31.86
C PHE E 251 -16.23 46.56 -30.38
N CYS E 252 -14.98 46.65 -29.95
CA CYS E 252 -14.70 46.89 -28.54
C CYS E 252 -15.06 48.31 -28.10
N LEU E 253 -15.16 49.25 -29.04
CA LEU E 253 -15.68 50.56 -28.66
C LEU E 253 -17.21 50.58 -28.68
N ALA E 254 -17.82 49.98 -29.70
CA ALA E 254 -19.28 49.97 -29.78
C ALA E 254 -19.91 49.23 -28.61
N ILE E 255 -19.23 48.19 -28.11
CA ILE E 255 -19.77 47.43 -26.99
C ILE E 255 -19.84 48.30 -25.74
N SER E 256 -18.79 49.06 -25.45
CA SER E 256 -18.80 49.92 -24.27
C SER E 256 -19.72 51.12 -24.47
N VAL E 257 -19.94 51.53 -25.73
CA VAL E 257 -20.91 52.60 -25.98
C VAL E 257 -22.32 52.11 -25.66
N ILE E 258 -22.67 50.92 -26.13
CA ILE E 258 -24.03 50.42 -25.92
C ILE E 258 -24.24 50.02 -24.45
N SER E 259 -23.17 49.64 -23.75
CA SER E 259 -23.31 49.20 -22.38
C SER E 259 -23.68 50.31 -21.41
N ILE E 260 -23.67 51.57 -21.83
CA ILE E 260 -23.84 52.68 -20.89
C ILE E 260 -25.11 53.48 -21.13
N LEU E 261 -25.71 53.42 -22.32
CA LEU E 261 -26.84 54.29 -22.62
C LEU E 261 -28.01 54.00 -21.67
N PRO E 262 -28.80 55.02 -21.32
CA PRO E 262 -29.78 54.84 -20.23
C PRO E 262 -30.91 53.88 -20.54
N ALA E 263 -31.25 53.68 -21.82
CA ALA E 263 -32.37 52.80 -22.15
C ALA E 263 -32.11 51.38 -21.69
N VAL E 264 -30.86 50.94 -21.76
CA VAL E 264 -30.52 49.61 -21.25
C VAL E 264 -30.49 49.60 -19.73
N GLN E 265 -29.94 50.67 -19.13
CA GLN E 265 -29.87 50.74 -17.68
C GLN E 265 -31.25 50.81 -17.04
N GLU E 266 -32.28 51.18 -17.80
CA GLU E 266 -33.62 51.25 -17.22
C GLU E 266 -34.09 49.90 -16.73
N ARG E 267 -33.76 48.82 -17.45
CA ARG E 267 -34.16 47.49 -17.03
C ARG E 267 -33.34 47.01 -15.84
N LEU E 268 -32.02 46.99 -15.99
CA LEU E 268 -31.12 46.61 -14.90
C LEU E 268 -30.22 47.77 -14.55
N PRO E 269 -30.16 48.20 -13.28
CA PRO E 269 -29.43 49.43 -12.95
C PRO E 269 -27.92 49.28 -12.99
N HIS E 270 -27.39 48.06 -12.94
CA HIS E 270 -25.95 47.84 -12.79
C HIS E 270 -25.28 47.51 -14.12
N SER E 271 -25.70 48.15 -15.22
CA SER E 271 -25.07 47.93 -16.51
C SER E 271 -23.58 48.23 -16.45
N GLY E 272 -23.23 49.37 -15.86
CA GLY E 272 -21.87 49.76 -15.51
C GLY E 272 -20.87 49.72 -16.66
N LEU E 273 -19.59 49.75 -16.27
CA LEU E 273 -18.48 49.71 -17.21
C LEU E 273 -17.54 48.55 -16.99
N LEU E 274 -17.66 47.82 -15.87
CA LEU E 274 -16.73 46.72 -15.61
C LEU E 274 -16.92 45.57 -16.59
N GLN E 275 -18.19 45.21 -16.84
CA GLN E 275 -18.47 44.10 -17.75
C GLN E 275 -17.82 44.35 -19.11
N SER E 276 -18.14 45.50 -19.73
CA SER E 276 -17.57 45.81 -21.03
C SER E 276 -16.05 45.88 -20.97
N SER E 277 -15.51 46.28 -19.83
CA SER E 277 -14.06 46.37 -19.71
C SER E 277 -13.40 44.99 -19.75
N LEU E 278 -13.89 44.07 -18.93
CA LEU E 278 -13.32 42.72 -18.94
C LEU E 278 -13.54 42.04 -20.28
N VAL E 279 -14.72 42.25 -20.88
CA VAL E 279 -14.99 41.65 -22.18
C VAL E 279 -14.05 42.19 -23.24
N THR E 280 -13.80 43.50 -23.26
CA THR E 280 -12.91 44.04 -24.28
C THR E 280 -11.47 43.61 -24.05
N LEU E 281 -11.05 43.46 -22.78
CA LEU E 281 -9.72 42.92 -22.53
C LEU E 281 -9.59 41.49 -23.07
N TYR E 282 -10.62 40.66 -22.83
CA TYR E 282 -10.58 39.29 -23.35
C TYR E 282 -10.57 39.26 -24.87
N THR E 283 -11.35 40.14 -25.50
CA THR E 283 -11.36 40.16 -26.96
C THR E 283 -10.03 40.63 -27.54
N VAL E 284 -9.35 41.58 -26.88
CA VAL E 284 -8.03 41.97 -27.35
C VAL E 284 -7.04 40.82 -27.18
N TYR E 285 -7.17 40.07 -26.08
CA TYR E 285 -6.35 38.87 -25.94
C TYR E 285 -6.56 37.90 -27.08
N LEU E 286 -7.82 37.63 -27.45
CA LEU E 286 -8.07 36.72 -28.55
C LEU E 286 -7.57 37.27 -29.87
N THR E 287 -7.69 38.58 -30.09
CA THR E 287 -7.16 39.17 -31.31
C THR E 287 -5.66 38.95 -31.43
N TRP E 288 -4.92 39.19 -30.34
CA TRP E 288 -3.48 38.97 -30.36
C TRP E 288 -3.14 37.50 -30.58
N SER E 289 -3.82 36.60 -29.85
CA SER E 289 -3.52 35.18 -30.00
C SER E 289 -3.87 34.66 -31.38
N ALA E 290 -4.86 35.26 -32.04
CA ALA E 290 -5.22 34.82 -33.38
C ALA E 290 -4.25 35.35 -34.42
N VAL E 291 -3.84 36.62 -34.28
CA VAL E 291 -2.90 37.17 -35.24
C VAL E 291 -1.52 36.52 -35.09
N ALA E 292 -1.23 35.97 -33.90
CA ALA E 292 0.08 35.35 -33.69
C ALA E 292 0.36 34.20 -34.66
N ASN E 293 -0.68 33.53 -35.18
CA ASN E 293 -0.51 32.35 -36.00
C ASN E 293 -0.65 32.62 -37.50
N ASN E 294 -0.40 33.85 -37.94
CA ASN E 294 -0.49 34.17 -39.36
C ASN E 294 0.57 33.41 -40.15
N PRO E 295 0.19 32.57 -41.11
CA PRO E 295 1.19 31.82 -41.90
C PRO E 295 1.79 32.64 -43.03
N GLU E 296 2.30 33.81 -42.69
CA GLU E 296 2.93 34.70 -43.67
C GLU E 296 4.18 35.31 -43.06
N LYS E 297 5.32 35.03 -43.68
CA LYS E 297 6.59 35.58 -43.21
C LYS E 297 6.83 37.00 -43.69
N GLU E 298 5.91 37.57 -44.47
CA GLU E 298 6.10 38.92 -44.97
C GLU E 298 6.13 39.93 -43.83
N CYS E 299 5.16 39.83 -42.91
CA CYS E 299 5.03 40.78 -41.82
C CYS E 299 5.25 40.17 -40.45
N ASN E 300 4.55 39.07 -40.13
CA ASN E 300 4.57 38.42 -38.82
C ASN E 300 5.98 38.19 -38.30
N PRO E 301 6.39 38.90 -37.25
CA PRO E 301 7.72 38.65 -36.65
C PRO E 301 7.72 37.70 -35.46
N GLY E 302 6.58 37.09 -35.13
CA GLY E 302 6.49 36.31 -33.91
C GLY E 302 7.40 35.10 -33.92
N MET E 303 7.19 34.19 -34.88
CA MET E 303 8.01 33.00 -35.01
C MET E 303 8.84 32.99 -36.28
N PHE E 304 8.27 33.48 -37.39
CA PHE E 304 8.95 33.38 -38.68
C PHE E 304 10.21 34.23 -38.70
N GLY E 305 10.05 35.54 -38.53
CA GLY E 305 11.18 36.47 -38.53
C GLY E 305 11.10 37.45 -37.39
N HIS E 322 15.61 24.79 -36.01
CA HIS E 322 16.63 25.00 -34.99
C HIS E 322 16.68 23.81 -34.02
N THR E 323 16.62 22.61 -34.59
CA THR E 323 16.66 21.30 -33.93
C THR E 323 15.32 20.99 -33.25
N THR E 324 14.44 21.98 -33.08
CA THR E 324 13.11 21.80 -32.53
C THR E 324 12.21 22.92 -33.03
N ARG E 325 10.91 22.80 -32.77
CA ARG E 325 10.00 23.93 -32.99
C ARG E 325 9.00 24.06 -31.85
N VAL E 326 9.22 23.37 -30.75
CA VAL E 326 8.36 23.47 -29.58
C VAL E 326 8.78 24.68 -28.76
N THR E 327 7.85 25.59 -28.51
CA THR E 327 8.12 26.81 -27.79
C THR E 327 7.08 27.00 -26.70
N PHE E 328 7.44 27.82 -25.71
CA PHE E 328 6.56 28.10 -24.58
C PHE E 328 6.82 29.53 -24.13
N ASP E 329 5.83 30.40 -24.31
CA ASP E 329 6.03 31.83 -24.07
C ASP E 329 5.03 32.38 -23.07
N THR E 330 4.96 33.71 -22.94
CA THR E 330 4.01 34.31 -22.02
C THR E 330 2.57 34.13 -22.47
N THR E 331 2.36 33.96 -23.79
CA THR E 331 1.02 33.74 -24.31
C THR E 331 0.39 32.50 -23.68
N ASN E 332 1.12 31.38 -23.70
CA ASN E 332 0.59 30.15 -23.15
C ASN E 332 0.36 30.26 -21.64
N ILE E 333 1.19 31.01 -20.94
CA ILE E 333 1.00 31.16 -19.50
C ILE E 333 -0.28 31.94 -19.21
N ILE E 334 -0.50 33.05 -19.91
CA ILE E 334 -1.73 33.80 -19.73
C ILE E 334 -2.94 32.94 -20.07
N GLY E 335 -2.85 32.17 -21.15
CA GLY E 335 -3.94 31.28 -21.52
C GLY E 335 -4.27 30.29 -20.43
N LEU E 336 -3.25 29.64 -19.88
CA LEU E 336 -3.48 28.64 -18.83
C LEU E 336 -4.05 29.29 -17.57
N VAL E 337 -3.60 30.50 -17.24
CA VAL E 337 -4.12 31.15 -16.03
C VAL E 337 -5.59 31.48 -16.20
N VAL E 338 -5.98 32.08 -17.32
CA VAL E 338 -7.39 32.37 -17.57
C VAL E 338 -8.21 31.09 -17.56
N TRP E 339 -7.68 30.03 -18.17
CA TRP E 339 -8.33 28.73 -18.16
C TRP E 339 -8.60 28.25 -16.73
N LEU E 340 -7.57 28.30 -15.88
CA LEU E 340 -7.73 27.81 -14.52
C LEU E 340 -8.73 28.64 -13.73
N LEU E 341 -8.70 29.96 -13.90
CA LEU E 341 -9.67 30.80 -13.19
C LEU E 341 -11.09 30.47 -13.61
N CYS E 342 -11.32 30.27 -14.91
CA CYS E 342 -12.66 29.95 -15.36
C CYS E 342 -13.10 28.58 -14.85
N ILE E 343 -12.19 27.60 -14.84
CA ILE E 343 -12.56 26.28 -14.36
C ILE E 343 -12.88 26.30 -12.87
N LEU E 344 -12.15 27.10 -12.09
CA LEU E 344 -12.44 27.16 -10.66
C LEU E 344 -13.73 27.92 -10.38
N TYR E 345 -14.03 28.97 -11.14
CA TYR E 345 -15.29 29.67 -10.92
C TYR E 345 -16.47 28.85 -11.41
N ASN E 346 -16.26 27.91 -12.33
CA ASN E 346 -17.34 27.03 -12.74
C ASN E 346 -17.75 26.09 -11.61
N CYS E 347 -16.82 25.70 -10.75
CA CYS E 347 -17.09 24.68 -9.74
C CYS E 347 -17.58 25.26 -8.41
N ILE E 348 -17.53 26.58 -8.24
CA ILE E 348 -17.88 27.20 -6.95
C ILE E 348 -19.40 27.42 -6.97
N SER E 349 -20.13 26.36 -6.60
CA SER E 349 -21.58 26.37 -6.42
C SER E 349 -22.31 27.14 -7.52
N SER E 350 -21.89 26.94 -8.77
CA SER E 350 -22.42 27.72 -9.87
C SER E 350 -22.83 26.81 -11.02
N ALA E 351 -23.72 27.31 -11.86
CA ALA E 351 -24.22 26.59 -13.02
C ALA E 351 -24.22 27.51 -14.24
N VAL E 352 -23.09 28.19 -14.46
CA VAL E 352 -22.97 29.17 -15.53
C VAL E 352 -22.63 28.43 -16.82
N GLU E 353 -22.47 27.12 -16.71
CA GLU E 353 -22.21 26.23 -17.83
C GLU E 353 -23.04 26.55 -19.08
N THR E 390 -32.46 14.95 -1.69
CA THR E 390 -33.84 15.28 -1.97
C THR E 390 -34.11 15.33 -3.47
N GLU E 391 -35.34 15.67 -3.84
CA GLU E 391 -35.71 15.73 -5.25
C GLU E 391 -34.96 16.85 -5.95
N GLY E 392 -34.74 16.67 -7.25
CA GLY E 392 -34.09 17.68 -8.06
C GLY E 392 -32.59 17.71 -7.88
N VAL E 393 -31.87 18.12 -8.92
CA VAL E 393 -30.43 18.24 -8.89
C VAL E 393 -30.06 19.63 -9.38
N THR E 394 -29.07 20.25 -8.72
CA THR E 394 -28.72 21.63 -9.04
C THR E 394 -28.14 21.74 -10.44
N TYR E 395 -27.15 20.92 -10.77
CA TYR E 395 -26.47 20.98 -12.06
C TYR E 395 -26.67 19.67 -12.80
N SER E 396 -26.88 19.77 -14.11
CA SER E 396 -27.06 18.57 -14.91
C SER E 396 -25.75 17.79 -14.96
N TRP E 397 -25.80 16.50 -14.60
CA TRP E 397 -24.59 15.72 -14.44
C TRP E 397 -23.90 15.42 -15.77
N SER E 398 -24.58 15.59 -16.89
CA SER E 398 -23.94 15.30 -18.17
C SER E 398 -23.31 16.53 -18.80
N MET E 399 -23.97 17.69 -18.70
CA MET E 399 -23.42 18.90 -19.29
C MET E 399 -22.09 19.28 -18.65
N PHE E 400 -21.94 18.99 -17.35
CA PHE E 400 -20.69 19.26 -16.67
C PHE E 400 -19.53 18.48 -17.30
N HIS E 401 -19.74 17.18 -17.54
CA HIS E 401 -18.68 16.38 -18.14
C HIS E 401 -18.44 16.78 -19.59
N LEU E 402 -19.49 17.17 -20.31
CA LEU E 402 -19.25 17.68 -21.67
C LEU E 402 -18.38 18.94 -21.64
N VAL E 403 -18.63 19.83 -20.69
CA VAL E 403 -17.79 21.03 -20.57
C VAL E 403 -16.36 20.64 -20.25
N PHE E 404 -16.15 19.62 -19.42
CA PHE E 404 -14.77 19.21 -19.16
C PHE E 404 -14.11 18.57 -20.38
N VAL E 405 -14.87 17.86 -21.21
CA VAL E 405 -14.31 17.35 -22.45
C VAL E 405 -13.82 18.51 -23.32
N CYS E 406 -14.65 19.53 -23.47
CA CYS E 406 -14.25 20.72 -24.23
C CYS E 406 -13.02 21.38 -23.62
N ALA E 407 -12.95 21.43 -22.29
CA ALA E 407 -11.81 22.05 -21.63
C ALA E 407 -10.52 21.29 -21.88
N SER E 408 -10.59 19.95 -21.80
CA SER E 408 -9.41 19.14 -22.07
C SER E 408 -8.93 19.32 -23.51
N LEU E 409 -9.86 19.40 -24.47
CA LEU E 409 -9.45 19.64 -25.85
C LEU E 409 -8.82 21.03 -26.00
N TYR E 410 -9.37 22.03 -25.31
CA TYR E 410 -8.78 23.36 -25.38
C TYR E 410 -7.36 23.37 -24.84
N VAL E 411 -7.11 22.64 -23.75
CA VAL E 411 -5.76 22.54 -23.22
C VAL E 411 -4.85 21.84 -24.23
N MET E 412 -5.33 20.74 -24.81
CA MET E 412 -4.60 20.07 -25.88
C MET E 412 -4.14 21.06 -26.95
N MET E 413 -5.03 21.96 -27.35
CA MET E 413 -4.69 22.87 -28.43
C MET E 413 -3.76 23.99 -27.96
N THR E 414 -3.96 24.51 -26.75
CA THR E 414 -3.19 25.67 -26.34
C THR E 414 -1.80 25.30 -25.84
N LEU E 415 -1.59 24.06 -25.38
CA LEU E 415 -0.23 23.64 -25.03
C LEU E 415 0.63 23.37 -26.25
N THR E 416 0.04 23.16 -27.42
CA THR E 416 0.77 22.90 -28.64
C THR E 416 0.73 24.07 -29.61
N ASN E 417 0.26 25.24 -29.14
CA ASN E 417 0.29 26.48 -29.92
C ASN E 417 -0.40 26.34 -31.27
N TRP E 418 -1.39 25.44 -31.37
CA TRP E 418 -2.33 25.46 -32.47
C TRP E 418 -1.66 25.19 -33.82
N TYR E 419 -0.71 24.27 -33.84
CA TYR E 419 0.09 24.06 -35.04
C TYR E 419 -0.56 22.98 -35.92
N LYS E 420 -0.05 22.86 -37.14
CA LYS E 420 -0.58 21.89 -38.10
C LYS E 420 0.35 20.69 -38.19
N PRO E 421 -0.11 19.49 -37.83
CA PRO E 421 0.77 18.32 -37.90
C PRO E 421 1.22 18.03 -39.32
N HIS E 422 2.38 17.36 -39.42
CA HIS E 422 2.91 16.87 -40.68
C HIS E 422 3.15 18.00 -41.68
N SER E 423 3.60 19.15 -41.17
CA SER E 423 3.97 20.28 -42.02
C SER E 423 5.47 20.51 -41.94
N GLU E 424 6.05 20.97 -43.04
CA GLU E 424 7.50 21.17 -43.10
C GLU E 424 7.95 22.24 -42.11
N ILE E 425 9.19 22.13 -41.65
CA ILE E 425 9.68 22.97 -40.58
C ILE E 425 9.75 24.44 -40.99
N GLU E 426 9.88 24.75 -42.28
CA GLU E 426 9.91 26.15 -42.70
C GLU E 426 8.61 26.85 -42.37
N LEU E 427 7.48 26.13 -42.41
CA LEU E 427 6.21 26.73 -42.01
C LEU E 427 6.24 27.10 -40.53
N PHE E 428 6.86 26.26 -39.70
CA PHE E 428 7.30 26.62 -38.36
C PHE E 428 6.19 27.18 -37.48
N ASN E 429 5.27 26.33 -37.03
CA ASN E 429 4.37 26.60 -35.92
C ASN E 429 3.26 27.58 -36.30
N GLY E 430 2.91 27.70 -37.57
CA GLY E 430 1.79 28.54 -37.95
C GLY E 430 0.92 27.92 -39.01
N ASN E 431 -0.38 27.84 -38.77
CA ASN E 431 -1.34 27.35 -39.75
C ASN E 431 -2.38 28.43 -40.01
N GLU E 432 -3.18 28.21 -41.05
CA GLU E 432 -4.18 29.18 -41.46
C GLU E 432 -5.57 28.87 -40.93
N ALA E 433 -5.84 27.62 -40.58
CA ALA E 433 -7.17 27.22 -40.15
C ALA E 433 -7.46 27.56 -38.69
N SER E 434 -6.45 27.98 -37.92
CA SER E 434 -6.66 28.32 -36.52
C SER E 434 -7.00 29.78 -36.32
N MET E 435 -6.38 30.67 -37.09
CA MET E 435 -6.63 32.10 -36.92
C MET E 435 -8.09 32.44 -37.22
N TRP E 436 -8.66 31.82 -38.26
CA TRP E 436 -10.05 32.09 -38.58
C TRP E 436 -10.98 31.59 -37.49
N VAL E 437 -10.71 30.41 -36.93
CA VAL E 437 -11.55 29.90 -35.86
C VAL E 437 -11.49 30.82 -34.64
N LYS E 438 -10.29 31.22 -34.25
CA LYS E 438 -10.17 32.12 -33.10
C LYS E 438 -10.90 33.43 -33.33
N ILE E 439 -10.75 34.03 -34.51
CA ILE E 439 -11.32 35.36 -34.69
C ILE E 439 -12.84 35.29 -34.87
N VAL E 440 -13.34 34.24 -35.52
CA VAL E 440 -14.79 34.05 -35.59
C VAL E 440 -15.36 33.81 -34.19
N SER E 441 -14.61 33.11 -33.34
CA SER E 441 -15.04 32.94 -31.96
C SER E 441 -15.12 34.28 -31.25
N SER E 442 -14.12 35.14 -31.44
CA SER E 442 -14.13 36.46 -30.83
C SER E 442 -15.34 37.27 -31.28
N TRP E 443 -15.61 37.27 -32.58
CA TRP E 443 -16.74 38.04 -33.10
C TRP E 443 -18.07 37.51 -32.57
N LEU E 444 -18.25 36.18 -32.58
CA LEU E 444 -19.48 35.62 -32.04
C LEU E 444 -19.64 35.93 -30.56
N GLY E 445 -18.53 35.99 -29.82
CA GLY E 445 -18.62 36.33 -28.41
C GLY E 445 -19.05 37.76 -28.18
N VAL E 446 -18.45 38.70 -28.92
CA VAL E 446 -18.88 40.09 -28.84
C VAL E 446 -20.35 40.21 -29.19
N PHE E 447 -20.79 39.48 -30.22
CA PHE E 447 -22.21 39.50 -30.56
C PHE E 447 -23.08 38.96 -29.44
N ILE E 448 -22.67 37.86 -28.81
CA ILE E 448 -23.44 37.27 -27.73
C ILE E 448 -23.62 38.27 -26.60
N TYR E 449 -22.52 38.90 -26.18
CA TYR E 449 -22.64 39.86 -25.08
C TYR E 449 -23.49 41.05 -25.47
N GLY E 450 -23.20 41.67 -26.62
CA GLY E 450 -23.96 42.84 -27.04
C GLY E 450 -25.43 42.56 -27.19
N TRP E 451 -25.77 41.33 -27.58
CA TRP E 451 -27.18 40.95 -27.71
C TRP E 451 -27.81 40.74 -26.35
N SER E 452 -27.19 39.91 -25.50
CA SER E 452 -27.77 39.61 -24.20
C SER E 452 -27.92 40.87 -23.34
N LEU E 453 -27.10 41.88 -23.58
CA LEU E 453 -27.19 43.10 -22.78
C LEU E 453 -28.33 44.00 -23.27
N ALA E 454 -28.54 44.06 -24.58
CA ALA E 454 -29.48 45.01 -25.17
C ALA E 454 -30.37 44.33 -26.21
N ALA E 455 -30.93 43.18 -25.87
CA ALA E 455 -31.85 42.50 -26.78
C ALA E 455 -33.25 43.14 -26.76
N PRO E 456 -33.90 43.28 -25.60
CA PRO E 456 -35.29 43.77 -25.63
C PRO E 456 -35.42 45.21 -26.08
N ILE E 457 -34.40 46.04 -25.82
CA ILE E 457 -34.45 47.44 -26.27
C ILE E 457 -34.50 47.49 -27.80
N VAL E 458 -33.68 46.68 -28.46
CA VAL E 458 -33.70 46.66 -29.92
C VAL E 458 -34.95 45.96 -30.43
N LEU E 459 -35.45 44.96 -29.70
CA LEU E 459 -36.67 44.28 -30.14
C LEU E 459 -37.88 45.19 -30.09
N THR E 460 -37.94 46.07 -29.09
CA THR E 460 -39.09 46.97 -28.97
C THR E 460 -38.89 48.23 -29.81
N ASN E 461 -37.79 48.94 -29.60
CA ASN E 461 -37.51 50.16 -30.35
C ASN E 461 -36.04 50.30 -30.69
N PRO F 30 -15.83 18.52 17.46
CA PRO F 30 -16.41 18.16 16.15
C PRO F 30 -15.78 18.95 14.99
N SER F 31 -16.33 20.12 14.70
CA SER F 31 -15.83 20.93 13.59
C SER F 31 -14.54 21.67 13.96
N CYS F 32 -14.53 22.29 15.14
CA CYS F 32 -13.43 23.17 15.51
C CYS F 32 -12.12 22.41 15.68
N THR F 33 -12.17 21.26 16.36
CA THR F 33 -10.95 20.49 16.56
C THR F 33 -10.40 19.98 15.24
N ASN F 34 -11.26 19.60 14.30
CA ASN F 34 -10.77 19.14 13.01
C ASN F 34 -10.19 20.31 12.22
N ALA F 35 -10.79 21.50 12.35
CA ALA F 35 -10.24 22.69 11.69
C ALA F 35 -8.86 23.03 12.22
N SER F 36 -8.66 22.96 13.54
CA SER F 36 -7.35 23.25 14.09
C SER F 36 -6.33 22.17 13.70
N SER F 37 -6.76 20.90 13.67
CA SER F 37 -5.88 19.87 13.17
C SER F 37 -5.48 20.14 11.73
N SER F 38 -6.38 20.71 10.93
CA SER F 38 -6.03 21.08 9.56
C SER F 38 -5.01 22.22 9.54
N ARG F 39 -5.20 23.22 10.41
CA ARG F 39 -4.24 24.31 10.50
C ARG F 39 -2.85 23.78 10.85
N PHE F 40 -2.76 22.73 11.65
CA PHE F 40 -1.45 22.16 11.93
C PHE F 40 -0.95 21.26 10.81
N MET F 41 -1.85 20.58 10.10
CA MET F 41 -1.42 19.74 8.99
C MET F 41 -0.80 20.56 7.87
N TYR F 42 -1.34 21.77 7.63
CA TYR F 42 -0.73 22.63 6.63
C TYR F 42 0.68 23.05 7.04
N ALA F 43 0.88 23.33 8.33
CA ALA F 43 2.22 23.64 8.81
C ALA F 43 3.16 22.46 8.62
N PHE F 44 2.67 21.24 8.86
CA PHE F 44 3.49 20.06 8.60
C PHE F 44 3.83 19.93 7.12
N ILE F 45 2.90 20.27 6.23
CA ILE F 45 3.20 20.24 4.80
C ILE F 45 4.33 21.21 4.48
N LEU F 46 4.21 22.44 4.96
CA LEU F 46 5.24 23.44 4.67
C LEU F 46 6.59 23.01 5.25
N LEU F 47 6.57 22.39 6.43
CA LEU F 47 7.81 21.93 7.04
C LEU F 47 8.47 20.83 6.22
N VAL F 48 7.68 19.84 5.78
CA VAL F 48 8.24 18.76 4.98
C VAL F 48 8.80 19.31 3.67
N GLY F 49 8.11 20.26 3.07
CA GLY F 49 8.61 20.87 1.84
C GLY F 49 9.92 21.59 2.05
N THR F 50 10.03 22.36 3.13
CA THR F 50 11.28 23.06 3.42
C THR F 50 12.42 22.10 3.69
N VAL F 51 12.16 21.05 4.48
CA VAL F 51 13.20 20.07 4.79
C VAL F 51 13.67 19.37 3.51
N LEU F 52 12.73 19.02 2.64
CA LEU F 52 13.11 18.38 1.38
C LEU F 52 13.88 19.34 0.47
N GLY F 53 13.53 20.62 0.50
CA GLY F 53 14.25 21.58 -0.32
C GLY F 53 15.67 21.82 0.18
N ALA F 54 15.87 21.76 1.50
CA ALA F 54 17.17 22.07 2.06
C ALA F 54 18.13 20.89 2.08
N ILE F 55 17.65 19.66 1.82
CA ILE F 55 18.58 18.53 1.70
C ILE F 55 19.52 18.74 0.52
N ALA F 56 19.12 19.55 -0.45
CA ALA F 56 20.01 19.93 -1.53
C ALA F 56 21.04 20.90 -0.99
N LEU F 57 21.86 21.46 -1.88
CA LEU F 57 22.93 22.41 -1.55
C LEU F 57 23.89 21.86 -0.49
N SER F 58 23.93 20.54 -0.30
CA SER F 58 24.98 19.96 0.52
C SER F 58 26.32 20.09 -0.21
N PRO F 59 27.43 20.16 0.51
CA PRO F 59 28.68 20.59 -0.13
C PRO F 59 29.17 19.67 -1.22
N GLY F 60 29.12 18.36 -1.00
CA GLY F 60 29.57 17.45 -2.04
C GLY F 60 28.64 16.28 -2.22
N LEU F 61 27.62 16.18 -1.36
CA LEU F 61 26.77 15.01 -1.39
C LEU F 61 25.75 15.07 -2.51
N GLN F 62 25.46 16.28 -3.00
CA GLN F 62 24.46 16.46 -4.05
C GLN F 62 24.94 17.34 -5.21
N ASP F 63 25.99 18.13 -5.03
CA ASP F 63 26.40 19.05 -6.10
C ASP F 63 26.87 18.32 -7.34
N THR F 64 27.20 17.04 -7.24
CA THR F 64 27.50 16.28 -8.46
C THR F 64 26.25 15.58 -8.99
N LEU F 65 25.35 15.16 -8.10
CA LEU F 65 24.09 14.57 -8.55
C LEU F 65 23.19 15.61 -9.21
N LYS F 66 23.28 16.87 -8.75
CA LYS F 66 22.44 17.92 -9.31
C LYS F 66 22.81 18.30 -10.74
N LYS F 67 23.81 17.65 -11.35
CA LYS F 67 24.16 17.99 -12.72
C LYS F 67 23.20 17.37 -13.75
N MET F 68 22.56 16.25 -13.43
CA MET F 68 21.62 15.65 -14.38
C MET F 68 20.29 16.41 -14.48
N PRO F 69 19.59 16.69 -13.36
CA PRO F 69 18.13 16.97 -13.45
C PRO F 69 17.66 18.10 -14.37
N PHE F 70 18.30 19.27 -14.40
CA PHE F 70 17.71 20.43 -15.06
C PHE F 70 18.70 21.31 -15.83
N CYS F 71 19.96 20.92 -15.94
CA CYS F 71 20.91 21.62 -16.80
C CYS F 71 21.18 20.92 -18.12
N ILE F 72 20.41 19.87 -18.45
CA ILE F 72 20.57 19.23 -19.76
C ILE F 72 20.23 20.19 -20.89
N ASN F 73 19.45 21.23 -20.61
CA ASN F 73 19.21 22.29 -21.59
C ASN F 73 20.52 22.85 -22.13
N SER F 74 21.48 23.10 -21.26
CA SER F 74 22.77 23.63 -21.68
C SER F 74 23.74 22.50 -22.00
N SER F 90 26.44 34.40 -19.15
CA SER F 90 26.30 34.51 -17.71
C SER F 90 25.40 33.40 -17.15
N LEU F 91 24.84 32.61 -18.07
CA LEU F 91 24.03 31.47 -17.65
C LEU F 91 24.90 30.30 -17.22
N GLN F 92 26.01 30.09 -17.95
CA GLN F 92 26.85 28.94 -17.70
C GLN F 92 27.50 29.01 -16.31
N VAL F 93 27.84 30.20 -15.84
CA VAL F 93 28.44 30.30 -14.51
C VAL F 93 27.43 29.90 -13.44
N ASP F 94 26.15 30.20 -13.66
CA ASP F 94 25.14 29.84 -12.66
C ASP F 94 24.85 28.36 -12.69
N CYS F 95 24.80 27.76 -13.88
CA CYS F 95 24.61 26.31 -13.94
C CYS F 95 25.85 25.55 -13.45
N GLU F 96 27.03 26.15 -13.53
CA GLU F 96 28.25 25.44 -13.18
C GLU F 96 28.60 25.58 -11.70
N TYR F 97 28.25 26.71 -11.09
CA TYR F 97 28.71 27.01 -9.73
C TYR F 97 27.63 26.82 -8.67
N ALA F 98 26.45 27.40 -8.86
CA ALA F 98 25.39 27.35 -7.87
C ALA F 98 24.25 26.46 -8.37
N LEU F 99 24.29 25.18 -8.00
CA LEU F 99 23.21 24.25 -8.34
C LEU F 99 22.16 24.14 -7.24
N GLY F 100 22.59 24.16 -5.98
CA GLY F 100 21.64 24.06 -4.88
C GLY F 100 20.65 25.20 -4.89
N TYR F 101 21.09 26.40 -5.28
CA TYR F 101 20.20 27.54 -5.34
C TYR F 101 19.08 27.33 -6.35
N MET F 102 19.43 26.87 -7.55
CA MET F 102 18.40 26.58 -8.56
C MET F 102 17.46 25.48 -8.09
N ALA F 103 18.02 24.44 -7.45
CA ALA F 103 17.15 23.37 -6.96
C ALA F 103 16.16 23.90 -5.93
N VAL F 104 16.62 24.79 -5.06
CA VAL F 104 15.73 25.37 -4.05
C VAL F 104 14.64 26.22 -4.70
N TYR F 105 15.01 27.03 -5.70
CA TYR F 105 14.00 27.76 -6.45
C TYR F 105 12.93 26.84 -7.02
N ARG F 106 13.36 25.82 -7.77
CA ARG F 106 12.38 24.93 -8.40
C ARG F 106 11.55 24.19 -7.38
N VAL F 107 12.08 23.89 -6.20
CA VAL F 107 11.30 23.19 -5.19
C VAL F 107 10.25 24.11 -4.58
N CYS F 108 10.67 25.31 -4.15
CA CYS F 108 9.74 26.19 -3.46
C CYS F 108 8.68 26.81 -4.38
N PHE F 109 8.96 26.89 -5.69
CA PHE F 109 7.92 27.35 -6.61
C PHE F 109 6.68 26.45 -6.53
N GLY F 110 6.88 25.15 -6.36
CA GLY F 110 5.75 24.23 -6.29
C GLY F 110 4.86 24.50 -5.09
N MET F 111 5.46 24.70 -3.92
CA MET F 111 4.66 24.99 -2.74
C MET F 111 3.97 26.34 -2.84
N ALA F 112 4.65 27.33 -3.41
CA ALA F 112 4.01 28.63 -3.63
C ALA F 112 2.75 28.46 -4.49
N CYS F 113 2.87 27.70 -5.59
CA CYS F 113 1.71 27.48 -6.45
C CYS F 113 0.61 26.72 -5.73
N PHE F 114 0.97 25.67 -4.97
CA PHE F 114 -0.05 24.89 -4.28
C PHE F 114 -0.84 25.75 -3.30
N PHE F 115 -0.16 26.53 -2.47
CA PHE F 115 -0.88 27.32 -1.48
C PHE F 115 -1.62 28.49 -2.11
N ALA F 116 -1.12 29.04 -3.23
CA ALA F 116 -1.91 30.05 -3.94
C ALA F 116 -3.20 29.45 -4.48
N LEU F 117 -3.13 28.23 -5.01
CA LEU F 117 -4.33 27.57 -5.51
C LEU F 117 -5.33 27.31 -4.39
N MET F 118 -4.85 26.79 -3.26
CA MET F 118 -5.75 26.56 -2.13
C MET F 118 -6.35 27.86 -1.62
N SER F 119 -5.61 28.97 -1.74
CA SER F 119 -6.18 30.27 -1.39
C SER F 119 -7.29 30.66 -2.37
N LEU F 120 -7.09 30.38 -3.65
CA LEU F 120 -8.10 30.76 -4.64
C LEU F 120 -9.38 29.94 -4.45
N ILE F 121 -9.26 28.67 -4.08
CA ILE F 121 -10.47 27.86 -3.88
C ILE F 121 -11.29 28.38 -2.71
N MET F 122 -10.66 28.54 -1.54
CA MET F 122 -11.36 28.86 -0.30
C MET F 122 -11.66 30.35 -0.20
N LEU F 123 -12.29 30.88 -1.23
CA LEU F 123 -12.51 32.32 -1.35
C LEU F 123 -13.99 32.61 -1.20
N GLY F 124 -14.32 33.53 -0.30
CA GLY F 124 -15.69 33.94 -0.08
C GLY F 124 -16.45 33.15 0.96
N VAL F 125 -15.80 32.17 1.62
CA VAL F 125 -16.50 31.33 2.58
C VAL F 125 -16.96 32.15 3.77
N LYS F 126 -18.14 31.84 4.28
CA LYS F 126 -18.74 32.56 5.40
C LYS F 126 -18.88 31.70 6.65
N SER F 127 -19.49 30.53 6.54
CA SER F 127 -19.76 29.68 7.68
C SER F 127 -19.11 28.30 7.48
N SER F 128 -19.14 27.50 8.54
CA SER F 128 -18.60 26.16 8.50
C SER F 128 -19.54 25.16 7.85
N ARG F 129 -20.71 25.60 7.36
CA ARG F 129 -21.67 24.70 6.74
C ARG F 129 -21.54 24.65 5.22
N ASP F 130 -20.66 25.45 4.63
CA ASP F 130 -20.48 25.42 3.19
C ASP F 130 -19.89 24.08 2.75
N PRO F 131 -20.23 23.62 1.55
CA PRO F 131 -19.71 22.32 1.07
C PRO F 131 -18.21 22.32 0.88
N ARG F 132 -17.56 23.47 0.76
CA ARG F 132 -16.12 23.53 0.60
C ARG F 132 -15.38 23.26 1.91
N SER F 133 -16.06 23.34 3.04
CA SER F 133 -15.41 22.99 4.30
C SER F 133 -15.05 21.50 4.34
N HIS F 134 -15.75 20.69 3.55
CA HIS F 134 -15.51 19.25 3.57
C HIS F 134 -14.21 18.88 2.88
N ILE F 135 -13.74 19.70 1.95
CA ILE F 135 -12.51 19.38 1.22
C ILE F 135 -11.27 19.94 1.91
N GLN F 136 -11.42 20.86 2.85
CA GLN F 136 -10.28 21.44 3.55
C GLN F 136 -9.84 20.60 4.74
N ASN F 137 -10.59 19.58 5.12
CA ASN F 137 -10.33 18.92 6.39
C ASN F 137 -10.11 17.42 6.24
N ASN F 138 -10.56 16.83 5.14
CA ASN F 138 -10.60 15.38 5.01
C ASN F 138 -9.46 14.83 4.15
N PHE F 139 -9.36 15.27 2.90
CA PHE F 139 -8.52 14.59 1.91
C PHE F 139 -7.06 15.00 2.02
N TRP F 140 -6.32 14.38 2.93
CA TRP F 140 -4.92 14.75 3.17
C TRP F 140 -3.93 14.11 2.19
N PRO F 141 -3.99 12.79 1.94
CA PRO F 141 -2.98 12.20 1.03
C PRO F 141 -3.00 12.81 -0.35
N LEU F 142 -4.20 13.14 -0.86
CA LEU F 142 -4.28 13.84 -2.14
C LEU F 142 -3.53 15.15 -2.09
N LYS F 143 -3.66 15.90 -0.99
CA LYS F 143 -2.97 17.18 -0.88
C LYS F 143 -1.46 17.00 -0.84
N PHE F 144 -0.98 16.03 -0.05
CA PHE F 144 0.46 15.76 -0.03
C PHE F 144 0.97 15.43 -1.42
N LEU F 145 0.26 14.54 -2.11
CA LEU F 145 0.73 14.10 -3.41
C LEU F 145 0.64 15.21 -4.45
N ILE F 146 -0.37 16.09 -4.34
CA ILE F 146 -0.45 17.21 -5.26
C ILE F 146 0.74 18.16 -5.05
N CYS F 147 0.99 18.49 -3.79
CA CYS F 147 2.10 19.44 -3.45
C CYS F 147 3.43 18.90 -3.98
N PHE F 148 3.79 17.67 -3.58
CA PHE F 148 5.07 17.05 -4.02
C PHE F 148 5.06 16.88 -5.54
N GLY F 149 3.93 16.47 -6.11
CA GLY F 149 3.82 16.33 -7.58
C GLY F 149 4.22 17.63 -8.25
N ALA F 150 3.68 18.75 -7.76
CA ALA F 150 3.99 20.08 -8.25
C ALA F 150 5.49 20.36 -8.15
N ALA F 151 6.10 19.98 -7.03
CA ALA F 151 7.55 20.16 -6.88
C ALA F 151 8.31 19.38 -7.95
N ILE F 152 7.96 18.10 -8.12
CA ILE F 152 8.65 17.25 -9.08
C ILE F 152 8.45 17.76 -10.50
N GLY F 153 7.25 18.25 -10.82
CA GLY F 153 7.04 18.83 -12.13
C GLY F 153 7.80 20.12 -12.34
N ALA F 154 7.92 20.94 -11.30
CA ALA F 154 8.60 22.21 -11.44
C ALA F 154 10.11 22.02 -11.58
N ILE F 155 10.65 20.92 -11.07
CA ILE F 155 12.10 20.72 -11.18
C ILE F 155 12.53 20.63 -12.64
N PHE F 156 11.61 20.30 -13.55
CA PHE F 156 11.92 20.22 -14.97
C PHE F 156 11.97 21.57 -15.69
N ILE F 157 11.68 22.67 -15.00
CA ILE F 157 11.68 23.98 -15.65
C ILE F 157 13.12 24.37 -15.97
N PRO F 158 13.44 24.66 -17.23
CA PRO F 158 14.82 24.98 -17.59
C PRO F 158 15.19 26.39 -17.17
N ASP F 159 16.48 26.69 -17.31
CA ASP F 159 17.04 27.96 -16.93
C ASP F 159 17.05 28.92 -18.13
N GLY F 160 17.29 30.20 -17.84
CA GLY F 160 17.48 31.19 -18.88
C GLY F 160 16.67 32.46 -18.68
N SER F 161 15.44 32.33 -18.19
CA SER F 161 14.65 33.50 -17.84
C SER F 161 13.81 33.28 -16.59
N PHE F 162 14.00 32.17 -15.89
CA PHE F 162 13.16 31.87 -14.73
C PHE F 162 13.70 32.50 -13.45
N GLY F 163 15.00 32.78 -13.41
CA GLY F 163 15.64 33.27 -12.21
C GLY F 163 15.15 34.62 -11.73
N PRO F 164 15.44 35.68 -12.49
CA PRO F 164 15.18 37.04 -11.99
C PRO F 164 13.72 37.33 -11.66
N ALA F 165 12.78 36.80 -12.43
CA ALA F 165 11.37 37.00 -12.09
C ALA F 165 11.08 36.47 -10.70
N MET F 166 11.58 35.27 -10.40
CA MET F 166 11.39 34.71 -9.07
C MET F 166 12.18 35.48 -8.02
N MET F 167 13.30 36.09 -8.39
CA MET F 167 13.99 36.94 -7.42
C MET F 167 13.10 38.10 -6.99
N TRP F 168 12.44 38.76 -7.95
CA TRP F 168 11.58 39.88 -7.57
C TRP F 168 10.37 39.42 -6.78
N VAL F 169 9.74 38.32 -7.20
CA VAL F 169 8.61 37.78 -6.43
C VAL F 169 9.05 37.43 -5.01
N GLY F 170 10.25 36.88 -4.87
CA GLY F 170 10.75 36.53 -3.56
C GLY F 170 11.02 37.76 -2.71
N LEU F 171 11.51 38.84 -3.32
CA LEU F 171 11.69 40.08 -2.55
C LEU F 171 10.37 40.57 -2.00
N ILE F 172 9.34 40.61 -2.84
CA ILE F 172 8.03 41.08 -2.36
C ILE F 172 7.51 40.18 -1.25
N GLY F 173 7.56 38.86 -1.46
CA GLY F 173 7.11 37.94 -0.43
C GLY F 173 7.89 38.06 0.87
N GLY F 174 9.20 38.30 0.76
CA GLY F 174 10.01 38.46 1.95
C GLY F 174 9.63 39.70 2.74
N LEU F 175 9.42 40.82 2.05
CA LEU F 175 8.91 42.00 2.74
C LEU F 175 7.63 41.70 3.49
N ALA F 176 6.66 41.09 2.79
CA ALA F 176 5.38 40.80 3.41
C ALA F 176 5.54 39.92 4.65
N PHE F 177 6.32 38.85 4.53
CA PHE F 177 6.40 37.91 5.65
C PHE F 177 7.22 38.48 6.80
N ILE F 178 8.22 39.30 6.53
CA ILE F 178 8.94 39.96 7.62
C ILE F 178 7.97 40.82 8.43
N LEU F 179 7.13 41.60 7.74
CA LEU F 179 6.18 42.42 8.49
C LEU F 179 5.19 41.56 9.27
N VAL F 180 4.73 40.45 8.67
CA VAL F 180 3.79 39.56 9.36
C VAL F 180 4.43 39.02 10.64
N GLN F 181 5.67 38.55 10.55
CA GLN F 181 6.26 37.96 11.75
C GLN F 181 6.59 39.03 12.78
N LEU F 182 6.82 40.28 12.36
CA LEU F 182 6.95 41.34 13.36
C LEU F 182 5.64 41.52 14.14
N VAL F 183 4.52 41.54 13.43
CA VAL F 183 3.23 41.66 14.12
C VAL F 183 3.04 40.49 15.09
N ILE F 184 3.40 39.28 14.67
CA ILE F 184 3.24 38.12 15.54
C ILE F 184 4.11 38.26 16.78
N ILE F 185 5.34 38.73 16.62
CA ILE F 185 6.23 38.90 17.77
C ILE F 185 5.68 39.92 18.74
N VAL F 186 5.14 41.03 18.23
CA VAL F 186 4.59 42.06 19.11
C VAL F 186 3.40 41.50 19.89
N ASP F 187 2.51 40.78 19.21
CA ASP F 187 1.36 40.19 19.90
C ASP F 187 1.80 39.21 20.97
N PHE F 188 2.78 38.35 20.65
CA PHE F 188 3.28 37.41 21.64
C PHE F 188 3.88 38.11 22.84
N ALA F 189 4.62 39.20 22.61
CA ALA F 189 5.22 39.93 23.73
C ALA F 189 4.16 40.52 24.63
N HIS F 190 3.14 41.16 24.03
CA HIS F 190 2.02 41.66 24.84
C HIS F 190 1.40 40.56 25.68
N SER F 191 1.08 39.42 25.04
CA SER F 191 0.42 38.34 25.76
C SER F 191 1.27 37.84 26.92
N LEU F 192 2.56 37.58 26.67
CA LEU F 192 3.43 37.04 27.70
C LEU F 192 3.60 38.02 28.86
N ALA F 193 3.85 39.30 28.56
CA ALA F 193 4.05 40.28 29.62
C ALA F 193 2.80 40.43 30.46
N GLU F 194 1.63 40.54 29.81
CA GLU F 194 0.39 40.65 30.56
C GLU F 194 0.18 39.44 31.45
N ASN F 195 0.40 38.24 30.91
CA ASN F 195 0.13 37.03 31.68
C ASN F 195 1.04 36.96 32.91
N TRP F 196 2.34 37.18 32.72
CA TRP F 196 3.24 37.11 33.87
C TRP F 196 2.95 38.20 34.89
N ILE F 197 2.68 39.43 34.45
CA ILE F 197 2.43 40.50 35.40
C ILE F 197 1.16 40.22 36.19
N GLU F 198 0.11 39.72 35.53
CA GLU F 198 -1.16 39.55 36.24
C GLU F 198 -1.12 38.33 37.16
N SER F 199 -0.47 37.24 36.73
CA SER F 199 -0.55 36.01 37.51
C SER F 199 0.57 35.87 38.53
N ALA F 200 1.71 36.55 38.32
CA ALA F 200 2.91 36.26 39.09
C ALA F 200 3.21 37.27 40.18
N GLU F 201 2.89 38.56 39.96
CA GLU F 201 3.32 39.59 40.89
C GLU F 201 2.76 39.40 42.30
N ASN F 202 1.72 38.58 42.47
CA ASN F 202 1.28 38.21 43.81
C ASN F 202 2.36 37.42 44.55
N SER F 203 3.24 36.75 43.82
CA SER F 203 4.34 35.98 44.37
C SER F 203 5.67 36.55 43.88
N ARG F 204 6.76 35.89 44.25
CA ARG F 204 8.11 36.28 43.86
C ARG F 204 8.75 35.27 42.91
N GLY F 205 7.99 34.29 42.43
CA GLY F 205 8.59 33.22 41.63
C GLY F 205 9.02 33.68 40.25
N TYR F 206 8.13 34.40 39.55
CA TYR F 206 8.37 34.75 38.16
C TYR F 206 8.90 36.16 37.96
N TYR F 207 8.84 37.02 38.98
CA TYR F 207 9.31 38.40 38.81
C TYR F 207 10.79 38.43 38.44
N TYR F 208 11.59 37.56 39.06
CA TYR F 208 13.01 37.49 38.73
C TYR F 208 13.20 37.13 37.26
N ALA F 209 12.46 36.14 36.78
CA ALA F 209 12.54 35.78 35.36
C ALA F 209 12.01 36.90 34.48
N LEU F 210 10.96 37.59 34.94
CA LEU F 210 10.42 38.70 34.18
C LEU F 210 11.44 39.81 33.98
N ALA F 211 12.34 40.00 34.95
CA ALA F 211 13.42 40.97 34.73
C ALA F 211 14.57 40.35 33.95
N GLY F 212 14.84 39.07 34.17
CA GLY F 212 16.01 38.45 33.55
C GLY F 212 15.88 38.31 32.05
N VAL F 213 14.66 38.03 31.56
CA VAL F 213 14.45 37.90 30.12
C VAL F 213 14.81 39.21 29.42
N THR F 214 14.27 40.33 29.92
CA THR F 214 14.54 41.60 29.26
C THR F 214 16.00 42.03 29.44
N LEU F 215 16.61 41.70 30.59
CA LEU F 215 18.03 42.02 30.75
C LEU F 215 18.88 41.25 29.75
N LEU F 216 18.60 39.95 29.58
CA LEU F 216 19.37 39.13 28.67
C LEU F 216 19.18 39.60 27.23
N CYS F 217 17.95 39.96 26.86
CA CYS F 217 17.73 40.43 25.50
C CYS F 217 18.43 41.76 25.24
N TYR F 218 18.41 42.68 26.22
CA TYR F 218 19.15 43.93 26.04
C TYR F 218 20.64 43.68 25.90
N ILE F 219 21.22 42.80 26.71
CA ILE F 219 22.66 42.61 26.63
C ILE F 219 23.04 41.93 25.33
N LEU F 220 22.20 41.01 24.84
CA LEU F 220 22.46 40.43 23.52
C LEU F 220 22.43 41.48 22.42
N SER F 221 21.41 42.35 22.44
CA SER F 221 21.32 43.37 21.41
C SER F 221 22.51 44.33 21.45
N LEU F 222 22.94 44.71 22.66
CA LEU F 222 24.06 45.65 22.77
C LEU F 222 25.37 45.01 22.32
N THR F 223 25.63 43.76 22.74
CA THR F 223 26.83 43.09 22.24
C THR F 223 26.79 42.93 20.72
N GLY F 224 25.61 42.67 20.16
CA GLY F 224 25.49 42.57 18.72
C GLY F 224 25.79 43.88 18.01
N ILE F 225 25.27 44.99 18.54
CA ILE F 225 25.51 46.28 17.89
C ILE F 225 26.99 46.63 17.97
N THR F 226 27.64 46.27 19.08
CA THR F 226 29.08 46.53 19.20
C THR F 226 29.87 45.66 18.23
N LEU F 227 29.48 44.40 18.07
CA LEU F 227 30.17 43.53 17.12
C LEU F 227 30.00 44.06 15.69
N LEU F 228 28.84 44.61 15.37
CA LEU F 228 28.65 45.22 14.05
C LEU F 228 29.61 46.39 13.86
N TYR F 229 29.64 47.31 14.83
CA TYR F 229 30.60 48.41 14.78
C TYR F 229 32.03 47.91 14.58
N ILE F 230 32.39 46.82 15.25
CA ILE F 230 33.77 46.35 15.19
C ILE F 230 34.09 45.77 13.81
N TYR F 231 33.20 44.91 13.29
CA TYR F 231 33.53 44.10 12.14
C TYR F 231 33.08 44.70 10.81
N PHE F 232 31.80 45.07 10.68
CA PHE F 232 31.26 45.40 9.37
C PHE F 232 31.46 46.85 8.97
N THR F 233 32.44 47.54 9.54
CA THR F 233 32.80 48.86 9.05
C THR F 233 34.29 49.09 9.28
N THR F 234 34.87 49.93 8.43
CA THR F 234 36.26 50.32 8.53
C THR F 234 36.36 51.71 9.13
N SER F 235 37.57 52.27 9.12
CA SER F 235 37.77 53.60 9.69
C SER F 235 37.13 54.67 8.81
N THR F 236 37.49 54.69 7.52
CA THR F 236 36.97 55.71 6.61
C THR F 236 36.56 55.15 5.26
N GLY F 237 36.28 53.85 5.16
CA GLY F 237 35.97 53.27 3.87
C GLY F 237 34.50 53.24 3.52
N CYS F 238 33.68 52.65 4.38
CA CYS F 238 32.25 52.55 4.15
C CYS F 238 31.51 53.43 5.15
N GLY F 239 30.75 54.40 4.62
CA GLY F 239 29.98 55.29 5.47
C GLY F 239 28.52 54.87 5.53
N ILE F 240 28.05 54.16 4.51
CA ILE F 240 26.65 53.76 4.48
C ILE F 240 26.33 52.75 5.59
N ASN F 241 27.30 51.92 5.96
CA ASN F 241 27.09 51.00 7.06
C ASN F 241 27.06 51.73 8.40
N LYS F 242 27.98 52.68 8.59
CA LYS F 242 27.95 53.52 9.78
C LYS F 242 26.70 54.38 9.85
N PHE F 243 26.02 54.59 8.71
CA PHE F 243 24.73 55.26 8.70
C PHE F 243 23.60 54.30 9.12
N PHE F 244 23.54 53.14 8.48
CA PHE F 244 22.49 52.18 8.77
C PHE F 244 22.50 51.74 10.24
N ILE F 245 23.66 51.30 10.72
CA ILE F 245 23.76 50.79 12.09
C ILE F 245 23.41 51.88 13.09
N SER F 246 23.93 53.09 12.88
CA SER F 246 23.68 54.17 13.83
C SER F 246 22.21 54.56 13.85
N ILE F 247 21.57 54.65 12.68
CA ILE F 247 20.17 55.07 12.69
C ILE F 247 19.28 53.97 13.26
N ASN F 248 19.64 52.69 13.05
CA ASN F 248 18.88 51.64 13.69
C ASN F 248 19.05 51.67 15.20
N LEU F 249 20.25 52.00 15.68
CA LEU F 249 20.44 52.14 17.13
C LEU F 249 19.62 53.29 17.68
N ILE F 250 19.54 54.40 16.94
CA ILE F 250 18.73 55.53 17.39
C ILE F 250 17.25 55.15 17.49
N PHE F 251 16.73 54.47 16.46
CA PHE F 251 15.35 54.01 16.53
C PHE F 251 15.14 53.03 17.69
N CYS F 252 16.09 52.13 17.90
CA CYS F 252 15.95 51.14 18.96
C CYS F 252 16.05 51.75 20.35
N LEU F 253 16.67 52.93 20.48
CA LEU F 253 16.61 53.61 21.77
C LEU F 253 15.32 54.41 21.93
N ALA F 254 14.91 55.13 20.88
CA ALA F 254 13.70 55.93 20.97
C ALA F 254 12.47 55.06 21.21
N ILE F 255 12.45 53.84 20.68
CA ILE F 255 11.31 52.97 20.87
C ILE F 255 11.16 52.58 22.34
N SER F 256 12.28 52.23 22.99
CA SER F 256 12.20 51.87 24.40
C SER F 256 11.96 53.08 25.27
N VAL F 257 12.37 54.27 24.82
CA VAL F 257 12.05 55.49 25.56
C VAL F 257 10.56 55.76 25.53
N ILE F 258 9.94 55.64 24.35
CA ILE F 258 8.52 55.95 24.25
C ILE F 258 7.68 54.85 24.89
N SER F 259 8.20 53.62 24.95
CA SER F 259 7.42 52.52 25.50
C SER F 259 7.21 52.60 27.02
N ILE F 260 7.87 53.54 27.71
CA ILE F 260 7.86 53.55 29.17
C ILE F 260 7.17 54.78 29.76
N LEU F 261 7.04 55.87 29.01
CA LEU F 261 6.52 57.11 29.58
C LEU F 261 5.10 56.90 30.08
N PRO F 262 4.70 57.59 31.16
CA PRO F 262 3.42 57.25 31.83
C PRO F 262 2.19 57.56 31.00
N ALA F 263 2.26 58.52 30.08
CA ALA F 263 1.07 58.87 29.30
C ALA F 263 0.56 57.70 28.49
N VAL F 264 1.48 56.87 27.97
CA VAL F 264 1.06 55.68 27.25
C VAL F 264 0.58 54.61 28.22
N GLN F 265 1.25 54.45 29.36
CA GLN F 265 0.84 53.45 30.33
C GLN F 265 -0.53 53.76 30.94
N GLU F 266 -1.00 55.01 30.83
CA GLU F 266 -2.30 55.35 31.39
C GLU F 266 -3.42 54.54 30.71
N ARG F 267 -3.30 54.33 29.40
CA ARG F 267 -4.33 53.56 28.69
C ARG F 267 -4.22 52.08 29.01
N LEU F 268 -3.06 51.48 28.78
CA LEU F 268 -2.83 50.08 29.09
C LEU F 268 -1.71 49.97 30.11
N PRO F 269 -1.94 49.28 31.23
CA PRO F 269 -0.94 49.29 32.32
C PRO F 269 0.31 48.48 32.03
N HIS F 270 0.26 47.54 31.08
CA HIS F 270 1.35 46.59 30.86
C HIS F 270 2.25 47.00 29.69
N SER F 271 2.51 48.29 29.53
CA SER F 271 3.41 48.74 28.47
C SER F 271 4.78 48.08 28.60
N GLY F 272 5.33 48.08 29.81
CA GLY F 272 6.52 47.34 30.18
C GLY F 272 7.76 47.60 29.32
N LEU F 273 8.71 46.68 29.46
CA LEU F 273 9.97 46.74 28.73
C LEU F 273 10.23 45.50 27.89
N LEU F 274 9.46 44.43 28.06
CA LEU F 274 9.72 43.21 27.30
C LEU F 274 9.43 43.39 25.82
N GLN F 275 8.30 44.03 25.50
CA GLN F 275 7.93 44.24 24.10
C GLN F 275 9.03 44.97 23.36
N SER F 276 9.44 46.14 23.87
CA SER F 276 10.49 46.91 23.22
C SER F 276 11.79 46.12 23.16
N SER F 277 12.04 45.25 24.15
CA SER F 277 13.27 44.47 24.15
C SER F 277 13.29 43.46 23.01
N LEU F 278 12.21 42.67 22.88
CA LEU F 278 12.18 41.70 21.79
C LEU F 278 12.16 42.39 20.43
N VAL F 279 11.46 43.51 20.32
CA VAL F 279 11.43 44.24 19.06
C VAL F 279 12.82 44.76 18.69
N THR F 280 13.55 45.32 19.67
CA THR F 280 14.88 45.83 19.33
C THR F 280 15.85 44.71 19.01
N LEU F 281 15.71 43.55 19.67
CA LEU F 281 16.54 42.41 19.28
C LEU F 281 16.27 42.00 17.84
N TYR F 282 14.99 41.93 17.46
CA TYR F 282 14.65 41.56 16.09
C TYR F 282 15.16 42.59 15.09
N THR F 283 15.08 43.88 15.43
CA THR F 283 15.58 44.90 14.51
C THR F 283 17.09 44.85 14.37
N VAL F 284 17.81 44.53 15.44
CA VAL F 284 19.26 44.38 15.31
C VAL F 284 19.58 43.16 14.44
N TYR F 285 18.80 42.09 14.58
CA TYR F 285 18.97 40.95 13.68
C TYR F 285 18.80 41.35 12.23
N LEU F 286 17.76 42.12 11.93
CA LEU F 286 17.55 42.53 10.54
C LEU F 286 18.65 43.47 10.07
N THR F 287 19.14 44.35 10.94
CA THR F 287 20.24 45.22 10.56
C THR F 287 21.47 44.41 10.17
N TRP F 288 21.82 43.41 10.97
CA TRP F 288 22.97 42.57 10.65
C TRP F 288 22.74 41.78 9.35
N SER F 289 21.56 41.18 9.20
CA SER F 289 21.30 40.41 7.99
C SER F 289 21.27 41.27 6.75
N ALA F 290 20.89 42.54 6.88
CA ALA F 290 20.87 43.43 5.72
C ALA F 290 22.27 43.91 5.37
N VAL F 291 23.07 44.25 6.38
CA VAL F 291 24.43 44.71 6.10
C VAL F 291 25.28 43.56 5.57
N ALA F 292 24.91 42.31 5.87
CA ALA F 292 25.70 41.17 5.40
C ALA F 292 25.81 41.11 3.88
N ASN F 293 24.84 41.66 3.15
CA ASN F 293 24.80 41.54 1.70
C ASN F 293 25.30 42.78 0.97
N ASN F 294 26.15 43.58 1.59
CA ASN F 294 26.69 44.77 0.94
C ASN F 294 27.56 44.38 -0.24
N PRO F 295 27.24 44.80 -1.47
CA PRO F 295 28.06 44.44 -2.64
C PRO F 295 29.28 45.34 -2.80
N GLU F 296 30.08 45.44 -1.73
CA GLU F 296 31.29 46.25 -1.74
C GLU F 296 32.39 45.48 -1.02
N LYS F 297 33.46 45.18 -1.74
CA LYS F 297 34.59 44.48 -1.15
C LYS F 297 35.53 45.41 -0.39
N GLU F 298 35.24 46.71 -0.37
CA GLU F 298 36.11 47.66 0.32
C GLU F 298 36.15 47.37 1.82
N CYS F 299 34.97 47.18 2.43
CA CYS F 299 34.87 46.99 3.87
C CYS F 299 34.33 45.61 4.25
N ASN F 300 33.19 45.20 3.69
CA ASN F 300 32.49 43.96 4.03
C ASN F 300 33.43 42.75 4.04
N PRO F 301 33.71 42.17 5.21
CA PRO F 301 34.54 40.96 5.28
C PRO F 301 33.74 39.66 5.32
N GLY F 302 32.41 39.71 5.17
CA GLY F 302 31.62 38.50 5.37
C GLY F 302 31.91 37.43 4.34
N MET F 303 31.71 37.74 3.07
CA MET F 303 31.97 36.79 1.99
C MET F 303 33.12 37.24 1.09
N PHE F 304 33.20 38.53 0.81
CA PHE F 304 34.18 39.03 -0.16
C PHE F 304 35.61 38.83 0.36
N GLY F 305 35.93 39.46 1.48
CA GLY F 305 37.25 39.35 2.07
C GLY F 305 37.20 39.11 3.57
N HIS F 322 35.52 29.37 -5.65
CA HIS F 322 36.12 28.24 -4.95
C HIS F 322 35.36 26.95 -5.24
N THR F 323 35.02 26.76 -6.51
CA THR F 323 34.30 25.62 -7.09
C THR F 323 32.81 25.68 -6.76
N THR F 324 32.40 26.53 -5.82
CA THR F 324 31.00 26.74 -5.47
C THR F 324 30.85 28.12 -4.84
N ARG F 325 29.61 28.55 -4.64
CA ARG F 325 29.36 29.75 -3.83
C ARG F 325 28.17 29.55 -2.90
N VAL F 326 27.70 28.32 -2.75
CA VAL F 326 26.61 28.02 -1.84
C VAL F 326 27.17 27.84 -0.43
N THR F 327 26.65 28.62 0.51
CA THR F 327 27.13 28.61 1.88
C THR F 327 25.94 28.49 2.83
N PHE F 328 26.23 28.05 4.04
CA PHE F 328 25.21 27.87 5.06
C PHE F 328 25.84 28.15 6.41
N ASP F 329 25.41 29.22 7.07
CA ASP F 329 26.06 29.68 8.29
C ASP F 329 25.08 29.80 9.45
N THR F 330 25.52 30.42 10.54
CA THR F 330 24.64 30.59 11.70
C THR F 330 23.49 31.55 11.40
N THR F 331 23.69 32.47 10.45
CA THR F 331 22.63 33.41 10.09
C THR F 331 21.40 32.66 9.60
N ASN F 332 21.59 31.74 8.67
CA ASN F 332 20.45 31.00 8.13
C ASN F 332 19.78 30.15 9.20
N ILE F 333 20.55 29.61 10.14
CA ILE F 333 19.95 28.80 11.20
C ILE F 333 19.08 29.64 12.10
N ILE F 334 19.57 30.81 12.52
CA ILE F 334 18.75 31.71 13.33
C ILE F 334 17.50 32.13 12.57
N GLY F 335 17.65 32.43 11.29
CA GLY F 335 16.49 32.80 10.48
C GLY F 335 15.44 31.71 10.45
N LEU F 336 15.86 30.47 10.21
CA LEU F 336 14.91 29.37 10.14
C LEU F 336 14.25 29.12 11.50
N VAL F 337 15.00 29.29 12.59
CA VAL F 337 14.40 29.05 13.90
C VAL F 337 13.33 30.09 14.21
N VAL F 338 13.63 31.37 13.97
CA VAL F 338 12.63 32.41 14.19
C VAL F 338 11.42 32.17 13.29
N TRP F 339 11.66 31.77 12.04
CA TRP F 339 10.58 31.44 11.12
C TRP F 339 9.68 30.36 11.70
N LEU F 340 10.27 29.27 12.18
CA LEU F 340 9.48 28.15 12.69
C LEU F 340 8.69 28.56 13.92
N LEU F 341 9.30 29.33 14.82
CA LEU F 341 8.56 29.77 16.00
C LEU F 341 7.36 30.63 15.62
N CYS F 342 7.54 31.54 14.67
CA CYS F 342 6.42 32.38 14.26
C CYS F 342 5.33 31.55 13.59
N ILE F 343 5.71 30.57 12.77
CA ILE F 343 4.70 29.76 12.09
C ILE F 343 3.93 28.91 13.10
N LEU F 344 4.60 28.40 14.13
CA LEU F 344 3.89 27.60 15.12
C LEU F 344 3.00 28.46 16.00
N TYR F 345 3.43 29.68 16.36
CA TYR F 345 2.55 30.54 17.15
C TYR F 345 1.38 31.05 16.33
N ASN F 346 1.51 31.10 15.01
CA ASN F 346 0.39 31.49 14.18
C ASN F 346 -0.74 30.46 14.22
N CYS F 347 -0.38 29.18 14.37
CA CYS F 347 -1.37 28.11 14.29
C CYS F 347 -2.00 27.74 15.62
N ILE F 348 -1.50 28.27 16.74
CA ILE F 348 -2.00 27.87 18.06
C ILE F 348 -3.20 28.78 18.36
N SER F 349 -4.37 28.37 17.87
CA SER F 349 -5.66 29.00 18.14
C SER F 349 -5.59 30.52 18.09
N SER F 350 -4.88 31.07 17.10
CA SER F 350 -4.65 32.49 17.04
C SER F 350 -4.96 33.03 15.65
N ALA F 351 -5.24 34.32 15.58
CA ALA F 351 -5.55 35.02 14.33
C ALA F 351 -4.77 36.33 14.27
N VAL F 352 -3.46 36.24 14.53
CA VAL F 352 -2.60 37.41 14.58
C VAL F 352 -2.16 37.75 13.17
N GLU F 353 -2.59 36.93 12.21
CA GLU F 353 -2.33 37.11 10.79
C GLU F 353 -2.49 38.55 10.33
N THR F 390 -21.07 25.53 13.52
CA THR F 390 -22.03 26.61 13.73
C THR F 390 -21.72 27.79 12.83
N GLU F 391 -22.51 28.86 12.98
CA GLU F 391 -22.32 30.05 12.16
C GLU F 391 -20.99 30.72 12.50
N GLY F 392 -20.43 31.41 11.51
CA GLY F 392 -19.20 32.14 11.70
C GLY F 392 -17.97 31.26 11.68
N VAL F 393 -16.84 31.81 11.26
CA VAL F 393 -15.57 31.11 11.22
C VAL F 393 -14.53 31.97 11.93
N THR F 394 -13.68 31.33 12.73
CA THR F 394 -12.73 32.06 13.54
C THR F 394 -11.69 32.79 12.68
N TYR F 395 -11.08 32.08 11.74
CA TYR F 395 -10.03 32.64 10.90
C TYR F 395 -10.46 32.60 9.45
N SER F 396 -10.16 33.65 8.70
CA SER F 396 -10.51 33.69 7.29
C SER F 396 -9.69 32.65 6.54
N TRP F 397 -10.37 31.77 5.80
CA TRP F 397 -9.70 30.64 5.18
C TRP F 397 -8.78 31.03 4.03
N SER F 398 -8.90 32.25 3.51
CA SER F 398 -8.04 32.65 2.41
C SER F 398 -6.79 33.39 2.88
N MET F 399 -6.93 34.25 3.89
CA MET F 399 -5.78 34.99 4.39
C MET F 399 -4.72 34.06 4.96
N PHE F 400 -5.15 32.94 5.55
CA PHE F 400 -4.20 31.95 6.07
C PHE F 400 -3.32 31.40 4.95
N HIS F 401 -3.93 31.01 3.84
CA HIS F 401 -3.15 30.47 2.74
C HIS F 401 -2.28 31.54 2.09
N LEU F 402 -2.76 32.78 2.03
CA LEU F 402 -1.89 33.85 1.53
C LEU F 402 -0.67 34.04 2.41
N VAL F 403 -0.85 33.96 3.73
CA VAL F 403 0.29 34.05 4.64
C VAL F 403 1.26 32.90 4.41
N PHE F 404 0.74 31.69 4.15
CA PHE F 404 1.67 30.59 3.85
C PHE F 404 2.39 30.77 2.52
N VAL F 405 1.75 31.37 1.53
CA VAL F 405 2.45 31.68 0.29
C VAL F 405 3.62 32.62 0.57
N CYS F 406 3.36 33.67 1.34
CA CYS F 406 4.45 34.58 1.70
C CYS F 406 5.55 33.87 2.49
N ALA F 407 5.18 32.94 3.37
CA ALA F 407 6.16 32.22 4.16
C ALA F 407 7.03 31.33 3.28
N SER F 408 6.42 30.64 2.32
CA SER F 408 7.19 29.80 1.41
C SER F 408 8.17 30.64 0.59
N LEU F 409 7.73 31.81 0.12
CA LEU F 409 8.65 32.68 -0.61
C LEU F 409 9.79 33.17 0.28
N TYR F 410 9.49 33.49 1.55
CA TYR F 410 10.54 33.91 2.46
C TYR F 410 11.57 32.81 2.67
N VAL F 411 11.12 31.56 2.78
CA VAL F 411 12.05 30.44 2.90
C VAL F 411 12.89 30.31 1.65
N MET F 412 12.25 30.40 0.47
CA MET F 412 12.97 30.43 -0.79
C MET F 412 14.12 31.42 -0.75
N MET F 413 13.85 32.62 -0.25
CA MET F 413 14.89 33.65 -0.28
C MET F 413 15.96 33.42 0.78
N THR F 414 15.57 32.96 1.97
CA THR F 414 16.54 32.85 3.06
C THR F 414 17.42 31.61 2.94
N LEU F 415 16.95 30.56 2.28
CA LEU F 415 17.81 29.40 2.05
C LEU F 415 18.86 29.66 0.98
N THR F 416 18.66 30.66 0.13
CA THR F 416 19.61 30.98 -0.92
C THR F 416 20.37 32.27 -0.64
N ASN F 417 20.28 32.78 0.58
CA ASN F 417 21.06 33.94 1.03
C ASN F 417 20.88 35.16 0.14
N TRP F 418 19.72 35.28 -0.52
CA TRP F 418 19.30 36.54 -1.12
C TRP F 418 20.23 36.98 -2.24
N TYR F 419 20.68 36.03 -3.06
CA TYR F 419 21.68 36.34 -4.06
C TYR F 419 21.01 36.72 -5.39
N LYS F 420 21.80 37.25 -6.31
CA LYS F 420 21.31 37.67 -7.61
C LYS F 420 21.64 36.65 -8.67
N PRO F 421 20.66 36.04 -9.32
CA PRO F 421 20.97 35.02 -10.34
C PRO F 421 21.71 35.62 -11.52
N HIS F 422 22.46 34.75 -12.19
CA HIS F 422 23.16 35.10 -13.44
C HIS F 422 24.15 36.24 -13.22
N SER F 423 24.83 36.25 -12.08
CA SER F 423 25.88 37.21 -11.79
C SER F 423 27.22 36.49 -11.71
N GLU F 424 28.28 37.19 -12.12
CA GLU F 424 29.60 36.58 -12.16
C GLU F 424 30.07 36.22 -10.75
N ILE F 425 30.93 35.20 -10.67
CA ILE F 425 31.31 34.65 -9.38
C ILE F 425 32.10 35.64 -8.53
N GLU F 426 32.77 36.62 -9.14
CA GLU F 426 33.50 37.61 -8.34
C GLU F 426 32.56 38.41 -7.46
N LEU F 427 31.33 38.66 -7.92
CA LEU F 427 30.35 39.33 -7.08
C LEU F 427 30.01 38.49 -5.86
N PHE F 428 29.92 37.17 -6.05
CA PHE F 428 29.97 36.21 -4.95
C PHE F 428 28.95 36.45 -3.84
N ASN F 429 27.68 36.19 -4.13
CA ASN F 429 26.63 36.04 -3.11
C ASN F 429 26.21 37.37 -2.49
N GLY F 430 26.39 38.48 -3.18
CA GLY F 430 25.91 39.75 -2.68
C GLY F 430 25.28 40.61 -3.75
N ASN F 431 24.06 41.08 -3.52
CA ASN F 431 23.40 42.00 -4.43
C ASN F 431 23.02 43.26 -3.67
N GLU F 432 22.62 44.28 -4.42
CA GLU F 432 22.29 45.58 -3.84
C GLU F 432 20.80 45.77 -3.61
N ALA F 433 19.95 45.02 -4.31
CA ALA F 433 18.51 45.21 -4.20
C ALA F 433 17.91 44.53 -2.99
N SER F 434 18.66 43.70 -2.28
CA SER F 434 18.14 43.01 -1.09
C SER F 434 18.37 43.80 0.19
N MET F 435 19.51 44.46 0.32
CA MET F 435 19.81 45.20 1.53
C MET F 435 18.80 46.33 1.74
N TRP F 436 18.43 47.02 0.66
CA TRP F 436 17.45 48.10 0.79
C TRP F 436 16.10 47.57 1.21
N VAL F 437 15.67 46.44 0.64
CA VAL F 437 14.38 45.88 1.01
C VAL F 437 14.38 45.49 2.49
N LYS F 438 15.44 44.79 2.93
CA LYS F 438 15.50 44.40 4.34
C LYS F 438 15.47 45.60 5.27
N ILE F 439 16.25 46.65 4.95
CA ILE F 439 16.35 47.75 5.89
C ILE F 439 15.09 48.62 5.88
N VAL F 440 14.47 48.79 4.71
CA VAL F 440 13.18 49.48 4.67
C VAL F 440 12.13 48.70 5.44
N SER F 441 12.19 47.36 5.37
CA SER F 441 11.29 46.54 6.16
C SER F 441 11.51 46.78 7.66
N SER F 442 12.76 46.84 8.08
CA SER F 442 13.06 47.10 9.49
C SER F 442 12.52 48.44 9.94
N TRP F 443 12.73 49.48 9.12
CA TRP F 443 12.25 50.81 9.49
C TRP F 443 10.73 50.86 9.56
N LEU F 444 10.05 50.29 8.57
CA LEU F 444 8.60 50.27 8.59
C LEU F 444 8.08 49.49 9.80
N GLY F 445 8.79 48.44 10.20
CA GLY F 445 8.36 47.69 11.36
C GLY F 445 8.49 48.47 12.66
N VAL F 446 9.63 49.16 12.84
CA VAL F 446 9.79 50.03 14.00
C VAL F 446 8.70 51.10 14.01
N PHE F 447 8.38 51.66 12.85
CA PHE F 447 7.31 52.64 12.77
C PHE F 447 5.98 52.04 13.17
N ILE F 448 5.66 50.83 12.67
CA ILE F 448 4.39 50.19 13.01
C ILE F 448 4.26 50.01 14.52
N TYR F 449 5.30 49.48 15.15
CA TYR F 449 5.20 49.27 16.60
C TYR F 449 5.09 50.59 17.34
N GLY F 450 5.98 51.54 17.04
CA GLY F 450 5.95 52.81 17.75
C GLY F 450 4.62 53.53 17.57
N TRP F 451 3.97 53.36 16.42
CA TRP F 451 2.68 53.98 16.19
C TRP F 451 1.59 53.26 16.97
N SER F 452 1.50 51.94 16.81
CA SER F 452 0.43 51.18 17.48
C SER F 452 0.51 51.31 19.00
N LEU F 453 1.71 51.57 19.53
CA LEU F 453 1.83 51.69 20.98
C LEU F 453 1.39 53.06 21.46
N ALA F 454 1.68 54.11 20.69
CA ALA F 454 1.46 55.48 21.13
C ALA F 454 0.79 56.32 20.04
N ALA F 455 -0.27 55.78 19.43
CA ALA F 455 -1.01 56.54 18.43
C ALA F 455 -1.94 57.57 19.06
N PRO F 456 -2.84 57.18 19.98
CA PRO F 456 -3.82 58.17 20.46
C PRO F 456 -3.19 59.28 21.29
N ILE F 457 -2.10 59.00 21.99
CA ILE F 457 -1.42 60.04 22.76
C ILE F 457 -0.92 61.15 21.85
N VAL F 458 -0.32 60.78 20.72
CA VAL F 458 0.16 61.78 19.77
C VAL F 458 -1.02 62.42 19.04
N LEU F 459 -2.08 61.66 18.79
CA LEU F 459 -3.24 62.23 18.11
C LEU F 459 -3.92 63.30 18.96
N THR F 460 -3.98 63.10 20.28
CA THR F 460 -4.63 64.06 21.15
C THR F 460 -3.67 65.18 21.56
N ASN F 461 -2.52 64.83 22.13
CA ASN F 461 -1.55 65.82 22.55
C ASN F 461 -0.11 65.37 22.28
O1 LMN G . 2.41 0.46 9.33
CAA LMN G . 12.09 -3.98 7.68
CAB LMN G . 14.33 2.24 7.07
OAJ LMN G . -6.17 6.65 15.35
OAL LMN G . -1.91 0.84 8.83
OAN LMN G . -1.44 2.73 14.66
OAP LMN G . 0.66 1.25 13.57
OAR LMN G . -5.56 7.16 12.86
OAT LMN G . -4.10 6.05 10.48
OAV LMN G . -5.77 3.07 11.37
CAW LMN G . 10.86 -3.53 8.43
CAX LMN G . 13.51 1.95 8.30
CAY LMN G . 11.17 -2.64 9.63
CAZ LMN G . 12.24 2.78 8.38
CBA LMN G . 9.93 -2.20 10.39
CBB LMN G . 11.39 2.51 9.61
CBC LMN G . 10.20 -1.27 11.56
CBD LMN G . 10.15 3.40 9.74
CBE LMN G . 8.93 -0.70 12.17
CBF LMN G . 9.24 3.37 8.51
CBG LMN G . 8.02 -0.09 11.11
CBH LMN G . 7.76 3.29 8.85
CBI LMN G . 6.68 0.38 11.62
CBJ LMN G . 6.84 3.51 7.66
CBK LMN G . 5.79 0.80 10.47
CBL LMN G . 5.44 2.95 7.86
CBN LMN G . -5.31 5.52 15.23
CBP LMN G . -2.32 0.80 10.18
CBQ LMN G . 4.51 1.53 10.90
CBR LMN G . 4.78 3.38 9.17
CBS LMN G . 3.25 1.43 8.73
CBT LMN G . 2.65 3.12 10.45
OBV LMN G . 1.96 2.25 11.35
OBX LMN G . -0.20 1.57 10.88
OBZ LMN G . -4.53 3.77 13.83
OCB LMN G . -3.40 2.18 12.60
CCD LMN G . -5.33 4.97 13.83
CCF LMN G . -1.61 1.85 11.00
CCH LMN G . -1.15 2.82 13.27
CCJ LMN G . 0.61 2.53 11.53
CCL LMN G . 0.32 2.53 13.03
CCM LMN G . 3.81 2.36 9.81
CCO LMN G . -4.81 5.96 12.78
CCQ LMN G . -2.01 1.85 12.48
CCS LMN G . -3.77 3.54 12.65
CCU LMN G . -4.94 5.35 11.39
CCW LMN G . -4.59 3.87 11.41
C P5S H . 37.35 -3.14 30.36
N P5S H . 38.02 -4.65 28.51
O P5S H . 36.25 -2.68 30.07
C1 P5S H . 36.72 -4.86 35.32
C2 P5S H . 37.22 -6.20 34.84
C3 P5S H . 38.55 -6.05 34.14
CA P5S H . 37.79 -4.54 29.96
CB P5S H . 39.05 -4.92 30.71
OG P5S H . 39.04 -6.36 30.92
P12 P5S H . 39.86 -7.04 32.11
O13 P5S H . 40.42 -8.35 31.70
O15 P5S H . 40.89 -6.02 32.58
O16 P5S H . 38.81 -7.22 33.33
C17 P5S H . 35.02 -3.95 36.67
O18 P5S H . 35.65 -2.93 36.78
O19 P5S H . 35.44 -5.00 35.97
C20 P5S H . 33.67 -4.17 37.29
C21 P5S H . 33.15 -2.91 37.95
C22 P5S H . 31.85 -3.10 38.73
C23 P5S H . 30.61 -3.29 37.86
C24 P5S H . 29.33 -3.38 38.67
C25 P5S H . 28.06 -3.52 37.86
C26 P5S H . 26.81 -3.62 38.69
C27 P5S H . 25.53 -3.71 37.88
C28 P5S H . 25.23 -2.49 37.04
O37 P5S H . 36.26 -6.72 33.89
C38 P5S H . 35.99 -8.04 33.95
C39 P5S H . 35.00 -8.44 32.88
C40 P5S H . 33.70 -7.65 32.96
C41 P5S H . 32.85 -8.03 34.15
C42 P5S H . 31.67 -7.10 34.36
C43 P5S H . 30.64 -7.61 35.36
C44 P5S H . 29.61 -6.57 35.73
C45 P5S H . 28.40 -7.12 36.47
C46 P5S H . 27.52 -8.02 35.63
O47 P5S H . 36.47 -8.79 34.74
C48 P5S H . 26.16 -8.33 36.26
C49 P5S H . 25.33 -7.09 36.53
C50 P5S H . 23.99 -7.38 37.18
C51 P5S H . 23.09 -8.27 36.36
OXT P5S H . 38.25 -2.50 31.04
C1 CDL I . 29.70 26.56 9.48
O1 CDL I . 28.90 25.63 10.22
CA2 CDL I . 30.93 25.86 8.95
OA2 CDL I . 30.53 25.03 7.83
PA1 CDL I . 31.21 23.60 7.64
OA3 CDL I . 30.82 22.75 8.78
OA4 CDL I . 32.65 23.83 7.36
OA5 CDL I . 30.54 23.03 6.32
CA3 CDL I . 29.20 23.41 5.94
CA4 CDL I . 28.23 22.76 6.89
OA6 CDL I . 27.05 22.20 6.21
CA5 CDL I . 26.21 23.01 5.55
OA7 CDL I . 26.53 24.07 5.09
C11 CDL I . 24.83 22.45 5.52
C12 CDL I . 24.59 21.50 4.36
C13 CDL I . 23.14 21.15 4.24
C14 CDL I . 22.53 20.64 5.51
C15 CDL I . 21.10 20.20 5.33
C16 CDL I . 20.49 19.50 6.52
C17 CDL I . 19.13 18.91 6.20
C18 CDL I . 18.55 18.04 7.29
C19 CDL I . 17.98 18.79 8.47
C20 CDL I . 17.52 17.88 9.58
C21 CDL I . 16.90 18.59 10.75
C22 CDL I . 15.48 19.00 10.52
C23 CDL I . 14.87 19.75 11.69
C24 CDL I . 13.36 19.68 11.73
C25 CDL I . 12.85 18.26 11.76
C26 CDL I . 11.36 18.14 11.80
C27 CDL I . 10.90 16.72 11.75
CA6 CDL I . 27.70 23.70 7.94
OA8 CDL I . 26.66 22.97 8.62
CA7 CDL I . 26.52 23.21 9.92
OA9 CDL I . 27.16 24.03 10.51
C31 CDL I . 25.46 22.35 10.51
C32 CDL I . 24.08 22.62 9.94
C33 CDL I . 22.97 22.05 10.80
C34 CDL I . 21.60 22.50 10.36
C35 CDL I . 20.52 22.27 11.38
C36 CDL I . 19.28 23.08 11.12
C37 CDL I . 18.23 22.99 12.21
C38 CDL I . 17.07 23.93 12.00
C39 CDL I . 15.89 23.66 12.90
C40 CDL I . 14.75 24.64 12.70
C41 CDL I . 14.22 24.70 11.27
C42 CDL I . 13.57 23.42 10.80
C43 CDL I . 13.17 23.44 9.33
C44 CDL I . 14.13 22.71 8.41
C45 CDL I . 15.55 23.25 8.43
C46 CDL I . 16.51 22.46 7.56
C47 CDL I . 17.95 22.90 7.73
CB2 CDL I . 30.04 27.73 10.37
OB2 CDL I . 30.76 27.23 11.52
PB2 CDL I . 30.85 28.15 12.82
OB3 CDL I . 31.85 27.56 13.73
OB4 CDL I . 31.01 29.56 12.40
OB5 CDL I . 29.41 27.96 13.47
CB3 CDL I . 28.84 26.64 13.64
CB4 CDL I . 28.20 26.60 15.00
OB6 CDL I . 26.86 26.02 14.87
CB5 CDL I . 26.78 24.69 14.72
OB7 CDL I . 27.73 23.98 14.56
C51 CDL I . 25.36 24.21 14.79
C52 CDL I . 25.26 22.81 15.38
C53 CDL I . 23.84 22.38 15.65
C54 CDL I . 23.11 23.32 16.57
C55 CDL I . 21.62 23.03 16.70
C56 CDL I . 20.86 24.10 17.46
C57 CDL I . 19.38 23.86 17.51
C58 CDL I . 18.72 23.76 16.15
C59 CDL I . 17.24 23.42 16.20
CB6 CDL I . 28.09 28.00 15.55
OB8 CDL I . 27.33 28.03 16.78
CB7 CDL I . 27.66 28.99 17.65
OB9 CDL I . 28.65 29.66 17.56
C71 CDL I . 26.63 29.14 18.73
C72 CDL I . 25.77 30.38 18.53
C73 CDL I . 24.30 30.07 18.29
C74 CDL I . 24.05 28.94 17.30
C75 CDL I . 22.59 28.83 16.86
C76 CDL I . 21.59 29.06 17.98
C77 CDL I . 20.16 28.77 17.59
C78 CDL I . 19.16 29.10 18.69
C79 CDL I . 18.94 30.59 18.91
C80 CDL I . 17.82 31.18 18.08
C81 CDL I . 16.46 31.21 18.78
C82 CDL I . 16.23 32.45 19.60
C83 CDL I . 15.05 32.35 20.56
C84 CDL I . 14.58 33.70 21.08
C85 CDL I . 15.67 34.54 21.72
C86 CDL I . 16.00 34.19 23.15
C87 CDL I . 14.88 34.53 24.11
C1 LMN J . 23.93 8.75 -6.60
O1 LMN J . 23.66 8.36 -5.28
C2 LMN J . 22.71 8.54 -7.47
O2 LMN J . 21.59 9.24 -6.93
C3 LMN J . 23.01 9.00 -8.87
O3 LMN J . 21.90 8.74 -9.72
C4 LMN J . 24.27 8.33 -9.39
O4 LMN J . 24.71 9.00 -10.58
C5 LMN J . 25.43 8.41 -8.39
O5 LMN J . 25.00 7.96 -7.10
C6 LMN J . 26.62 7.55 -8.78
O6 LMN J . 27.13 7.93 -10.06
CAA LMN J . 18.21 3.69 4.83
CAB LMN J . 12.52 12.44 2.70
OAI LMN J . 26.95 12.11 -13.71
OAJ LMN J . 31.85 15.76 -4.90
OAL LMN J . 29.50 6.66 -5.33
OAN LMN J . 27.60 12.47 -6.07
OAP LMN J . 25.58 10.66 -5.63
OAQ LMN J . 24.42 12.58 -12.97
OAR LMN J . 33.55 13.80 -4.80
OAS LMN J . 21.86 11.37 -12.48
OAT LMN J . 33.61 10.71 -5.24
OAU LMN J . 21.90 8.75 -11.31
OAV LMN J . 31.80 12.05 -8.07
CAW LMN J . 18.73 4.78 5.74
CAX LMN J . 13.78 12.91 2.05
CAY LMN J . 19.95 5.49 5.22
CAZ LMN J . 14.41 11.90 1.12
CBA LMN J . 19.76 6.20 3.91
CBB LMN J . 15.68 12.39 0.46
CBC LMN J . 21.02 6.78 3.34
CBD LMN J . 16.38 11.37 -0.41
CBE LMN J . 20.87 7.36 1.94
CBF LMN J . 17.71 11.83 -0.94
CBG LMN J . 22.18 7.64 1.25
CBH LMN J . 18.51 10.77 -1.66
CBI LMN J . 22.05 7.99 -0.21
CBJ LMN J . 19.95 11.15 -1.89
CBK LMN J . 23.31 7.78 -1.01
CBL LMN J . 20.82 10.06 -2.45
CBM LMN J . 26.60 10.72 -13.72
CBN LMN J . 30.84 14.76 -4.99
CBP LMN J . 29.27 7.80 -6.16
CBQ LMN J . 23.14 7.93 -2.50
CBR LMN J . 22.30 10.35 -2.37
CBS LMN J . 22.87 9.32 -4.55
CBT LMN J . 24.70 9.84 -2.95
OBV LMN J . 25.60 8.92 -3.58
OBX LMN J . 27.47 8.52 -4.78
OBY LMN J . 25.24 9.01 -12.80
OBZ LMN J . 30.24 12.62 -5.85
OCB LMN J . 29.63 10.63 -6.86
CCC LMN J . 25.50 10.43 -12.75
CCD LMN J . 31.33 13.55 -5.76
CCF LMN J . 28.71 8.96 -5.36
CCH LMN J . 27.88 11.29 -5.31
CCJ LMN J . 26.84 9.46 -3.94
CCL LMN J . 26.60 10.79 -4.65
CCM LMN J . 23.25 9.36 -3.07
CCN LMN J . 24.20 11.18 -13.08
CCO LMN J . 32.52 12.86 -5.10
CCQ LMN J . 28.44 10.20 -6.20
CCR LMN J . 24.28 8.58 -11.84
CCS LMN J . 30.63 11.28 -6.12
CCT LMN J . 23.09 10.74 -12.12
CCU LMN J . 33.06 11.77 -6.02
CCV LMN J . 22.94 9.23 -12.17
CCW LMN J . 31.93 11.25 -6.90
C1 CDL K . 32.59 -8.30 23.37
O1 CDL K . 31.29 -8.87 23.21
CA2 CDL K . 33.54 -8.92 22.38
OA2 CDL K . 33.26 -8.37 21.08
PA1 CDL K . 33.33 -9.32 19.79
OA3 CDL K . 32.27 -10.34 19.90
OA4 CDL K . 34.74 -9.75 19.64
OA5 CDL K . 32.99 -8.34 18.57
CA3 CDL K . 32.12 -7.21 18.76
CA4 CDL K . 30.72 -7.69 18.97
OA6 CDL K . 29.72 -6.91 18.22
CA5 CDL K . 29.56 -5.61 18.50
OA7 CDL K . 30.41 -4.91 18.98
C11 CDL K . 28.17 -5.16 18.18
C12 CDL K . 27.98 -4.72 16.75
C13 CDL K . 26.65 -4.07 16.54
C14 CDL K . 25.49 -4.89 17.03
C15 CDL K . 24.16 -4.25 16.72
C16 CDL K . 22.96 -5.11 17.01
C17 CDL K . 21.68 -4.49 16.49
C18 CDL K . 20.47 -5.39 16.57
C19 CDL K . 19.89 -5.52 17.97
C20 CDL K . 18.74 -6.52 18.02
C21 CDL K . 18.10 -6.65 19.37
C22 CDL K . 17.12 -5.54 19.68
C23 CDL K . 16.50 -5.65 21.06
C24 CDL K . 15.17 -4.94 21.18
C25 CDL K . 14.16 -5.42 20.17
C26 CDL K . 12.84 -4.75 20.25
C27 CDL K . 11.90 -5.19 19.18
CA6 CDL K . 30.28 -7.66 20.40
OA8 CDL K . 28.87 -7.97 20.39
CA7 CDL K . 28.40 -8.66 21.42
OA9 CDL K . 29.07 -8.99 22.35
C31 CDL K . 26.95 -8.98 21.24
C32 CDL K . 26.08 -7.73 21.22
C33 CDL K . 24.62 -8.04 21.45
C34 CDL K . 23.78 -6.79 21.64
C35 CDL K . 22.42 -7.06 22.22
C36 CDL K . 21.77 -5.83 22.80
C37 CDL K . 20.47 -6.09 23.53
C38 CDL K . 19.93 -4.87 24.23
C39 CDL K . 18.51 -5.02 24.72
C40 CDL K . 17.99 -3.79 25.44
C41 CDL K . 18.06 -2.51 24.64
C42 CDL K . 17.16 -2.49 23.42
C43 CDL K . 17.33 -1.27 22.54
C44 CDL K . 18.17 -1.51 21.29
C45 CDL K . 19.59 -1.97 21.57
C46 CDL K . 20.39 -2.28 20.33
C47 CDL K . 21.73 -2.90 20.63
CB2 CDL K . 33.04 -8.50 24.80
OB2 CDL K . 33.05 -9.91 25.08
PB2 CDL K . 33.06 -10.38 26.60
OB3 CDL K . 33.37 -11.82 26.64
OB4 CDL K . 33.90 -9.45 27.40
OB5 CDL K . 31.53 -10.18 27.02
CB3 CDL K . 30.46 -10.67 26.18
CB4 CDL K . 29.44 -11.30 27.09
OB6 CDL K . 28.11 -10.83 26.69
CB5 CDL K . 27.57 -11.35 25.59
OB7 CDL K . 28.15 -12.10 24.84
C51 CDL K . 26.15 -10.92 25.40
C52 CDL K . 25.30 -12.00 24.73
C53 CDL K . 23.83 -11.66 24.71
C54 CDL K . 23.26 -11.44 26.09
C55 CDL K . 21.85 -10.91 26.09
C56 CDL K . 21.36 -10.50 27.47
C57 CDL K . 19.97 -9.89 27.47
C58 CDL K . 19.85 -8.65 26.59
C59 CDL K . 18.44 -8.10 26.51
CB6 CDL K . 29.71 -10.92 28.51
OB8 CDL K . 28.65 -11.35 29.40
CB7 CDL K . 29.03 -11.64 30.65
OB9 CDL K . 30.16 -11.74 31.00
C71 CDL K . 27.83 -11.77 31.56
C72 CDL K . 27.66 -10.56 32.46
C73 CDL K . 26.37 -9.80 32.22
C74 CDL K . 26.04 -9.55 30.75
C75 CDL K . 24.91 -8.56 30.52
C76 CDL K . 23.77 -8.70 31.52
C77 CDL K . 22.57 -7.84 31.19
C78 CDL K . 21.47 -7.92 32.24
C79 CDL K . 21.80 -7.20 33.54
C80 CDL K . 21.37 -5.74 33.56
C81 CDL K . 19.98 -5.52 34.17
C82 CDL K . 20.00 -5.32 35.67
C83 CDL K . 18.63 -5.43 36.31
C84 CDL K . 18.57 -4.86 37.72
C85 CDL K . 19.63 -5.42 38.67
C86 CDL K . 19.28 -6.76 39.29
C87 CDL K . 18.13 -6.68 40.26
C1 LMN L . 26.11 -3.34 0.08
O1 LMN L . 25.28 -4.31 0.66
C2 LMN L . 25.28 -2.21 -0.51
O2 LMN L . 24.42 -1.64 0.48
C3 LMN L . 26.21 -1.16 -1.08
O3 LMN L . 25.45 -0.14 -1.72
C4 LMN L . 27.20 -1.80 -2.05
O4 LMN L . 28.25 -0.86 -2.34
C5 LMN L . 27.86 -3.04 -1.47
O5 LMN L . 26.88 -3.94 -0.94
C6 LMN L . 28.67 -3.82 -2.49
O6 LMN L . 29.69 -3.02 -3.07
CAA LMN L . 15.32 -10.83 4.09
CAB LMN L . 14.67 -1.98 9.97
OAI LMN L . 32.45 1.73 -2.20
OAJ LMN L . 35.06 -5.01 5.74
OAL LMN L . 29.60 -8.14 -1.25
OAN LMN L . 30.53 -3.69 2.90
OAP LMN L . 27.94 -3.88 1.99
OAQ LMN L . 30.24 2.76 -1.11
OAR LMN L . 35.69 -6.95 4.13
OAS LMN L . 27.40 3.12 -1.47
OAT LMN L . 34.66 -8.25 1.49
OAU LMN L . 26.00 0.96 -2.73
OAV LMN L . 34.62 -4.69 0.88
CAW LMN L . 15.88 -11.19 5.45
CAX LMN L . 16.17 -1.94 9.78
CAY LMN L . 17.38 -11.09 5.54
CAZ LMN L . 16.62 -2.14 8.37
CBA LMN L . 17.95 -9.72 5.26
CBB LMN L . 18.12 -2.09 8.19
CBC LMN L . 19.45 -9.68 5.21
CBD LMN L . 18.60 -2.37 6.78
CBE LMN L . 20.03 -8.35 4.79
CBF LMN L . 20.10 -2.44 6.66
CBG LMN L . 21.50 -8.40 4.42
CBH LMN L . 20.61 -2.91 5.32
CBI LMN L . 22.02 -7.15 3.78
CBJ LMN L . 22.06 -3.30 5.33
CBK LMN L . 23.28 -7.36 2.97
CBL LMN L . 22.56 -3.91 4.04
CBM LMN L . 31.61 1.20 -3.23
CBN LMN L . 33.83 -4.94 5.02
CBP LMN L . 30.13 -6.87 -0.89
CBQ LMN L . 23.71 -6.17 2.16
CBR LMN L . 23.91 -4.59 4.17
CBS LMN L . 24.73 -3.90 1.92
CBT LMN L . 25.95 -5.68 3.18
OBV LMN L . 26.56 -6.17 1.98
OBX LMN L . 28.42 -6.53 0.71
OBY LMN L . 29.46 0.40 -3.81
OBZ LMN L . 32.76 -5.12 2.90
OCB LMN L . 31.80 -5.13 0.78
CCC LMN L . 30.21 0.96 -2.71
CCD LMN L . 34.03 -5.28 3.56
CCF LMN L . 29.85 -6.55 0.56
CCH LMN L . 30.04 -4.96 2.46
CCJ LMN L . 27.96 -6.30 2.04
CCL LMN L . 28.54 -5.01 2.62
CCM LMN L . 24.56 -5.10 2.87
CCN LMN L . 29.52 2.23 -2.22
CCO LMN L . 34.54 -6.70 3.33
CCQ LMN L . 30.39 -5.19 1.00
CCR LMN L . 28.14 0.03 -3.43
CCS LMN L . 32.66 -5.82 1.67
CCT LMN L . 28.08 1.92 -1.85
CCU LMN L . 34.88 -6.90 1.86
CCV LMN L . 27.37 1.27 -3.01
CCW LMN L . 34.02 -5.98 1.01
O1 LMN M . -0.94 -7.41 6.10
CAA LMN M . 6.09 -13.54 0.70
CAB LMN M . 10.68 -11.09 4.84
OAJ LMN M . -7.85 -3.99 15.52
OAL LMN M . -4.30 -4.64 6.50
OAN LMN M . -5.15 -7.94 11.61
OAP LMN M . -3.58 -9.02 9.58
OAR LMN M . -6.28 -2.32 14.25
OAT LMN M . -4.66 -2.00 11.74
OAV LMN M . -7.56 -3.26 10.21
CAW LMN M . 4.97 -13.17 1.65
CAX LMN M . 9.44 -11.67 5.49
CAY LMN M . 5.17 -13.72 3.04
CAZ LMN M . 8.66 -10.64 6.29
CBA LMN M . 4.03 -13.38 4.00
CBB LMN M . 7.42 -11.20 6.96
CBC LMN M . 4.23 -13.85 5.43
CBD LMN M . 6.67 -10.19 7.83
CBE LMN M . 3.16 -13.32 6.37
CBF LMN M . 6.31 -8.90 7.12
CBG LMN M . 3.00 -11.82 6.26
CBH LMN M . 4.90 -8.40 7.41
CBI LMN M . 1.87 -11.23 7.07
CBJ LMN M . 4.61 -7.00 6.92
CBK LMN M . 1.67 -9.76 6.75
CBL LMN M . 3.13 -6.69 6.75
CBN LMN M . -7.53 -4.91 14.49
CBP LMN M . -5.13 -5.37 7.38
CBQ LMN M . 0.72 -9.03 7.71
CBR LMN M . 2.29 -7.04 7.99
CBS LMN M . 0.37 -6.94 6.38
CBT LMN M . -0.07 -6.96 8.82
OBV LMN M . -1.31 -7.65 8.80
OBX LMN M . -3.26 -6.57 8.19
OBZ LMN M . -7.08 -5.24 12.19
OCB LMN M . -6.33 -5.79 10.08
CCD LMN M . -7.29 -4.21 13.17
CCF LMN M . -4.39 -5.78 8.63
CCH LMN M . -4.39 -7.09 10.77
CCJ LMN M . -2.41 -6.94 9.27
CCL LMN M . -3.17 -7.83 10.24
CCM LMN M . 0.84 -7.50 7.72
CCO LMN M . -6.09 -3.27 13.21
CCQ LMN M . -5.23 -6.59 9.60
CCS LMN M . -6.12 -4.94 11.19
CCU LMN M . -5.96 -2.54 11.87
CCW LMN M . -6.25 -3.50 10.72
C P5S N . 20.13 -41.76 13.32
N P5S N . 20.74 -41.60 10.91
O P5S N . 19.49 -40.76 13.58
C1 P5S N . 17.21 -45.73 15.23
C2 P5S N . 17.27 -46.34 13.86
C3 P5S N . 18.69 -46.46 13.39
CA P5S N . 20.09 -42.43 11.94
CB P5S N . 20.75 -43.79 12.00
OG P5S N . 20.10 -44.65 11.04
P12 P5S N . 20.12 -46.25 11.20
O13 P5S N . 20.22 -46.92 9.89
O15 P5S N . 21.24 -46.58 12.18
O16 P5S N . 18.73 -46.63 11.95
C17 P5S N . 15.66 -45.31 16.95
O18 P5S N . 16.57 -45.20 17.73
O19 P5S N . 15.83 -45.59 15.67
C20 P5S N . 14.21 -45.16 17.32
C21 P5S N . 14.04 -44.69 18.76
C22 P5S N . 12.60 -44.66 19.22
C23 P5S N . 11.76 -43.52 18.66
C24 P5S N . 10.36 -43.47 19.24
C25 P5S N . 9.51 -42.32 18.72
C26 P5S N . 8.11 -42.30 19.31
C27 P5S N . 7.26 -41.13 18.85
C28 P5S N . 7.78 -39.77 19.28
O37 P5S N . 16.57 -45.45 12.93
C38 P5S N . 15.79 -46.02 12.00
C39 P5S N . 15.16 -44.98 11.11
C40 P5S N . 14.35 -43.95 11.88
C41 P5S N . 13.05 -44.53 12.45
C42 P5S N . 12.35 -43.60 13.41
C43 P5S N . 10.93 -44.01 13.76
C44 P5S N . 10.33 -43.20 14.90
C45 P5S N . 8.83 -43.38 15.06
C46 P5S N . 8.02 -42.80 13.92
O47 P5S N . 15.63 -47.20 11.89
C48 P5S N . 6.53 -42.69 14.23
C49 P5S N . 6.22 -41.82 15.43
C50 P5S N . 4.73 -41.72 15.76
C51 P5S N . 3.90 -41.15 14.64
OXT P5S N . 20.92 -42.36 14.15
C1 CDL O . 16.43 -37.12 5.39
O1 CDL O . 15.15 -36.62 4.98
CA2 CDL O . 17.33 -37.24 4.18
OA2 CDL O . 17.76 -35.91 3.80
PA1 CDL O . 17.88 -35.55 2.25
OA3 CDL O . 16.53 -35.60 1.64
OA4 CDL O . 18.96 -36.39 1.69
OA5 CDL O . 18.40 -34.04 2.24
CA3 CDL O . 18.05 -33.14 3.32
CA4 CDL O . 16.59 -32.80 3.22
OA6 CDL O . 16.31 -31.38 3.44
CA5 CDL O . 16.60 -30.83 4.64
OA7 CDL O . 17.43 -31.24 5.39
C11 CDL O . 15.70 -29.66 4.92
C12 CDL O . 16.20 -28.36 4.34
C13 CDL O . 15.40 -27.19 4.84
C14 CDL O . 13.91 -27.35 4.64
C15 CDL O . 13.15 -26.12 5.06
C16 CDL O . 11.69 -26.14 4.71
C17 CDL O . 11.02 -24.81 4.98
C18 CDL O . 9.60 -24.69 4.48
C19 CDL O . 8.58 -25.42 5.31
C20 CDL O . 7.19 -25.37 4.71
C21 CDL O . 6.13 -26.04 5.53
C22 CDL O . 5.63 -25.18 6.67
C23 CDL O . 4.59 -25.87 7.52
C24 CDL O . 3.70 -24.92 8.28
C25 CDL O . 3.00 -23.94 7.36
C26 CDL O . 2.11 -22.96 8.06
C27 CDL O . 1.49 -21.97 7.12
CA6 CDL O . 15.73 -33.55 4.20
OA8 CDL O . 14.42 -32.97 4.10
CA7 CDL O . 13.40 -33.79 4.27
OA9 CDL O . 13.51 -34.95 4.56
C31 CDL O . 12.09 -33.09 4.07
C32 CDL O . 11.85 -31.99 5.10
C33 CDL O . 10.42 -31.55 5.15
C34 CDL O . 10.13 -30.62 6.30
C35 CDL O . 8.65 -30.45 6.60
C36 CDL O . 8.40 -29.88 7.98
C37 CDL O . 6.94 -29.85 8.37
C38 CDL O . 6.73 -29.42 9.81
C39 CDL O . 5.29 -29.10 10.15
C40 CDL O . 5.09 -28.72 11.60
C41 CDL O . 5.93 -27.55 12.06
C42 CDL O . 5.58 -26.23 11.38
C43 CDL O . 6.52 -25.09 11.73
C44 CDL O . 7.58 -24.78 10.67
C45 CDL O . 8.51 -25.95 10.36
C46 CDL O . 9.49 -25.66 9.25
C47 CDL O . 10.28 -26.87 8.82
CB2 CDL O . 16.24 -38.43 6.10
OB2 CDL O . 15.60 -39.36 5.21
PB2 CDL O . 14.89 -40.64 5.82
OB3 CDL O . 14.57 -41.56 4.70
OB4 CDL O . 15.71 -41.14 6.95
OB5 CDL O . 13.53 -40.04 6.38
CB3 CDL O . 12.71 -39.16 5.58
CB4 CDL O . 11.28 -39.57 5.77
OB6 CDL O . 10.47 -38.37 6.01
CB5 CDL O . 10.18 -37.60 4.96
OB7 CDL O . 10.63 -37.77 3.86
C51 CDL O . 9.20 -36.53 5.32
C52 CDL O . 8.30 -36.17 4.15
C53 CDL O . 7.18 -35.23 4.54
C54 CDL O . 6.31 -35.78 5.65
C55 CDL O . 5.31 -34.78 6.19
C56 CDL O . 4.59 -35.26 7.43
C57 CDL O . 3.66 -34.24 8.03
C58 CDL O . 4.35 -32.94 8.42
C59 CDL O . 3.38 -31.88 8.94
CB6 CDL O . 11.17 -40.50 6.95
OB8 CDL O . 9.80 -40.79 7.29
CB7 CDL O . 9.56 -41.99 7.84
OB9 CDL O . 10.37 -42.88 7.86
C71 CDL O . 8.19 -42.06 8.43
C72 CDL O . 8.22 -41.99 9.95
C73 CDL O . 7.51 -40.76 10.50
C74 CDL O . 7.83 -39.46 9.78
C75 CDL O . 7.34 -38.22 10.51
C76 CDL O . 5.98 -38.38 11.16
C77 CDL O . 5.39 -37.10 11.72
C78 CDL O . 4.07 -37.29 12.44
C79 CDL O . 4.20 -37.99 13.79
C80 CDL O . 4.39 -37.05 14.95
C81 CDL O . 3.11 -36.63 15.64
C82 CDL O . 2.67 -37.57 16.76
C83 CDL O . 1.25 -37.37 17.23
C84 CDL O . 0.94 -38.02 18.57
C85 CDL O . 1.28 -39.50 18.63
C86 CDL O . 0.24 -40.42 18.04
C87 CDL O . -1.03 -40.46 18.84
C1 LMN P . 20.89 -15.21 -5.05
O1 LMN P . 19.59 -15.66 -5.34
C2 LMN P . 20.83 -13.79 -4.49
O2 LMN P . 19.99 -13.74 -3.33
C3 LMN P . 22.24 -13.34 -4.15
O3 LMN P . 22.21 -11.99 -3.70
C4 LMN P . 23.16 -13.51 -5.36
O4 LMN P . 24.52 -13.38 -4.92
C5 LMN P . 23.03 -14.88 -6.00
O5 LMN P . 21.64 -15.20 -6.24
C6 LMN P . 23.75 -14.99 -7.32
O6 LMN P . 25.14 -14.71 -7.17
CAA LMN P . 7.35 -16.21 -7.14
CAB LMN P . 8.30 -15.42 3.42
OAI LMN P . 29.07 -14.33 -3.27
OAJ LMN P . 25.89 -24.56 -3.60
OAL LMN P . 22.40 -18.53 -9.92
OAN LMN P . 23.54 -19.60 -3.97
OAP LMN P . 21.58 -17.73 -4.42
OAQ LMN P . 27.23 -13.40 -1.57
OAR LMN P . 26.22 -24.78 -6.17
OAS LMN P . 25.09 -11.51 -1.24
OAT LMN P . 25.72 -23.09 -8.75
OAU LMN P . 23.47 -11.02 -3.55
OAV LMN P . 27.32 -20.83 -6.42
CAW LMN P . 7.21 -17.62 -6.60
CAX LMN P . 9.64 -16.05 3.19
CAY LMN P . 8.50 -18.40 -6.63
CAZ LMN P . 10.44 -15.40 2.09
CBA LMN P . 9.62 -17.80 -5.81
CBB LMN P . 11.80 -16.03 1.87
CBC LMN P . 10.94 -18.52 -5.96
CBD LMN P . 12.58 -15.45 0.72
CBE LMN P . 12.10 -17.86 -5.27
CBF LMN P . 13.87 -16.19 0.42
CBG LMN P . 13.45 -18.38 -5.69
CBH LMN P . 14.57 -15.76 -0.83
CBI LMN P . 14.62 -17.58 -5.20
CBJ LMN P . 15.66 -16.70 -1.28
CBK LMN P . 15.89 -17.78 -5.99
CBL LMN P . 16.28 -16.39 -2.62
CBM LMN P . 28.51 -13.45 -4.25
CBN LMN P . 25.12 -23.40 -3.90
CBP LMN P . 23.23 -18.41 -8.76
CBQ LMN P . 17.00 -16.83 -5.65
CBR LMN P . 17.11 -17.52 -3.18
CBS LMN P . 18.85 -16.04 -4.18
CBT LMN P . 18.76 -18.44 -4.85
OBV LMN P . 19.49 -18.19 -6.06
OBX LMN P . 21.36 -18.45 -7.31
OBY LMN P . 26.55 -12.34 -5.02
OBZ LMN P . 24.88 -21.48 -5.28
OCB LMN P . 24.78 -19.54 -6.54
CCC LMN P . 27.04 -13.20 -3.97
CCD LMN P . 25.67 -22.68 -5.10
CCF LMN P . 22.62 -19.09 -7.56
CCH LMN P . 22.77 -19.69 -5.17
CCJ LMN P . 20.61 -19.01 -6.25
CCL LMN P . 21.41 -19.05 -4.94
CCM LMN P . 17.92 -17.22 -4.46
CCN LMN P . 26.79 -12.54 -2.62
CCO LMN P . 25.60 -23.50 -6.38
CCQ LMN P . 23.47 -18.99 -6.31
CCR LMN P . 25.15 -12.12 -4.93
CCS LMN P . 24.93 -20.93 -6.59
CCT LMN P . 25.32 -12.21 -2.46
CCU LMN P . 26.33 -22.76 -7.50
CCV LMN P . 24.85 -11.37 -3.64
CCW LMN P . 26.25 -21.26 -7.26
O1 LMN Q . -5.85 -7.50 -1.67
CAA LMN Q . -0.46 -10.52 -10.50
CAB LMN Q . 3.00 -14.50 -6.45
OAJ LMN Q . -13.59 -8.66 7.65
OAL LMN Q . -7.73 -4.62 1.02
OAN LMN Q . -11.53 -9.39 1.87
OAP LMN Q . -9.93 -9.36 -0.41
OAR LMN Q . -11.16 -7.76 7.96
OAT LMN Q . -8.78 -6.70 6.43
OAV LMN Q . -11.24 -4.79 4.78
CAW LMN Q . -1.59 -10.41 -9.50
CAX LMN Q . 1.49 -14.60 -6.35
CAY LMN Q . -2.12 -11.76 -9.05
CAZ LMN Q . 0.97 -14.22 -4.97
CBA LMN Q . -3.28 -11.65 -8.06
CBB LMN Q . -0.54 -14.33 -4.84
CBC LMN Q . -3.79 -12.98 -7.53
CBD LMN Q . -1.07 -14.03 -3.44
CBE LMN Q . -4.81 -12.81 -6.42
CBF LMN Q . -0.62 -12.69 -2.88
CBG LMN Q . -4.31 -11.88 -5.33
CBH LMN Q . -1.73 -11.92 -2.17
CBI LMN Q . -5.31 -11.56 -4.24
CBJ LMN Q . -1.25 -10.71 -1.39
CBK LMN Q . -4.80 -10.49 -3.31
CBL LMN Q . -2.33 -9.68 -1.11
CBN LMN Q . -13.34 -8.60 6.25
CBP LMN Q . -9.04 -5.17 1.10
CBQ LMN Q . -5.63 -10.28 -2.05
CBR LMN Q . -3.60 -10.26 -0.51
CBS LMN Q . -4.65 -8.12 -1.26
CBT LMN Q . -5.86 -9.58 0.33
OBV LMN Q . -7.18 -9.29 -0.10
OBX LMN Q . -8.21 -7.31 0.54
OBZ LMN Q . -12.30 -7.42 4.48
OCB LMN Q . -11.14 -6.62 2.64
CCD LMN Q . -12.40 -7.46 5.91
CCF LMN Q . -8.99 -6.62 1.52
CCH LMN Q . -10.25 -8.77 1.90
CCJ LMN Q . -8.00 -8.67 0.86
CCL LMN Q . -9.33 -9.41 0.87
CCM LMN Q . -4.93 -9.56 -0.88
CCO LMN Q . -11.01 -7.62 6.54
CCQ LMN Q . -10.37 -7.28 1.61
CCS LMN Q . -11.02 -7.06 3.98
CCU LMN Q . -10.16 -6.40 6.23
CCW LMN Q . -10.40 -5.94 4.80
C P5S R . -4.07 -40.85 -25.34
N P5S R . -2.67 -39.43 -26.81
O P5S R . -4.32 -40.18 -24.34
C1 P5S R . -8.79 -42.69 -26.85
C2 P5S R . -8.52 -42.08 -28.20
C3 P5S R . -7.19 -42.56 -28.74
CA P5S R . -3.90 -40.22 -26.72
CB P5S R . -3.91 -41.30 -27.79
OG P5S R . -4.48 -40.74 -28.99
P12 P5S R . -5.15 -41.68 -30.11
O13 P5S R . -4.87 -41.17 -31.47
O15 P5S R . -4.66 -43.10 -29.86
O16 P5S R . -6.74 -41.68 -29.78
C17 P5S R . -10.54 -42.87 -25.27
O18 P5S R . -9.99 -43.81 -24.79
O19 P5S R . -10.06 -42.20 -26.33
C20 P5S R . -11.83 -42.29 -24.78
C21 P5S R . -12.29 -42.95 -23.50
C22 P5S R . -13.66 -42.51 -23.01
C23 P5S R . -13.72 -41.11 -22.43
C24 P5S R . -15.09 -40.76 -21.88
C25 P5S R . -15.19 -39.39 -21.24
C26 P5S R . -16.57 -39.06 -20.72
C27 P5S R . -16.67 -37.70 -20.04
C28 P5S R . -15.83 -37.57 -18.79
O37 P5S R . -8.44 -40.63 -28.04
C38 P5S R . -9.02 -39.87 -29.00
C39 P5S R . -8.83 -38.42 -28.71
C40 P5S R . -9.38 -38.01 -27.35
C41 P5S R . -10.90 -38.01 -27.31
C42 P5S R . -11.46 -37.84 -25.90
C43 P5S R . -12.96 -37.57 -25.86
C44 P5S R . -13.53 -37.62 -24.46
C45 P5S R . -14.93 -37.06 -24.33
C46 P5S R . -15.01 -35.55 -24.54
O47 P5S R . -9.58 -40.33 -29.95
C48 P5S R . -16.33 -34.93 -24.11
C49 P5S R . -16.66 -35.17 -22.64
C50 P5S R . -17.99 -34.58 -22.22
C51 P5S R . -18.10 -33.07 -22.41
OXT P5S R . -3.92 -42.14 -25.35
C1 CDL S . -2.66 -31.11 -26.51
O1 CDL S . -3.41 -29.92 -26.26
CA2 CDL S . -1.53 -30.81 -27.46
OA2 CDL S . -0.50 -30.09 -26.74
PA1 CDL S . 0.28 -28.91 -27.46
OA3 CDL S . -0.69 -27.82 -27.75
OA4 CDL S . 1.04 -29.50 -28.57
OA5 CDL S . 1.31 -28.40 -26.37
CA3 CDL S . 1.02 -28.50 -24.96
CA4 CDL S . -0.06 -27.50 -24.62
OA6 CDL S . 0.20 -26.78 -23.36
CA5 CDL S . 0.25 -27.48 -22.21
OA7 CDL S . 0.53 -28.64 -22.13
C11 CDL S . -0.14 -26.60 -21.05
C12 CDL S . 1.00 -25.82 -20.47
C13 CDL S . 0.61 -25.14 -19.19
C14 CDL S . -0.65 -24.32 -19.28
C15 CDL S . -0.95 -23.59 -18.00
C16 CDL S . -2.09 -22.60 -18.10
C17 CDL S . -2.22 -21.76 -16.84
C18 CDL S . -3.21 -20.63 -16.94
C19 CDL S . -4.66 -21.05 -16.85
C20 CDL S . -5.60 -19.89 -17.07
C21 CDL S . -7.06 -20.25 -16.94
C22 CDL S . -7.54 -20.33 -15.51
C23 CDL S . -8.98 -20.74 -15.39
C24 CDL S . -9.62 -20.31 -14.08
C25 CDL S . -9.51 -18.82 -13.86
C26 CDL S . -10.13 -18.35 -12.57
C27 CDL S . -9.93 -16.88 -12.36
CA6 CDL S . -1.42 -28.13 -24.47
OA8 CDL S . -2.27 -27.08 -23.97
CA7 CDL S . -3.54 -27.09 -24.38
OA9 CDL S . -4.00 -27.94 -25.09
C31 CDL S . -4.29 -25.91 -23.84
C32 CDL S . -4.41 -25.94 -22.33
C33 CDL S . -5.47 -25.00 -21.81
C34 CDL S . -5.74 -25.18 -20.34
C35 CDL S . -7.03 -24.54 -19.87
C36 CDL S . -7.49 -25.07 -18.53
C37 CDL S . -8.86 -24.57 -18.11
C38 CDL S . -9.37 -25.23 -16.84
C39 CDL S . -10.57 -24.56 -16.25
C40 CDL S . -11.09 -25.26 -15.00
C41 CDL S . -10.06 -25.41 -13.90
C42 CDL S . -9.60 -24.10 -13.29
C43 CDL S . -8.47 -24.24 -12.29
C44 CDL S . -7.09 -23.90 -12.84
C45 CDL S . -6.65 -24.75 -14.03
C46 CDL S . -5.32 -24.35 -14.61
C47 CDL S . -4.99 -25.08 -15.88
CB2 CDL S . -3.58 -32.18 -27.03
OB2 CDL S . -4.20 -31.70 -28.25
PB2 CDL S . -5.52 -32.41 -28.77
OB3 CDL S . -5.78 -31.95 -30.15
OB4 CDL S . -5.41 -33.87 -28.50
OB5 CDL S . -6.63 -31.79 -27.80
CB3 CDL S . -6.70 -30.38 -27.57
CB4 CDL S . -8.15 -29.98 -27.62
OB6 CDL S . -8.45 -29.12 -26.47
CB5 CDL S . -8.03 -27.85 -26.52
OB7 CDL S . -7.33 -27.41 -27.40
C51 CDL S . -8.54 -27.04 -25.38
C52 CDL S . -8.78 -25.59 -25.76
C53 CDL S . -9.48 -24.80 -24.68
C54 CDL S . -10.83 -25.40 -24.31
C55 CDL S . -11.46 -24.75 -23.10
C56 CDL S . -12.70 -25.47 -22.60
C57 CDL S . -13.29 -24.89 -21.34
C58 CDL S . -12.32 -24.84 -20.17
C59 CDL S . -12.89 -24.17 -18.94
CB6 CDL S . -9.02 -31.20 -27.56
OB8 CDL S . -10.42 -30.88 -27.42
CB7 CDL S . -11.28 -31.74 -27.96
OB9 CDL S . -10.96 -32.63 -28.71
C71 CDL S . -12.69 -31.48 -27.51
C72 CDL S . -13.15 -32.50 -26.47
C73 CDL S . -13.45 -31.89 -25.12
C74 CDL S . -12.42 -30.90 -24.63
C75 CDL S . -12.59 -30.52 -23.17
C76 CDL S . -14.04 -30.33 -22.74
C77 CDL S . -14.21 -29.78 -21.34
C78 CDL S . -15.66 -29.69 -20.90
C79 CDL S . -16.29 -31.04 -20.58
C80 CDL S . -16.15 -31.46 -19.13
C81 CDL S . -17.31 -31.06 -18.24
C82 CDL S . -18.43 -32.08 -18.20
C83 CDL S . -19.73 -31.56 -17.60
C84 CDL S . -20.70 -32.66 -17.22
C85 CDL S . -21.03 -33.64 -18.35
C86 CDL S . -22.08 -33.17 -19.33
C87 CDL S . -23.46 -33.08 -18.71
C1 LMN T . 13.44 -15.05 -16.92
O1 LMN T . 12.25 -14.42 -17.33
C2 LMN T . 13.75 -14.69 -15.48
O2 LMN T . 12.67 -15.02 -14.63
C3 LMN T . 15.02 -15.42 -15.06
O3 LMN T . 15.39 -15.03 -13.74
C4 LMN T . 16.15 -15.15 -16.05
O4 LMN T . 17.21 -16.09 -15.81
C5 LMN T . 15.71 -15.35 -17.50
O5 LMN T . 14.49 -14.62 -17.75
C6 LMN T . 16.73 -14.86 -18.49
O6 LMN T . 17.98 -15.53 -18.34
CAA LMN T . 2.23 -7.14 -17.68
CAB LMN T . -0.26 -14.50 -10.41
OAI LMN T . 20.15 -20.05 -15.93
OAJ LMN T . 13.47 -23.40 -23.63
OAL LMN T . 15.06 -14.18 -22.71
OAN LMN T . 13.57 -19.41 -19.85
OAP LMN T . 12.80 -17.13 -18.52
OAQ LMN T . 18.35 -19.80 -13.96
OAR LMN T . 14.54 -21.91 -25.46
OAS LMN T . 17.18 -17.95 -12.09
OAT LMN T . 15.68 -19.02 -25.78
OAU LMN T . 16.79 -15.28 -13.03
OAV LMN T . 17.14 -20.30 -22.72
CAW LMN T . 1.37 -8.16 -18.39
CAX LMN T . 0.71 -15.36 -11.18
CAY LMN T . 2.15 -9.21 -19.13
CAZ LMN T . 2.03 -14.68 -11.46
CBA LMN T . 3.07 -10.04 -18.27
CBB LMN T . 3.00 -15.55 -12.22
CBC LMN T . 3.96 -10.99 -19.05
CBD LMN T . 4.29 -14.86 -12.59
CBE LMN T . 4.97 -11.72 -18.21
CBF LMN T . 5.20 -15.71 -13.47
CBG LMN T . 6.06 -12.40 -19.01
CBH LMN T . 6.40 -14.97 -14.02
CBI LMN T . 7.21 -12.93 -18.20
CBJ LMN T . 7.10 -15.72 -15.14
CBK LMN T . 8.48 -13.14 -18.99
CBL LMN T . 8.21 -14.96 -15.81
CBM LMN T . 20.35 -18.64 -15.83
CBN LMN T . 13.39 -22.21 -22.84
CBP LMN T . 15.42 -15.33 -21.97
CBQ LMN T . 9.69 -13.46 -18.16
CBR LMN T . 8.66 -15.57 -17.11
CBS LMN T . 11.07 -15.03 -16.80
CBT LMN T . 10.26 -15.74 -19.05
OBV LMN T . 11.41 -15.17 -19.70
OBX LMN T . 13.32 -15.39 -20.89
OBY LMN T . 19.39 -16.53 -15.29
OBZ LMN T . 14.41 -20.15 -22.25
OCB LMN T . 15.53 -18.24 -21.56
CCC LMN T . 19.11 -17.95 -15.32
CCD LMN T . 14.55 -21.29 -23.12
CCF LMN T . 14.22 -16.20 -21.67
CCH LMN T . 13.30 -18.24 -20.60
CCJ LMN T . 12.10 -16.03 -20.55
CCL LMN T . 12.31 -17.35 -19.84
CCM LMN T . 9.90 -14.95 -17.79
CCN LMN T . 18.69 -18.42 -13.92
CCO LMN T . 14.60 -20.80 -24.57
CCQ LMN T . 14.56 -17.45 -20.87
CCR LMN T . 18.26 -15.76 -14.92
CCS LMN T . 15.12 -18.99 -22.68
CCT LMN T . 17.51 -17.59 -13.43
CCU LMN T . 15.89 -20.02 -24.78
CCV LMN T . 17.86 -16.11 -13.49
CCW LMN T . 16.34 -19.39 -23.49
O1 LMN U . -7.41 0.38 -6.19
CAA LMN U . -0.99 2.14 -14.67
CAB LMN U . -1.03 -4.47 -15.46
OAJ LMN U . -17.66 -2.64 -0.36
OAL LMN U . -8.80 0.96 -2.09
OAN LMN U . -14.21 -0.10 -4.81
OAP LMN U . -12.06 0.67 -6.40
OAR LMN U . -15.34 -3.65 0.29
OAT LMN U . -12.37 -3.28 -0.12
OAV LMN U . -13.13 0.10 0.53
CAW LMN U . -2.26 2.09 -13.84
CAX LMN U . -2.38 -3.81 -15.31
CAY LMN U . -3.41 1.35 -14.51
CAZ LMN U . -3.14 -4.29 -14.11
CBA LMN U . -4.68 1.33 -13.70
CBB LMN U . -4.52 -3.66 -13.94
CBC LMN U . -5.83 0.54 -14.31
CBD LMN U . -5.33 -4.20 -12.77
CBE LMN U . -7.01 0.39 -13.38
CBF LMN U . -4.61 -4.13 -11.43
CBG LMN U . -6.59 -0.15 -12.02
CBH LMN U . -5.49 -3.66 -10.28
CBI LMN U . -7.69 -0.20 -10.98
CBJ LMN U . -4.86 -3.83 -8.90
CBK LMN U . -7.14 -0.57 -9.62
CBL LMN U . -5.47 -2.93 -7.84
CBN LMN U . -16.94 -1.78 -1.22
CBP LMN U . -10.16 1.30 -2.32
CBQ LMN U . -8.20 -0.90 -8.58
CBR LMN U . -6.99 -2.99 -7.78
CBS LMN U . -6.77 -0.84 -6.52
CBT LMN U . -8.93 -2.06 -6.49
OBV LMN U . -9.80 -0.93 -6.41
OBX LMN U . -10.10 0.16 -4.40
OBZ LMN U . -14.98 -0.49 -1.56
OCB LMN U . -13.05 0.58 -2.24
CCD LMN U . -15.57 -1.46 -0.67
CCF LMN U . -10.84 0.25 -3.17
CCH LMN U . -12.88 -0.46 -4.44
CCJ LMN U . -10.57 -0.86 -5.26
CCL LMN U . -12.01 -0.56 -5.68
CCM LMN U . -7.72 -1.70 -7.35
CCO LMN U . -14.68 -2.68 -0.52
CCQ LMN U . -12.30 0.56 -3.47
CCS LMN U . -13.58 -0.63 -1.74
CCU LMN U . -13.36 -2.28 0.12
CCW LMN U . -12.88 -0.94 -0.42
C P5S V . -11.03 -1.27 -46.93
N P5S V . -8.77 -0.26 -46.92
O P5S V . -11.32 -1.49 -45.76
C1 P5S V . -15.27 1.26 -48.84
C2 P5S V . -14.32 2.36 -49.26
C3 P5S V . -13.20 1.80 -50.10
CA P5S V . -10.16 -0.09 -47.35
CB P5S V . -10.23 0.10 -48.87
OG P5S V . -10.08 1.51 -49.15
P12 P5S V . -10.64 2.15 -50.51
O13 P5S V . -9.75 3.21 -51.01
O15 P5S V . -10.87 0.99 -51.47
O16 P5S V . -12.11 2.74 -50.15
C17 P5S V . -17.35 0.99 -47.79
O18 P5S V . -17.43 -0.13 -48.25
O19 P5S V . -16.33 1.80 -48.01
C20 P5S V . -18.40 1.60 -46.91
C21 P5S V . -19.50 0.61 -46.55
C22 P5S V . -20.65 1.22 -45.77
C23 P5S V . -20.35 1.56 -44.33
C24 P5S V . -21.56 2.07 -43.57
C25 P5S V . -21.32 2.39 -42.10
C26 P5S V . -22.54 2.90 -41.38
C27 P5S V . -22.32 3.18 -39.90
C28 P5S V . -21.99 1.95 -39.09
O37 P5S V . -13.74 2.95 -48.06
C38 P5S V . -13.60 4.29 -48.04
C39 P5S V . -12.96 4.74 -46.77
C40 P5S V . -13.73 4.30 -45.53
C41 P5S V . -15.05 5.04 -45.35
C42 P5S V . -15.94 4.46 -44.27
C43 P5S V . -17.11 5.33 -43.88
C44 P5S V . -18.10 4.64 -42.98
C45 P5S V . -19.12 5.56 -42.32
C46 P5S V . -18.50 6.51 -41.30
O47 P5S V . -13.92 5.01 -48.94
C48 P5S V . -19.54 7.21 -40.44
C49 P5S V . -20.41 6.26 -39.64
C50 P5S V . -21.47 6.95 -38.78
C51 P5S V . -20.89 7.90 -37.75
OXT P5S V . -11.41 -2.01 -47.93
C1 CDL W . -5.56 3.77 -40.39
O1 CDL W . -5.82 4.60 -39.26
CA2 CDL W . -4.16 4.00 -40.88
OA2 CDL W . -3.24 3.34 -39.97
PA1 CDL W . -1.85 4.04 -39.60
OA3 CDL W . -2.15 5.30 -38.87
OA4 CDL W . -1.06 4.10 -40.84
OA5 CDL W . -1.15 3.02 -38.62
CA3 CDL W . -1.92 2.15 -37.77
CA4 CDL W . -2.57 2.98 -36.68
OA6 CDL W . -2.49 2.35 -35.36
CA5 CDL W . -3.12 1.18 -35.16
OA7 CDL W . -3.36 0.38 -36.01
C11 CDL W . -3.51 1.03 -33.71
C12 CDL W . -2.41 0.44 -32.85
C13 CDL W . -2.91 0.10 -31.48
C14 CDL W . -3.63 1.23 -30.80
C15 CDL W . -4.03 0.89 -29.39
C16 CDL W . -4.58 2.04 -28.57
C17 CDL W . -4.78 1.67 -27.13
C18 CDL W . -5.14 2.82 -26.23
C19 CDL W . -6.57 3.29 -26.35
C20 CDL W . -6.85 4.53 -25.51
C21 CDL W . -8.27 4.99 -25.56
C22 CDL W . -9.20 4.22 -24.67
C23 CDL W . -10.64 4.67 -24.75
C24 CDL W . -11.46 4.32 -23.52
C25 CDL W . -10.86 4.87 -22.26
C26 CDL W . -11.62 4.55 -21.02
C27 CDL W . -10.94 5.05 -19.77
CA6 CDL W . -4.02 3.26 -36.94
OA8 CDL W . -4.50 3.89 -35.73
CA7 CDL W . -5.44 4.81 -35.88
OA9 CDL W . -5.92 5.11 -36.93
C31 CDL W . -5.81 5.43 -34.56
C32 CDL W . -6.42 4.44 -33.60
C33 CDL W . -7.14 5.11 -32.46
C34 CDL W . -7.94 4.15 -31.62
C35 CDL W . -8.94 4.81 -30.71
C36 CDL W . -10.00 3.87 -30.21
C37 CDL W . -11.11 4.53 -29.42
C38 CDL W . -12.25 3.59 -29.07
C39 CDL W . -13.22 4.13 -28.05
C40 CDL W . -14.36 3.19 -27.73
C41 CDL W . -13.92 1.81 -27.25
C42 CDL W . -13.21 1.84 -25.91
C43 CDL W . -12.65 0.49 -25.49
C44 CDL W . -11.16 0.33 -25.72
C45 CDL W . -10.71 0.48 -27.16
C46 CDL W . -9.21 0.41 -27.37
C47 CDL W . -8.79 0.73 -28.77
CB2 CDL W . -6.60 4.06 -41.45
OB2 CDL W . -6.51 5.47 -41.80
PB2 CDL W . -7.74 6.13 -42.55
OB3 CDL W . -7.30 7.46 -43.04
OB4 CDL W . -8.32 5.16 -43.51
OB5 CDL W . -8.78 6.36 -41.35
CB3 CDL W . -8.35 6.96 -40.11
CB4 CDL W . -9.41 7.94 -39.69
OB6 CDL W . -9.71 7.75 -38.28
CB5 CDL W . -8.83 8.21 -37.38
OB7 CDL W . -7.77 8.68 -37.68
C51 CDL W . -9.35 8.11 -35.98
C52 CDL W . -8.84 9.24 -35.10
C53 CDL W . -9.50 9.26 -33.74
C54 CDL W . -11.00 9.38 -33.82
C55 CDL W . -11.70 9.22 -32.49
C56 CDL W . -13.21 9.14 -32.61
C57 CDL W . -13.91 8.87 -31.30
C58 CDL W . -13.46 7.59 -30.61
C59 CDL W . -14.10 7.37 -29.25
CB6 CDL W . -10.65 7.73 -40.51
OB8 CDL W . -11.76 8.52 -40.04
CB7 CDL W . -12.65 8.89 -40.96
OB9 CDL W . -12.48 8.78 -42.14
C71 CDL W . -13.91 9.43 -40.33
C72 CDL W . -15.06 8.44 -40.40
C73 CDL W . -15.54 7.98 -39.04
C74 CDL W . -14.43 7.61 -38.06
C75 CDL W . -14.92 6.89 -36.82
C76 CDL W . -16.23 7.43 -36.27
C77 CDL W . -16.63 6.85 -34.93
C78 CDL W . -17.98 7.34 -34.44
C79 CDL W . -19.17 6.75 -35.20
C80 CDL W . -19.71 5.46 -34.61
C81 CDL W . -20.85 5.66 -33.63
C82 CDL W . -22.23 5.69 -34.27
C83 CDL W . -23.32 6.21 -33.37
C84 CDL W . -24.73 5.89 -33.86
C85 CDL W . -25.00 6.32 -35.29
C86 CDL W . -25.38 7.78 -35.46
C87 CDL W . -26.72 8.12 -34.86
C1 LMN X . 11.24 -2.92 -23.59
O1 LMN X . 10.62 -1.70 -23.26
C2 LMN X . 11.16 -3.89 -22.42
O2 LMN X . 9.81 -4.09 -22.03
C3 LMN X . 11.80 -5.19 -22.84
O3 LMN X . 11.81 -6.10 -21.74
C4 LMN X . 13.20 -4.97 -23.38
O4 LMN X . 13.66 -6.15 -24.04
C5 LMN X . 13.26 -3.84 -24.41
O5 LMN X . 12.59 -2.67 -23.90
C6 LMN X . 14.66 -3.43 -24.78
O6 LMN X . 15.40 -4.53 -25.31
CAA LMN X . 5.10 7.42 -16.95
CAB LMN X . -2.45 -0.06 -17.67
OAI LMN X . 14.63 -9.61 -27.44
OAJ LMN X . 10.25 -2.58 -34.26
OAL LMN X . 14.95 0.68 -26.79
OAN LMN X . 10.62 -3.20 -28.80
OAP LMN X . 10.42 -2.54 -26.14
OAQ LMN X . 12.53 -9.91 -25.80
OAR LMN X . 12.38 -1.11 -34.39
OAS LMN X . 11.62 -9.65 -23.09
OAT LMN X . 14.60 0.00 -32.50
OAU LMN X . 12.67 -7.43 -21.62
OAV LMN X . 14.29 -3.50 -31.67
CAW LMN X . 4.20 7.83 -18.08
CAX LMN X . -1.69 -0.47 -18.90
CAY LMN X . 4.70 7.40 -19.44
CAZ LMN X . -0.20 -0.60 -18.71
CBA LMN X . 4.86 5.91 -19.63
CBB LMN X . 0.55 -1.04 -19.94
CBC LMN X . 5.50 5.50 -20.92
CBD LMN X . 2.04 -1.09 -19.79
CBE LMN X . 5.80 4.03 -21.05
CBF LMN X . 2.78 -1.38 -21.07
CBG LMN X . 6.73 3.68 -22.18
CBH LMN X . 4.28 -1.26 -20.99
CBI LMN X . 7.21 2.26 -22.17
CBJ LMN X . 4.96 -1.22 -22.34
CBK LMN X . 8.48 2.04 -22.97
CBL LMN X . 6.44 -0.93 -22.30
CBM LMN X . 15.32 -9.06 -26.31
CBN LMN X . 10.37 -2.46 -32.84
CBP LMN X . 14.55 -0.60 -27.24
CBQ LMN X . 9.10 0.68 -22.81
CBR LMN X . 7.03 -0.59 -23.65
CBS LMN X . 9.18 -1.77 -23.28
CBT LMN X . 8.99 -0.17 -25.17
OBV LMN X . 10.42 -0.01 -25.25
OBX LMN X . 12.36 -0.30 -26.38
OBY LMN X . 15.15 -7.86 -24.27
OBZ LMN X . 11.86 -2.35 -30.99
OCB LMN X . 13.34 -2.43 -29.20
CCC LMN X . 14.36 -8.42 -25.34
CCD LMN X . 11.83 -2.40 -32.43
CCF LMN X . 13.08 -0.64 -27.58
CCH LMN X . 11.11 -1.94 -28.37
CCJ LMN X . 10.95 -0.22 -26.53
CCL LMN X . 10.36 -1.50 -27.11
CCM LMN X . 8.57 -0.45 -23.72
CCN LMN X . 13.35 -9.40 -24.76
CCO LMN X . 12.57 -1.19 -32.98
CCQ LMN X . 12.59 -2.00 -28.05
CCR LMN X . 14.37 -7.14 -23.33
CCS LMN X . 13.07 -1.83 -30.45
CCT LMN X . 12.50 -8.72 -23.70
CCU LMN X . 14.05 -1.30 -32.66
CCV LMN X . 13.40 -8.09 -22.65
CCW LMN X . 14.24 -2.10 -31.38
O1 LMN Y . -4.03 8.27 -2.95
CAA LMN Y . 5.03 11.69 -7.67
CAB LMN Y . 2.65 8.88 -13.21
OAJ LMN Y . -15.96 8.00 -0.52
OAL LMN Y . -6.39 6.45 0.25
OAN LMN Y . -10.49 10.58 -1.76
OAP LMN Y . -7.80 10.95 -2.41
OAR LMN Y . -14.60 5.83 -1.10
OAT LMN Y . -11.80 4.78 -1.37
OAV LMN Y . -11.32 6.46 1.70
CAW LMN Y . 3.65 11.75 -7.05
CAX LMN Y . 1.70 9.81 -12.49
CAY LMN Y . 2.62 12.43 -7.93
CAZ LMN Y . 0.44 9.14 -12.00
CBA LMN Y . 1.24 12.51 -7.30
CBB LMN Y . -0.52 10.05 -11.28
CBC LMN Y . 0.17 13.13 -8.18
CBD LMN Y . -1.83 9.39 -10.86
CBE LMN Y . -1.22 13.01 -7.58
CBF LMN Y . -1.65 8.13 -10.03
CBG LMN Y . -1.54 11.59 -7.16
CBH LMN Y . -2.60 8.03 -8.85
CBI LMN Y . -2.86 11.41 -6.44
CBJ LMN Y . -2.61 6.68 -8.16
CBK LMN Y . -3.01 10.00 -5.90
CBL LMN Y . -3.14 6.71 -6.73
CBN LMN Y . -14.71 8.67 -0.49
CBP LMN Y . -7.33 7.49 0.48
CBQ LMN Y . -4.40 9.67 -5.38
CBR LMN Y . -4.48 7.43 -6.59
CBS LMN Y . -3.86 7.54 -4.16
CBT LMN Y . -6.19 8.02 -4.86
OBV LMN Y . -6.52 8.98 -3.86
OBX LMN Y . -7.03 8.31 -1.71
OBZ LMN Y . -12.41 8.53 0.09
OCB LMN Y . -10.11 8.56 0.28
CCD LMN Y . -13.60 7.73 -0.01
CCF LMN Y . -8.04 7.88 -0.78
CCH LMN Y . -9.63 9.46 -1.93
CCJ LMN Y . -7.54 8.64 -2.99
CCL LMN Y . -8.49 9.81 -2.89
CCM LMN Y . -4.73 8.17 -5.25
CCO LMN Y . -13.38 6.55 -0.94
CCQ LMN Y . -9.06 9.00 -0.60
CCS LMN Y . -11.21 7.87 -0.27
CCU LMN Y . -12.32 5.63 -0.35
CCW LMN Y . -11.19 6.44 0.27
C P5S Z . 6.21 37.34 -29.88
N P5S Z . 8.53 36.69 -29.33
O P5S Z . 5.47 36.58 -29.28
C1 P5S Z . 4.27 42.13 -28.74
C2 P5S Z . 5.64 42.49 -28.28
C3 P5S Z . 6.67 42.21 -29.35
CA P5S Z . 7.56 37.79 -29.34
CB P5S Z . 8.08 38.96 -30.15
OG P5S Z . 8.87 39.80 -29.28
P12 P5S Z . 9.12 41.35 -29.60
O13 P5S Z . 10.48 41.77 -29.21
O15 P5S Z . 8.80 41.55 -31.08
O16 P5S Z . 7.99 42.16 -28.77
C17 P5S Z . 2.02 42.35 -28.08
O18 P5S Z . 1.67 42.14 -29.21
O19 P5S Z . 3.29 42.39 -27.70
C20 P5S Z . 1.08 42.60 -26.94
C21 P5S Z . -0.38 42.41 -27.36
C22 P5S Z . -1.38 42.78 -26.29
C23 P5S Z . -1.48 41.80 -25.12
C24 P5S Z . -2.58 42.17 -24.14
C25 P5S Z . -2.75 41.20 -22.99
C26 P5S Z . -3.83 41.59 -22.01
C27 P5S Z . -4.04 40.60 -20.88
C28 P5S Z . -4.53 39.23 -21.32
O37 P5S Z . 5.97 41.67 -27.12
C38 P5S Z . 6.61 42.27 -26.09
C39 P5S Z . 6.90 41.29 -25.00
C40 P5S Z . 5.64 40.61 -24.47
C41 P5S Z . 4.76 41.55 -23.65
C42 P5S Z . 3.40 40.96 -23.32
C43 P5S Z . 2.62 41.76 -22.29
C44 P5S Z . 1.19 41.29 -22.15
C45 P5S Z . 0.47 41.83 -20.91
C46 P5S Z . 1.01 41.29 -19.60
O47 P5S Z . 6.93 43.43 -26.09
C48 P5S Z . 0.12 41.59 -18.41
C49 P5S Z . -1.28 41.01 -18.54
C50 P5S Z . -2.19 41.31 -17.36
C51 P5S Z . -1.68 40.79 -16.03
OXT P5S Z . 5.93 37.86 -31.05
C1 CDL AA . 10.62 32.59 -22.40
O1 CDL AA . 10.35 32.36 -21.02
CA2 CDL AA . 12.08 32.31 -22.68
OA2 CDL AA . 12.28 30.88 -22.69
PA1 CDL AA . 13.61 30.28 -22.06
OA3 CDL AA . 13.61 30.56 -20.60
OA4 CDL AA . 14.74 30.75 -22.89
OA5 CDL AA . 13.47 28.71 -22.29
CA3 CDL AA . 12.17 28.08 -22.32
CA4 CDL AA . 11.59 28.09 -20.94
OA6 CDL AA . 10.94 26.82 -20.59
CA5 CDL AA . 9.87 26.40 -21.28
OA7 CDL AA . 9.63 26.71 -22.41
C11 CDL AA . 8.99 25.53 -20.44
C12 CDL AA . 9.39 24.08 -20.43
C13 CDL AA . 8.35 23.22 -19.78
C14 CDL AA . 7.96 23.69 -18.41
C15 CDL AA . 6.99 22.76 -17.73
C16 CDL AA . 6.72 23.06 -16.27
C17 CDL AA . 5.89 21.98 -15.61
C18 CDL AA . 5.73 22.13 -14.12
C19 CDL AA . 4.75 23.20 -13.69
C20 CDL AA . 4.72 23.39 -12.19
C21 CDL AA . 3.71 24.40 -11.72
C22 CDL AA . 2.30 23.86 -11.65
C23 CDL AA . 1.29 24.90 -11.22
C24 CDL AA . 0.04 24.30 -10.62
C25 CDL AA . 0.34 23.40 -9.45
C26 CDL AA . -0.88 22.77 -8.83
C27 CDL AA . -0.53 21.82 -7.73
CA6 CDL AA . 10.54 29.15 -20.74
OA8 CDL AA . 9.96 28.89 -19.44
CA7 CDL AA . 9.59 29.94 -18.73
OA9 CDL AA . 9.65 31.07 -19.13
C31 CDL AA . 9.08 29.55 -17.39
C32 CDL AA . 7.82 28.70 -17.46
C33 CDL AA . 7.09 28.62 -16.15
C34 CDL AA . 5.73 27.97 -16.27
C35 CDL AA . 4.84 28.20 -15.08
C36 CDL AA . 3.38 27.92 -15.38
C37 CDL AA . 2.43 28.28 -14.26
C38 CDL AA . 0.98 28.15 -14.65
C39 CDL AA . 0.02 28.22 -13.48
C40 CDL AA . -1.43 28.12 -13.89
C41 CDL AA . -1.78 26.86 -14.66
C42 CDL AA . -1.62 25.58 -13.87
C43 CDL AA . -1.83 24.32 -14.68
C44 CDL AA . -0.54 23.62 -15.09
C45 CDL AA . 0.39 24.47 -15.95
C46 CDL AA . 1.70 23.79 -16.28
C47 CDL AA . 2.68 24.71 -16.97
CB2 CDL AA . 10.22 34.00 -22.75
OB2 CDL AA . 10.98 34.90 -21.92
PB2 CDL AA . 10.45 36.40 -21.76
OB3 CDL AA . 11.51 37.20 -21.11
OB4 CDL AA . 9.89 36.86 -23.06
OB5 CDL AA . 9.26 36.23 -20.72
CB3 CDL AA . 9.43 35.46 -19.51
CB4 CDL AA . 8.78 36.22 -18.39
OB6 CDL AA . 7.95 35.29 -17.60
CB5 CDL AA . 8.58 34.47 -16.76
OB7 CDL AA . 9.77 34.36 -16.70
C51 CDL AA . 7.62 33.72 -15.90
C52 CDL AA . 8.20 33.41 -14.53
C53 CDL AA . 7.18 32.83 -13.58
C54 CDL AA . 5.98 33.73 -13.38
C55 CDL AA . 4.85 33.08 -12.59
C56 CDL AA . 3.59 33.91 -12.58
C57 CDL AA . 2.43 33.22 -11.87
C58 CDL AA . 2.06 31.87 -12.45
C59 CDL AA . 0.97 31.16 -11.68
CB6 CDL AA . 7.91 37.32 -18.95
OB8 CDL AA . 7.11 37.96 -17.94
CB7 CDL AA . 6.83 39.25 -18.15
OB9 CDL AA . 7.33 39.91 -19.02
C71 CDL AA . 5.76 39.74 -17.21
C72 CDL AA . 4.41 39.87 -17.89
C73 CDL AA . 3.34 38.95 -17.33
C74 CDL AA . 3.81 37.52 -17.10
C75 CDL AA . 2.67 36.55 -16.81
C76 CDL AA . 1.59 37.12 -15.91
C77 CDL AA . 0.55 36.11 -15.47
C78 CDL AA . -0.57 36.72 -14.65
C79 CDL AA . -1.55 37.56 -15.45
C80 CDL AA . -2.72 36.78 -16.00
C81 CDL AA . -3.95 36.79 -15.12
C82 CDL AA . -4.88 37.96 -15.37
C83 CDL AA . -5.93 38.17 -14.29
C84 CDL AA . -7.08 39.06 -14.70
C85 CDL AA . -6.65 40.42 -15.26
C86 CDL AA . -6.33 41.46 -14.22
C87 CDL AA . -7.55 41.92 -13.44
C1 LMN BA . 16.48 8.94 -18.44
O1 LMN BA . 16.33 9.64 -17.24
C2 LMN BA . 15.63 7.69 -18.43
O2 LMN BA . 14.27 8.01 -18.20
C3 LMN BA . 15.80 6.98 -19.76
O3 LMN BA . 15.07 5.75 -19.75
C4 LMN BA . 17.27 6.73 -20.07
O4 LMN BA . 17.41 6.35 -21.44
C5 LMN BA . 18.11 7.99 -19.86
O5 LMN BA . 17.84 8.58 -18.59
C6 LMN BA . 19.60 7.73 -19.93
O6 LMN BA . 19.97 7.15 -21.18
CAA LMN BA . 13.10 12.80 -5.70
CAB LMN BA . 3.95 13.38 -11.12
OAI LMN BA . 18.02 6.44 -26.34
OAJ LMN BA . 19.43 16.97 -24.90
OAL LMN BA . 22.18 11.07 -18.11
OAN LMN BA . 17.64 12.71 -21.93
OAP LMN BA . 16.81 11.31 -19.70
OAQ LMN BA . 15.56 6.24 -25.32
OAR LMN BA . 21.88 16.72 -24.07
OAS LMN BA . 13.95 4.97 -23.29
OAT LMN BA . 23.57 14.83 -22.25
OAU LMN BA . 15.23 4.54 -20.77
OAV LMN BA . 21.61 12.63 -24.35
CAW LMN BA . 12.88 14.26 -6.03
CAX LMN BA . 4.85 13.63 -12.30
CAY LMN BA . 13.61 14.71 -7.27
CAZ LMN BA . 6.00 12.65 -12.42
CBA LMN BA . 13.22 13.99 -8.54
CBB LMN BA . 6.89 12.91 -13.62
CBC LMN BA . 14.05 14.36 -9.74
CBD LMN BA . 8.09 12.00 -13.71
CBE LMN BA . 13.75 13.53 -10.98
CBF LMN BA . 9.03 12.36 -14.82
CBG LMN BA . 14.80 13.66 -12.06
CBH LMN BA . 10.34 11.59 -14.82
CBI LMN BA . 14.64 12.68 -13.19
CBJ LMN BA . 11.39 12.18 -15.72
CBK LMN BA . 15.90 12.47 -13.99
CBL LMN BA . 12.75 11.53 -15.63
CBM LMN BA . 18.44 5.58 -25.27
CBN LMN BA . 19.11 15.99 -23.92
CBP LMN BA . 21.47 10.92 -19.35
CBQ LMN BA . 15.83 11.34 -15.00
CBR LMN BA . 13.85 12.33 -16.29
CBS LMN BA . 15.08 10.37 -17.16
CBT LMN BA . 16.20 12.59 -17.13
OBV LMN BA . 17.51 11.98 -17.21
OBX LMN BA . 19.44 11.61 -18.34
OBY LMN BA . 18.08 4.87 -23.04
OBZ LMN BA . 19.77 14.00 -22.79
OCB LMN BA . 20.39 11.97 -21.87
CCC LMN BA . 17.55 5.73 -24.07
CCD LMN BA . 20.23 14.99 -23.75
CCF LMN BA . 20.32 11.90 -19.44
CCH LMN BA . 18.41 12.80 -20.73
CCJ LMN BA . 18.33 12.49 -18.24
CCL LMN BA . 17.51 12.54 -19.53
CCM LMN BA . 15.24 11.67 -16.38
CCN LMN BA . 16.09 5.35 -24.35
CCO LMN BA . 21.52 15.61 -23.26
CCQ LMN BA . 19.53 11.77 -20.73
CCR LMN BA . 17.38 4.99 -21.81
CCS LMN BA . 20.82 13.27 -22.17
CCT LMN BA . 15.29 5.41 -23.06
CCU LMN BA . 22.62 14.56 -23.28
CCV LMN BA . 15.94 4.54 -22.00
CCW LMN BA . 22.04 13.17 -23.11
O1 LMN CA . 0.88 8.32 4.82
CAA LMN CA . 11.58 8.65 3.52
CAB LMN CA . 10.33 12.24 -1.95
OAJ LMN CA . -10.20 12.66 7.34
OAL LMN CA . -2.94 6.41 5.70
OAN LMN CA . -4.09 12.01 7.97
OAP LMN CA . -1.44 11.27 7.58
OAR LMN CA . -9.70 11.25 5.19
OAT LMN CA . -7.65 9.46 3.93
OAV LMN CA . -7.63 7.96 7.11
CAW LMN CA . 10.22 8.96 4.09
CAX LMN CA . 9.66 12.71 -0.68
CAY LMN CA . 9.92 10.43 4.15
CAZ LMN CA . 8.15 12.69 -0.76
CBA LMN CA . 8.56 10.76 4.75
CBB LMN CA . 7.44 13.15 0.51
CBC LMN CA . 8.18 12.24 4.77
CBD LMN CA . 5.92 13.20 0.40
CBE LMN CA . 6.75 12.48 5.20
CBF LMN CA . 5.29 11.90 -0.05
CBG LMN CA . 5.77 11.63 4.41
CBH LMN CA . 4.04 11.52 0.72
CBI LMN CA . 4.33 11.71 4.87
CBJ LMN CA . 3.26 10.36 0.14
CBK LMN CA . 3.46 10.70 4.15
CBL LMN CA . 2.33 9.67 1.12
CBN LMN CA . -8.88 12.33 7.75
CBP LMN CA . -3.41 7.26 6.74
CBQ LMN CA . 1.96 10.90 4.36
CBR LMN CA . 1.42 10.63 1.89
CBS LMN CA . 1.16 8.69 3.47
CBT LMN CA . -0.39 10.63 3.62
OBV LMN CA . -0.63 10.59 5.02
OBX LMN CA . -2.06 9.03 5.94
OBZ LMN CA . -7.17 10.69 7.79
OCB LMN CA . -5.28 9.38 7.70
CCD LMN CA . -8.48 10.97 7.23
CCF LMN CA . -3.41 8.71 6.31
CCH LMN CA . -3.75 11.11 6.92
CCJ LMN CA . -1.94 10.34 5.41
CCL LMN CA . -2.32 11.37 6.48
CCM LMN CA . 1.05 10.21 3.34
CCO LMN CA . -8.44 10.88 5.71
CCQ LMN CA . -3.90 9.66 7.38
CCS LMN CA . -6.29 9.97 6.93
CCU LMN CA . -8.10 9.46 5.28
CCW LMN CA . -7.04 8.86 6.19
C P5S DA . 30.40 36.41 8.77
N P5S DA . 31.93 34.50 8.38
O P5S DA . 29.27 35.99 8.64
C1 P5S DA . 30.26 39.08 13.34
C2 P5S DA . 31.42 38.22 13.78
C3 P5S DA . 32.54 38.28 12.77
CA P5S DA . 31.54 35.56 9.32
CB P5S DA . 32.74 36.45 9.63
OG P5S DA . 33.43 35.87 10.76
P12 P5S DA . 34.37 36.76 11.71
O13 P5S DA . 35.57 36.00 12.15
O15 P5S DA . 34.68 38.05 10.95
O16 P5S DA . 33.45 37.18 12.97
C17 P5S DA . 28.21 39.89 14.14
O18 P5S DA . 28.21 40.75 13.30
O19 P5S DA . 29.17 38.99 14.29
C20 P5S DA . 27.12 39.71 15.15
C21 P5S DA . 25.94 40.66 14.89
C22 P5S DA . 24.87 40.63 15.96
C23 P5S DA . 23.99 39.39 15.96
C24 P5S DA . 22.87 39.45 16.98
C25 P5S DA . 21.95 38.25 16.99
C26 P5S DA . 20.84 38.34 18.03
C27 P5S DA . 19.88 37.15 18.01
C28 P5S DA . 19.08 37.02 16.74
O37 P5S DA . 30.97 36.84 13.86
C38 P5S DA . 31.41 36.11 14.90
C39 P5S DA . 30.88 34.70 14.82
C40 P5S DA . 29.36 34.65 14.77
C41 P5S DA . 28.71 35.02 16.09
C42 P5S DA . 27.21 35.19 15.99
C43 P5S DA . 26.50 35.29 17.33
C44 P5S DA . 25.04 35.69 17.21
C45 P5S DA . 24.23 35.49 18.48
C46 P5S DA . 24.02 34.03 18.86
O47 P5S DA . 32.13 36.53 15.75
C48 P5S DA . 22.97 33.82 19.93
C49 P5S DA . 21.60 34.33 19.54
C50 P5S DA . 20.54 34.15 20.62
C51 P5S DA . 20.31 32.70 21.01
OXT P5S DA . 30.77 37.62 8.44
#